data_2LPU
#
_entry.id   2LPU
#
_entity_poly.entity_id   1
_entity_poly.type   'polypeptide(L)'
_entity_poly.pdbx_seq_one_letter_code
;GPLPSMLTLPEYNEQIPNVRSLLTKWAKVERIQDVQDGLQLDVRLKTDTLLELHIYYDHVYHVPSIKFRLWSLDTEEDIS
SLRLLTLSDSELRSILNLGTFSVTLSTDMEMKSVYYYINNCDTDANVGSDVEHYLTRWISLYIRIFDLNFVP
;
_entity_poly.pdbx_strand_id   A
#
# COMPACT_ATOMS: atom_id res chain seq x y z
N SER A 5 19.34 4.97 -3.69
CA SER A 5 19.08 3.59 -3.30
C SER A 5 19.56 2.64 -4.41
N MET A 6 20.02 1.47 -3.97
CA MET A 6 20.50 0.47 -4.91
C MET A 6 19.74 -0.85 -4.75
N LEU A 7 18.81 -0.84 -3.81
CA LEU A 7 18.00 -2.02 -3.54
C LEU A 7 17.43 -2.55 -4.86
N THR A 8 17.99 -3.66 -5.30
CA THR A 8 17.55 -4.28 -6.55
C THR A 8 16.22 -4.99 -6.35
N LEU A 9 15.81 -5.72 -7.37
CA LEU A 9 14.55 -6.46 -7.32
C LEU A 9 14.73 -7.71 -6.45
N PRO A 10 15.86 -8.42 -6.69
CA PRO A 10 16.15 -9.63 -5.94
C PRO A 10 16.62 -9.30 -4.53
N GLU A 11 16.94 -8.02 -4.33
CA GLU A 11 17.41 -7.56 -3.03
C GLU A 11 16.22 -7.16 -2.15
N TYR A 12 15.18 -6.64 -2.80
CA TYR A 12 13.99 -6.22 -2.10
C TYR A 12 12.99 -7.37 -1.95
N ASN A 13 13.10 -8.32 -2.88
CA ASN A 13 12.23 -9.48 -2.87
C ASN A 13 12.68 -10.44 -1.77
N GLU A 14 13.91 -10.24 -1.32
CA GLU A 14 14.46 -11.09 -0.27
C GLU A 14 13.77 -10.80 1.06
N GLN A 15 13.21 -9.61 1.16
CA GLN A 15 12.52 -9.20 2.38
C GLN A 15 11.03 -9.02 2.11
N ILE A 16 10.60 -9.57 0.98
CA ILE A 16 9.20 -9.48 0.59
C ILE A 16 8.34 -10.17 1.65
N PRO A 17 8.76 -11.41 2.02
CA PRO A 17 8.04 -12.18 3.02
C PRO A 17 8.30 -11.64 4.42
N ASN A 18 9.11 -10.59 4.48
CA ASN A 18 9.44 -9.97 5.75
C ASN A 18 8.45 -8.83 6.03
N VAL A 19 8.03 -8.18 4.96
CA VAL A 19 7.10 -7.07 5.07
C VAL A 19 5.73 -7.61 5.49
N ARG A 20 5.30 -8.64 4.77
CA ARG A 20 4.01 -9.25 5.04
C ARG A 20 4.03 -9.93 6.41
N SER A 21 5.19 -10.47 6.76
CA SER A 21 5.36 -11.14 8.03
C SER A 21 4.95 -10.21 9.18
N LEU A 22 5.38 -8.96 9.07
CA LEU A 22 5.07 -7.97 10.08
C LEU A 22 3.70 -7.35 9.77
N LEU A 23 3.40 -7.26 8.48
CA LEU A 23 2.14 -6.69 8.04
C LEU A 23 0.99 -7.46 8.71
N THR A 24 1.26 -8.71 9.03
CA THR A 24 0.26 -9.55 9.67
C THR A 24 -0.28 -8.88 10.94
N LYS A 25 0.58 -8.06 11.54
CA LYS A 25 0.20 -7.36 12.76
C LYS A 25 -1.04 -6.50 12.48
N TRP A 26 -1.15 -6.05 11.24
CA TRP A 26 -2.28 -5.23 10.85
C TRP A 26 -3.55 -5.94 11.29
N ALA A 27 -4.41 -5.18 11.96
CA ALA A 27 -5.67 -5.72 12.45
C ALA A 27 -6.74 -5.56 11.37
N LYS A 28 -6.43 -4.70 10.40
CA LYS A 28 -7.35 -4.44 9.30
C LYS A 28 -7.15 -5.50 8.21
N VAL A 29 -5.94 -6.04 8.17
CA VAL A 29 -5.62 -7.07 7.19
C VAL A 29 -6.47 -8.30 7.44
N GLU A 30 -7.31 -8.62 6.45
CA GLU A 30 -8.18 -9.77 6.55
C GLU A 30 -7.69 -10.89 5.64
N ARG A 31 -7.00 -10.49 4.58
CA ARG A 31 -6.48 -11.45 3.62
C ARG A 31 -4.97 -11.25 3.45
N ILE A 32 -4.28 -12.37 3.25
CA ILE A 32 -2.84 -12.33 3.06
C ILE A 32 -2.47 -13.14 1.83
N GLN A 33 -2.15 -12.43 0.76
CA GLN A 33 -1.77 -13.07 -0.49
C GLN A 33 -0.49 -12.44 -1.04
N ASP A 34 0.40 -13.32 -1.48
CA ASP A 34 1.67 -12.87 -2.03
C ASP A 34 1.60 -12.91 -3.56
N VAL A 35 2.52 -12.18 -4.18
CA VAL A 35 2.57 -12.13 -5.64
C VAL A 35 4.03 -12.26 -6.10
N GLN A 36 4.19 -12.48 -7.39
CA GLN A 36 5.51 -12.62 -7.96
C GLN A 36 6.05 -11.26 -8.41
N ASP A 37 5.66 -10.24 -7.68
CA ASP A 37 6.10 -8.89 -8.00
C ASP A 37 5.73 -7.95 -6.84
N GLY A 38 5.76 -8.51 -5.63
CA GLY A 38 5.43 -7.75 -4.44
C GLY A 38 4.53 -8.56 -3.51
N LEU A 39 3.35 -8.02 -3.27
CA LEU A 39 2.39 -8.67 -2.39
C LEU A 39 1.01 -8.02 -2.58
N GLN A 40 -0.02 -8.81 -2.31
CA GLN A 40 -1.38 -8.33 -2.44
C GLN A 40 -2.20 -8.73 -1.21
N LEU A 41 -2.48 -7.74 -0.38
CA LEU A 41 -3.26 -7.97 0.83
C LEU A 41 -4.59 -7.21 0.74
N ASP A 42 -5.50 -7.57 1.61
CA ASP A 42 -6.81 -6.94 1.64
C ASP A 42 -7.03 -6.28 3.00
N VAL A 43 -6.73 -4.98 3.05
CA VAL A 43 -6.88 -4.23 4.28
C VAL A 43 -8.32 -3.71 4.38
N ARG A 44 -8.94 -4.02 5.50
CA ARG A 44 -10.32 -3.60 5.74
C ARG A 44 -10.35 -2.29 6.54
N LEU A 45 -10.33 -1.19 5.80
CA LEU A 45 -10.34 0.12 6.41
C LEU A 45 -11.70 0.36 7.07
N LYS A 46 -12.73 -0.22 6.45
CA LYS A 46 -14.08 -0.09 6.96
C LYS A 46 -14.88 -1.34 6.61
N THR A 47 -15.93 -1.58 7.39
CA THR A 47 -16.77 -2.74 7.16
C THR A 47 -17.38 -2.70 5.76
N ASP A 48 -17.38 -1.50 5.19
CA ASP A 48 -17.93 -1.32 3.85
C ASP A 48 -16.88 -0.66 2.97
N THR A 49 -15.64 -0.69 3.44
CA THR A 49 -14.54 -0.10 2.70
C THR A 49 -13.32 -1.04 2.72
N LEU A 50 -12.86 -1.38 1.53
CA LEU A 50 -11.71 -2.26 1.39
C LEU A 50 -10.62 -1.54 0.61
N LEU A 51 -9.40 -1.66 1.13
CA LEU A 51 -8.26 -1.03 0.48
C LEU A 51 -7.27 -2.11 0.04
N GLU A 52 -7.25 -2.36 -1.26
CA GLU A 52 -6.35 -3.36 -1.82
C GLU A 52 -4.93 -2.80 -1.94
N LEU A 53 -4.09 -3.19 -1.00
CA LEU A 53 -2.71 -2.75 -0.98
C LEU A 53 -1.89 -3.58 -1.97
N HIS A 54 -1.30 -2.89 -2.93
CA HIS A 54 -0.50 -3.55 -3.94
C HIS A 54 0.93 -2.99 -3.90
N ILE A 55 1.87 -3.87 -3.57
CA ILE A 55 3.26 -3.48 -3.50
C ILE A 55 3.98 -3.93 -4.77
N TYR A 56 4.82 -3.04 -5.29
CA TYR A 56 5.57 -3.34 -6.49
C TYR A 56 6.91 -2.58 -6.51
N TYR A 57 7.92 -3.25 -7.02
CA TYR A 57 9.24 -2.65 -7.10
C TYR A 57 9.38 -1.78 -8.35
N ASP A 58 10.22 -0.76 -8.25
CA ASP A 58 10.45 0.14 -9.36
C ASP A 58 11.95 0.30 -9.58
N HIS A 59 12.40 -0.17 -10.75
CA HIS A 59 13.81 -0.09 -11.10
C HIS A 59 14.16 1.35 -11.45
N VAL A 60 13.14 2.19 -11.46
CA VAL A 60 13.34 3.60 -11.78
C VAL A 60 14.29 4.23 -10.75
N TYR A 61 14.04 3.91 -9.49
CA TYR A 61 14.86 4.44 -8.42
C TYR A 61 15.53 3.30 -7.64
N HIS A 62 15.27 2.08 -8.09
CA HIS A 62 15.84 0.90 -7.45
C HIS A 62 15.30 0.78 -6.03
N VAL A 63 13.99 0.98 -5.91
CA VAL A 63 13.34 0.90 -4.62
C VAL A 63 11.90 0.41 -4.81
N PRO A 64 11.29 -0.02 -3.67
CA PRO A 64 9.92 -0.51 -3.70
C PRO A 64 8.92 0.64 -3.85
N SER A 65 7.73 0.28 -4.31
CA SER A 65 6.68 1.27 -4.50
C SER A 65 5.42 0.87 -3.73
N ILE A 66 4.42 1.74 -3.78
CA ILE A 66 3.18 1.48 -3.09
C ILE A 66 2.02 1.91 -3.99
N LYS A 67 1.07 1.00 -4.15
CA LYS A 67 -0.10 1.27 -4.98
C LYS A 67 -1.31 0.53 -4.41
N PHE A 68 -2.30 1.30 -3.99
CA PHE A 68 -3.50 0.74 -3.42
C PHE A 68 -4.76 1.35 -4.07
N ARG A 69 -5.88 0.69 -3.84
CA ARG A 69 -7.14 1.15 -4.39
C ARG A 69 -8.26 1.00 -3.36
N LEU A 70 -9.09 2.03 -3.28
CA LEU A 70 -10.20 2.04 -2.34
C LEU A 70 -11.37 1.25 -2.95
N TRP A 71 -12.06 0.52 -2.09
CA TRP A 71 -13.20 -0.27 -2.52
C TRP A 71 -14.36 0.03 -1.58
N SER A 72 -15.56 -0.28 -2.05
CA SER A 72 -16.77 -0.04 -1.27
C SER A 72 -17.63 -1.30 -1.26
N LEU A 73 -17.49 -2.07 -0.18
CA LEU A 73 -18.25 -3.30 -0.04
C LEU A 73 -19.73 -2.95 0.14
N ASP A 74 -20.55 -3.55 -0.71
CA ASP A 74 -21.98 -3.31 -0.66
C ASP A 74 -22.71 -4.65 -0.49
N THR A 75 -23.32 -4.82 0.68
CA THR A 75 -24.04 -6.04 0.98
C THR A 75 -25.55 -5.77 1.00
N GLU A 76 -25.97 -4.86 0.14
CA GLU A 76 -27.38 -4.51 0.04
C GLU A 76 -28.24 -5.77 0.08
N GLU A 77 -27.81 -6.76 -0.68
CA GLU A 77 -28.54 -8.03 -0.74
C GLU A 77 -27.83 -9.09 0.10
N ASP A 78 -26.59 -8.77 0.48
CA ASP A 78 -25.80 -9.69 1.28
C ASP A 78 -25.16 -10.74 0.36
N ILE A 79 -24.47 -10.24 -0.65
CA ILE A 79 -23.81 -11.11 -1.60
C ILE A 79 -22.29 -10.94 -1.49
N SER A 80 -21.90 -9.96 -0.68
CA SER A 80 -20.49 -9.67 -0.47
C SER A 80 -19.91 -8.97 -1.70
N SER A 81 -20.68 -8.00 -2.19
CA SER A 81 -20.26 -7.24 -3.35
C SER A 81 -19.34 -6.09 -2.92
N LEU A 82 -18.84 -5.37 -3.91
CA LEU A 82 -17.96 -4.25 -3.66
C LEU A 82 -17.82 -3.40 -4.93
N ARG A 83 -17.28 -2.21 -4.75
CA ARG A 83 -17.08 -1.30 -5.88
C ARG A 83 -15.96 -0.31 -5.57
N LEU A 84 -15.10 -0.13 -6.56
CA LEU A 84 -13.97 0.77 -6.41
C LEU A 84 -14.49 2.17 -6.01
N LEU A 85 -13.74 2.81 -5.14
CA LEU A 85 -14.11 4.14 -4.68
C LEU A 85 -13.12 5.17 -5.22
N THR A 86 -13.54 6.43 -5.19
CA THR A 86 -12.70 7.50 -5.67
C THR A 86 -13.08 8.83 -5.00
N LEU A 87 -12.10 9.40 -4.31
CA LEU A 87 -12.32 10.66 -3.62
C LEU A 87 -11.05 11.51 -3.69
N SER A 88 -11.19 12.77 -3.33
CA SER A 88 -10.07 13.69 -3.35
C SER A 88 -9.07 13.32 -2.26
N ASP A 89 -8.05 14.15 -2.13
CA ASP A 89 -7.02 13.92 -1.12
C ASP A 89 -7.62 14.11 0.27
N SER A 90 -8.21 15.28 0.47
CA SER A 90 -8.83 15.61 1.74
C SER A 90 -9.76 14.47 2.17
N GLU A 91 -10.44 13.90 1.19
CA GLU A 91 -11.37 12.81 1.45
C GLU A 91 -10.61 11.49 1.58
N LEU A 92 -9.51 11.39 0.83
CA LEU A 92 -8.70 10.20 0.85
C LEU A 92 -7.87 10.17 2.14
N ARG A 93 -7.77 11.34 2.76
CA ARG A 93 -7.01 11.46 3.99
C ARG A 93 -7.89 11.11 5.20
N SER A 94 -9.19 11.13 4.96
CA SER A 94 -10.15 10.82 6.01
C SER A 94 -9.88 9.42 6.57
N ILE A 95 -9.12 8.66 5.81
CA ILE A 95 -8.78 7.30 6.22
C ILE A 95 -7.26 7.14 6.21
N LEU A 96 -6.64 7.58 5.12
CA LEU A 96 -5.20 7.49 4.98
C LEU A 96 -4.55 8.63 5.75
N ASN A 97 -3.25 8.52 5.94
CA ASN A 97 -2.49 9.53 6.66
C ASN A 97 -1.34 10.03 5.77
N LEU A 98 -1.54 11.22 5.21
CA LEU A 98 -0.54 11.82 4.35
C LEU A 98 0.36 12.72 5.18
N GLY A 99 -0.26 13.69 5.83
CA GLY A 99 0.47 14.63 6.66
C GLY A 99 1.41 15.50 5.81
N THR A 100 2.61 14.99 5.62
CA THR A 100 3.61 15.69 4.83
C THR A 100 4.03 14.86 3.62
N PHE A 101 3.53 13.64 3.58
CA PHE A 101 3.84 12.74 2.49
C PHE A 101 3.24 13.23 1.17
N SER A 102 3.32 12.38 0.16
CA SER A 102 2.80 12.72 -1.15
C SER A 102 2.25 11.46 -1.84
N VAL A 103 1.21 11.67 -2.63
CA VAL A 103 0.58 10.56 -3.34
C VAL A 103 0.20 11.02 -4.75
N THR A 104 0.05 10.06 -5.64
CA THR A 104 -0.32 10.35 -7.01
C THR A 104 -1.44 9.42 -7.49
N LEU A 105 -2.62 9.99 -7.62
CA LEU A 105 -3.78 9.22 -8.06
C LEU A 105 -4.00 9.46 -9.55
N SER A 106 -4.01 8.37 -10.30
CA SER A 106 -4.21 8.44 -11.73
C SER A 106 -5.26 7.41 -12.17
N THR A 107 -6.09 7.82 -13.12
CA THR A 107 -7.13 6.94 -13.63
C THR A 107 -6.67 6.24 -14.91
N ASP A 108 -7.40 5.21 -15.29
CA ASP A 108 -7.07 4.46 -16.49
C ASP A 108 -7.74 5.12 -17.70
N MET A 109 -7.32 4.67 -18.88
CA MET A 109 -7.87 5.22 -20.11
C MET A 109 -9.39 5.07 -20.14
N GLU A 110 -9.86 3.98 -19.56
CA GLU A 110 -11.29 3.71 -19.52
C GLU A 110 -11.96 4.54 -18.43
N MET A 111 -11.12 5.13 -17.60
CA MET A 111 -11.61 5.96 -16.49
C MET A 111 -12.54 5.15 -15.58
N LYS A 112 -12.31 3.84 -15.58
CA LYS A 112 -13.13 2.96 -14.75
C LYS A 112 -12.26 2.40 -13.62
N SER A 113 -10.95 2.51 -13.81
CA SER A 113 -10.01 2.02 -12.81
C SER A 113 -8.99 3.12 -12.48
N VAL A 114 -8.56 3.11 -11.22
CA VAL A 114 -7.60 4.10 -10.76
C VAL A 114 -6.74 3.48 -9.65
N TYR A 115 -5.62 4.14 -9.38
CA TYR A 115 -4.70 3.67 -8.35
C TYR A 115 -4.12 4.84 -7.57
N TYR A 116 -3.66 4.52 -6.36
CA TYR A 116 -3.07 5.54 -5.50
C TYR A 116 -1.57 5.32 -5.33
N TYR A 117 -0.82 5.74 -6.34
CA TYR A 117 0.62 5.59 -6.32
C TYR A 117 1.25 6.54 -5.31
N ILE A 118 1.66 5.96 -4.18
CA ILE A 118 2.27 6.73 -3.12
C ILE A 118 3.67 7.19 -3.57
N ASN A 119 3.99 8.43 -3.24
CA ASN A 119 5.29 8.99 -3.61
C ASN A 119 6.40 8.15 -2.97
N ASN A 120 7.13 7.44 -3.82
CA ASN A 120 8.22 6.61 -3.36
C ASN A 120 9.40 6.74 -4.31
N CYS A 121 9.73 7.99 -4.63
CA CYS A 121 10.83 8.27 -5.53
C CYS A 121 12.11 8.39 -4.69
N ASP A 122 12.00 9.13 -3.60
CA ASP A 122 13.13 9.32 -2.71
C ASP A 122 12.86 8.62 -1.38
N THR A 123 13.00 7.30 -1.40
CA THR A 123 12.77 6.51 -0.22
C THR A 123 14.02 6.49 0.67
N ASP A 124 15.14 6.19 0.04
CA ASP A 124 16.41 6.14 0.74
C ASP A 124 16.58 7.41 1.56
N ALA A 125 15.92 8.47 1.10
CA ALA A 125 16.00 9.75 1.79
C ALA A 125 15.29 9.65 3.14
N ASN A 126 14.17 8.93 3.13
CA ASN A 126 13.40 8.75 4.35
C ASN A 126 13.81 7.43 5.01
N VAL A 127 13.54 6.34 4.31
CA VAL A 127 13.88 5.02 4.82
C VAL A 127 15.35 5.00 5.23
N GLY A 128 16.21 5.15 4.23
CA GLY A 128 17.64 5.15 4.47
C GLY A 128 18.36 4.23 3.47
N SER A 129 19.51 3.73 3.90
CA SER A 129 20.30 2.84 3.07
C SER A 129 20.33 1.44 3.68
N ASP A 130 19.94 1.36 4.93
CA ASP A 130 19.92 0.09 5.64
C ASP A 130 19.14 -0.94 4.81
N VAL A 131 19.88 -1.67 3.99
CA VAL A 131 19.28 -2.68 3.14
C VAL A 131 18.88 -3.89 4.00
N GLU A 132 19.31 -3.85 5.25
CA GLU A 132 19.00 -4.93 6.18
C GLU A 132 17.50 -4.94 6.49
N HIS A 133 17.07 -3.89 7.19
CA HIS A 133 15.68 -3.78 7.56
C HIS A 133 15.02 -2.65 6.76
N TYR A 134 15.28 -2.68 5.45
CA TYR A 134 14.72 -1.67 4.56
C TYR A 134 13.27 -1.98 4.22
N LEU A 135 13.04 -3.23 3.83
CA LEU A 135 11.70 -3.67 3.46
C LEU A 135 10.77 -3.49 4.66
N THR A 136 11.36 -3.52 5.84
CA THR A 136 10.60 -3.37 7.06
C THR A 136 10.49 -1.88 7.44
N ARG A 137 11.63 -1.22 7.47
CA ARG A 137 11.68 0.18 7.81
C ARG A 137 10.99 1.01 6.73
N TRP A 138 10.80 0.38 5.57
CA TRP A 138 10.16 1.05 4.46
C TRP A 138 8.64 0.91 4.65
N ILE A 139 8.19 -0.33 4.62
CA ILE A 139 6.77 -0.62 4.78
C ILE A 139 6.26 0.04 6.06
N SER A 140 6.91 -0.32 7.17
CA SER A 140 6.55 0.23 8.46
C SER A 140 6.57 1.75 8.42
N LEU A 141 7.25 2.27 7.40
CA LEU A 141 7.36 3.71 7.22
C LEU A 141 6.23 4.20 6.30
N TYR A 142 5.87 3.34 5.37
CA TYR A 142 4.81 3.67 4.42
C TYR A 142 3.47 3.13 4.90
N ILE A 143 3.51 2.44 6.03
CA ILE A 143 2.29 1.87 6.61
C ILE A 143 1.60 2.93 7.48
N ARG A 144 2.39 3.92 7.88
CA ARG A 144 1.87 4.99 8.71
C ARG A 144 0.86 5.84 7.93
N ILE A 145 0.79 5.56 6.64
CA ILE A 145 -0.13 6.28 5.77
C ILE A 145 -1.44 5.52 5.66
N PHE A 146 -1.42 4.29 6.17
CA PHE A 146 -2.60 3.44 6.15
C PHE A 146 -3.15 3.23 7.55
N ASP A 147 -2.24 3.04 8.49
CA ASP A 147 -2.62 2.83 9.88
C ASP A 147 -1.55 3.42 10.79
N LEU A 148 -1.96 4.42 11.56
CA LEU A 148 -1.05 5.09 12.48
C LEU A 148 -1.12 4.38 13.84
N ASN A 149 -1.91 3.33 13.90
CA ASN A 149 -2.07 2.57 15.12
C ASN A 149 -1.24 1.29 15.04
N PHE A 150 -0.77 1.00 13.83
CA PHE A 150 0.04 -0.19 13.60
C PHE A 150 1.49 0.19 13.28
N VAL A 151 2.35 -0.03 14.26
CA VAL A 151 3.76 0.27 14.09
C VAL A 151 4.57 -1.04 14.11
N PRO A 152 4.84 -1.55 12.88
CA PRO A 152 5.60 -2.79 12.75
C PRO A 152 7.08 -2.55 13.02
N SER A 5 17.70 3.01 -1.84
CA SER A 5 19.08 2.81 -1.41
C SER A 5 19.73 1.72 -2.25
N MET A 6 19.89 2.00 -3.53
CA MET A 6 20.50 1.05 -4.44
C MET A 6 19.90 -0.33 -4.26
N LEU A 7 18.69 -0.36 -3.73
CA LEU A 7 17.99 -1.61 -3.50
C LEU A 7 17.48 -2.15 -4.84
N THR A 8 18.08 -3.26 -5.26
CA THR A 8 17.70 -3.88 -6.52
C THR A 8 16.39 -4.65 -6.35
N LEU A 9 16.04 -5.40 -7.39
CA LEU A 9 14.81 -6.19 -7.37
C LEU A 9 15.02 -7.43 -6.50
N PRO A 10 16.19 -8.09 -6.72
CA PRO A 10 16.51 -9.29 -5.97
C PRO A 10 16.94 -8.94 -4.55
N GLU A 11 17.14 -7.65 -4.31
CA GLU A 11 17.55 -7.17 -3.01
C GLU A 11 16.32 -6.90 -2.14
N TYR A 12 15.27 -6.41 -2.78
CA TYR A 12 14.04 -6.10 -2.08
C TYR A 12 13.12 -7.32 -2.02
N ASN A 13 13.20 -8.14 -3.06
CA ASN A 13 12.38 -9.34 -3.15
C ASN A 13 12.86 -10.35 -2.09
N GLU A 14 14.07 -10.09 -1.59
CA GLU A 14 14.64 -10.97 -0.58
C GLU A 14 13.95 -10.76 0.77
N GLN A 15 13.36 -9.59 0.92
CA GLN A 15 12.66 -9.25 2.14
C GLN A 15 11.15 -9.15 1.89
N ILE A 16 10.75 -9.64 0.73
CA ILE A 16 9.35 -9.62 0.34
C ILE A 16 8.53 -10.36 1.41
N PRO A 17 9.03 -11.56 1.78
CA PRO A 17 8.35 -12.38 2.78
C PRO A 17 8.57 -11.81 4.19
N ASN A 18 9.34 -10.73 4.24
CA ASN A 18 9.64 -10.09 5.51
C ASN A 18 8.63 -8.97 5.76
N VAL A 19 8.23 -8.33 4.68
CA VAL A 19 7.27 -7.24 4.76
C VAL A 19 5.91 -7.80 5.18
N ARG A 20 5.52 -8.87 4.51
CA ARG A 20 4.25 -9.51 4.81
C ARG A 20 4.27 -10.13 6.21
N SER A 21 5.44 -10.63 6.57
CA SER A 21 5.63 -11.25 7.88
C SER A 21 5.16 -10.30 8.97
N LEU A 22 5.56 -9.04 8.82
CA LEU A 22 5.20 -8.02 9.80
C LEU A 22 3.81 -7.47 9.45
N LEU A 23 3.52 -7.45 8.16
CA LEU A 23 2.24 -6.95 7.70
C LEU A 23 1.10 -7.74 8.37
N THR A 24 1.45 -8.94 8.82
CA THR A 24 0.48 -9.79 9.47
C THR A 24 -0.06 -9.12 10.74
N LYS A 25 0.79 -8.28 11.32
CA LYS A 25 0.42 -7.56 12.54
C LYS A 25 -0.83 -6.73 12.26
N TRP A 26 -0.95 -6.28 11.02
CA TRP A 26 -2.09 -5.48 10.61
C TRP A 26 -3.36 -6.17 11.11
N ALA A 27 -4.09 -5.47 11.97
CA ALA A 27 -5.32 -6.01 12.51
C ALA A 27 -6.48 -5.70 11.56
N LYS A 28 -6.21 -4.80 10.63
CA LYS A 28 -7.21 -4.42 9.65
C LYS A 28 -7.18 -5.39 8.48
N VAL A 29 -6.01 -5.98 8.28
CA VAL A 29 -5.83 -6.93 7.19
C VAL A 29 -6.76 -8.12 7.40
N GLU A 30 -7.31 -8.61 6.29
CA GLU A 30 -8.22 -9.73 6.33
C GLU A 30 -7.66 -10.91 5.54
N ARG A 31 -7.00 -10.58 4.43
CA ARG A 31 -6.41 -11.59 3.57
C ARG A 31 -4.98 -11.20 3.20
N ILE A 32 -4.09 -12.16 3.31
CA ILE A 32 -2.69 -11.93 2.99
C ILE A 32 -2.32 -12.76 1.75
N GLN A 33 -1.93 -12.05 0.70
CA GLN A 33 -1.55 -12.69 -0.54
C GLN A 33 -0.33 -12.00 -1.14
N ASP A 34 0.52 -12.81 -1.77
CA ASP A 34 1.72 -12.29 -2.38
C ASP A 34 1.57 -12.31 -3.90
N VAL A 35 2.40 -11.53 -4.57
CA VAL A 35 2.36 -11.44 -6.02
C VAL A 35 3.79 -11.45 -6.57
N GLN A 36 3.89 -11.50 -7.89
CA GLN A 36 5.18 -11.50 -8.54
C GLN A 36 5.95 -10.21 -8.23
N ASP A 37 6.74 -10.28 -7.18
CA ASP A 37 7.53 -9.13 -6.77
C ASP A 37 6.62 -8.08 -6.15
N GLY A 38 5.77 -8.54 -5.24
CA GLY A 38 4.83 -7.65 -4.58
C GLY A 38 3.94 -8.42 -3.60
N LEU A 39 2.92 -7.73 -3.11
CA LEU A 39 1.99 -8.33 -2.17
C LEU A 39 0.67 -7.55 -2.19
N GLN A 40 -0.42 -8.30 -2.11
CA GLN A 40 -1.74 -7.69 -2.13
C GLN A 40 -2.55 -8.17 -0.91
N LEU A 41 -2.69 -7.27 0.05
CA LEU A 41 -3.44 -7.59 1.26
C LEU A 41 -4.84 -6.99 1.16
N ASP A 42 -5.67 -7.35 2.12
CA ASP A 42 -7.04 -6.86 2.15
C ASP A 42 -7.29 -6.14 3.48
N VAL A 43 -7.10 -4.83 3.45
CA VAL A 43 -7.29 -4.02 4.64
C VAL A 43 -8.75 -3.54 4.69
N ARG A 44 -9.35 -3.72 5.86
CA ARG A 44 -10.74 -3.31 6.05
C ARG A 44 -10.80 -2.04 6.90
N LEU A 45 -10.79 -0.91 6.21
CA LEU A 45 -10.85 0.38 6.88
C LEU A 45 -12.23 0.56 7.50
N LYS A 46 -13.23 0.07 6.78
CA LYS A 46 -14.61 0.18 7.25
C LYS A 46 -15.35 -1.12 6.94
N THR A 47 -16.40 -1.36 7.70
CA THR A 47 -17.21 -2.56 7.52
C THR A 47 -17.80 -2.59 6.10
N ASP A 48 -17.75 -1.44 5.44
CA ASP A 48 -18.28 -1.32 4.10
C ASP A 48 -17.21 -0.69 3.20
N THR A 49 -15.98 -0.76 3.66
CA THR A 49 -14.86 -0.20 2.91
C THR A 49 -13.69 -1.17 2.88
N LEU A 50 -12.94 -1.12 1.79
CA LEU A 50 -11.78 -1.99 1.65
C LEU A 50 -10.65 -1.22 0.96
N LEU A 51 -9.48 -1.28 1.57
CA LEU A 51 -8.32 -0.60 1.03
C LEU A 51 -7.26 -1.63 0.63
N GLU A 52 -7.27 -1.97 -0.66
CA GLU A 52 -6.33 -2.93 -1.18
C GLU A 52 -4.93 -2.30 -1.30
N LEU A 53 -3.97 -2.93 -0.63
CA LEU A 53 -2.61 -2.44 -0.66
C LEU A 53 -1.76 -3.35 -1.54
N HIS A 54 -1.11 -2.74 -2.51
CA HIS A 54 -0.26 -3.48 -3.43
C HIS A 54 1.17 -2.94 -3.37
N ILE A 55 2.10 -3.84 -3.10
CA ILE A 55 3.49 -3.46 -3.01
C ILE A 55 4.21 -3.89 -4.28
N TYR A 56 4.88 -2.92 -4.90
CA TYR A 56 5.62 -3.18 -6.13
C TYR A 56 6.91 -2.36 -6.18
N TYR A 57 7.90 -2.92 -6.86
CA TYR A 57 9.19 -2.26 -6.99
C TYR A 57 9.37 -1.69 -8.40
N ASP A 58 10.15 -0.63 -8.47
CA ASP A 58 10.41 0.03 -9.74
C ASP A 58 11.87 -0.19 -10.14
N HIS A 59 12.07 -0.56 -11.39
CA HIS A 59 13.41 -0.81 -11.90
C HIS A 59 14.01 0.50 -12.43
N VAL A 60 13.23 1.57 -12.27
CA VAL A 60 13.67 2.88 -12.72
C VAL A 60 14.10 3.72 -11.52
N TYR A 61 13.68 3.27 -10.34
CA TYR A 61 14.01 3.96 -9.11
C TYR A 61 14.88 3.09 -8.20
N HIS A 62 14.92 1.81 -8.54
CA HIS A 62 15.70 0.86 -7.76
C HIS A 62 15.22 0.87 -6.31
N VAL A 63 13.92 1.01 -6.14
CA VAL A 63 13.33 1.04 -4.81
C VAL A 63 11.85 0.63 -4.91
N PRO A 64 11.29 0.25 -3.74
CA PRO A 64 9.89 -0.16 -3.67
C PRO A 64 8.96 1.05 -3.77
N SER A 65 7.69 0.76 -4.00
CA SER A 65 6.68 1.80 -4.11
C SER A 65 5.42 1.39 -3.37
N ILE A 66 4.39 2.22 -3.51
CA ILE A 66 3.12 1.96 -2.86
C ILE A 66 1.98 2.28 -3.83
N LYS A 67 0.98 1.42 -3.82
CA LYS A 67 -0.17 1.59 -4.69
C LYS A 67 -1.38 0.87 -4.09
N PHE A 68 -2.49 1.60 -4.01
CA PHE A 68 -3.71 1.04 -3.46
C PHE A 68 -4.94 1.66 -4.13
N ARG A 69 -6.09 1.12 -3.78
CA ARG A 69 -7.35 1.60 -4.34
C ARG A 69 -8.47 1.48 -3.31
N LEU A 70 -9.25 2.54 -3.19
CA LEU A 70 -10.36 2.56 -2.26
C LEU A 70 -11.52 1.74 -2.82
N TRP A 71 -12.22 1.07 -1.92
CA TRP A 71 -13.35 0.25 -2.32
C TRP A 71 -14.47 0.45 -1.29
N SER A 72 -15.69 0.26 -1.75
CA SER A 72 -16.86 0.42 -0.89
C SER A 72 -17.75 -0.81 -0.98
N LEU A 73 -17.59 -1.70 -0.02
CA LEU A 73 -18.37 -2.92 0.02
C LEU A 73 -19.85 -2.56 0.21
N ASP A 74 -20.66 -3.07 -0.72
CA ASP A 74 -22.09 -2.81 -0.66
C ASP A 74 -22.84 -4.13 -0.47
N THR A 75 -23.47 -4.26 0.68
CA THR A 75 -24.22 -5.47 0.99
C THR A 75 -25.72 -5.21 0.85
N GLU A 76 -26.06 -4.40 -0.15
CA GLU A 76 -27.45 -4.08 -0.40
C GLU A 76 -28.28 -5.35 -0.53
N GLU A 77 -27.70 -6.33 -1.20
CA GLU A 77 -28.38 -7.61 -1.40
C GLU A 77 -27.75 -8.68 -0.52
N ASP A 78 -26.70 -8.28 0.19
CA ASP A 78 -26.01 -9.20 1.08
C ASP A 78 -25.32 -10.29 0.24
N ILE A 79 -24.57 -9.83 -0.75
CA ILE A 79 -23.86 -10.75 -1.62
C ILE A 79 -22.34 -10.54 -1.46
N SER A 80 -22.01 -9.49 -0.72
CA SER A 80 -20.61 -9.17 -0.47
C SER A 80 -20.02 -8.46 -1.69
N SER A 81 -20.78 -7.50 -2.21
CA SER A 81 -20.34 -6.74 -3.36
C SER A 81 -19.40 -5.62 -2.93
N LEU A 82 -18.90 -4.90 -3.91
CA LEU A 82 -17.99 -3.79 -3.65
C LEU A 82 -17.79 -2.98 -4.93
N ARG A 83 -17.22 -1.79 -4.76
CA ARG A 83 -16.97 -0.91 -5.88
C ARG A 83 -15.83 0.04 -5.56
N LEU A 84 -15.06 0.36 -6.59
CA LEU A 84 -13.93 1.26 -6.43
C LEU A 84 -14.44 2.66 -6.08
N LEU A 85 -13.85 3.23 -5.04
CA LEU A 85 -14.24 4.57 -4.59
C LEU A 85 -13.30 5.60 -5.21
N THR A 86 -13.87 6.73 -5.59
CA THR A 86 -13.10 7.81 -6.18
C THR A 86 -13.43 9.14 -5.51
N LEU A 87 -12.63 9.49 -4.53
CA LEU A 87 -12.82 10.72 -3.80
C LEU A 87 -11.52 11.53 -3.80
N SER A 88 -11.63 12.79 -3.42
CA SER A 88 -10.47 13.67 -3.37
C SER A 88 -9.56 13.27 -2.22
N ASP A 89 -8.60 14.14 -1.94
CA ASP A 89 -7.66 13.90 -0.87
C ASP A 89 -8.36 14.09 0.48
N SER A 90 -8.95 15.26 0.64
CA SER A 90 -9.67 15.58 1.87
C SER A 90 -10.43 14.34 2.37
N GLU A 91 -10.84 13.53 1.42
CA GLU A 91 -11.58 12.31 1.74
C GLU A 91 -10.61 11.16 2.02
N LEU A 92 -9.65 11.01 1.13
CA LEU A 92 -8.66 9.95 1.26
C LEU A 92 -7.99 10.07 2.63
N ARG A 93 -7.38 11.23 2.86
CA ARG A 93 -6.71 11.47 4.13
C ARG A 93 -7.63 11.16 5.30
N SER A 94 -8.92 11.33 5.05
CA SER A 94 -9.92 11.07 6.09
C SER A 94 -9.61 9.75 6.78
N ILE A 95 -8.97 8.85 6.04
CA ILE A 95 -8.61 7.55 6.58
C ILE A 95 -7.09 7.37 6.51
N LEU A 96 -6.54 7.79 5.38
CA LEU A 96 -5.10 7.70 5.17
C LEU A 96 -4.39 8.77 6.00
N ASN A 97 -3.09 8.59 6.14
CA ASN A 97 -2.28 9.54 6.90
C ASN A 97 -1.11 10.01 6.04
N LEU A 98 -1.24 11.22 5.52
CA LEU A 98 -0.20 11.81 4.68
C LEU A 98 0.74 12.63 5.55
N GLY A 99 0.16 13.62 6.23
CA GLY A 99 0.95 14.49 7.09
C GLY A 99 1.97 15.29 6.29
N THR A 100 3.10 14.65 6.03
CA THR A 100 4.16 15.28 5.27
C THR A 100 4.35 14.58 3.92
N PHE A 101 3.84 13.36 3.85
CA PHE A 101 3.94 12.57 2.63
C PHE A 101 2.99 13.10 1.56
N SER A 102 2.92 12.36 0.46
CA SER A 102 2.05 12.74 -0.64
C SER A 102 1.45 11.48 -1.29
N VAL A 103 0.71 11.71 -2.37
CA VAL A 103 0.09 10.62 -3.09
C VAL A 103 -0.04 10.99 -4.57
N THR A 104 -0.41 9.99 -5.36
CA THR A 104 -0.57 10.21 -6.79
C THR A 104 -1.64 9.28 -7.35
N LEU A 105 -2.80 9.87 -7.64
CA LEU A 105 -3.91 9.12 -8.18
C LEU A 105 -3.89 9.19 -9.72
N SER A 106 -3.95 8.03 -10.34
CA SER A 106 -3.94 7.96 -11.79
C SER A 106 -5.05 7.01 -12.27
N THR A 107 -5.55 7.30 -13.46
CA THR A 107 -6.59 6.49 -14.05
C THR A 107 -6.26 6.14 -15.50
N ASP A 108 -6.63 4.93 -15.89
CA ASP A 108 -6.38 4.48 -17.25
C ASP A 108 -7.36 5.14 -18.20
N MET A 109 -7.06 5.04 -19.49
CA MET A 109 -7.91 5.63 -20.52
C MET A 109 -9.30 4.99 -20.51
N GLU A 110 -9.39 3.87 -19.82
CA GLU A 110 -10.65 3.14 -19.72
C GLU A 110 -11.45 3.62 -18.51
N MET A 111 -10.74 4.20 -17.56
CA MET A 111 -11.37 4.71 -16.36
C MET A 111 -12.09 3.59 -15.61
N LYS A 112 -11.68 2.36 -15.90
CA LYS A 112 -12.27 1.20 -15.26
C LYS A 112 -11.42 0.79 -14.06
N SER A 113 -10.19 1.31 -14.05
CA SER A 113 -9.27 1.00 -12.96
C SER A 113 -8.64 2.30 -12.44
N VAL A 114 -8.26 2.26 -11.17
CA VAL A 114 -7.64 3.42 -10.54
C VAL A 114 -6.60 2.94 -9.52
N TYR A 115 -5.64 3.82 -9.25
CA TYR A 115 -4.58 3.50 -8.31
C TYR A 115 -4.14 4.75 -7.54
N TYR A 116 -3.65 4.52 -6.33
CA TYR A 116 -3.20 5.61 -5.50
C TYR A 116 -1.70 5.48 -5.19
N TYR A 117 -0.89 5.77 -6.19
CA TYR A 117 0.55 5.68 -6.04
C TYR A 117 1.06 6.69 -5.01
N ILE A 118 1.56 6.17 -3.90
CA ILE A 118 2.08 7.00 -2.83
C ILE A 118 3.52 7.43 -3.18
N ASN A 119 3.75 8.73 -3.12
CA ASN A 119 5.06 9.28 -3.42
C ASN A 119 6.13 8.37 -2.82
N ASN A 120 6.94 7.80 -3.70
CA ASN A 120 8.01 6.91 -3.27
C ASN A 120 9.28 7.24 -4.06
N CYS A 121 9.25 8.38 -4.73
CA CYS A 121 10.38 8.81 -5.52
C CYS A 121 11.58 8.97 -4.58
N ASP A 122 11.34 9.65 -3.47
CA ASP A 122 12.38 9.88 -2.49
C ASP A 122 12.34 8.77 -1.43
N THR A 123 12.48 7.54 -1.92
CA THR A 123 12.46 6.39 -1.03
C THR A 123 13.75 6.33 -0.21
N ASP A 124 14.87 6.53 -0.90
CA ASP A 124 16.16 6.51 -0.24
C ASP A 124 16.22 7.62 0.80
N ALA A 125 15.47 8.68 0.54
CA ALA A 125 15.43 9.81 1.45
C ALA A 125 14.35 9.57 2.52
N ASN A 126 13.54 8.55 2.27
CA ASN A 126 12.48 8.21 3.19
C ASN A 126 13.03 7.29 4.29
N VAL A 127 13.49 6.12 3.86
CA VAL A 127 14.03 5.15 4.80
C VAL A 127 15.56 5.32 4.85
N GLY A 128 16.20 5.04 3.73
CA GLY A 128 17.63 5.15 3.64
C GLY A 128 18.31 4.72 4.94
N SER A 129 17.68 3.75 5.60
CA SER A 129 18.19 3.24 6.84
C SER A 129 19.27 2.18 6.58
N ASP A 130 18.80 1.00 6.18
CA ASP A 130 19.70 -0.10 5.88
C ASP A 130 19.01 -1.09 4.95
N VAL A 131 19.76 -1.52 3.94
CA VAL A 131 19.23 -2.47 2.98
C VAL A 131 18.88 -3.78 3.68
N GLU A 132 19.37 -3.90 4.90
CA GLU A 132 19.12 -5.10 5.69
C GLU A 132 17.64 -5.22 6.02
N HIS A 133 17.16 -4.29 6.83
CA HIS A 133 15.76 -4.27 7.22
C HIS A 133 15.06 -3.06 6.59
N TYR A 134 15.31 -2.88 5.31
CA TYR A 134 14.71 -1.76 4.59
C TYR A 134 13.26 -2.07 4.21
N LEU A 135 13.04 -3.31 3.77
CA LEU A 135 11.71 -3.73 3.39
C LEU A 135 10.76 -3.58 4.58
N THR A 136 11.34 -3.63 5.77
CA THR A 136 10.56 -3.49 6.99
C THR A 136 10.47 -2.02 7.40
N ARG A 137 11.62 -1.38 7.45
CA ARG A 137 11.69 0.03 7.82
C ARG A 137 10.99 0.89 6.77
N TRP A 138 10.80 0.30 5.59
CA TRP A 138 10.16 0.99 4.50
C TRP A 138 8.64 0.83 4.66
N ILE A 139 8.21 -0.42 4.59
CA ILE A 139 6.79 -0.73 4.73
C ILE A 139 6.25 -0.08 6.01
N SER A 140 6.91 -0.40 7.11
CA SER A 140 6.52 0.13 8.41
C SER A 140 6.52 1.66 8.36
N LEU A 141 7.18 2.19 7.35
CA LEU A 141 7.26 3.63 7.17
C LEU A 141 6.12 4.10 6.27
N TYR A 142 5.78 3.24 5.32
CA TYR A 142 4.71 3.56 4.37
C TYR A 142 3.38 2.99 4.85
N ILE A 143 3.44 2.29 5.97
CA ILE A 143 2.25 1.69 6.55
C ILE A 143 1.56 2.69 7.46
N ARG A 144 2.36 3.64 7.93
CA ARG A 144 1.83 4.68 8.82
C ARG A 144 0.88 5.59 8.07
N ILE A 145 0.82 5.40 6.76
CA ILE A 145 -0.05 6.19 5.92
C ILE A 145 -1.42 5.52 5.82
N PHE A 146 -1.46 4.28 6.29
CA PHE A 146 -2.70 3.51 6.25
C PHE A 146 -3.15 3.14 7.67
N ASP A 147 -2.17 3.01 8.55
CA ASP A 147 -2.47 2.66 9.93
C ASP A 147 -1.43 3.32 10.85
N LEU A 148 -1.93 4.15 11.74
CA LEU A 148 -1.06 4.85 12.68
C LEU A 148 -1.07 4.12 14.02
N ASN A 149 -1.79 3.01 14.05
CA ASN A 149 -1.89 2.21 15.25
C ASN A 149 -1.05 0.93 15.09
N PHE A 150 -0.73 0.64 13.84
CA PHE A 150 0.07 -0.54 13.53
C PHE A 150 1.50 -0.16 13.16
N VAL A 151 2.42 -0.48 14.06
CA VAL A 151 3.82 -0.18 13.84
C VAL A 151 4.62 -1.48 13.79
N PRO A 152 4.85 -1.97 12.54
CA PRO A 152 5.60 -3.20 12.35
C PRO A 152 7.09 -2.99 12.58
N SER A 5 17.21 4.86 -3.67
CA SER A 5 18.23 3.87 -3.37
C SER A 5 18.48 2.98 -4.58
N MET A 6 19.18 1.88 -4.35
CA MET A 6 19.48 0.95 -5.42
C MET A 6 19.08 -0.49 -5.02
N LEU A 7 18.19 -0.57 -4.05
CA LEU A 7 17.71 -1.85 -3.57
C LEU A 7 17.27 -2.70 -4.77
N THR A 8 18.12 -3.65 -5.12
CA THR A 8 17.84 -4.54 -6.23
C THR A 8 16.47 -5.21 -6.04
N LEU A 9 15.99 -5.80 -7.12
CA LEU A 9 14.70 -6.49 -7.10
C LEU A 9 14.82 -7.77 -6.26
N PRO A 10 15.92 -8.52 -6.52
CA PRO A 10 16.17 -9.77 -5.82
C PRO A 10 16.65 -9.49 -4.38
N GLU A 11 16.98 -8.23 -4.14
CA GLU A 11 17.46 -7.82 -2.82
C GLU A 11 16.28 -7.43 -1.93
N TYR A 12 15.28 -6.81 -2.56
CA TYR A 12 14.10 -6.38 -1.84
C TYR A 12 13.10 -7.52 -1.70
N ASN A 13 13.24 -8.51 -2.57
CA ASN A 13 12.35 -9.66 -2.57
C ASN A 13 12.78 -10.61 -1.46
N GLU A 14 14.00 -10.42 -0.97
CA GLU A 14 14.53 -11.25 0.08
C GLU A 14 13.85 -10.93 1.41
N GLN A 15 13.33 -9.71 1.49
CA GLN A 15 12.66 -9.26 2.70
C GLN A 15 11.15 -9.09 2.43
N ILE A 16 10.71 -9.67 1.32
CA ILE A 16 9.32 -9.60 0.95
C ILE A 16 8.46 -10.29 2.01
N PRO A 17 8.90 -11.51 2.40
CA PRO A 17 8.19 -12.28 3.40
C PRO A 17 8.45 -11.72 4.81
N ASN A 18 9.24 -10.66 4.84
CA ASN A 18 9.57 -10.03 6.11
C ASN A 18 8.55 -8.92 6.39
N VAL A 19 8.13 -8.25 5.33
CA VAL A 19 7.17 -7.17 5.45
C VAL A 19 5.83 -7.74 5.90
N ARG A 20 5.36 -8.72 5.14
CA ARG A 20 4.09 -9.36 5.45
C ARG A 20 4.17 -10.08 6.81
N SER A 21 5.34 -10.63 7.07
CA SER A 21 5.57 -11.34 8.31
C SER A 21 5.13 -10.48 9.50
N LEU A 22 5.52 -9.21 9.44
CA LEU A 22 5.18 -8.27 10.49
C LEU A 22 3.80 -7.67 10.21
N LEU A 23 3.50 -7.55 8.93
CA LEU A 23 2.22 -6.98 8.50
C LEU A 23 1.09 -7.81 9.11
N THR A 24 1.42 -9.03 9.50
CA THR A 24 0.44 -9.91 10.09
C THR A 24 -0.07 -9.34 11.42
N LYS A 25 0.62 -8.31 11.88
CA LYS A 25 0.24 -7.66 13.13
C LYS A 25 -0.95 -6.74 12.88
N TRP A 26 -1.04 -6.26 11.64
CA TRP A 26 -2.12 -5.36 11.26
C TRP A 26 -3.45 -6.09 11.50
N ALA A 27 -4.37 -5.37 12.11
CA ALA A 27 -5.68 -5.93 12.40
C ALA A 27 -6.66 -5.55 11.30
N LYS A 28 -6.21 -4.64 10.45
CA LYS A 28 -7.03 -4.17 9.34
C LYS A 28 -6.94 -5.17 8.19
N VAL A 29 -5.84 -5.89 8.15
CA VAL A 29 -5.61 -6.88 7.11
C VAL A 29 -6.57 -8.06 7.33
N GLU A 30 -7.20 -8.48 6.25
CA GLU A 30 -8.14 -9.58 6.30
C GLU A 30 -7.59 -10.78 5.53
N ARG A 31 -6.92 -10.49 4.43
CA ARG A 31 -6.34 -11.54 3.61
C ARG A 31 -4.85 -11.25 3.36
N ILE A 32 -4.06 -12.30 3.48
CA ILE A 32 -2.62 -12.18 3.27
C ILE A 32 -2.20 -13.09 2.12
N GLN A 33 -1.90 -12.47 0.99
CA GLN A 33 -1.49 -13.20 -0.19
C GLN A 33 -0.21 -12.60 -0.77
N ASP A 34 0.72 -13.49 -1.12
CA ASP A 34 1.99 -13.05 -1.68
C ASP A 34 1.91 -13.13 -3.21
N VAL A 35 2.86 -12.47 -3.85
CA VAL A 35 2.92 -12.45 -5.30
C VAL A 35 4.37 -12.59 -5.76
N GLN A 36 4.54 -12.84 -7.04
CA GLN A 36 5.87 -13.00 -7.61
C GLN A 36 6.39 -11.65 -8.12
N ASP A 37 6.07 -10.60 -7.37
CA ASP A 37 6.50 -9.26 -7.73
C ASP A 37 6.05 -8.28 -6.65
N GLY A 38 6.08 -8.75 -5.41
CA GLY A 38 5.68 -7.92 -4.28
C GLY A 38 4.78 -8.71 -3.32
N LEU A 39 3.59 -8.16 -3.08
CA LEU A 39 2.65 -8.79 -2.19
C LEU A 39 1.26 -8.20 -2.42
N GLN A 40 0.24 -9.02 -2.21
CA GLN A 40 -1.13 -8.58 -2.39
C GLN A 40 -1.97 -8.94 -1.15
N LEU A 41 -2.44 -7.91 -0.47
CA LEU A 41 -3.25 -8.10 0.72
C LEU A 41 -4.59 -7.38 0.53
N ASP A 42 -5.48 -7.61 1.48
CA ASP A 42 -6.80 -7.00 1.44
C ASP A 42 -7.11 -6.38 2.80
N VAL A 43 -6.85 -5.09 2.91
CA VAL A 43 -7.11 -4.37 4.15
C VAL A 43 -8.57 -3.93 4.19
N ARG A 44 -9.10 -3.88 5.41
CA ARG A 44 -10.48 -3.48 5.60
C ARG A 44 -10.55 -2.08 6.23
N LEU A 45 -10.35 -1.07 5.39
CA LEU A 45 -10.38 0.30 5.84
C LEU A 45 -11.67 0.55 6.64
N LYS A 46 -12.77 0.07 6.07
CA LYS A 46 -14.06 0.23 6.71
C LYS A 46 -14.84 -1.09 6.61
N THR A 47 -15.82 -1.24 7.49
CA THR A 47 -16.63 -2.44 7.51
C THR A 47 -17.39 -2.59 6.19
N ASP A 48 -17.39 -1.51 5.42
CA ASP A 48 -18.07 -1.51 4.14
C ASP A 48 -17.11 -1.01 3.06
N THR A 49 -15.84 -0.93 3.43
CA THR A 49 -14.81 -0.48 2.50
C THR A 49 -13.65 -1.46 2.47
N LEU A 50 -12.92 -1.42 1.36
CA LEU A 50 -11.78 -2.30 1.19
C LEU A 50 -10.61 -1.50 0.61
N LEU A 51 -9.41 -1.86 1.05
CA LEU A 51 -8.21 -1.19 0.59
C LEU A 51 -7.20 -2.24 0.11
N GLU A 52 -7.08 -2.33 -1.20
CA GLU A 52 -6.16 -3.27 -1.81
C GLU A 52 -4.79 -2.63 -2.01
N LEU A 53 -3.78 -3.25 -1.40
CA LEU A 53 -2.42 -2.75 -1.51
C LEU A 53 -1.61 -3.70 -2.39
N HIS A 54 -0.94 -3.11 -3.38
CA HIS A 54 -0.12 -3.88 -4.29
C HIS A 54 1.30 -3.33 -4.31
N ILE A 55 2.19 -4.04 -3.63
CA ILE A 55 3.58 -3.63 -3.56
C ILE A 55 4.33 -4.14 -4.79
N TYR A 56 5.26 -3.34 -5.26
CA TYR A 56 6.05 -3.69 -6.43
C TYR A 56 7.39 -2.97 -6.41
N TYR A 57 8.17 -3.22 -7.46
CA TYR A 57 9.48 -2.61 -7.59
C TYR A 57 9.42 -1.38 -8.50
N ASP A 58 10.20 -0.38 -8.13
CA ASP A 58 10.26 0.86 -8.91
C ASP A 58 11.64 1.02 -9.53
N HIS A 59 11.83 0.34 -10.65
CA HIS A 59 13.10 0.40 -11.35
C HIS A 59 13.46 1.85 -11.66
N VAL A 60 12.45 2.70 -11.60
CA VAL A 60 12.65 4.12 -11.86
C VAL A 60 13.70 4.67 -10.90
N TYR A 61 13.58 4.27 -9.64
CA TYR A 61 14.51 4.71 -8.62
C TYR A 61 15.19 3.52 -7.95
N HIS A 62 14.86 2.34 -8.44
CA HIS A 62 15.43 1.11 -7.90
C HIS A 62 15.05 0.99 -6.42
N VAL A 63 13.76 1.17 -6.15
CA VAL A 63 13.26 1.07 -4.79
C VAL A 63 11.81 0.58 -4.82
N PRO A 64 11.33 0.13 -3.63
CA PRO A 64 9.98 -0.37 -3.51
C PRO A 64 8.97 0.79 -3.52
N SER A 65 7.80 0.51 -4.07
CA SER A 65 6.75 1.51 -4.14
C SER A 65 5.44 0.94 -3.58
N ILE A 66 4.41 1.77 -3.61
CA ILE A 66 3.10 1.36 -3.11
C ILE A 66 2.03 1.81 -4.10
N LYS A 67 1.02 0.96 -4.24
CA LYS A 67 -0.07 1.24 -5.15
C LYS A 67 -1.32 0.48 -4.69
N PHE A 68 -2.35 1.24 -4.36
CA PHE A 68 -3.60 0.65 -3.91
C PHE A 68 -4.80 1.31 -4.60
N ARG A 69 -5.96 0.72 -4.38
CA ARG A 69 -7.19 1.23 -4.97
C ARG A 69 -8.35 1.13 -3.97
N LEU A 70 -8.98 2.28 -3.74
CA LEU A 70 -10.10 2.33 -2.81
C LEU A 70 -11.27 1.54 -3.38
N TRP A 71 -12.03 0.93 -2.49
CA TRP A 71 -13.19 0.15 -2.89
C TRP A 71 -14.31 0.41 -1.90
N SER A 72 -15.54 0.24 -2.38
CA SER A 72 -16.71 0.46 -1.54
C SER A 72 -17.61 -0.77 -1.59
N LEU A 73 -17.48 -1.61 -0.57
CA LEU A 73 -18.27 -2.82 -0.48
C LEU A 73 -19.73 -2.44 -0.25
N ASP A 74 -20.59 -2.93 -1.15
CA ASP A 74 -22.01 -2.65 -1.06
C ASP A 74 -22.77 -3.97 -0.89
N THR A 75 -23.30 -4.15 0.32
CA THR A 75 -24.06 -5.35 0.62
C THR A 75 -25.55 -5.05 0.70
N GLU A 76 -25.98 -4.13 -0.15
CA GLU A 76 -27.37 -3.73 -0.19
C GLU A 76 -28.28 -4.96 -0.15
N GLU A 77 -27.88 -5.96 -0.92
CA GLU A 77 -28.65 -7.20 -0.98
C GLU A 77 -27.93 -8.31 -0.21
N ASP A 78 -26.68 -8.03 0.14
CA ASP A 78 -25.87 -8.98 0.88
C ASP A 78 -25.27 -10.00 -0.10
N ILE A 79 -24.62 -9.46 -1.13
CA ILE A 79 -24.01 -10.31 -2.14
C ILE A 79 -22.48 -10.17 -2.06
N SER A 80 -22.06 -9.28 -1.17
CA SER A 80 -20.64 -9.04 -0.98
C SER A 80 -20.07 -8.30 -2.20
N SER A 81 -20.83 -7.33 -2.68
CA SER A 81 -20.42 -6.55 -3.83
C SER A 81 -19.43 -5.47 -3.40
N LEU A 82 -18.90 -4.75 -4.39
CA LEU A 82 -17.95 -3.70 -4.13
C LEU A 82 -17.72 -2.88 -5.41
N ARG A 83 -17.16 -1.71 -5.23
CA ARG A 83 -16.89 -0.82 -6.36
C ARG A 83 -15.73 0.11 -6.03
N LEU A 84 -14.83 0.23 -6.99
CA LEU A 84 -13.66 1.08 -6.82
C LEU A 84 -14.12 2.50 -6.47
N LEU A 85 -13.60 3.00 -5.36
CA LEU A 85 -13.94 4.32 -4.90
C LEU A 85 -12.96 5.34 -5.49
N THR A 86 -13.50 6.50 -5.84
CA THR A 86 -12.68 7.55 -6.42
C THR A 86 -13.04 8.91 -5.80
N LEU A 87 -12.27 9.30 -4.79
CA LEU A 87 -12.50 10.56 -4.11
C LEU A 87 -11.18 11.34 -4.04
N SER A 88 -11.31 12.61 -3.69
CA SER A 88 -10.14 13.48 -3.58
C SER A 88 -9.24 12.99 -2.44
N ASP A 89 -8.23 13.80 -2.15
CA ASP A 89 -7.29 13.47 -1.09
C ASP A 89 -7.97 13.65 0.28
N SER A 90 -8.82 14.67 0.34
CA SER A 90 -9.54 14.97 1.56
C SER A 90 -10.18 13.69 2.12
N GLU A 91 -10.74 12.91 1.22
CA GLU A 91 -11.38 11.66 1.60
C GLU A 91 -10.34 10.55 1.74
N LEU A 92 -9.45 10.49 0.77
CA LEU A 92 -8.41 9.48 0.76
C LEU A 92 -7.57 9.62 2.04
N ARG A 93 -7.67 10.80 2.64
CA ARG A 93 -6.93 11.07 3.86
C ARG A 93 -7.77 10.68 5.09
N SER A 94 -9.07 10.59 4.87
CA SER A 94 -9.98 10.23 5.94
C SER A 94 -9.63 8.85 6.49
N ILE A 95 -8.82 8.13 5.72
CA ILE A 95 -8.40 6.79 6.12
C ILE A 95 -6.87 6.73 6.13
N LEU A 96 -6.28 7.24 5.06
CA LEU A 96 -4.84 7.24 4.94
C LEU A 96 -4.26 8.41 5.75
N ASN A 97 -2.95 8.44 5.84
CA ASN A 97 -2.27 9.49 6.58
C ASN A 97 -1.07 9.99 5.77
N LEU A 98 -1.22 11.17 5.21
CA LEU A 98 -0.17 11.77 4.42
C LEU A 98 0.69 12.69 5.31
N GLY A 99 0.02 13.66 5.90
CA GLY A 99 0.70 14.60 6.78
C GLY A 99 1.76 15.40 6.01
N THR A 100 2.91 14.77 5.84
CA THR A 100 4.00 15.42 5.13
C THR A 100 4.30 14.67 3.82
N PHE A 101 3.84 13.43 3.77
CA PHE A 101 4.05 12.61 2.59
C PHE A 101 3.16 13.08 1.43
N SER A 102 3.23 12.34 0.34
CA SER A 102 2.45 12.67 -0.84
C SER A 102 1.99 11.40 -1.55
N VAL A 103 0.95 11.55 -2.36
CA VAL A 103 0.42 10.42 -3.09
C VAL A 103 0.15 10.83 -4.54
N THR A 104 -0.11 9.83 -5.37
CA THR A 104 -0.37 10.08 -6.78
C THR A 104 -1.47 9.15 -7.29
N LEU A 105 -2.64 9.74 -7.56
CA LEU A 105 -3.77 8.97 -8.04
C LEU A 105 -3.73 8.95 -9.57
N SER A 106 -3.79 7.73 -10.12
CA SER A 106 -3.76 7.56 -11.55
C SER A 106 -5.04 6.86 -12.02
N THR A 107 -5.58 7.36 -13.12
CA THR A 107 -6.80 6.80 -13.68
C THR A 107 -6.77 6.85 -15.20
N ASP A 108 -7.46 5.90 -15.81
CA ASP A 108 -7.53 5.82 -17.26
C ASP A 108 -8.82 6.48 -17.75
N MET A 109 -8.82 6.82 -19.03
CA MET A 109 -9.98 7.45 -19.63
C MET A 109 -11.25 6.64 -19.35
N GLU A 110 -11.10 5.32 -19.39
CA GLU A 110 -12.21 4.44 -19.15
C GLU A 110 -12.87 4.76 -17.81
N MET A 111 -12.07 5.27 -16.89
CA MET A 111 -12.56 5.64 -15.58
C MET A 111 -13.09 4.40 -14.84
N LYS A 112 -12.59 3.24 -15.24
CA LYS A 112 -12.99 1.99 -14.62
C LYS A 112 -11.88 1.50 -13.69
N SER A 113 -10.66 1.75 -14.10
CA SER A 113 -9.51 1.34 -13.30
C SER A 113 -8.81 2.57 -12.72
N VAL A 114 -8.51 2.48 -11.43
CA VAL A 114 -7.85 3.57 -10.73
C VAL A 114 -6.91 3.00 -9.67
N TYR A 115 -5.98 3.83 -9.23
CA TYR A 115 -5.02 3.43 -8.23
C TYR A 115 -4.52 4.63 -7.43
N TYR A 116 -3.65 4.34 -6.47
CA TYR A 116 -3.09 5.40 -5.63
C TYR A 116 -1.58 5.18 -5.42
N TYR A 117 -0.81 5.61 -6.41
CA TYR A 117 0.62 5.48 -6.34
C TYR A 117 1.23 6.44 -5.31
N ILE A 118 1.68 5.86 -4.21
CA ILE A 118 2.28 6.64 -3.14
C ILE A 118 3.61 7.22 -3.61
N ASN A 119 3.92 8.41 -3.12
CA ASN A 119 5.16 9.06 -3.48
C ASN A 119 6.34 8.27 -2.90
N ASN A 120 7.09 7.65 -3.80
CA ASN A 120 8.24 6.85 -3.40
C ASN A 120 9.46 7.28 -4.23
N CYS A 121 9.54 8.57 -4.48
CA CYS A 121 10.65 9.12 -5.25
C CYS A 121 11.85 9.27 -4.34
N ASP A 122 11.59 9.82 -3.16
CA ASP A 122 12.64 10.03 -2.18
C ASP A 122 12.66 8.86 -1.20
N THR A 123 12.92 7.68 -1.74
CA THR A 123 12.97 6.48 -0.93
C THR A 123 14.15 6.54 0.04
N ASP A 124 15.34 6.64 -0.52
CA ASP A 124 16.55 6.71 0.28
C ASP A 124 16.51 7.98 1.14
N ALA A 125 15.78 8.97 0.65
CA ALA A 125 15.66 10.23 1.37
C ALA A 125 14.48 10.14 2.34
N ASN A 126 13.69 9.09 2.17
CA ASN A 126 12.54 8.88 3.04
C ASN A 126 12.98 8.15 4.30
N VAL A 127 13.43 6.92 4.12
CA VAL A 127 13.88 6.11 5.24
C VAL A 127 15.41 6.04 5.23
N GLY A 128 15.94 5.67 4.07
CA GLY A 128 17.38 5.55 3.91
C GLY A 128 18.03 5.00 5.17
N SER A 129 17.34 4.05 5.79
CA SER A 129 17.84 3.43 7.00
C SER A 129 18.99 2.48 6.67
N ASP A 130 18.62 1.29 6.22
CA ASP A 130 19.61 0.29 5.87
C ASP A 130 18.96 -0.77 4.97
N VAL A 131 19.71 -1.18 3.96
CA VAL A 131 19.22 -2.18 3.01
C VAL A 131 18.97 -3.48 3.76
N GLU A 132 19.50 -3.56 4.97
CA GLU A 132 19.35 -4.74 5.79
C GLU A 132 17.86 -5.00 6.08
N HIS A 133 17.27 -4.09 6.85
CA HIS A 133 15.87 -4.20 7.21
C HIS A 133 15.10 -3.02 6.64
N TYR A 134 15.36 -2.74 5.36
CA TYR A 134 14.71 -1.64 4.69
C TYR A 134 13.25 -1.99 4.34
N LEU A 135 13.06 -3.24 3.96
CA LEU A 135 11.73 -3.73 3.61
C LEU A 135 10.79 -3.53 4.79
N THR A 136 11.37 -3.57 5.98
CA THR A 136 10.59 -3.39 7.20
C THR A 136 10.50 -1.91 7.56
N ARG A 137 11.65 -1.26 7.56
CA ARG A 137 11.71 0.16 7.89
C ARG A 137 10.99 0.98 6.82
N TRP A 138 10.78 0.34 5.67
CA TRP A 138 10.11 1.00 4.57
C TRP A 138 8.60 0.82 4.75
N ILE A 139 8.19 -0.44 4.75
CA ILE A 139 6.79 -0.78 4.91
C ILE A 139 6.25 -0.11 6.18
N SER A 140 6.93 -0.39 7.29
CA SER A 140 6.55 0.17 8.57
C SER A 140 6.53 1.69 8.49
N LEU A 141 7.16 2.21 7.46
CA LEU A 141 7.22 3.65 7.25
C LEU A 141 6.07 4.08 6.34
N TYR A 142 5.75 3.21 5.39
CA TYR A 142 4.67 3.49 4.46
C TYR A 142 3.35 2.89 4.94
N ILE A 143 3.43 2.20 6.07
CA ILE A 143 2.25 1.58 6.65
C ILE A 143 1.49 2.62 7.49
N ARG A 144 2.24 3.56 8.03
CA ARG A 144 1.66 4.60 8.85
C ARG A 144 0.64 5.41 8.04
N ILE A 145 0.89 5.48 6.75
CA ILE A 145 0.00 6.21 5.85
C ILE A 145 -1.34 5.48 5.76
N PHE A 146 -1.36 4.29 6.32
CA PHE A 146 -2.57 3.48 6.31
C PHE A 146 -3.05 3.18 7.73
N ASP A 147 -2.08 3.09 8.64
CA ASP A 147 -2.39 2.81 10.03
C ASP A 147 -1.34 3.49 10.93
N LEU A 148 -1.78 4.55 11.58
CA LEU A 148 -0.89 5.29 12.46
C LEU A 148 -0.90 4.65 13.85
N ASN A 149 -1.63 3.55 13.95
CA ASN A 149 -1.74 2.83 15.21
C ASN A 149 -0.85 1.59 15.15
N PHE A 150 -0.40 1.27 13.95
CA PHE A 150 0.45 0.11 13.74
C PHE A 150 1.79 0.52 13.14
N VAL A 151 2.82 0.42 13.96
CA VAL A 151 4.17 0.77 13.53
C VAL A 151 5.09 -0.44 13.71
N PRO A 152 5.24 -1.22 12.61
CA PRO A 152 6.08 -2.40 12.63
C PRO A 152 7.57 -2.01 12.60
N SER A 5 17.03 3.56 -3.53
CA SER A 5 18.25 4.10 -4.12
C SER A 5 18.93 3.03 -4.96
N MET A 6 19.44 2.01 -4.26
CA MET A 6 20.12 0.92 -4.93
C MET A 6 19.40 -0.41 -4.69
N LEU A 7 18.45 -0.36 -3.76
CA LEU A 7 17.68 -1.55 -3.43
C LEU A 7 17.15 -2.18 -4.72
N THR A 8 17.85 -3.20 -5.18
CA THR A 8 17.46 -3.90 -6.40
C THR A 8 16.23 -4.77 -6.14
N LEU A 9 15.95 -5.64 -7.09
CA LEU A 9 14.81 -6.54 -6.97
C LEU A 9 15.13 -7.66 -5.99
N PRO A 10 16.36 -8.23 -6.15
CA PRO A 10 16.80 -9.31 -5.28
C PRO A 10 17.20 -8.77 -3.90
N GLU A 11 17.23 -7.45 -3.80
CA GLU A 11 17.59 -6.79 -2.56
C GLU A 11 16.36 -6.59 -1.69
N TYR A 12 15.25 -6.26 -2.35
CA TYR A 12 14.00 -6.03 -1.65
C TYR A 12 13.22 -7.34 -1.49
N ASN A 13 13.31 -8.17 -2.51
CA ASN A 13 12.62 -9.45 -2.50
C ASN A 13 13.19 -10.33 -1.40
N GLU A 14 14.38 -9.96 -0.94
CA GLU A 14 15.05 -10.71 0.11
C GLU A 14 14.36 -10.45 1.46
N GLN A 15 13.67 -9.32 1.53
CA GLN A 15 12.97 -8.94 2.74
C GLN A 15 11.46 -8.84 2.48
N ILE A 16 11.04 -9.46 1.38
CA ILE A 16 9.64 -9.44 1.00
C ILE A 16 8.81 -10.14 2.08
N PRO A 17 9.30 -11.34 2.49
CA PRO A 17 8.61 -12.11 3.51
C PRO A 17 8.85 -11.51 4.90
N ASN A 18 9.60 -10.42 4.92
CA ASN A 18 9.90 -9.74 6.18
C ASN A 18 8.84 -8.67 6.43
N VAL A 19 8.36 -8.09 5.35
CA VAL A 19 7.34 -7.05 5.45
C VAL A 19 6.02 -7.68 5.90
N ARG A 20 5.60 -8.69 5.14
CA ARG A 20 4.36 -9.38 5.44
C ARG A 20 4.47 -10.10 6.79
N SER A 21 5.66 -10.59 7.06
CA SER A 21 5.91 -11.30 8.30
C SER A 21 5.46 -10.45 9.49
N LEU A 22 5.80 -9.17 9.43
CA LEU A 22 5.43 -8.24 10.49
C LEU A 22 4.03 -7.70 10.21
N LEU A 23 3.72 -7.58 8.93
CA LEU A 23 2.42 -7.06 8.53
C LEU A 23 1.32 -7.92 9.16
N THR A 24 1.69 -9.14 9.50
CA THR A 24 0.74 -10.07 10.10
C THR A 24 0.16 -9.46 11.39
N LYS A 25 0.83 -8.43 11.88
CA LYS A 25 0.39 -7.76 13.09
C LYS A 25 -0.84 -6.90 12.77
N TRP A 26 -0.88 -6.42 11.54
CA TRP A 26 -1.98 -5.59 11.09
C TRP A 26 -3.29 -6.36 11.32
N ALA A 27 -4.21 -5.70 12.00
CA ALA A 27 -5.50 -6.33 12.29
C ALA A 27 -6.51 -5.89 11.24
N LYS A 28 -6.12 -4.90 10.44
CA LYS A 28 -6.99 -4.39 9.39
C LYS A 28 -6.87 -5.29 8.16
N VAL A 29 -5.83 -6.11 8.16
CA VAL A 29 -5.59 -7.02 7.05
C VAL A 29 -6.51 -8.23 7.20
N GLU A 30 -7.30 -8.46 6.15
CA GLU A 30 -8.23 -9.59 6.15
C GLU A 30 -7.75 -10.67 5.18
N ARG A 31 -7.00 -10.22 4.18
CA ARG A 31 -6.47 -11.13 3.18
C ARG A 31 -4.96 -11.00 3.07
N ILE A 32 -4.29 -12.14 3.07
CA ILE A 32 -2.83 -12.17 2.97
C ILE A 32 -2.42 -13.07 1.81
N GLN A 33 -1.92 -12.42 0.76
CA GLN A 33 -1.48 -13.15 -0.42
C GLN A 33 -0.24 -12.49 -1.02
N ASP A 34 0.62 -13.32 -1.58
CA ASP A 34 1.85 -12.82 -2.18
C ASP A 34 1.73 -12.95 -3.71
N VAL A 35 2.53 -12.14 -4.40
CA VAL A 35 2.53 -12.14 -5.84
C VAL A 35 3.98 -12.20 -6.35
N GLN A 36 4.11 -12.31 -7.66
CA GLN A 36 5.42 -12.38 -8.28
C GLN A 36 6.17 -11.06 -8.09
N ASP A 37 6.95 -11.00 -7.02
CA ASP A 37 7.72 -9.82 -6.71
C ASP A 37 6.78 -8.73 -6.18
N GLY A 38 5.95 -9.12 -5.22
CA GLY A 38 5.01 -8.19 -4.62
C GLY A 38 4.08 -8.92 -3.64
N LEU A 39 3.12 -8.16 -3.13
CA LEU A 39 2.17 -8.72 -2.18
C LEU A 39 0.82 -8.01 -2.34
N GLN A 40 -0.24 -8.77 -2.15
CA GLN A 40 -1.58 -8.23 -2.26
C GLN A 40 -2.41 -8.59 -1.04
N LEU A 41 -2.73 -7.58 -0.25
CA LEU A 41 -3.52 -7.78 0.95
C LEU A 41 -4.84 -7.02 0.82
N ASP A 42 -5.74 -7.31 1.75
CA ASP A 42 -7.05 -6.67 1.75
C ASP A 42 -7.22 -5.87 3.05
N VAL A 43 -6.91 -4.58 2.97
CA VAL A 43 -7.02 -3.71 4.12
C VAL A 43 -8.47 -3.25 4.26
N ARG A 44 -9.04 -3.52 5.44
CA ARG A 44 -10.41 -3.13 5.71
C ARG A 44 -10.47 -1.69 6.20
N LEU A 45 -10.41 -0.77 5.25
CA LEU A 45 -10.45 0.65 5.58
C LEU A 45 -11.72 0.94 6.38
N LYS A 46 -12.79 0.25 6.00
CA LYS A 46 -14.07 0.44 6.67
C LYS A 46 -14.80 -0.90 6.71
N THR A 47 -15.72 -1.00 7.67
CA THR A 47 -16.50 -2.22 7.82
C THR A 47 -17.27 -2.53 6.54
N ASP A 48 -17.37 -1.52 5.69
CA ASP A 48 -18.07 -1.67 4.42
C ASP A 48 -17.18 -1.18 3.28
N THR A 49 -15.89 -1.14 3.56
CA THR A 49 -14.92 -0.69 2.57
C THR A 49 -13.72 -1.64 2.52
N LEU A 50 -13.11 -1.70 1.34
CA LEU A 50 -11.96 -2.57 1.15
C LEU A 50 -10.87 -1.79 0.39
N LEU A 51 -9.64 -2.01 0.82
CA LEU A 51 -8.51 -1.34 0.20
C LEU A 51 -7.48 -2.39 -0.23
N GLU A 52 -7.41 -2.60 -1.54
CA GLU A 52 -6.47 -3.58 -2.09
C GLU A 52 -5.10 -2.93 -2.30
N LEU A 53 -4.17 -3.31 -1.44
CA LEU A 53 -2.81 -2.78 -1.51
C LEU A 53 -1.93 -3.76 -2.29
N HIS A 54 -1.06 -3.19 -3.11
CA HIS A 54 -0.15 -3.99 -3.91
C HIS A 54 1.26 -3.41 -3.84
N ILE A 55 2.20 -4.26 -3.48
CA ILE A 55 3.60 -3.85 -3.37
C ILE A 55 4.38 -4.40 -4.55
N TYR A 56 5.08 -3.51 -5.24
CA TYR A 56 5.87 -3.90 -6.39
C TYR A 56 7.22 -3.17 -6.40
N TYR A 57 8.07 -3.57 -7.33
CA TYR A 57 9.38 -2.96 -7.45
C TYR A 57 9.42 -1.98 -8.63
N ASP A 58 10.26 -0.96 -8.49
CA ASP A 58 10.40 0.03 -9.52
C ASP A 58 11.81 -0.03 -10.11
N HIS A 59 11.89 -0.47 -11.35
CA HIS A 59 13.17 -0.58 -12.03
C HIS A 59 13.60 0.79 -12.56
N VAL A 60 12.78 1.80 -12.25
CA VAL A 60 13.06 3.15 -12.68
C VAL A 60 13.99 3.83 -11.67
N TYR A 61 13.73 3.56 -10.40
CA TYR A 61 14.55 4.13 -9.34
C TYR A 61 15.20 3.03 -8.50
N HIS A 62 14.80 1.80 -8.78
CA HIS A 62 15.35 0.66 -8.07
C HIS A 62 14.94 0.74 -6.59
N VAL A 63 13.65 0.92 -6.37
CA VAL A 63 13.12 1.02 -5.02
C VAL A 63 11.71 0.46 -4.99
N PRO A 64 11.21 0.20 -3.75
CA PRO A 64 9.88 -0.34 -3.56
C PRO A 64 8.81 0.74 -3.80
N SER A 65 7.68 0.31 -4.34
CA SER A 65 6.59 1.22 -4.62
C SER A 65 5.31 0.73 -3.93
N ILE A 66 4.30 1.58 -3.97
CA ILE A 66 3.03 1.26 -3.35
C ILE A 66 1.88 1.71 -4.27
N LYS A 67 0.89 0.84 -4.39
CA LYS A 67 -0.26 1.14 -5.23
C LYS A 67 -1.47 0.34 -4.73
N PHE A 68 -2.54 1.06 -4.43
CA PHE A 68 -3.75 0.43 -3.94
C PHE A 68 -4.99 1.04 -4.61
N ARG A 69 -6.11 0.37 -4.44
CA ARG A 69 -7.35 0.83 -5.02
C ARG A 69 -8.48 0.77 -3.98
N LEU A 70 -9.12 1.91 -3.79
CA LEU A 70 -10.20 2.01 -2.82
C LEU A 70 -11.43 1.30 -3.38
N TRP A 71 -12.11 0.57 -2.50
CA TRP A 71 -13.30 -0.16 -2.90
C TRP A 71 -14.42 0.21 -1.92
N SER A 72 -15.62 -0.23 -2.26
CA SER A 72 -16.79 0.04 -1.42
C SER A 72 -17.71 -1.18 -1.40
N LEU A 73 -17.57 -1.96 -0.35
CA LEU A 73 -18.39 -3.17 -0.20
C LEU A 73 -19.83 -2.75 0.05
N ASP A 74 -20.71 -3.24 -0.83
CA ASP A 74 -22.13 -2.94 -0.73
C ASP A 74 -22.90 -4.23 -0.51
N THR A 75 -23.50 -4.34 0.67
CA THR A 75 -24.27 -5.52 1.02
C THR A 75 -25.77 -5.21 0.94
N GLU A 76 -26.10 -4.28 0.05
CA GLU A 76 -27.49 -3.89 -0.12
C GLU A 76 -28.40 -5.12 -0.12
N GLU A 77 -27.94 -6.16 -0.80
CA GLU A 77 -28.69 -7.40 -0.88
C GLU A 77 -28.07 -8.46 0.02
N ASP A 78 -26.83 -8.19 0.43
CA ASP A 78 -26.11 -9.11 1.30
C ASP A 78 -25.49 -10.22 0.45
N ILE A 79 -24.82 -9.80 -0.62
CA ILE A 79 -24.18 -10.74 -1.51
C ILE A 79 -22.66 -10.56 -1.44
N SER A 80 -22.26 -9.59 -0.64
CA SER A 80 -20.84 -9.30 -0.46
C SER A 80 -20.29 -8.61 -1.71
N SER A 81 -21.07 -7.65 -2.21
CA SER A 81 -20.68 -6.91 -3.39
C SER A 81 -19.65 -5.85 -3.02
N LEU A 82 -19.17 -5.14 -4.04
CA LEU A 82 -18.19 -4.10 -3.84
C LEU A 82 -18.01 -3.30 -5.12
N ARG A 83 -17.38 -2.14 -4.99
CA ARG A 83 -17.16 -1.28 -6.14
C ARG A 83 -15.96 -0.36 -5.88
N LEU A 84 -15.39 0.12 -6.98
CA LEU A 84 -14.24 1.01 -6.88
C LEU A 84 -14.69 2.38 -6.38
N LEU A 85 -13.98 2.87 -5.37
CA LEU A 85 -14.29 4.17 -4.80
C LEU A 85 -13.41 5.23 -5.45
N THR A 86 -13.83 6.48 -5.27
CA THR A 86 -13.10 7.60 -5.84
C THR A 86 -13.38 8.88 -5.05
N LEU A 87 -12.41 9.26 -4.24
CA LEU A 87 -12.54 10.47 -3.43
C LEU A 87 -11.25 11.29 -3.53
N SER A 88 -11.35 12.53 -3.05
CA SER A 88 -10.21 13.42 -3.10
C SER A 88 -9.15 12.98 -2.08
N ASP A 89 -8.19 13.85 -1.85
CA ASP A 89 -7.12 13.56 -0.91
C ASP A 89 -7.64 13.73 0.52
N SER A 90 -8.20 14.90 0.78
CA SER A 90 -8.74 15.20 2.10
C SER A 90 -9.70 14.08 2.53
N GLU A 91 -10.37 13.50 1.56
CA GLU A 91 -11.30 12.43 1.82
C GLU A 91 -10.56 11.09 1.95
N LEU A 92 -9.45 11.00 1.25
CA LEU A 92 -8.64 9.80 1.26
C LEU A 92 -7.72 9.82 2.50
N ARG A 93 -7.60 11.00 3.07
CA ARG A 93 -6.76 11.19 4.24
C ARG A 93 -7.51 10.74 5.50
N SER A 94 -8.82 10.67 5.38
CA SER A 94 -9.66 10.26 6.50
C SER A 94 -9.36 8.80 6.86
N ILE A 95 -8.82 8.08 5.88
CA ILE A 95 -8.49 6.68 6.08
C ILE A 95 -6.97 6.50 6.06
N LEU A 96 -6.33 7.32 5.22
CA LEU A 96 -4.88 7.27 5.09
C LEU A 96 -4.26 8.32 6.01
N ASN A 97 -2.94 8.38 5.97
CA ASN A 97 -2.21 9.33 6.79
C ASN A 97 -0.97 9.81 6.02
N LEU A 98 -1.10 11.01 5.46
CA LEU A 98 -0.01 11.60 4.70
C LEU A 98 0.86 12.46 5.63
N GLY A 99 0.20 13.44 6.24
CA GLY A 99 0.89 14.33 7.14
C GLY A 99 1.93 15.18 6.40
N THR A 100 3.10 14.58 6.18
CA THR A 100 4.17 15.26 5.49
C THR A 100 4.52 14.52 4.20
N PHE A 101 3.94 13.34 4.05
CA PHE A 101 4.19 12.52 2.88
C PHE A 101 3.46 13.09 1.65
N SER A 102 3.48 12.30 0.58
CA SER A 102 2.83 12.71 -0.65
C SER A 102 2.33 11.48 -1.41
N VAL A 103 1.36 11.71 -2.27
CA VAL A 103 0.78 10.63 -3.06
C VAL A 103 0.21 11.20 -4.36
N THR A 104 0.03 10.32 -5.33
CA THR A 104 -0.50 10.73 -6.62
C THR A 104 -1.53 9.71 -7.11
N LEU A 105 -2.67 10.23 -7.55
CA LEU A 105 -3.74 9.38 -8.04
C LEU A 105 -3.59 9.21 -9.56
N SER A 106 -3.78 7.98 -10.01
CA SER A 106 -3.66 7.67 -11.42
C SER A 106 -4.91 6.90 -11.88
N THR A 107 -5.46 7.34 -13.00
CA THR A 107 -6.64 6.71 -13.56
C THR A 107 -6.43 6.40 -15.04
N ASP A 108 -7.15 5.38 -15.51
CA ASP A 108 -7.04 4.98 -16.90
C ASP A 108 -7.98 5.84 -17.76
N MET A 109 -7.65 5.94 -19.03
CA MET A 109 -8.45 6.73 -19.95
C MET A 109 -9.88 6.18 -20.05
N GLU A 110 -10.01 4.90 -19.74
CA GLU A 110 -11.31 4.25 -19.77
C GLU A 110 -12.14 4.66 -18.57
N MET A 111 -11.48 5.28 -17.60
CA MET A 111 -12.15 5.72 -16.40
C MET A 111 -12.94 4.58 -15.75
N LYS A 112 -12.52 3.37 -16.07
CA LYS A 112 -13.17 2.18 -15.53
C LYS A 112 -12.37 1.67 -14.33
N SER A 113 -11.05 1.77 -14.47
CA SER A 113 -10.16 1.32 -13.41
C SER A 113 -9.24 2.45 -12.98
N VAL A 114 -9.14 2.64 -11.66
CA VAL A 114 -8.30 3.68 -11.11
C VAL A 114 -7.49 3.12 -9.95
N TYR A 115 -6.44 3.84 -9.59
CA TYR A 115 -5.58 3.43 -8.50
C TYR A 115 -4.76 4.61 -7.97
N TYR A 116 -4.01 4.33 -6.91
CA TYR A 116 -3.19 5.36 -6.29
C TYR A 116 -1.71 4.95 -6.27
N TYR A 117 -0.84 5.95 -6.18
CA TYR A 117 0.58 5.70 -6.16
C TYR A 117 1.27 6.56 -5.08
N ILE A 118 1.61 5.91 -3.98
CA ILE A 118 2.27 6.59 -2.88
C ILE A 118 3.66 7.04 -3.33
N ASN A 119 3.97 8.29 -3.04
CA ASN A 119 5.26 8.85 -3.40
C ASN A 119 6.36 7.92 -2.91
N ASN A 120 7.03 7.27 -3.85
CA ASN A 120 8.11 6.36 -3.53
C ASN A 120 9.23 6.50 -4.56
N CYS A 121 9.33 7.71 -5.11
CA CYS A 121 10.35 7.99 -6.11
C CYS A 121 11.69 8.14 -5.39
N ASP A 122 11.66 8.82 -4.26
CA ASP A 122 12.86 9.03 -3.47
C ASP A 122 12.72 8.31 -2.13
N THR A 123 13.06 7.04 -2.15
CA THR A 123 12.97 6.23 -0.93
C THR A 123 14.18 6.49 -0.04
N ASP A 124 15.36 6.28 -0.60
CA ASP A 124 16.59 6.50 0.14
C ASP A 124 16.66 7.95 0.60
N ALA A 125 15.98 8.81 -0.15
CA ALA A 125 15.96 10.22 0.17
C ALA A 125 14.82 10.50 1.15
N ASN A 126 13.92 9.54 1.26
CA ASN A 126 12.78 9.67 2.15
C ASN A 126 13.11 9.00 3.49
N VAL A 127 13.21 7.69 3.47
CA VAL A 127 13.52 6.93 4.67
C VAL A 127 15.03 6.92 4.88
N GLY A 128 15.74 6.50 3.85
CA GLY A 128 17.20 6.44 3.92
C GLY A 128 17.67 5.14 4.55
N SER A 129 16.76 4.51 5.29
CA SER A 129 17.07 3.26 5.95
C SER A 129 17.97 2.39 5.06
N ASP A 130 18.90 1.71 5.69
CA ASP A 130 19.83 0.85 4.96
C ASP A 130 19.04 -0.26 4.26
N VAL A 131 19.77 -1.13 3.60
CA VAL A 131 19.17 -2.24 2.88
C VAL A 131 18.92 -3.39 3.85
N GLU A 132 19.45 -3.24 5.06
CA GLU A 132 19.29 -4.26 6.08
C GLU A 132 17.83 -4.37 6.50
N HIS A 133 17.35 -3.31 7.14
CA HIS A 133 15.97 -3.28 7.61
C HIS A 133 15.19 -2.23 6.81
N TYR A 134 15.36 -2.28 5.50
CA TYR A 134 14.69 -1.35 4.61
C TYR A 134 13.22 -1.73 4.44
N LEU A 135 13.00 -3.01 4.15
CA LEU A 135 11.66 -3.52 3.95
C LEU A 135 10.90 -3.48 5.28
N THR A 136 11.66 -3.44 6.36
CA THR A 136 11.08 -3.39 7.69
C THR A 136 10.86 -1.94 8.12
N ARG A 137 11.79 -1.10 7.73
CA ARG A 137 11.70 0.32 8.08
C ARG A 137 10.87 1.07 7.03
N TRP A 138 10.68 0.42 5.89
CA TRP A 138 9.91 1.01 4.81
C TRP A 138 8.44 0.68 5.05
N ILE A 139 8.20 -0.55 5.50
CA ILE A 139 6.85 -1.00 5.77
C ILE A 139 6.24 -0.14 6.87
N SER A 140 7.01 0.06 7.93
CA SER A 140 6.55 0.87 9.05
C SER A 140 6.55 2.35 8.66
N LEU A 141 7.01 2.61 7.45
CA LEU A 141 7.07 3.97 6.94
C LEU A 141 5.85 4.24 6.07
N TYR A 142 5.55 3.27 5.22
CA TYR A 142 4.42 3.39 4.32
C TYR A 142 3.13 2.92 5.00
N ILE A 143 3.22 1.75 5.61
CA ILE A 143 2.08 1.17 6.30
C ILE A 143 1.49 2.21 7.26
N ARG A 144 2.37 3.07 7.77
CA ARG A 144 1.95 4.10 8.69
C ARG A 144 0.91 5.01 8.04
N ILE A 145 1.07 5.20 6.73
CA ILE A 145 0.15 6.04 5.99
C ILE A 145 -1.24 5.40 5.99
N PHE A 146 -1.28 4.16 6.45
CA PHE A 146 -2.53 3.42 6.51
C PHE A 146 -2.89 3.08 7.96
N ASP A 147 -1.86 2.96 8.79
CA ASP A 147 -2.06 2.64 10.18
C ASP A 147 -0.96 3.31 11.02
N LEU A 148 -1.33 4.42 11.63
CA LEU A 148 -0.38 5.17 12.46
C LEU A 148 -0.37 4.57 13.86
N ASN A 149 -1.14 3.50 14.03
CA ASN A 149 -1.22 2.84 15.32
C ASN A 149 -0.37 1.57 15.29
N PHE A 150 -0.19 1.04 14.08
CA PHE A 150 0.60 -0.17 13.90
C PHE A 150 2.00 0.17 13.42
N VAL A 151 2.95 0.06 14.34
CA VAL A 151 4.34 0.34 14.04
C VAL A 151 5.15 -0.95 14.10
N PRO A 152 5.35 -1.57 12.91
CA PRO A 152 6.10 -2.81 12.81
C PRO A 152 7.60 -2.55 12.96
N SER A 5 17.24 1.81 -1.09
CA SER A 5 18.38 2.58 -1.57
C SER A 5 19.27 1.69 -2.44
N MET A 6 19.31 2.03 -3.73
CA MET A 6 20.12 1.28 -4.66
C MET A 6 19.91 -0.22 -4.49
N LEU A 7 18.77 -0.57 -3.92
CA LEU A 7 18.44 -1.97 -3.69
C LEU A 7 17.82 -2.56 -4.96
N THR A 8 18.27 -3.76 -5.29
CA THR A 8 17.77 -4.45 -6.47
C THR A 8 16.43 -5.11 -6.18
N LEU A 9 15.96 -5.87 -7.16
CA LEU A 9 14.68 -6.56 -7.03
C LEU A 9 14.88 -7.81 -6.16
N PRO A 10 15.97 -8.54 -6.46
CA PRO A 10 16.29 -9.75 -5.71
C PRO A 10 16.84 -9.41 -4.32
N GLU A 11 17.16 -8.14 -4.14
CA GLU A 11 17.70 -7.68 -2.87
C GLU A 11 16.56 -7.28 -1.93
N TYR A 12 15.51 -6.76 -2.53
CA TYR A 12 14.35 -6.33 -1.76
C TYR A 12 13.35 -7.47 -1.58
N ASN A 13 13.48 -8.46 -2.44
CA ASN A 13 12.60 -9.62 -2.39
C ASN A 13 13.03 -10.53 -1.23
N GLU A 14 14.23 -10.28 -0.74
CA GLU A 14 14.77 -11.06 0.36
C GLU A 14 14.03 -10.72 1.66
N GLN A 15 13.49 -9.51 1.69
CA GLN A 15 12.76 -9.06 2.87
C GLN A 15 11.27 -8.90 2.54
N ILE A 16 10.88 -9.51 1.42
CA ILE A 16 9.49 -9.44 1.00
C ILE A 16 8.61 -10.15 2.03
N PRO A 17 9.07 -11.36 2.45
CA PRO A 17 8.33 -12.13 3.44
C PRO A 17 8.50 -11.54 4.83
N ASN A 18 9.26 -10.45 4.90
CA ASN A 18 9.51 -9.78 6.17
C ASN A 18 8.47 -8.70 6.38
N VAL A 19 8.07 -8.07 5.27
CA VAL A 19 7.08 -7.01 5.32
C VAL A 19 5.71 -7.62 5.63
N ARG A 20 5.39 -8.69 4.90
CA ARG A 20 4.12 -9.36 5.10
C ARG A 20 4.08 -10.06 6.45
N SER A 21 5.27 -10.25 7.01
CA SER A 21 5.38 -10.91 8.30
C SER A 21 4.97 -9.94 9.42
N LEU A 22 5.34 -8.68 9.23
CA LEU A 22 5.03 -7.64 10.20
C LEU A 22 3.66 -7.05 9.88
N LEU A 23 3.33 -7.07 8.59
CA LEU A 23 2.06 -6.53 8.14
C LEU A 23 0.93 -7.46 8.59
N THR A 24 1.28 -8.74 8.73
CA THR A 24 0.30 -9.74 9.14
C THR A 24 -0.23 -9.41 10.54
N LYS A 25 0.46 -8.48 11.20
CA LYS A 25 0.06 -8.08 12.54
C LYS A 25 -1.12 -7.12 12.45
N TRP A 26 -1.27 -6.53 11.27
CA TRP A 26 -2.37 -5.58 11.04
C TRP A 26 -3.66 -6.23 11.53
N ALA A 27 -4.40 -5.48 12.33
CA ALA A 27 -5.66 -5.97 12.87
C ALA A 27 -6.79 -5.58 11.93
N LYS A 28 -6.43 -4.88 10.86
CA LYS A 28 -7.41 -4.45 9.88
C LYS A 28 -7.34 -5.37 8.66
N VAL A 29 -6.16 -5.96 8.46
CA VAL A 29 -5.96 -6.86 7.34
C VAL A 29 -6.90 -8.06 7.48
N GLU A 30 -7.54 -8.40 6.38
CA GLU A 30 -8.47 -9.53 6.36
C GLU A 30 -7.90 -10.66 5.51
N ARG A 31 -7.14 -10.29 4.49
CA ARG A 31 -6.54 -11.26 3.59
C ARG A 31 -5.04 -11.03 3.50
N ILE A 32 -4.31 -12.13 3.41
CA ILE A 32 -2.86 -12.07 3.31
C ILE A 32 -2.38 -12.92 2.14
N GLN A 33 -2.04 -12.23 1.05
CA GLN A 33 -1.58 -12.91 -0.15
C GLN A 33 -0.25 -12.31 -0.61
N ASP A 34 0.67 -13.19 -0.99
CA ASP A 34 1.98 -12.77 -1.45
C ASP A 34 2.08 -13.03 -2.95
N VAL A 35 2.69 -12.08 -3.65
CA VAL A 35 2.87 -12.20 -5.08
C VAL A 35 4.35 -12.41 -5.39
N GLN A 36 4.61 -12.74 -6.65
CA GLN A 36 5.99 -12.98 -7.09
C GLN A 36 6.60 -11.68 -7.61
N ASP A 37 6.02 -10.57 -7.17
CA ASP A 37 6.50 -9.26 -7.59
C ASP A 37 6.15 -8.23 -6.53
N GLY A 38 6.01 -8.72 -5.30
CA GLY A 38 5.67 -7.84 -4.18
C GLY A 38 4.78 -8.57 -3.17
N LEU A 39 3.60 -8.00 -2.96
CA LEU A 39 2.65 -8.58 -2.03
C LEU A 39 1.26 -7.97 -2.26
N GLN A 40 0.25 -8.77 -2.01
CA GLN A 40 -1.12 -8.31 -2.19
C GLN A 40 -1.98 -8.69 -0.97
N LEU A 41 -2.37 -7.67 -0.22
CA LEU A 41 -3.18 -7.89 0.96
C LEU A 41 -4.53 -7.21 0.77
N ASP A 42 -5.44 -7.53 1.69
CA ASP A 42 -6.79 -6.95 1.63
C ASP A 42 -7.12 -6.34 3.00
N VAL A 43 -6.90 -5.05 3.09
CA VAL A 43 -7.18 -4.33 4.33
C VAL A 43 -8.63 -3.84 4.31
N ARG A 44 -9.21 -3.79 5.50
CA ARG A 44 -10.59 -3.35 5.64
C ARG A 44 -10.64 -1.93 6.23
N LEU A 45 -10.39 -0.96 5.36
CA LEU A 45 -10.40 0.44 5.77
C LEU A 45 -11.73 0.74 6.48
N LYS A 46 -12.79 0.15 5.95
CA LYS A 46 -14.12 0.34 6.53
C LYS A 46 -14.92 -0.95 6.40
N THR A 47 -15.92 -1.07 7.25
CA THR A 47 -16.77 -2.26 7.24
C THR A 47 -17.44 -2.42 5.87
N ASP A 48 -17.48 -1.32 5.14
CA ASP A 48 -18.09 -1.33 3.81
C ASP A 48 -17.08 -0.80 2.79
N THR A 49 -15.81 -0.87 3.17
CA THR A 49 -14.74 -0.40 2.29
C THR A 49 -13.56 -1.37 2.34
N LEU A 50 -12.95 -1.56 1.17
CA LEU A 50 -11.82 -2.46 1.06
C LEU A 50 -10.63 -1.70 0.45
N LEU A 51 -9.50 -1.80 1.13
CA LEU A 51 -8.29 -1.13 0.67
C LEU A 51 -7.31 -2.17 0.14
N GLU A 52 -7.30 -2.32 -1.17
CA GLU A 52 -6.40 -3.27 -1.82
C GLU A 52 -4.99 -2.68 -1.94
N LEU A 53 -4.11 -3.17 -1.09
CA LEU A 53 -2.73 -2.70 -1.09
C LEU A 53 -1.88 -3.66 -1.93
N HIS A 54 -1.12 -3.08 -2.85
CA HIS A 54 -0.25 -3.86 -3.72
C HIS A 54 1.14 -3.22 -3.76
N ILE A 55 2.13 -4.04 -3.48
CA ILE A 55 3.51 -3.58 -3.48
C ILE A 55 4.21 -4.08 -4.75
N TYR A 56 5.04 -3.21 -5.31
CA TYR A 56 5.77 -3.54 -6.53
C TYR A 56 7.06 -2.74 -6.63
N TYR A 57 8.11 -3.42 -7.07
CA TYR A 57 9.41 -2.78 -7.22
C TYR A 57 9.38 -1.75 -8.34
N ASP A 58 9.99 -0.60 -8.06
CA ASP A 58 10.04 0.48 -9.03
C ASP A 58 11.42 0.48 -9.70
N HIS A 59 11.42 0.10 -10.97
CA HIS A 59 12.67 0.06 -11.73
C HIS A 59 13.03 1.46 -12.20
N VAL A 60 12.19 2.41 -11.82
CA VAL A 60 12.40 3.80 -12.20
C VAL A 60 13.35 4.46 -11.20
N TYR A 61 13.22 4.04 -9.94
CA TYR A 61 14.06 4.58 -8.88
C TYR A 61 14.83 3.46 -8.17
N HIS A 62 14.55 2.24 -8.59
CA HIS A 62 15.21 1.08 -8.00
C HIS A 62 14.77 0.92 -6.54
N VAL A 63 13.60 1.47 -6.25
CA VAL A 63 13.05 1.39 -4.91
C VAL A 63 11.62 0.85 -4.97
N PRO A 64 11.14 0.37 -3.79
CA PRO A 64 9.79 -0.17 -3.71
C PRO A 64 8.74 0.94 -3.73
N SER A 65 7.58 0.61 -4.27
CA SER A 65 6.49 1.57 -4.36
C SER A 65 5.24 1.00 -3.68
N ILE A 66 4.22 1.84 -3.60
CA ILE A 66 2.97 1.44 -2.98
C ILE A 66 1.80 1.98 -3.80
N LYS A 67 0.88 1.07 -4.11
CA LYS A 67 -0.28 1.44 -4.90
C LYS A 67 -1.50 0.67 -4.38
N PHE A 68 -2.59 1.40 -4.19
CA PHE A 68 -3.82 0.80 -3.72
C PHE A 68 -5.05 1.46 -4.35
N ARG A 69 -6.14 0.71 -4.36
CA ARG A 69 -7.38 1.21 -4.94
C ARG A 69 -8.53 1.07 -3.94
N LEU A 70 -9.16 2.20 -3.65
CA LEU A 70 -10.26 2.22 -2.71
C LEU A 70 -11.44 1.45 -3.31
N TRP A 71 -12.21 0.82 -2.43
CA TRP A 71 -13.37 0.05 -2.86
C TRP A 71 -14.48 0.28 -1.85
N SER A 72 -15.71 0.12 -2.32
CA SER A 72 -16.88 0.31 -1.47
C SER A 72 -17.77 -0.94 -1.52
N LEU A 73 -17.59 -1.78 -0.52
CA LEU A 73 -18.37 -3.02 -0.45
C LEU A 73 -19.85 -2.66 -0.20
N ASP A 74 -20.68 -3.09 -1.13
CA ASP A 74 -22.11 -2.83 -1.03
C ASP A 74 -22.86 -4.16 -0.93
N THR A 75 -23.45 -4.38 0.25
CA THR A 75 -24.20 -5.59 0.50
C THR A 75 -25.70 -5.31 0.46
N GLU A 76 -26.08 -4.37 -0.39
CA GLU A 76 -27.47 -3.99 -0.52
C GLU A 76 -28.36 -5.25 -0.55
N GLU A 77 -27.90 -6.24 -1.29
CA GLU A 77 -28.63 -7.48 -1.42
C GLU A 77 -27.95 -8.57 -0.59
N ASP A 78 -26.72 -8.29 -0.18
CA ASP A 78 -25.96 -9.24 0.61
C ASP A 78 -25.32 -10.28 -0.31
N ILE A 79 -24.64 -9.77 -1.33
CA ILE A 79 -23.98 -10.63 -2.30
C ILE A 79 -22.47 -10.45 -2.18
N SER A 80 -22.08 -9.45 -1.40
CA SER A 80 -20.66 -9.16 -1.20
C SER A 80 -20.12 -8.37 -2.38
N SER A 81 -20.91 -7.40 -2.82
CA SER A 81 -20.52 -6.57 -3.95
C SER A 81 -19.47 -5.55 -3.50
N LEU A 82 -19.07 -4.70 -4.45
CA LEU A 82 -18.07 -3.68 -4.16
C LEU A 82 -17.93 -2.77 -5.39
N ARG A 83 -17.32 -1.61 -5.14
CA ARG A 83 -17.11 -0.66 -6.21
C ARG A 83 -15.92 0.25 -5.88
N LEU A 84 -15.03 0.39 -6.85
CA LEU A 84 -13.85 1.22 -6.68
C LEU A 84 -14.29 2.64 -6.30
N LEU A 85 -13.61 3.19 -5.30
CA LEU A 85 -13.93 4.53 -4.84
C LEU A 85 -12.90 5.51 -5.42
N THR A 86 -13.41 6.68 -5.80
CA THR A 86 -12.55 7.70 -6.37
C THR A 86 -12.89 9.07 -5.77
N LEU A 87 -12.25 9.37 -4.66
CA LEU A 87 -12.47 10.64 -3.98
C LEU A 87 -11.14 11.40 -3.89
N SER A 88 -11.26 12.68 -3.54
CA SER A 88 -10.08 13.52 -3.41
C SER A 88 -9.10 12.92 -2.39
N ASP A 89 -8.04 13.66 -2.14
CA ASP A 89 -7.03 13.20 -1.20
C ASP A 89 -7.49 13.53 0.23
N SER A 90 -8.30 14.57 0.33
CA SER A 90 -8.82 14.99 1.62
C SER A 90 -9.72 13.90 2.21
N GLU A 91 -10.54 13.33 1.34
CA GLU A 91 -11.45 12.27 1.76
C GLU A 91 -10.67 10.97 2.02
N LEU A 92 -9.80 10.64 1.07
CA LEU A 92 -8.99 9.44 1.19
C LEU A 92 -8.19 9.49 2.49
N ARG A 93 -7.62 10.65 2.75
CA ARG A 93 -6.82 10.85 3.96
C ARG A 93 -7.64 10.48 5.19
N SER A 94 -8.95 10.44 5.01
CA SER A 94 -9.85 10.11 6.10
C SER A 94 -9.49 8.73 6.67
N ILE A 95 -8.78 7.97 5.87
CA ILE A 95 -8.36 6.63 6.28
C ILE A 95 -6.83 6.57 6.29
N LEU A 96 -6.23 7.18 5.29
CA LEU A 96 -4.79 7.20 5.18
C LEU A 96 -4.23 8.37 5.99
N ASN A 97 -2.91 8.47 5.98
CA ASN A 97 -2.23 9.54 6.72
C ASN A 97 -1.07 10.06 5.88
N LEU A 98 -1.27 11.24 5.30
CA LEU A 98 -0.24 11.85 4.48
C LEU A 98 0.60 12.80 5.34
N GLY A 99 -0.09 13.77 5.93
CA GLY A 99 0.56 14.75 6.78
C GLY A 99 1.60 15.54 5.98
N THR A 100 2.77 14.93 5.84
CA THR A 100 3.86 15.57 5.12
C THR A 100 4.25 14.73 3.90
N PHE A 101 3.40 13.76 3.59
CA PHE A 101 3.64 12.89 2.46
C PHE A 101 2.75 13.27 1.27
N SER A 102 2.85 12.48 0.21
CA SER A 102 2.07 12.72 -0.98
C SER A 102 1.71 11.39 -1.64
N VAL A 103 0.76 11.47 -2.58
CA VAL A 103 0.32 10.28 -3.29
C VAL A 103 0.09 10.63 -4.76
N THR A 104 -0.04 9.59 -5.56
CA THR A 104 -0.26 9.77 -6.99
C THR A 104 -1.38 8.83 -7.48
N LEU A 105 -2.53 9.44 -7.76
CA LEU A 105 -3.67 8.67 -8.23
C LEU A 105 -3.73 8.75 -9.76
N SER A 106 -3.73 7.59 -10.38
CA SER A 106 -3.78 7.52 -11.83
C SER A 106 -5.04 6.75 -12.28
N THR A 107 -5.71 7.30 -13.28
CA THR A 107 -6.92 6.69 -13.79
C THR A 107 -6.81 6.47 -15.30
N ASP A 108 -7.49 5.44 -15.78
CA ASP A 108 -7.48 5.12 -17.20
C ASP A 108 -8.59 5.90 -17.90
N MET A 109 -8.49 5.94 -19.22
CA MET A 109 -9.48 6.64 -20.02
C MET A 109 -10.86 6.00 -19.89
N GLU A 110 -10.87 4.81 -19.29
CA GLU A 110 -12.11 4.09 -19.08
C GLU A 110 -12.72 4.44 -17.73
N MET A 111 -11.92 5.14 -16.92
CA MET A 111 -12.37 5.55 -15.60
C MET A 111 -12.95 4.36 -14.82
N LYS A 112 -12.49 3.18 -15.20
CA LYS A 112 -12.95 1.96 -14.54
C LYS A 112 -11.85 1.45 -13.60
N SER A 113 -10.61 1.71 -13.99
CA SER A 113 -9.48 1.29 -13.19
C SER A 113 -8.74 2.51 -12.65
N VAL A 114 -8.51 2.50 -11.34
CA VAL A 114 -7.82 3.59 -10.69
C VAL A 114 -6.99 3.05 -9.53
N TYR A 115 -5.93 3.76 -9.21
CA TYR A 115 -5.04 3.37 -8.12
C TYR A 115 -4.46 4.59 -7.41
N TYR A 116 -3.85 4.33 -6.27
CA TYR A 116 -3.25 5.39 -5.48
C TYR A 116 -1.77 5.12 -5.23
N TYR A 117 -0.97 5.39 -6.26
CA TYR A 117 0.47 5.17 -6.15
C TYR A 117 1.11 6.19 -5.21
N ILE A 118 1.37 5.74 -4.00
CA ILE A 118 1.99 6.59 -3.00
C ILE A 118 3.27 7.19 -3.56
N ASN A 119 3.53 8.43 -3.18
CA ASN A 119 4.72 9.12 -3.64
C ASN A 119 5.96 8.39 -3.12
N ASN A 120 6.62 7.68 -4.02
CA ASN A 120 7.81 6.93 -3.67
C ASN A 120 8.95 7.32 -4.61
N CYS A 121 9.34 8.58 -4.52
CA CYS A 121 10.42 9.08 -5.36
C CYS A 121 11.69 9.18 -4.51
N ASP A 122 11.58 9.90 -3.40
CA ASP A 122 12.70 10.08 -2.51
C ASP A 122 12.68 8.96 -1.45
N THR A 123 12.79 7.73 -1.94
CA THR A 123 12.79 6.58 -1.05
C THR A 123 14.05 6.57 -0.18
N ASP A 124 15.19 6.74 -0.83
CA ASP A 124 16.46 6.75 -0.14
C ASP A 124 16.54 8.00 0.74
N ALA A 125 15.89 9.05 0.28
CA ALA A 125 15.87 10.30 1.01
C ALA A 125 14.72 10.29 2.03
N ASN A 126 13.87 9.30 1.89
CA ASN A 126 12.72 9.15 2.78
C ASN A 126 13.16 8.41 4.04
N VAL A 127 13.45 7.13 3.88
CA VAL A 127 13.88 6.30 4.99
C VAL A 127 15.41 6.18 4.97
N GLY A 128 15.93 5.82 3.80
CA GLY A 128 17.36 5.67 3.64
C GLY A 128 18.00 5.09 4.90
N SER A 129 17.57 3.89 5.24
CA SER A 129 18.09 3.22 6.43
C SER A 129 19.22 2.26 6.03
N ASP A 130 18.83 1.12 5.47
CA ASP A 130 19.79 0.13 5.05
C ASP A 130 19.08 -0.92 4.18
N VAL A 131 19.78 -1.34 3.13
CA VAL A 131 19.23 -2.33 2.22
C VAL A 131 19.00 -3.64 2.98
N GLU A 132 19.70 -3.78 4.09
CA GLU A 132 19.58 -4.97 4.91
C GLU A 132 18.10 -5.30 5.15
N HIS A 133 17.46 -4.43 5.90
CA HIS A 133 16.04 -4.62 6.20
C HIS A 133 15.27 -3.35 5.85
N TYR A 134 15.54 -2.85 4.65
CA TYR A 134 14.88 -1.65 4.17
C TYR A 134 13.38 -1.89 3.98
N LEU A 135 13.04 -3.14 3.70
CA LEU A 135 11.65 -3.51 3.49
C LEU A 135 10.86 -3.24 4.77
N THR A 136 11.55 -3.35 5.90
CA THR A 136 10.92 -3.11 7.19
C THR A 136 10.90 -1.62 7.51
N ARG A 137 12.05 -0.99 7.29
CA ARG A 137 12.18 0.44 7.55
C ARG A 137 11.42 1.24 6.50
N TRP A 138 11.11 0.58 5.40
CA TRP A 138 10.39 1.21 4.31
C TRP A 138 8.89 1.08 4.60
N ILE A 139 8.45 -0.16 4.71
CA ILE A 139 7.05 -0.44 4.99
C ILE A 139 6.63 0.31 6.27
N SER A 140 7.39 0.06 7.33
CA SER A 140 7.10 0.70 8.61
C SER A 140 7.03 2.21 8.43
N LEU A 141 7.59 2.68 7.32
CA LEU A 141 7.60 4.10 7.03
C LEU A 141 6.36 4.46 6.21
N TYR A 142 5.95 3.51 5.38
CA TYR A 142 4.78 3.70 4.54
C TYR A 142 3.53 3.14 5.20
N ILE A 143 3.73 2.54 6.37
CA ILE A 143 2.63 1.95 7.11
C ILE A 143 1.93 3.05 7.92
N ARG A 144 2.70 4.06 8.26
CA ARG A 144 2.18 5.18 9.04
C ARG A 144 1.19 5.99 8.20
N ILE A 145 1.09 5.62 6.93
CA ILE A 145 0.19 6.30 6.02
C ILE A 145 -1.15 5.57 6.00
N PHE A 146 -1.17 4.40 6.62
CA PHE A 146 -2.38 3.59 6.68
C PHE A 146 -2.85 3.43 8.13
N ASP A 147 -1.89 3.25 9.01
CA ASP A 147 -2.20 3.08 10.42
C ASP A 147 -1.07 3.68 11.27
N LEU A 148 -1.40 4.75 11.98
CA LEU A 148 -0.43 5.42 12.82
C LEU A 148 -0.39 4.73 14.19
N ASN A 149 -1.17 3.66 14.30
CA ASN A 149 -1.22 2.90 15.55
C ASN A 149 -0.55 1.54 15.34
N PHE A 150 -0.36 1.19 14.08
CA PHE A 150 0.26 -0.07 13.74
C PHE A 150 1.78 -0.01 13.94
N VAL A 151 2.24 -0.76 14.93
CA VAL A 151 3.66 -0.80 15.24
C VAL A 151 4.24 -2.14 14.81
N PRO A 152 4.95 -2.11 13.64
CA PRO A 152 5.55 -3.31 13.11
C PRO A 152 6.80 -3.70 13.91
N SER A 5 16.46 4.47 -4.33
CA SER A 5 17.61 3.89 -3.64
C SER A 5 18.30 2.86 -4.53
N MET A 6 19.37 2.29 -4.00
CA MET A 6 20.13 1.29 -4.74
C MET A 6 19.46 -0.09 -4.63
N LEU A 7 18.57 -0.20 -3.65
CA LEU A 7 17.87 -1.44 -3.44
C LEU A 7 17.26 -1.93 -4.76
N THR A 8 17.94 -2.89 -5.37
CA THR A 8 17.49 -3.45 -6.63
C THR A 8 16.15 -4.17 -6.45
N LEU A 9 15.72 -4.84 -7.51
CA LEU A 9 14.47 -5.57 -7.47
C LEU A 9 14.67 -6.87 -6.70
N PRO A 10 15.80 -7.57 -7.02
CA PRO A 10 16.12 -8.82 -6.36
C PRO A 10 16.63 -8.59 -4.94
N GLU A 11 16.90 -7.32 -4.65
CA GLU A 11 17.40 -6.95 -3.34
C GLU A 11 16.23 -6.65 -2.40
N TYR A 12 15.17 -6.12 -2.97
CA TYR A 12 13.98 -5.78 -2.21
C TYR A 12 13.03 -6.98 -2.11
N ASN A 13 13.20 -7.91 -3.04
CA ASN A 13 12.37 -9.10 -3.08
C ASN A 13 12.88 -10.10 -2.04
N GLU A 14 14.09 -9.86 -1.57
CA GLU A 14 14.71 -10.73 -0.58
C GLU A 14 14.01 -10.56 0.77
N GLN A 15 13.36 -9.41 0.94
CA GLN A 15 12.65 -9.12 2.17
C GLN A 15 11.15 -9.03 1.91
N ILE A 16 10.75 -9.53 0.75
CA ILE A 16 9.34 -9.51 0.37
C ILE A 16 8.51 -10.24 1.43
N PRO A 17 9.01 -11.46 1.81
CA PRO A 17 8.33 -12.26 2.81
C PRO A 17 8.56 -11.69 4.22
N ASN A 18 9.30 -10.60 4.26
CA ASN A 18 9.59 -9.94 5.53
C ASN A 18 8.56 -8.84 5.78
N VAL A 19 8.15 -8.19 4.70
CA VAL A 19 7.17 -7.13 4.79
C VAL A 19 5.84 -7.70 5.25
N ARG A 20 5.41 -8.75 4.56
CA ARG A 20 4.16 -9.41 4.91
C ARG A 20 4.24 -10.03 6.29
N SER A 21 5.44 -10.43 6.66
CA SER A 21 5.68 -11.05 7.95
C SER A 21 5.26 -10.09 9.07
N LEU A 22 5.62 -8.82 8.88
CA LEU A 22 5.29 -7.79 9.86
C LEU A 22 3.88 -7.26 9.58
N LEU A 23 3.53 -7.25 8.30
CA LEU A 23 2.23 -6.77 7.89
C LEU A 23 1.14 -7.56 8.62
N THR A 24 1.51 -8.74 9.06
CA THR A 24 0.58 -9.60 9.77
C THR A 24 0.05 -8.90 11.03
N LYS A 25 0.89 -8.02 11.56
CA LYS A 25 0.52 -7.27 12.75
C LYS A 25 -0.75 -6.47 12.48
N TRP A 26 -1.01 -6.26 11.19
CA TRP A 26 -2.19 -5.51 10.79
C TRP A 26 -3.42 -6.40 11.05
N ALA A 27 -4.20 -5.98 12.03
CA ALA A 27 -5.40 -6.72 12.39
C ALA A 27 -6.53 -6.34 11.44
N LYS A 28 -6.30 -5.27 10.69
CA LYS A 28 -7.29 -4.80 9.74
C LYS A 28 -7.27 -5.70 8.50
N VAL A 29 -6.11 -6.31 8.27
CA VAL A 29 -5.95 -7.18 7.13
C VAL A 29 -6.93 -8.36 7.26
N GLU A 30 -7.52 -8.72 6.13
CA GLU A 30 -8.48 -9.83 6.10
C GLU A 30 -7.94 -10.96 5.23
N ARG A 31 -7.24 -10.58 4.18
CA ARG A 31 -6.67 -11.55 3.26
C ARG A 31 -5.16 -11.32 3.11
N ILE A 32 -4.47 -12.40 2.74
CA ILE A 32 -3.03 -12.33 2.56
C ILE A 32 -2.64 -13.12 1.31
N GLN A 33 -2.29 -12.37 0.27
CA GLN A 33 -1.90 -12.98 -0.98
C GLN A 33 -0.60 -12.34 -1.50
N ASP A 34 0.16 -13.13 -2.25
CA ASP A 34 1.41 -12.66 -2.81
C ASP A 34 1.29 -12.57 -4.33
N VAL A 35 2.04 -11.66 -4.91
CA VAL A 35 2.03 -11.47 -6.35
C VAL A 35 3.47 -11.50 -6.88
N GLN A 36 3.59 -11.81 -8.16
CA GLN A 36 4.89 -11.88 -8.79
C GLN A 36 5.61 -10.53 -8.68
N ASP A 37 6.40 -10.40 -7.63
CA ASP A 37 7.14 -9.17 -7.39
C ASP A 37 6.22 -8.14 -6.72
N GLY A 38 5.70 -8.52 -5.56
CA GLY A 38 4.80 -7.66 -4.82
C GLY A 38 3.92 -8.46 -3.86
N LEU A 39 2.84 -7.84 -3.45
CA LEU A 39 1.90 -8.48 -2.54
C LEU A 39 0.55 -7.79 -2.64
N GLN A 40 -0.50 -8.54 -2.30
CA GLN A 40 -1.85 -8.01 -2.34
C GLN A 40 -2.65 -8.50 -1.13
N LEU A 41 -3.01 -7.54 -0.29
CA LEU A 41 -3.77 -7.85 0.92
C LEU A 41 -5.08 -7.05 0.91
N ASP A 42 -5.96 -7.42 1.83
CA ASP A 42 -7.24 -6.73 1.94
C ASP A 42 -7.36 -6.10 3.33
N VAL A 43 -7.01 -4.83 3.40
CA VAL A 43 -7.07 -4.10 4.66
C VAL A 43 -8.48 -3.54 4.85
N ARG A 44 -9.17 -4.07 5.83
CA ARG A 44 -10.53 -3.63 6.12
C ARG A 44 -10.50 -2.37 6.98
N LEU A 45 -10.57 -1.23 6.31
CA LEU A 45 -10.55 0.05 7.00
C LEU A 45 -11.93 0.31 7.62
N LYS A 46 -12.96 -0.03 6.86
CA LYS A 46 -14.32 0.16 7.33
C LYS A 46 -15.15 -1.08 6.98
N THR A 47 -16.23 -1.27 7.74
CA THR A 47 -17.10 -2.40 7.52
C THR A 47 -17.68 -2.36 6.10
N ASP A 48 -17.56 -1.21 5.47
CA ASP A 48 -18.06 -1.03 4.12
C ASP A 48 -16.96 -0.38 3.25
N THR A 49 -15.73 -0.53 3.72
CA THR A 49 -14.59 0.03 3.01
C THR A 49 -13.42 -0.93 3.02
N LEU A 50 -12.76 -1.04 1.87
CA LEU A 50 -11.62 -1.93 1.74
C LEU A 50 -10.46 -1.16 1.10
N LEU A 51 -9.29 -1.33 1.69
CA LEU A 51 -8.10 -0.66 1.18
C LEU A 51 -7.11 -1.72 0.66
N GLU A 52 -7.30 -2.10 -0.60
CA GLU A 52 -6.44 -3.10 -1.21
C GLU A 52 -5.03 -2.54 -1.39
N LEU A 53 -4.12 -3.05 -0.57
CA LEU A 53 -2.74 -2.61 -0.62
C LEU A 53 -1.96 -3.51 -1.58
N HIS A 54 -1.26 -2.86 -2.50
CA HIS A 54 -0.48 -3.58 -3.49
C HIS A 54 0.95 -3.02 -3.53
N ILE A 55 1.89 -3.88 -3.17
CA ILE A 55 3.30 -3.48 -3.16
C ILE A 55 3.94 -3.87 -4.49
N TYR A 56 4.64 -2.91 -5.07
CA TYR A 56 5.32 -3.13 -6.33
C TYR A 56 6.61 -2.32 -6.42
N TYR A 57 7.63 -2.94 -7.01
CA TYR A 57 8.92 -2.29 -7.16
C TYR A 57 8.96 -1.45 -8.44
N ASP A 58 9.59 -0.30 -8.34
CA ASP A 58 9.72 0.60 -9.48
C ASP A 58 11.19 0.70 -9.89
N HIS A 59 11.44 0.47 -11.17
CA HIS A 59 12.79 0.54 -11.69
C HIS A 59 13.14 1.99 -12.02
N VAL A 60 12.21 2.87 -11.70
CA VAL A 60 12.40 4.29 -11.95
C VAL A 60 13.47 4.84 -11.01
N TYR A 61 13.35 4.45 -9.74
CA TYR A 61 14.28 4.89 -8.73
C TYR A 61 15.00 3.70 -8.09
N HIS A 62 14.64 2.51 -8.56
CA HIS A 62 15.24 1.29 -8.05
C HIS A 62 14.85 1.11 -6.57
N VAL A 63 13.57 1.27 -6.30
CA VAL A 63 13.07 1.13 -4.95
C VAL A 63 11.63 0.59 -4.99
N PRO A 64 11.15 0.13 -3.81
CA PRO A 64 9.81 -0.41 -3.71
C PRO A 64 8.77 0.72 -3.71
N SER A 65 7.56 0.36 -4.14
CA SER A 65 6.48 1.32 -4.20
C SER A 65 5.19 0.70 -3.66
N ILE A 66 4.17 1.54 -3.55
CA ILE A 66 2.89 1.08 -3.05
C ILE A 66 1.78 1.52 -4.02
N LYS A 67 0.74 0.70 -4.10
CA LYS A 67 -0.39 1.00 -4.97
C LYS A 67 -1.64 0.30 -4.44
N PHE A 68 -2.63 1.10 -4.11
CA PHE A 68 -3.88 0.57 -3.59
C PHE A 68 -5.08 1.28 -4.24
N ARG A 69 -6.26 0.73 -3.96
CA ARG A 69 -7.49 1.29 -4.51
C ARG A 69 -8.61 1.19 -3.48
N LEU A 70 -9.26 2.32 -3.24
CA LEU A 70 -10.35 2.38 -2.29
C LEU A 70 -11.52 1.54 -2.81
N TRP A 71 -12.13 0.79 -1.90
CA TRP A 71 -13.26 -0.05 -2.26
C TRP A 71 -14.35 0.16 -1.22
N SER A 72 -15.59 -0.01 -1.66
CA SER A 72 -16.74 0.16 -0.78
C SER A 72 -17.60 -1.11 -0.80
N LEU A 73 -17.38 -1.95 0.20
CA LEU A 73 -18.14 -3.19 0.31
C LEU A 73 -19.60 -2.87 0.62
N ASP A 74 -20.48 -3.35 -0.25
CA ASP A 74 -21.90 -3.12 -0.08
C ASP A 74 -22.61 -4.47 0.10
N THR A 75 -23.15 -4.66 1.29
CA THR A 75 -23.85 -5.89 1.60
C THR A 75 -25.37 -5.67 1.55
N GLU A 76 -25.77 -4.80 0.64
CA GLU A 76 -27.18 -4.49 0.48
C GLU A 76 -27.98 -5.76 0.22
N GLU A 77 -27.36 -6.67 -0.52
CA GLU A 77 -28.00 -7.94 -0.84
C GLU A 77 -27.36 -9.08 -0.06
N ASP A 78 -26.34 -8.72 0.72
CA ASP A 78 -25.64 -9.70 1.53
C ASP A 78 -25.00 -10.75 0.62
N ILE A 79 -24.33 -10.25 -0.42
CA ILE A 79 -23.66 -11.13 -1.37
C ILE A 79 -22.15 -10.91 -1.31
N SER A 80 -21.77 -9.88 -0.55
CA SER A 80 -20.36 -9.54 -0.41
C SER A 80 -19.87 -8.78 -1.64
N SER A 81 -20.61 -7.74 -1.98
CA SER A 81 -20.27 -6.92 -3.13
C SER A 81 -19.29 -5.82 -2.71
N LEU A 82 -18.97 -4.96 -3.67
CA LEU A 82 -18.05 -3.87 -3.42
C LEU A 82 -18.00 -2.95 -4.64
N ARG A 83 -17.42 -1.78 -4.43
CA ARG A 83 -17.30 -0.81 -5.52
C ARG A 83 -16.12 0.12 -5.26
N LEU A 84 -15.33 0.33 -6.31
CA LEU A 84 -14.16 1.18 -6.21
C LEU A 84 -14.62 2.61 -5.85
N LEU A 85 -13.93 3.18 -4.88
CA LEU A 85 -14.24 4.53 -4.43
C LEU A 85 -13.29 5.51 -5.08
N THR A 86 -13.67 6.78 -5.05
CA THR A 86 -12.85 7.83 -5.62
C THR A 86 -13.12 9.16 -4.93
N LEU A 87 -12.12 9.62 -4.19
CA LEU A 87 -12.23 10.88 -3.47
C LEU A 87 -10.92 11.66 -3.60
N SER A 88 -10.98 12.93 -3.22
CA SER A 88 -9.82 13.79 -3.29
C SER A 88 -8.81 13.38 -2.21
N ASP A 89 -7.78 14.20 -2.07
CA ASP A 89 -6.74 13.94 -1.08
C ASP A 89 -7.30 14.17 0.32
N SER A 90 -7.82 15.37 0.52
CA SER A 90 -8.40 15.74 1.81
C SER A 90 -9.39 14.66 2.27
N GLU A 91 -10.09 14.09 1.28
CA GLU A 91 -11.06 13.06 1.57
C GLU A 91 -10.37 11.70 1.71
N LEU A 92 -9.30 11.54 0.93
CA LEU A 92 -8.54 10.30 0.96
C LEU A 92 -7.66 10.27 2.21
N ARG A 93 -7.54 11.42 2.84
CA ARG A 93 -6.72 11.54 4.04
C ARG A 93 -7.57 11.27 5.28
N SER A 94 -8.88 11.37 5.11
CA SER A 94 -9.80 11.14 6.20
C SER A 94 -9.54 9.77 6.82
N ILE A 95 -8.88 8.92 6.05
CA ILE A 95 -8.54 7.58 6.52
C ILE A 95 -7.03 7.38 6.44
N LEU A 96 -6.47 7.82 5.33
CA LEU A 96 -5.03 7.69 5.11
C LEU A 96 -4.30 8.82 5.86
N ASN A 97 -3.02 8.60 6.09
CA ASN A 97 -2.20 9.58 6.78
C ASN A 97 -1.02 9.97 5.90
N LEU A 98 -1.16 11.13 5.26
CA LEU A 98 -0.12 11.62 4.39
C LEU A 98 0.89 12.43 5.21
N GLY A 99 0.37 13.46 5.87
CA GLY A 99 1.21 14.32 6.69
C GLY A 99 2.29 15.00 5.85
N THR A 100 3.36 14.26 5.61
CA THR A 100 4.47 14.78 4.83
C THR A 100 4.59 14.03 3.51
N PHE A 101 4.04 12.81 3.50
CA PHE A 101 4.08 11.99 2.31
C PHE A 101 3.09 12.50 1.25
N SER A 102 3.25 11.99 0.04
CA SER A 102 2.39 12.37 -1.06
C SER A 102 1.79 11.14 -1.73
N VAL A 103 0.95 11.39 -2.72
CA VAL A 103 0.31 10.30 -3.45
C VAL A 103 0.05 10.75 -4.88
N THR A 104 -0.22 9.76 -5.74
CA THR A 104 -0.48 10.04 -7.13
C THR A 104 -1.49 9.02 -7.70
N LEU A 105 -2.69 9.50 -7.95
CA LEU A 105 -3.75 8.65 -8.48
C LEU A 105 -3.77 8.79 -10.01
N SER A 106 -3.58 7.65 -10.68
CA SER A 106 -3.60 7.64 -12.13
C SER A 106 -4.77 6.80 -12.63
N THR A 107 -5.15 7.05 -13.88
CA THR A 107 -6.25 6.34 -14.49
C THR A 107 -5.82 5.75 -15.84
N ASP A 108 -6.20 4.50 -16.05
CA ASP A 108 -5.87 3.81 -17.28
C ASP A 108 -6.74 4.36 -18.42
N MET A 109 -6.33 4.03 -19.64
CA MET A 109 -7.07 4.48 -20.82
C MET A 109 -8.52 4.00 -20.77
N GLU A 110 -8.72 2.87 -20.10
CA GLU A 110 -10.05 2.30 -19.98
C GLU A 110 -10.87 3.07 -18.94
N MET A 111 -10.16 3.83 -18.12
CA MET A 111 -10.80 4.61 -17.08
C MET A 111 -11.78 3.76 -16.27
N LYS A 112 -11.50 2.46 -16.25
CA LYS A 112 -12.35 1.53 -15.52
C LYS A 112 -11.65 1.12 -14.22
N SER A 113 -10.37 1.45 -14.14
CA SER A 113 -9.58 1.12 -12.96
C SER A 113 -8.75 2.34 -12.55
N VAL A 114 -8.56 2.47 -11.24
CA VAL A 114 -7.79 3.58 -10.70
C VAL A 114 -6.87 3.06 -9.59
N TYR A 115 -5.66 3.59 -9.57
CA TYR A 115 -4.68 3.19 -8.57
C TYR A 115 -4.13 4.41 -7.84
N TYR A 116 -3.84 4.21 -6.56
CA TYR A 116 -3.30 5.28 -5.73
C TYR A 116 -1.82 5.06 -5.45
N TYR A 117 -1.00 5.41 -6.43
CA TYR A 117 0.43 5.26 -6.30
C TYR A 117 1.00 6.23 -5.27
N ILE A 118 1.54 5.66 -4.19
CA ILE A 118 2.12 6.47 -3.13
C ILE A 118 3.45 7.04 -3.60
N ASN A 119 3.62 8.33 -3.36
CA ASN A 119 4.85 9.01 -3.75
C ASN A 119 6.05 8.24 -3.20
N ASN A 120 6.82 7.68 -4.12
CA ASN A 120 8.00 6.92 -3.75
C ASN A 120 9.12 7.19 -4.76
N CYS A 121 9.96 8.15 -4.42
CA CYS A 121 11.07 8.51 -5.29
C CYS A 121 12.34 8.57 -4.43
N ASP A 122 12.27 9.40 -3.39
CA ASP A 122 13.41 9.55 -2.50
C ASP A 122 13.33 8.50 -1.40
N THR A 123 13.29 7.24 -1.82
CA THR A 123 13.22 6.14 -0.88
C THR A 123 14.51 6.04 -0.08
N ASP A 124 15.62 6.39 -0.73
CA ASP A 124 16.92 6.35 -0.10
C ASP A 124 17.08 7.56 0.81
N ALA A 125 16.50 8.67 0.38
CA ALA A 125 16.58 9.90 1.14
C ALA A 125 15.42 9.94 2.15
N ASN A 126 14.50 9.01 1.98
CA ASN A 126 13.35 8.93 2.85
C ASN A 126 13.72 8.15 4.12
N VAL A 127 13.93 6.86 3.93
CA VAL A 127 14.30 5.99 5.04
C VAL A 127 15.82 5.84 5.08
N GLY A 128 16.38 5.46 3.94
CA GLY A 128 17.82 5.27 3.85
C GLY A 128 18.40 4.73 5.15
N SER A 129 17.70 3.74 5.71
CA SER A 129 18.14 3.13 6.95
C SER A 129 19.22 2.10 6.66
N ASP A 130 18.79 0.93 6.21
CA ASP A 130 19.72 -0.15 5.90
C ASP A 130 19.01 -1.18 5.02
N VAL A 131 19.74 -1.68 4.04
CA VAL A 131 19.21 -2.66 3.12
C VAL A 131 18.84 -3.93 3.90
N GLU A 132 19.34 -4.00 5.13
CA GLU A 132 19.08 -5.15 5.99
C GLU A 132 17.57 -5.30 6.21
N HIS A 133 17.01 -4.34 6.93
CA HIS A 133 15.59 -4.36 7.23
C HIS A 133 14.93 -3.12 6.61
N TYR A 134 15.25 -2.88 5.35
CA TYR A 134 14.69 -1.74 4.64
C TYR A 134 13.23 -2.00 4.24
N LEU A 135 12.96 -3.26 3.91
CA LEU A 135 11.62 -3.64 3.51
C LEU A 135 10.68 -3.52 4.71
N THR A 136 11.27 -3.65 5.89
CA THR A 136 10.49 -3.54 7.12
C THR A 136 10.31 -2.08 7.52
N ARG A 137 11.37 -1.31 7.33
CA ARG A 137 11.35 0.11 7.66
C ARG A 137 10.73 0.91 6.51
N TRP A 138 10.65 0.26 5.35
CA TRP A 138 10.10 0.90 4.17
C TRP A 138 8.58 0.69 4.20
N ILE A 139 8.19 -0.42 4.80
CA ILE A 139 6.77 -0.75 4.89
C ILE A 139 6.18 -0.10 6.16
N SER A 140 6.92 -0.23 7.25
CA SER A 140 6.49 0.33 8.52
C SER A 140 6.34 1.85 8.39
N LEU A 141 7.14 2.41 7.49
CA LEU A 141 7.11 3.85 7.26
C LEU A 141 5.94 4.19 6.34
N TYR A 142 5.58 3.23 5.51
CA TYR A 142 4.48 3.42 4.58
C TYR A 142 3.17 2.89 5.16
N ILE A 143 3.30 2.14 6.24
CA ILE A 143 2.14 1.57 6.91
C ILE A 143 1.49 2.63 7.79
N ARG A 144 2.27 3.67 8.09
CA ARG A 144 1.78 4.75 8.93
C ARG A 144 0.81 5.64 8.14
N ILE A 145 0.78 5.41 6.83
CA ILE A 145 -0.09 6.17 5.96
C ILE A 145 -1.47 5.48 5.87
N PHE A 146 -1.50 4.27 6.39
CA PHE A 146 -2.73 3.49 6.38
C PHE A 146 -3.20 3.18 7.79
N ASP A 147 -2.23 3.07 8.70
CA ASP A 147 -2.53 2.77 10.09
C ASP A 147 -1.49 3.45 10.98
N LEU A 148 -1.98 4.31 11.87
CA LEU A 148 -1.11 5.02 12.78
C LEU A 148 -1.12 4.32 14.14
N ASN A 149 -1.84 3.21 14.19
CA ASN A 149 -1.94 2.44 15.41
C ASN A 149 -1.12 1.16 15.27
N PHE A 150 -0.79 0.84 14.03
CA PHE A 150 -0.01 -0.36 13.75
C PHE A 150 1.41 0.01 13.32
N VAL A 151 2.35 -0.31 14.20
CA VAL A 151 3.75 -0.02 13.93
C VAL A 151 4.55 -1.33 13.93
N PRO A 152 4.86 -1.81 12.69
CA PRO A 152 5.62 -3.04 12.54
C PRO A 152 7.09 -2.83 12.87
N SER A 5 18.28 5.17 -3.37
CA SER A 5 18.82 3.92 -2.85
C SER A 5 19.40 3.09 -4.00
N MET A 6 19.89 1.91 -3.63
CA MET A 6 20.48 1.01 -4.62
C MET A 6 19.74 -0.33 -4.65
N LEU A 7 18.81 -0.48 -3.70
CA LEU A 7 18.04 -1.70 -3.60
C LEU A 7 17.45 -2.04 -4.97
N THR A 8 18.00 -3.08 -5.58
CA THR A 8 17.54 -3.51 -6.89
C THR A 8 16.22 -4.25 -6.77
N LEU A 9 15.85 -4.92 -7.86
CA LEU A 9 14.61 -5.69 -7.88
C LEU A 9 14.79 -6.98 -7.10
N PRO A 10 15.95 -7.66 -7.36
CA PRO A 10 16.25 -8.90 -6.70
C PRO A 10 16.70 -8.66 -5.25
N GLU A 11 16.88 -7.39 -4.94
CA GLU A 11 17.30 -7.00 -3.60
C GLU A 11 16.09 -6.80 -2.70
N TYR A 12 15.04 -6.24 -3.28
CA TYR A 12 13.82 -5.99 -2.55
C TYR A 12 12.94 -7.25 -2.49
N ASN A 13 13.05 -8.05 -3.54
CA ASN A 13 12.27 -9.28 -3.62
C ASN A 13 12.77 -10.25 -2.55
N GLU A 14 13.95 -9.95 -2.02
CA GLU A 14 14.54 -10.79 -1.00
C GLU A 14 13.84 -10.57 0.35
N GLN A 15 13.47 -9.31 0.58
CA GLN A 15 12.80 -8.94 1.82
C GLN A 15 11.29 -8.81 1.58
N ILE A 16 10.86 -9.27 0.41
CA ILE A 16 9.46 -9.20 0.05
C ILE A 16 8.64 -10.02 1.06
N PRO A 17 9.15 -11.25 1.35
CA PRO A 17 8.47 -12.14 2.28
C PRO A 17 8.70 -11.68 3.73
N ASN A 18 9.48 -10.61 3.86
CA ASN A 18 9.77 -10.06 5.17
C ASN A 18 8.73 -9.00 5.53
N VAL A 19 8.27 -8.29 4.50
CA VAL A 19 7.28 -7.26 4.69
C VAL A 19 5.93 -7.90 5.06
N ARG A 20 5.56 -8.88 4.25
CA ARG A 20 4.31 -9.59 4.48
C ARG A 20 4.37 -10.39 5.78
N SER A 21 5.59 -10.62 6.24
CA SER A 21 5.81 -11.36 7.46
C SER A 21 5.49 -10.49 8.67
N LEU A 22 5.82 -9.21 8.53
CA LEU A 22 5.58 -8.26 9.61
C LEU A 22 4.16 -7.70 9.48
N LEU A 23 3.71 -7.61 8.23
CA LEU A 23 2.38 -7.09 7.95
C LEU A 23 1.35 -7.97 8.65
N THR A 24 1.75 -9.20 8.93
CA THR A 24 0.88 -10.15 9.59
C THR A 24 0.26 -9.53 10.85
N LYS A 25 1.02 -8.64 11.45
CA LYS A 25 0.57 -7.96 12.67
C LYS A 25 -0.64 -7.09 12.33
N TRP A 26 -0.62 -6.54 11.12
CA TRP A 26 -1.71 -5.70 10.68
C TRP A 26 -3.03 -6.45 10.90
N ALA A 27 -3.70 -6.09 11.98
CA ALA A 27 -4.97 -6.72 12.31
C ALA A 27 -6.04 -6.27 11.30
N LYS A 28 -5.77 -5.14 10.67
CA LYS A 28 -6.70 -4.59 9.69
C LYS A 28 -6.68 -5.47 8.43
N VAL A 29 -5.60 -6.22 8.30
CA VAL A 29 -5.46 -7.11 7.15
C VAL A 29 -6.36 -8.34 7.35
N GLU A 30 -7.20 -8.56 6.34
CA GLU A 30 -8.12 -9.70 6.38
C GLU A 30 -7.62 -10.82 5.46
N ARG A 31 -7.08 -10.41 4.32
CA ARG A 31 -6.56 -11.35 3.36
C ARG A 31 -5.11 -11.03 3.01
N ILE A 32 -4.28 -12.07 3.05
CA ILE A 32 -2.87 -11.90 2.75
C ILE A 32 -2.54 -12.69 1.47
N GLN A 33 -2.39 -11.94 0.38
CA GLN A 33 -2.07 -12.53 -0.90
C GLN A 33 -0.75 -11.96 -1.44
N ASP A 34 -0.12 -12.75 -2.29
CA ASP A 34 1.15 -12.34 -2.88
C ASP A 34 0.97 -12.19 -4.40
N VAL A 35 1.84 -11.38 -4.98
CA VAL A 35 1.80 -11.15 -6.41
C VAL A 35 3.21 -11.28 -7.00
N GLN A 36 3.28 -11.19 -8.32
CA GLN A 36 4.55 -11.29 -9.00
C GLN A 36 5.39 -10.04 -8.76
N ASP A 37 6.24 -10.12 -7.75
CA ASP A 37 7.10 -9.00 -7.40
C ASP A 37 6.30 -7.99 -6.58
N GLY A 38 5.55 -8.50 -5.63
CA GLY A 38 4.73 -7.65 -4.78
C GLY A 38 3.83 -8.49 -3.86
N LEU A 39 2.93 -7.80 -3.18
CA LEU A 39 2.02 -8.47 -2.26
C LEU A 39 0.68 -7.71 -2.24
N GLN A 40 -0.39 -8.48 -2.25
CA GLN A 40 -1.72 -7.89 -2.23
C GLN A 40 -2.43 -8.21 -0.91
N LEU A 41 -2.65 -7.17 -0.13
CA LEU A 41 -3.31 -7.33 1.15
C LEU A 41 -4.64 -6.57 1.14
N ASP A 42 -5.61 -7.14 1.83
CA ASP A 42 -6.93 -6.54 1.91
C ASP A 42 -7.17 -6.01 3.32
N VAL A 43 -6.99 -4.70 3.48
CA VAL A 43 -7.19 -4.07 4.78
C VAL A 43 -8.64 -3.60 4.89
N ARG A 44 -9.19 -3.79 6.08
CA ARG A 44 -10.56 -3.40 6.34
C ARG A 44 -10.59 -2.10 7.16
N LEU A 45 -10.62 -0.99 6.43
CA LEU A 45 -10.65 0.31 7.07
C LEU A 45 -12.03 0.53 7.72
N LYS A 46 -13.06 0.10 7.01
CA LYS A 46 -14.42 0.23 7.52
C LYS A 46 -15.20 -1.04 7.20
N THR A 47 -16.23 -1.28 8.00
CA THR A 47 -17.06 -2.46 7.82
C THR A 47 -17.70 -2.45 6.43
N ASP A 48 -17.69 -1.28 5.81
CA ASP A 48 -18.26 -1.12 4.48
C ASP A 48 -17.21 -0.52 3.55
N THR A 49 -15.96 -0.65 3.95
CA THR A 49 -14.86 -0.14 3.17
C THR A 49 -13.72 -1.16 3.11
N LEU A 50 -12.98 -1.11 2.00
CA LEU A 50 -11.86 -2.02 1.82
C LEU A 50 -10.74 -1.29 1.08
N LEU A 51 -9.53 -1.42 1.62
CA LEU A 51 -8.37 -0.79 1.03
C LEU A 51 -7.37 -1.86 0.61
N GLU A 52 -7.32 -2.10 -0.70
CA GLU A 52 -6.42 -3.09 -1.24
C GLU A 52 -5.00 -2.53 -1.35
N LEU A 53 -4.13 -3.03 -0.50
CA LEU A 53 -2.74 -2.57 -0.49
C LEU A 53 -1.90 -3.51 -1.36
N HIS A 54 -1.31 -2.92 -2.39
CA HIS A 54 -0.47 -3.69 -3.30
C HIS A 54 0.95 -3.13 -3.29
N ILE A 55 1.85 -3.90 -2.69
CA ILE A 55 3.24 -3.50 -2.60
C ILE A 55 3.98 -3.99 -3.84
N TYR A 56 4.71 -3.07 -4.46
CA TYR A 56 5.48 -3.38 -5.65
C TYR A 56 6.77 -2.58 -5.71
N TYR A 57 7.71 -3.07 -6.49
CA TYR A 57 9.00 -2.41 -6.64
C TYR A 57 9.07 -1.67 -7.98
N ASP A 58 9.84 -0.58 -7.98
CA ASP A 58 10.01 0.21 -9.17
C ASP A 58 11.49 0.28 -9.53
N HIS A 59 11.77 0.04 -10.80
CA HIS A 59 13.14 0.08 -11.28
C HIS A 59 13.51 1.51 -11.68
N VAL A 60 12.57 2.42 -11.44
CA VAL A 60 12.79 3.81 -11.77
C VAL A 60 13.79 4.42 -10.79
N TYR A 61 13.57 4.15 -9.52
CA TYR A 61 14.45 4.66 -8.47
C TYR A 61 15.12 3.51 -7.72
N HIS A 62 14.80 2.29 -8.14
CA HIS A 62 15.36 1.11 -7.52
C HIS A 62 14.92 1.05 -6.05
N VAL A 63 13.62 1.17 -5.86
CA VAL A 63 13.05 1.12 -4.52
C VAL A 63 11.61 0.60 -4.60
N PRO A 64 11.06 0.26 -3.40
CA PRO A 64 9.70 -0.25 -3.32
C PRO A 64 8.68 0.88 -3.51
N SER A 65 7.43 0.48 -3.65
CA SER A 65 6.35 1.45 -3.84
C SER A 65 5.06 0.91 -3.22
N ILE A 66 4.06 1.78 -3.16
CA ILE A 66 2.77 1.41 -2.60
C ILE A 66 1.67 1.86 -3.56
N LYS A 67 0.70 0.97 -3.76
CA LYS A 67 -0.41 1.25 -4.63
C LYS A 67 -1.66 0.52 -4.13
N PHE A 68 -2.75 1.27 -4.04
CA PHE A 68 -4.01 0.70 -3.57
C PHE A 68 -5.20 1.45 -4.15
N ARG A 69 -6.35 0.78 -4.15
CA ARG A 69 -7.57 1.38 -4.68
C ARG A 69 -8.71 1.21 -3.67
N LEU A 70 -9.21 2.34 -3.21
CA LEU A 70 -10.31 2.33 -2.26
C LEU A 70 -11.51 1.59 -2.86
N TRP A 71 -12.23 0.89 -1.99
CA TRP A 71 -13.39 0.14 -2.42
C TRP A 71 -14.55 0.47 -1.48
N SER A 72 -15.76 0.38 -2.01
CA SER A 72 -16.95 0.67 -1.23
C SER A 72 -17.90 -0.52 -1.28
N LEU A 73 -17.83 -1.34 -0.25
CA LEU A 73 -18.69 -2.51 -0.16
C LEU A 73 -20.14 -2.07 0.01
N ASP A 74 -20.98 -2.58 -0.88
CA ASP A 74 -22.40 -2.25 -0.85
C ASP A 74 -23.21 -3.52 -0.63
N THR A 75 -23.83 -3.60 0.54
CA THR A 75 -24.65 -4.75 0.88
C THR A 75 -26.14 -4.42 0.72
N GLU A 76 -26.42 -3.63 -0.29
CA GLU A 76 -27.80 -3.24 -0.57
C GLU A 76 -28.69 -4.48 -0.70
N GLU A 77 -28.14 -5.50 -1.32
CA GLU A 77 -28.86 -6.74 -1.51
C GLU A 77 -28.31 -7.84 -0.60
N ASP A 78 -27.26 -7.48 0.14
CA ASP A 78 -26.64 -8.41 1.06
C ASP A 78 -26.00 -9.54 0.26
N ILE A 79 -25.23 -9.17 -0.74
CA ILE A 79 -24.56 -10.14 -1.59
C ILE A 79 -23.04 -10.00 -1.42
N SER A 80 -22.65 -8.95 -0.71
CA SER A 80 -21.24 -8.69 -0.48
C SER A 80 -20.62 -8.03 -1.70
N SER A 81 -21.33 -7.05 -2.24
CA SER A 81 -20.85 -6.33 -3.41
C SER A 81 -19.87 -5.24 -3.00
N LEU A 82 -19.32 -4.56 -4.00
CA LEU A 82 -18.37 -3.49 -3.75
C LEU A 82 -18.12 -2.73 -5.06
N ARG A 83 -17.51 -1.57 -4.92
CA ARG A 83 -17.20 -0.74 -6.07
C ARG A 83 -16.03 0.19 -5.76
N LEU A 84 -15.16 0.35 -6.76
CA LEU A 84 -14.00 1.21 -6.61
C LEU A 84 -14.44 2.62 -6.21
N LEU A 85 -13.83 3.13 -5.17
CA LEU A 85 -14.15 4.47 -4.68
C LEU A 85 -13.22 5.48 -5.33
N THR A 86 -13.62 6.74 -5.26
CA THR A 86 -12.82 7.81 -5.84
C THR A 86 -13.12 9.14 -5.14
N LEU A 87 -12.15 9.60 -4.37
CA LEU A 87 -12.30 10.85 -3.64
C LEU A 87 -11.00 11.63 -3.69
N SER A 88 -11.08 12.89 -3.30
CA SER A 88 -9.90 13.76 -3.31
C SER A 88 -8.85 13.21 -2.34
N ASP A 89 -7.81 14.01 -2.14
CA ASP A 89 -6.74 13.62 -1.25
C ASP A 89 -7.17 13.84 0.20
N SER A 90 -7.74 15.01 0.44
CA SER A 90 -8.21 15.36 1.76
C SER A 90 -9.29 14.37 2.21
N GLU A 91 -10.08 13.93 1.25
CA GLU A 91 -11.15 12.99 1.53
C GLU A 91 -10.57 11.59 1.78
N LEU A 92 -9.48 11.30 1.09
CA LEU A 92 -8.82 10.01 1.23
C LEU A 92 -8.03 9.99 2.52
N ARG A 93 -7.54 11.16 2.91
CA ARG A 93 -6.77 11.29 4.13
C ARG A 93 -7.66 11.10 5.35
N SER A 94 -8.95 11.23 5.13
CA SER A 94 -9.93 11.08 6.20
C SER A 94 -9.71 9.75 6.92
N ILE A 95 -9.05 8.84 6.22
CA ILE A 95 -8.77 7.53 6.78
C ILE A 95 -7.26 7.28 6.77
N LEU A 96 -6.63 7.66 5.66
CA LEU A 96 -5.20 7.48 5.52
C LEU A 96 -4.48 8.62 6.24
N ASN A 97 -3.21 8.39 6.53
CA ASN A 97 -2.40 9.38 7.22
C ASN A 97 -1.23 9.79 6.32
N LEU A 98 -1.49 10.80 5.50
CA LEU A 98 -0.46 11.29 4.59
C LEU A 98 0.45 12.25 5.33
N GLY A 99 -0.16 13.29 5.90
CA GLY A 99 0.59 14.30 6.64
C GLY A 99 1.63 14.98 5.75
N THR A 100 2.84 14.44 5.80
CA THR A 100 3.92 14.99 4.99
C THR A 100 4.04 14.25 3.67
N PHE A 101 3.55 13.01 3.67
CA PHE A 101 3.59 12.18 2.48
C PHE A 101 2.70 12.77 1.38
N SER A 102 2.60 12.02 0.29
CA SER A 102 1.78 12.45 -0.83
C SER A 102 1.38 11.24 -1.68
N VAL A 103 0.26 11.40 -2.37
CA VAL A 103 -0.25 10.33 -3.22
C VAL A 103 -0.63 10.91 -4.59
N THR A 104 -0.60 10.03 -5.59
CA THR A 104 -0.93 10.44 -6.95
C THR A 104 -1.85 9.41 -7.59
N LEU A 105 -3.10 9.80 -7.78
CA LEU A 105 -4.08 8.93 -8.40
C LEU A 105 -3.75 8.76 -9.88
N SER A 106 -3.86 7.52 -10.34
CA SER A 106 -3.57 7.20 -11.72
C SER A 106 -4.47 6.05 -12.20
N THR A 107 -4.63 5.98 -13.50
CA THR A 107 -5.46 4.94 -14.10
C THR A 107 -4.66 4.14 -15.13
N ASP A 108 -5.23 3.02 -15.52
CA ASP A 108 -4.58 2.16 -16.50
C ASP A 108 -5.10 2.50 -17.91
N MET A 109 -4.45 1.92 -18.90
CA MET A 109 -4.83 2.15 -20.28
C MET A 109 -6.34 1.97 -20.46
N GLU A 110 -6.86 0.91 -19.85
CA GLU A 110 -8.28 0.63 -19.95
C GLU A 110 -9.09 1.75 -19.31
N MET A 111 -8.48 2.41 -18.34
CA MET A 111 -9.13 3.51 -17.65
C MET A 111 -10.39 3.02 -16.92
N LYS A 112 -10.46 1.72 -16.72
CA LYS A 112 -11.59 1.12 -16.04
C LYS A 112 -11.21 0.82 -14.59
N SER A 113 -9.91 0.87 -14.33
CA SER A 113 -9.40 0.61 -12.99
C SER A 113 -8.50 1.75 -12.53
N VAL A 114 -8.94 2.45 -11.50
CA VAL A 114 -8.19 3.56 -10.96
C VAL A 114 -7.51 3.13 -9.66
N TYR A 115 -6.27 3.56 -9.50
CA TYR A 115 -5.50 3.23 -8.31
C TYR A 115 -4.68 4.43 -7.84
N TYR A 116 -4.31 4.39 -6.57
CA TYR A 116 -3.53 5.47 -5.98
C TYR A 116 -2.09 5.01 -5.70
N TYR A 117 -1.15 5.68 -6.34
CA TYR A 117 0.25 5.36 -6.16
C TYR A 117 0.91 6.29 -5.15
N ILE A 118 1.38 5.70 -4.07
CA ILE A 118 2.04 6.47 -3.02
C ILE A 118 3.28 7.15 -3.59
N ASN A 119 3.54 8.36 -3.09
CA ASN A 119 4.68 9.12 -3.55
C ASN A 119 5.96 8.56 -2.88
N ASN A 120 6.55 7.59 -3.55
CA ASN A 120 7.76 6.97 -3.05
C ASN A 120 8.93 7.31 -3.97
N CYS A 121 9.41 8.54 -3.86
CA CYS A 121 10.51 9.00 -4.68
C CYS A 121 11.68 9.35 -3.75
N ASP A 122 11.34 10.01 -2.65
CA ASP A 122 12.35 10.40 -1.68
C ASP A 122 12.47 9.32 -0.60
N THR A 123 12.10 8.11 -0.99
CA THR A 123 12.17 6.99 -0.07
C THR A 123 13.57 6.86 0.53
N ASP A 124 14.56 6.78 -0.35
CA ASP A 124 15.94 6.66 0.07
C ASP A 124 16.33 7.90 0.88
N ALA A 125 15.64 8.99 0.60
CA ALA A 125 15.90 10.25 1.28
C ALA A 125 15.07 10.30 2.57
N ASN A 126 14.13 9.37 2.67
CA ASN A 126 13.27 9.31 3.83
C ASN A 126 13.90 8.40 4.89
N VAL A 127 13.94 7.11 4.57
CA VAL A 127 14.51 6.13 5.47
C VAL A 127 16.03 6.10 5.28
N GLY A 128 16.43 5.69 4.09
CA GLY A 128 17.84 5.61 3.75
C GLY A 128 18.62 4.86 4.85
N SER A 129 17.90 3.99 5.54
CA SER A 129 18.51 3.20 6.59
C SER A 129 19.57 2.26 6.02
N ASP A 130 19.10 1.12 5.53
CA ASP A 130 19.99 0.14 4.94
C ASP A 130 19.17 -0.88 4.15
N VAL A 131 19.65 -1.16 2.94
CA VAL A 131 18.97 -2.11 2.08
C VAL A 131 18.79 -3.45 2.83
N GLU A 132 19.61 -3.61 3.86
CA GLU A 132 19.55 -4.82 4.66
C GLU A 132 18.10 -5.17 4.99
N HIS A 133 17.49 -4.32 5.80
CA HIS A 133 16.10 -4.53 6.20
C HIS A 133 15.30 -3.26 5.92
N TYR A 134 15.49 -2.73 4.73
CA TYR A 134 14.78 -1.52 4.32
C TYR A 134 13.31 -1.82 4.00
N LEU A 135 13.09 -3.02 3.48
CA LEU A 135 11.75 -3.45 3.11
C LEU A 135 10.84 -3.31 4.34
N THR A 136 11.43 -3.43 5.50
CA THR A 136 10.69 -3.31 6.74
C THR A 136 10.62 -1.85 7.20
N ARG A 137 11.80 -1.23 7.27
CA ARG A 137 11.89 0.16 7.68
C ARG A 137 11.17 1.06 6.67
N TRP A 138 10.91 0.50 5.51
CA TRP A 138 10.24 1.24 4.46
C TRP A 138 8.73 1.05 4.63
N ILE A 139 8.31 -0.21 4.51
CA ILE A 139 6.90 -0.55 4.64
C ILE A 139 6.36 0.08 5.95
N SER A 140 7.02 -0.28 7.05
CA SER A 140 6.61 0.23 8.34
C SER A 140 6.57 1.76 8.32
N LEU A 141 7.20 2.32 7.30
CA LEU A 141 7.25 3.77 7.15
C LEU A 141 5.90 4.26 6.60
N TYR A 142 5.53 3.70 5.46
CA TYR A 142 4.28 4.08 4.82
C TYR A 142 3.09 3.43 5.54
N ILE A 143 3.41 2.44 6.36
CA ILE A 143 2.38 1.73 7.11
C ILE A 143 1.63 2.72 8.01
N ARG A 144 2.37 3.72 8.46
CA ARG A 144 1.79 4.74 9.33
C ARG A 144 0.80 5.61 8.55
N ILE A 145 0.76 5.37 7.24
CA ILE A 145 -0.14 6.12 6.38
C ILE A 145 -1.46 5.36 6.23
N PHE A 146 -1.45 4.12 6.71
CA PHE A 146 -2.63 3.28 6.64
C PHE A 146 -3.15 2.94 8.05
N ASP A 147 -2.21 2.75 8.96
CA ASP A 147 -2.56 2.42 10.34
C ASP A 147 -1.49 3.00 11.28
N LEU A 148 -1.94 3.92 12.13
CA LEU A 148 -1.03 4.54 13.08
C LEU A 148 -1.05 3.76 14.38
N ASN A 149 -1.79 2.66 14.37
CA ASN A 149 -1.90 1.81 15.55
C ASN A 149 -1.04 0.56 15.35
N PHE A 150 -0.68 0.33 14.09
CA PHE A 150 0.13 -0.82 13.75
C PHE A 150 1.56 -0.40 13.40
N VAL A 151 2.48 -0.73 14.31
CA VAL A 151 3.88 -0.40 14.10
C VAL A 151 4.69 -1.68 13.95
N PRO A 152 4.94 -2.05 12.66
CA PRO A 152 5.70 -3.26 12.36
C PRO A 152 7.19 -3.05 12.63
N SER A 5 19.24 5.10 -3.89
CA SER A 5 19.05 3.72 -3.43
C SER A 5 19.59 2.76 -4.48
N MET A 6 19.98 1.58 -4.02
CA MET A 6 20.51 0.55 -4.91
C MET A 6 19.80 -0.79 -4.68
N LEU A 7 18.82 -0.76 -3.80
CA LEU A 7 18.06 -1.96 -3.49
C LEU A 7 17.49 -2.55 -4.77
N THR A 8 18.08 -3.66 -5.20
CA THR A 8 17.64 -4.33 -6.42
C THR A 8 16.33 -5.07 -6.17
N LEU A 9 15.97 -5.91 -7.13
CA LEU A 9 14.75 -6.69 -7.03
C LEU A 9 14.96 -7.84 -6.05
N PRO A 10 16.12 -8.53 -6.22
CA PRO A 10 16.46 -9.65 -5.36
C PRO A 10 16.91 -9.17 -3.97
N GLU A 11 17.07 -7.86 -3.87
CA GLU A 11 17.49 -7.27 -2.61
C GLU A 11 16.27 -6.93 -1.74
N TYR A 12 15.21 -6.50 -2.41
CA TYR A 12 13.99 -6.15 -1.72
C TYR A 12 13.10 -7.38 -1.53
N ASN A 13 13.16 -8.28 -2.51
CA ASN A 13 12.36 -9.49 -2.47
C ASN A 13 12.91 -10.42 -1.40
N GLU A 14 14.14 -10.12 -0.96
CA GLU A 14 14.78 -10.93 0.06
C GLU A 14 14.12 -10.70 1.41
N GLN A 15 13.47 -9.54 1.53
CA GLN A 15 12.79 -9.20 2.77
C GLN A 15 11.27 -9.16 2.55
N ILE A 16 10.85 -9.79 1.47
CA ILE A 16 9.44 -9.84 1.12
C ILE A 16 8.68 -10.53 2.26
N PRO A 17 9.26 -11.65 2.75
CA PRO A 17 8.64 -12.42 3.82
C PRO A 17 8.82 -11.70 5.16
N ASN A 18 9.50 -10.56 5.11
CA ASN A 18 9.73 -9.78 6.30
C ASN A 18 8.64 -8.73 6.45
N VAL A 19 8.17 -8.24 5.32
CA VAL A 19 7.12 -7.22 5.31
C VAL A 19 5.79 -7.89 5.66
N ARG A 20 5.46 -8.94 4.92
CA ARG A 20 4.23 -9.66 5.15
C ARG A 20 4.23 -10.30 6.54
N SER A 21 5.43 -10.43 7.09
CA SER A 21 5.59 -11.03 8.41
C SER A 21 5.12 -10.05 9.48
N LEU A 22 5.47 -8.79 9.28
CA LEU A 22 5.09 -7.74 10.22
C LEU A 22 3.66 -7.28 9.92
N LEU A 23 3.32 -7.31 8.64
CA LEU A 23 2.00 -6.90 8.22
C LEU A 23 0.94 -7.70 8.99
N THR A 24 1.30 -8.94 9.31
CA THR A 24 0.40 -9.82 10.04
C THR A 24 -0.17 -9.09 11.26
N LYS A 25 0.56 -8.08 11.70
CA LYS A 25 0.14 -7.30 12.85
C LYS A 25 -1.08 -6.45 12.47
N TRP A 26 -1.03 -5.90 11.26
CA TRP A 26 -2.12 -5.08 10.77
C TRP A 26 -3.42 -5.84 10.99
N ALA A 27 -4.10 -5.50 12.09
CA ALA A 27 -5.35 -6.14 12.42
C ALA A 27 -6.39 -5.79 11.37
N LYS A 28 -6.06 -4.79 10.55
CA LYS A 28 -6.95 -4.36 9.50
C LYS A 28 -6.88 -5.33 8.33
N VAL A 29 -5.73 -5.99 8.22
CA VAL A 29 -5.51 -6.96 7.16
C VAL A 29 -6.44 -8.16 7.37
N GLU A 30 -7.23 -8.43 6.34
CA GLU A 30 -8.17 -9.54 6.39
C GLU A 30 -7.71 -10.68 5.47
N ARG A 31 -6.94 -10.29 4.45
CA ARG A 31 -6.43 -11.26 3.49
C ARG A 31 -4.92 -11.13 3.37
N ILE A 32 -4.28 -12.25 3.06
CA ILE A 32 -2.83 -12.26 2.90
C ILE A 32 -2.46 -13.10 1.68
N GLN A 33 -1.91 -12.44 0.69
CA GLN A 33 -1.52 -13.10 -0.54
C GLN A 33 -0.19 -12.51 -1.07
N ASP A 34 0.56 -13.36 -1.76
CA ASP A 34 1.83 -12.93 -2.31
C ASP A 34 1.75 -12.97 -3.85
N VAL A 35 2.57 -12.15 -4.47
CA VAL A 35 2.60 -12.06 -5.91
C VAL A 35 4.06 -12.08 -6.39
N GLN A 36 4.23 -12.37 -7.68
CA GLN A 36 5.56 -12.42 -8.26
C GLN A 36 6.27 -11.08 -8.08
N ASP A 37 7.00 -10.99 -6.98
CA ASP A 37 7.74 -9.78 -6.67
C ASP A 37 6.77 -8.72 -6.15
N GLY A 38 6.07 -9.08 -5.08
CA GLY A 38 5.11 -8.17 -4.47
C GLY A 38 4.19 -8.92 -3.50
N LEU A 39 3.10 -8.26 -3.14
CA LEU A 39 2.14 -8.84 -2.22
C LEU A 39 0.81 -8.12 -2.36
N GLN A 40 -0.27 -8.87 -2.16
CA GLN A 40 -1.60 -8.31 -2.25
C GLN A 40 -2.43 -8.69 -1.02
N LEU A 41 -2.73 -7.69 -0.22
CA LEU A 41 -3.51 -7.90 0.99
C LEU A 41 -4.83 -7.12 0.89
N ASP A 42 -5.73 -7.41 1.81
CA ASP A 42 -7.01 -6.75 1.84
C ASP A 42 -7.22 -6.10 3.21
N VAL A 43 -6.89 -4.82 3.28
CA VAL A 43 -7.04 -4.09 4.53
C VAL A 43 -8.46 -3.52 4.62
N ARG A 44 -9.10 -3.77 5.76
CA ARG A 44 -10.45 -3.30 5.98
C ARG A 44 -10.43 -1.88 6.56
N LEU A 45 -10.21 -0.92 5.67
CA LEU A 45 -10.16 0.47 6.07
C LEU A 45 -11.47 0.84 6.78
N LYS A 46 -12.56 0.30 6.26
CA LYS A 46 -13.86 0.56 6.84
C LYS A 46 -14.71 -0.72 6.77
N THR A 47 -15.73 -0.77 7.62
CA THR A 47 -16.61 -1.92 7.67
C THR A 47 -17.30 -2.12 6.33
N ASP A 48 -17.23 -1.08 5.49
CA ASP A 48 -17.84 -1.13 4.18
C ASP A 48 -16.83 -0.64 3.13
N THR A 49 -15.57 -0.72 3.50
CA THR A 49 -14.50 -0.29 2.61
C THR A 49 -13.36 -1.31 2.61
N LEU A 50 -12.65 -1.35 1.49
CA LEU A 50 -11.54 -2.28 1.34
C LEU A 50 -10.35 -1.54 0.73
N LEU A 51 -9.16 -1.91 1.21
CA LEU A 51 -7.95 -1.29 0.73
C LEU A 51 -7.00 -2.37 0.19
N GLU A 52 -6.93 -2.43 -1.14
CA GLU A 52 -6.09 -3.42 -1.80
C GLU A 52 -4.66 -2.88 -1.93
N LEU A 53 -3.86 -3.18 -0.93
CA LEU A 53 -2.47 -2.73 -0.93
C LEU A 53 -1.64 -3.68 -1.79
N HIS A 54 -1.03 -3.10 -2.82
CA HIS A 54 -0.21 -3.87 -3.74
C HIS A 54 1.23 -3.37 -3.68
N ILE A 55 2.12 -4.26 -3.26
CA ILE A 55 3.53 -3.92 -3.14
C ILE A 55 4.26 -4.40 -4.40
N TYR A 56 4.98 -3.46 -5.02
CA TYR A 56 5.74 -3.78 -6.22
C TYR A 56 7.03 -2.98 -6.28
N TYR A 57 7.99 -3.53 -7.01
CA TYR A 57 9.29 -2.88 -7.14
C TYR A 57 9.34 -2.05 -8.43
N ASP A 58 10.26 -1.09 -8.43
CA ASP A 58 10.43 -0.22 -9.59
C ASP A 58 11.91 -0.03 -9.87
N HIS A 59 12.36 -0.58 -10.99
CA HIS A 59 13.75 -0.47 -11.38
C HIS A 59 14.06 0.96 -11.81
N VAL A 60 13.00 1.76 -11.88
CA VAL A 60 13.14 3.15 -12.28
C VAL A 60 14.09 3.86 -11.31
N TYR A 61 13.88 3.60 -10.04
CA TYR A 61 14.70 4.21 -9.00
C TYR A 61 15.39 3.13 -8.15
N HIS A 62 15.11 1.89 -8.49
CA HIS A 62 15.70 0.76 -7.77
C HIS A 62 15.22 0.80 -6.31
N VAL A 63 13.91 0.71 -6.14
CA VAL A 63 13.33 0.72 -4.81
C VAL A 63 11.89 0.20 -4.89
N PRO A 64 11.35 -0.15 -3.69
CA PRO A 64 9.98 -0.65 -3.61
C PRO A 64 8.96 0.48 -3.79
N SER A 65 7.75 0.08 -4.12
CA SER A 65 6.67 1.05 -4.32
C SER A 65 5.36 0.50 -3.76
N ILE A 66 4.37 1.36 -3.71
CA ILE A 66 3.07 0.98 -3.20
C ILE A 66 1.97 1.43 -4.18
N LYS A 67 0.92 0.65 -4.25
CA LYS A 67 -0.18 0.94 -5.15
C LYS A 67 -1.46 0.28 -4.62
N PHE A 68 -2.43 1.12 -4.28
CA PHE A 68 -3.70 0.63 -3.76
C PHE A 68 -4.87 1.38 -4.39
N ARG A 69 -6.04 0.78 -4.26
CA ARG A 69 -7.26 1.38 -4.82
C ARG A 69 -8.41 1.24 -3.83
N LEU A 70 -8.98 2.38 -3.46
CA LEU A 70 -10.09 2.41 -2.52
C LEU A 70 -11.26 1.63 -3.12
N TRP A 71 -11.90 0.85 -2.27
CA TRP A 71 -13.05 0.06 -2.69
C TRP A 71 -14.18 0.29 -1.69
N SER A 72 -15.40 0.07 -2.17
CA SER A 72 -16.57 0.25 -1.34
C SER A 72 -17.45 -1.01 -1.38
N LEU A 73 -17.28 -1.84 -0.37
CA LEU A 73 -18.04 -3.08 -0.30
C LEU A 73 -19.51 -2.75 -0.04
N ASP A 74 -20.36 -3.26 -0.93
CA ASP A 74 -21.79 -3.03 -0.82
C ASP A 74 -22.51 -4.36 -0.71
N THR A 75 -23.10 -4.61 0.46
CA THR A 75 -23.83 -5.84 0.69
C THR A 75 -25.33 -5.58 0.68
N GLU A 76 -25.72 -4.60 -0.10
CA GLU A 76 -27.13 -4.24 -0.22
C GLU A 76 -27.99 -5.50 -0.32
N GLU A 77 -27.51 -6.45 -1.12
CA GLU A 77 -28.21 -7.70 -1.31
C GLU A 77 -27.54 -8.82 -0.53
N ASP A 78 -26.31 -8.54 -0.10
CA ASP A 78 -25.54 -9.51 0.66
C ASP A 78 -24.88 -10.51 -0.31
N ILE A 79 -24.21 -9.95 -1.31
CA ILE A 79 -23.54 -10.76 -2.30
C ILE A 79 -22.02 -10.55 -2.21
N SER A 80 -21.64 -9.68 -1.28
CA SER A 80 -20.24 -9.38 -1.07
C SER A 80 -19.70 -8.58 -2.26
N SER A 81 -20.47 -7.59 -2.67
CA SER A 81 -20.08 -6.75 -3.79
C SER A 81 -19.13 -5.66 -3.33
N LEU A 82 -18.64 -4.89 -4.29
CA LEU A 82 -17.71 -3.81 -3.99
C LEU A 82 -17.56 -2.92 -5.22
N ARG A 83 -17.08 -1.71 -4.98
CA ARG A 83 -16.88 -0.76 -6.06
C ARG A 83 -15.79 0.26 -5.68
N LEU A 84 -14.88 0.49 -6.62
CA LEU A 84 -13.79 1.42 -6.39
C LEU A 84 -14.36 2.76 -5.93
N LEU A 85 -13.70 3.35 -4.95
CA LEU A 85 -14.13 4.62 -4.42
C LEU A 85 -13.20 5.73 -4.93
N THR A 86 -13.80 6.87 -5.24
CA THR A 86 -13.04 8.00 -5.73
C THR A 86 -13.44 9.28 -4.99
N LEU A 87 -12.71 9.55 -3.92
CA LEU A 87 -12.98 10.73 -3.11
C LEU A 87 -11.76 11.65 -3.15
N SER A 88 -11.96 12.87 -2.67
CA SER A 88 -10.89 13.85 -2.64
C SER A 88 -9.70 13.30 -1.85
N ASP A 89 -8.71 14.17 -1.66
CA ASP A 89 -7.53 13.78 -0.91
C ASP A 89 -7.80 13.90 0.59
N SER A 90 -8.54 14.93 0.94
CA SER A 90 -8.87 15.16 2.34
C SER A 90 -9.78 14.03 2.85
N GLU A 91 -10.67 13.59 1.98
CA GLU A 91 -11.59 12.52 2.32
C GLU A 91 -10.83 11.20 2.49
N LEU A 92 -9.85 11.01 1.62
CA LEU A 92 -9.04 9.80 1.65
C LEU A 92 -8.18 9.80 2.91
N ARG A 93 -7.53 10.93 3.15
CA ARG A 93 -6.68 11.08 4.31
C ARG A 93 -7.41 10.61 5.57
N SER A 94 -8.73 10.63 5.49
CA SER A 94 -9.56 10.21 6.61
C SER A 94 -9.06 8.87 7.16
N ILE A 95 -8.59 8.03 6.24
CA ILE A 95 -8.08 6.72 6.61
C ILE A 95 -6.57 6.71 6.46
N LEU A 96 -6.10 7.29 5.37
CA LEU A 96 -4.68 7.36 5.09
C LEU A 96 -4.04 8.44 5.97
N ASN A 97 -2.73 8.61 5.78
CA ASN A 97 -2.00 9.60 6.55
C ASN A 97 -0.77 10.03 5.75
N LEU A 98 -0.88 11.22 5.16
CA LEU A 98 0.21 11.76 4.37
C LEU A 98 1.13 12.57 5.27
N GLY A 99 0.55 13.58 5.90
CA GLY A 99 1.31 14.44 6.79
C GLY A 99 2.51 15.06 6.07
N THR A 100 3.60 14.30 6.04
CA THR A 100 4.81 14.76 5.38
C THR A 100 5.13 13.88 4.18
N PHE A 101 4.11 13.18 3.71
CA PHE A 101 4.26 12.30 2.56
C PHE A 101 3.46 12.81 1.37
N SER A 102 3.41 11.99 0.33
CA SER A 102 2.68 12.35 -0.88
C SER A 102 2.11 11.09 -1.54
N VAL A 103 1.26 11.31 -2.52
CA VAL A 103 0.63 10.22 -3.23
C VAL A 103 0.27 10.67 -4.66
N THR A 104 -0.11 9.70 -5.47
CA THR A 104 -0.48 9.98 -6.84
C THR A 104 -1.68 9.13 -7.26
N LEU A 105 -2.76 9.81 -7.60
CA LEU A 105 -3.97 9.13 -8.01
C LEU A 105 -4.23 9.39 -9.50
N SER A 106 -4.30 8.30 -10.25
CA SER A 106 -4.52 8.40 -11.69
C SER A 106 -5.62 7.42 -12.10
N THR A 107 -6.18 7.69 -13.28
CA THR A 107 -7.23 6.84 -13.81
C THR A 107 -6.91 6.40 -15.24
N ASP A 108 -7.66 5.41 -15.71
CA ASP A 108 -7.45 4.90 -17.06
C ASP A 108 -8.37 5.64 -18.02
N MET A 109 -8.15 5.38 -19.31
CA MET A 109 -8.96 6.02 -20.34
C MET A 109 -10.44 5.69 -20.16
N GLU A 110 -10.70 4.50 -19.65
CA GLU A 110 -12.07 4.06 -19.42
C GLU A 110 -12.64 4.73 -18.17
N MET A 111 -11.74 5.37 -17.42
CA MET A 111 -12.15 6.05 -16.20
C MET A 111 -12.93 5.11 -15.28
N LYS A 112 -12.63 3.83 -15.41
CA LYS A 112 -13.29 2.82 -14.61
C LYS A 112 -12.31 2.31 -13.54
N SER A 113 -11.03 2.35 -13.89
CA SER A 113 -9.99 1.91 -12.98
C SER A 113 -9.23 3.10 -12.41
N VAL A 114 -8.93 3.02 -11.12
CA VAL A 114 -8.22 4.10 -10.45
C VAL A 114 -7.24 3.50 -9.44
N TYR A 115 -6.08 4.13 -9.33
CA TYR A 115 -5.05 3.67 -8.41
C TYR A 115 -4.44 4.84 -7.64
N TYR A 116 -3.93 4.53 -6.47
CA TYR A 116 -3.30 5.54 -5.62
C TYR A 116 -1.81 5.27 -5.45
N TYR A 117 -1.05 5.59 -6.48
CA TYR A 117 0.39 5.38 -6.45
C TYR A 117 1.06 6.32 -5.44
N ILE A 118 1.54 5.73 -4.37
CA ILE A 118 2.20 6.48 -3.31
C ILE A 118 3.59 6.91 -3.80
N ASN A 119 3.94 8.15 -3.48
CA ASN A 119 5.23 8.68 -3.88
C ASN A 119 6.34 7.80 -3.29
N ASN A 120 7.05 7.13 -4.20
CA ASN A 120 8.14 6.26 -3.79
C ASN A 120 9.36 6.52 -4.67
N CYS A 121 9.37 7.70 -5.27
CA CYS A 121 10.47 8.08 -6.14
C CYS A 121 11.69 8.40 -5.26
N ASP A 122 11.44 9.16 -4.22
CA ASP A 122 12.50 9.54 -3.29
C ASP A 122 12.51 8.57 -2.10
N THR A 123 12.59 7.29 -2.43
CA THR A 123 12.60 6.27 -1.40
C THR A 123 13.77 6.48 -0.43
N ASP A 124 14.95 6.66 -1.02
CA ASP A 124 16.15 6.87 -0.23
C ASP A 124 16.01 8.17 0.56
N ALA A 125 15.23 9.08 0.00
CA ALA A 125 15.00 10.37 0.64
C ALA A 125 13.83 10.24 1.61
N ASN A 126 13.08 9.17 1.46
CA ASN A 126 11.93 8.91 2.30
C ASN A 126 12.40 8.25 3.60
N VAL A 127 13.12 7.15 3.44
CA VAL A 127 13.63 6.41 4.58
C VAL A 127 15.15 6.32 4.48
N GLY A 128 15.62 5.81 3.36
CA GLY A 128 17.04 5.67 3.13
C GLY A 128 17.76 5.26 4.41
N SER A 129 17.09 4.43 5.19
CA SER A 129 17.65 3.96 6.45
C SER A 129 18.82 3.02 6.18
N ASP A 130 18.48 1.77 5.88
CA ASP A 130 19.49 0.77 5.60
C ASP A 130 18.84 -0.39 4.83
N VAL A 131 19.61 -0.93 3.89
CA VAL A 131 19.13 -2.04 3.08
C VAL A 131 18.86 -3.25 3.99
N GLU A 132 19.36 -3.16 5.21
CA GLU A 132 19.19 -4.23 6.17
C GLU A 132 17.71 -4.39 6.53
N HIS A 133 17.19 -3.38 7.20
CA HIS A 133 15.80 -3.38 7.61
C HIS A 133 15.02 -2.34 6.81
N TYR A 134 15.25 -2.34 5.51
CA TYR A 134 14.59 -1.40 4.63
C TYR A 134 13.16 -1.85 4.32
N LEU A 135 13.01 -3.16 4.16
CA LEU A 135 11.71 -3.73 3.86
C LEU A 135 10.83 -3.66 5.11
N THR A 136 11.48 -3.55 6.25
CA THR A 136 10.77 -3.47 7.52
C THR A 136 10.40 -2.01 7.83
N ARG A 137 11.37 -1.13 7.63
CA ARG A 137 11.16 0.28 7.89
C ARG A 137 10.27 0.89 6.79
N TRP A 138 10.66 0.65 5.56
CA TRP A 138 9.93 1.16 4.41
C TRP A 138 8.44 0.87 4.65
N ILE A 139 8.15 -0.42 4.82
CA ILE A 139 6.79 -0.85 5.04
C ILE A 139 6.25 -0.20 6.32
N SER A 140 7.00 -0.39 7.39
CA SER A 140 6.61 0.17 8.68
C SER A 140 6.41 1.68 8.55
N LEU A 141 6.90 2.23 7.45
CA LEU A 141 6.77 3.65 7.19
C LEU A 141 5.48 3.90 6.41
N TYR A 142 5.52 3.55 5.13
CA TYR A 142 4.38 3.74 4.27
C TYR A 142 3.10 3.22 4.94
N ILE A 143 3.23 2.07 5.58
CA ILE A 143 2.10 1.46 6.25
C ILE A 143 1.42 2.50 7.15
N ARG A 144 2.25 3.34 7.75
CA ARG A 144 1.74 4.39 8.63
C ARG A 144 0.78 5.30 7.88
N ILE A 145 1.05 5.46 6.58
CA ILE A 145 0.22 6.30 5.74
C ILE A 145 -1.17 5.67 5.61
N PHE A 146 -1.27 4.44 6.08
CA PHE A 146 -2.53 3.72 6.03
C PHE A 146 -3.10 3.50 7.43
N ASP A 147 -2.20 3.21 8.36
CA ASP A 147 -2.60 2.98 9.74
C ASP A 147 -1.49 3.45 10.68
N LEU A 148 -1.76 4.57 11.35
CA LEU A 148 -0.80 5.14 12.27
C LEU A 148 -0.92 4.45 13.63
N ASN A 149 -1.80 3.46 13.67
CA ASN A 149 -2.03 2.71 14.90
C ASN A 149 -1.30 1.36 14.81
N PHE A 150 -0.80 1.07 13.62
CA PHE A 150 -0.09 -0.17 13.39
C PHE A 150 1.40 0.10 13.12
N VAL A 151 2.21 -0.19 14.12
CA VAL A 151 3.64 0.02 14.01
C VAL A 151 4.35 -1.33 14.11
N PRO A 152 4.80 -1.83 12.93
CA PRO A 152 5.50 -3.11 12.86
C PRO A 152 6.92 -2.98 13.38
N SER A 5 19.00 4.50 -2.08
CA SER A 5 18.19 3.40 -2.58
C SER A 5 18.99 2.60 -3.61
N MET A 6 19.68 1.57 -3.12
CA MET A 6 20.48 0.71 -3.97
C MET A 6 19.91 -0.70 -4.02
N LEU A 7 19.09 -1.01 -3.02
CA LEU A 7 18.49 -2.33 -2.93
C LEU A 7 17.84 -2.68 -4.27
N THR A 8 18.41 -3.69 -4.92
CA THR A 8 17.90 -4.13 -6.20
C THR A 8 16.57 -4.86 -6.02
N LEU A 9 16.20 -5.61 -7.05
CA LEU A 9 14.95 -6.36 -7.02
C LEU A 9 15.13 -7.59 -6.13
N PRO A 10 16.28 -8.29 -6.33
CA PRO A 10 16.58 -9.48 -5.55
C PRO A 10 17.00 -9.11 -4.13
N GLU A 11 17.16 -7.82 -3.91
CA GLU A 11 17.56 -7.33 -2.60
C GLU A 11 16.33 -7.07 -1.73
N TYR A 12 15.29 -6.55 -2.36
CA TYR A 12 14.05 -6.25 -1.66
C TYR A 12 13.23 -7.53 -1.44
N ASN A 13 13.36 -8.45 -2.39
CA ASN A 13 12.63 -9.70 -2.31
C ASN A 13 13.20 -10.54 -1.16
N GLU A 14 14.41 -10.20 -0.77
CA GLU A 14 15.08 -10.91 0.31
C GLU A 14 14.39 -10.62 1.64
N GLN A 15 13.75 -9.46 1.69
CA GLN A 15 13.04 -9.05 2.90
C GLN A 15 11.54 -8.91 2.61
N ILE A 16 11.10 -9.60 1.57
CA ILE A 16 9.71 -9.55 1.18
C ILE A 16 8.86 -10.25 2.25
N PRO A 17 9.35 -11.44 2.69
CA PRO A 17 8.66 -12.21 3.72
C PRO A 17 8.85 -11.59 5.10
N ASN A 18 9.59 -10.48 5.12
CA ASN A 18 9.86 -9.78 6.35
C ASN A 18 8.75 -8.75 6.60
N VAL A 19 8.23 -8.22 5.51
CA VAL A 19 7.17 -7.23 5.59
C VAL A 19 5.84 -7.93 5.88
N ARG A 20 5.54 -8.93 5.07
CA ARG A 20 4.31 -9.68 5.22
C ARG A 20 4.30 -10.41 6.56
N SER A 21 5.49 -10.55 7.14
CA SER A 21 5.64 -11.21 8.42
C SER A 21 5.21 -10.29 9.55
N LEU A 22 5.59 -9.02 9.42
CA LEU A 22 5.26 -8.03 10.42
C LEU A 22 3.84 -7.49 10.14
N LEU A 23 3.45 -7.58 8.88
CA LEU A 23 2.14 -7.12 8.47
C LEU A 23 1.06 -7.95 9.18
N THR A 24 1.45 -9.16 9.56
CA THR A 24 0.53 -10.05 10.24
C THR A 24 -0.07 -9.37 11.47
N LYS A 25 0.65 -8.39 11.97
CA LYS A 25 0.20 -7.64 13.14
C LYS A 25 -1.04 -6.83 12.77
N TRP A 26 -1.06 -6.38 11.52
CA TRP A 26 -2.17 -5.59 11.03
C TRP A 26 -3.46 -6.38 11.28
N ALA A 27 -4.39 -5.73 11.97
CA ALA A 27 -5.66 -6.35 12.28
C ALA A 27 -6.68 -5.99 11.20
N LYS A 28 -6.31 -5.02 10.38
CA LYS A 28 -7.18 -4.57 9.31
C LYS A 28 -7.06 -5.54 8.13
N VAL A 29 -5.91 -6.19 8.05
CA VAL A 29 -5.68 -7.14 6.98
C VAL A 29 -6.57 -8.36 7.17
N GLU A 30 -7.32 -8.69 6.12
CA GLU A 30 -8.21 -9.83 6.16
C GLU A 30 -7.66 -10.97 5.32
N ARG A 31 -7.01 -10.60 4.22
CA ARG A 31 -6.43 -11.58 3.32
C ARG A 31 -4.93 -11.30 3.13
N ILE A 32 -4.15 -12.37 3.22
CA ILE A 32 -2.71 -12.25 3.06
C ILE A 32 -2.26 -13.14 1.90
N GLN A 33 -1.95 -12.49 0.78
CA GLN A 33 -1.51 -13.22 -0.39
C GLN A 33 -0.27 -12.55 -0.99
N ASP A 34 0.61 -13.38 -1.53
CA ASP A 34 1.84 -12.88 -2.14
C ASP A 34 1.76 -13.03 -3.66
N VAL A 35 2.55 -12.23 -4.34
CA VAL A 35 2.58 -12.26 -5.80
C VAL A 35 4.03 -12.27 -6.28
N GLN A 36 4.21 -12.70 -7.52
CA GLN A 36 5.53 -12.76 -8.11
C GLN A 36 6.18 -11.38 -8.09
N ASP A 37 6.90 -11.11 -7.00
CA ASP A 37 7.58 -9.84 -6.85
C ASP A 37 6.58 -8.80 -6.36
N GLY A 38 5.95 -9.11 -5.24
CA GLY A 38 4.97 -8.21 -4.65
C GLY A 38 4.11 -8.94 -3.62
N LEU A 39 3.05 -8.25 -3.19
CA LEU A 39 2.15 -8.82 -2.20
C LEU A 39 0.79 -8.11 -2.29
N GLN A 40 -0.26 -8.90 -2.17
CA GLN A 40 -1.61 -8.36 -2.25
C GLN A 40 -2.38 -8.69 -0.96
N LEU A 41 -2.68 -7.64 -0.22
CA LEU A 41 -3.41 -7.79 1.03
C LEU A 41 -4.73 -7.03 0.94
N ASP A 42 -5.74 -7.56 1.62
CA ASP A 42 -7.05 -6.94 1.63
C ASP A 42 -7.32 -6.33 3.01
N VAL A 43 -7.02 -5.05 3.11
CA VAL A 43 -7.22 -4.33 4.37
C VAL A 43 -8.64 -3.76 4.41
N ARG A 44 -9.33 -4.07 5.50
CA ARG A 44 -10.69 -3.61 5.67
C ARG A 44 -10.70 -2.24 6.38
N LEU A 45 -10.44 -1.20 5.60
CA LEU A 45 -10.41 0.15 6.13
C LEU A 45 -11.77 0.46 6.76
N LYS A 46 -12.81 -0.12 6.19
CA LYS A 46 -14.16 0.09 6.68
C LYS A 46 -15.00 -1.16 6.41
N THR A 47 -16.03 -1.33 7.23
CA THR A 47 -16.92 -2.47 7.08
C THR A 47 -17.56 -2.48 5.71
N ASP A 48 -17.47 -1.34 5.03
CA ASP A 48 -18.04 -1.20 3.71
C ASP A 48 -16.97 -0.66 2.75
N THR A 49 -15.73 -0.72 3.20
CA THR A 49 -14.61 -0.24 2.40
C THR A 49 -13.46 -1.24 2.45
N LEU A 50 -12.86 -1.47 1.29
CA LEU A 50 -11.74 -2.39 1.19
C LEU A 50 -10.58 -1.70 0.45
N LEU A 51 -9.40 -1.83 1.02
CA LEU A 51 -8.21 -1.23 0.42
C LEU A 51 -7.30 -2.35 -0.10
N GLU A 52 -7.24 -2.44 -1.42
CA GLU A 52 -6.41 -3.45 -2.06
C GLU A 52 -4.98 -2.93 -2.25
N LEU A 53 -4.13 -3.27 -1.30
CA LEU A 53 -2.75 -2.85 -1.35
C LEU A 53 -1.93 -3.88 -2.14
N HIS A 54 -1.14 -3.37 -3.07
CA HIS A 54 -0.30 -4.22 -3.90
C HIS A 54 1.11 -3.64 -3.98
N ILE A 55 2.04 -4.36 -3.37
CA ILE A 55 3.43 -3.93 -3.36
C ILE A 55 4.12 -4.42 -4.63
N TYR A 56 4.80 -3.51 -5.29
CA TYR A 56 5.50 -3.83 -6.52
C TYR A 56 6.80 -3.04 -6.63
N TYR A 57 7.89 -3.76 -6.88
CA TYR A 57 9.20 -3.14 -7.02
C TYR A 57 9.30 -2.35 -8.32
N ASP A 58 10.11 -1.30 -8.28
CA ASP A 58 10.30 -0.45 -9.45
C ASP A 58 11.80 -0.32 -9.73
N HIS A 59 12.16 -0.62 -10.96
CA HIS A 59 13.55 -0.55 -11.38
C HIS A 59 13.90 0.90 -11.73
N VAL A 60 12.93 1.78 -11.52
CA VAL A 60 13.12 3.19 -11.80
C VAL A 60 14.14 3.77 -10.83
N TYR A 61 13.95 3.46 -9.56
CA TYR A 61 14.85 3.94 -8.53
C TYR A 61 15.46 2.78 -7.73
N HIS A 62 15.10 1.57 -8.17
CA HIS A 62 15.60 0.37 -7.50
C HIS A 62 15.06 0.31 -6.07
N VAL A 63 13.76 0.54 -5.96
CA VAL A 63 13.11 0.51 -4.66
C VAL A 63 11.68 0.01 -4.82
N PRO A 64 11.07 -0.38 -3.66
CA PRO A 64 9.70 -0.87 -3.67
C PRO A 64 8.71 0.28 -3.84
N SER A 65 7.58 -0.05 -4.45
CA SER A 65 6.54 0.94 -4.69
C SER A 65 5.28 0.59 -3.90
N ILE A 66 4.33 1.50 -3.91
CA ILE A 66 3.08 1.28 -3.21
C ILE A 66 1.91 1.75 -4.09
N LYS A 67 0.95 0.86 -4.26
CA LYS A 67 -0.21 1.17 -5.08
C LYS A 67 -1.44 0.48 -4.47
N PHE A 68 -2.40 1.30 -4.08
CA PHE A 68 -3.63 0.80 -3.50
C PHE A 68 -4.86 1.39 -4.18
N ARG A 69 -6.00 0.73 -3.97
CA ARG A 69 -7.25 1.19 -4.55
C ARG A 69 -8.39 1.03 -3.55
N LEU A 70 -9.04 2.16 -3.26
CA LEU A 70 -10.14 2.17 -2.33
C LEU A 70 -11.34 1.43 -2.95
N TRP A 71 -12.00 0.64 -2.12
CA TRP A 71 -13.15 -0.13 -2.57
C TRP A 71 -14.32 0.16 -1.62
N SER A 72 -15.51 -0.17 -2.09
CA SER A 72 -16.70 0.05 -1.29
C SER A 72 -17.59 -1.20 -1.32
N LEU A 73 -17.46 -2.00 -0.28
CA LEU A 73 -18.24 -3.23 -0.18
C LEU A 73 -19.71 -2.88 0.04
N ASP A 74 -20.55 -3.42 -0.83
CA ASP A 74 -21.98 -3.17 -0.75
C ASP A 74 -22.72 -4.49 -0.62
N THR A 75 -23.33 -4.69 0.54
CA THR A 75 -24.06 -5.91 0.80
C THR A 75 -25.57 -5.64 0.75
N GLU A 76 -25.93 -4.67 -0.07
CA GLU A 76 -27.34 -4.30 -0.22
C GLU A 76 -28.20 -5.56 -0.32
N GLU A 77 -27.72 -6.52 -1.10
CA GLU A 77 -28.44 -7.77 -1.28
C GLU A 77 -27.79 -8.88 -0.45
N ASP A 78 -26.57 -8.61 0.01
CA ASP A 78 -25.84 -9.57 0.82
C ASP A 78 -25.17 -10.59 -0.10
N ILE A 79 -24.50 -10.07 -1.12
CA ILE A 79 -23.82 -10.93 -2.08
C ILE A 79 -22.30 -10.70 -1.97
N SER A 80 -21.93 -9.85 -1.04
CA SER A 80 -20.53 -9.53 -0.82
C SER A 80 -19.98 -8.77 -2.02
N SER A 81 -20.75 -7.80 -2.47
CA SER A 81 -20.34 -6.98 -3.61
C SER A 81 -19.40 -5.87 -3.16
N LEU A 82 -18.89 -5.14 -4.13
CA LEU A 82 -17.97 -4.05 -3.85
C LEU A 82 -17.81 -3.18 -5.10
N ARG A 83 -17.28 -1.99 -4.89
CA ARG A 83 -17.06 -1.06 -5.98
C ARG A 83 -15.93 -0.08 -5.64
N LEU A 84 -15.12 0.21 -6.64
CA LEU A 84 -14.00 1.12 -6.46
C LEU A 84 -14.53 2.48 -5.98
N LEU A 85 -13.81 3.05 -5.02
CA LEU A 85 -14.19 4.33 -4.47
C LEU A 85 -13.26 5.42 -5.03
N THR A 86 -13.78 6.65 -5.05
CA THR A 86 -13.02 7.77 -5.55
C THR A 86 -13.42 9.06 -4.82
N LEU A 87 -12.44 9.66 -4.16
CA LEU A 87 -12.69 10.89 -3.42
C LEU A 87 -11.46 11.79 -3.54
N SER A 88 -11.66 13.06 -3.19
CA SER A 88 -10.59 14.04 -3.25
C SER A 88 -9.41 13.56 -2.39
N ASP A 89 -8.44 14.45 -2.24
CA ASP A 89 -7.27 14.15 -1.45
C ASP A 89 -7.61 14.21 0.04
N SER A 90 -8.30 15.28 0.41
CA SER A 90 -8.70 15.47 1.80
C SER A 90 -9.72 14.41 2.19
N GLU A 91 -10.55 14.03 1.22
CA GLU A 91 -11.57 13.03 1.46
C GLU A 91 -10.93 11.66 1.66
N LEU A 92 -9.85 11.43 0.92
CA LEU A 92 -9.13 10.17 0.99
C LEU A 92 -8.37 10.10 2.31
N ARG A 93 -7.59 11.15 2.55
CA ARG A 93 -6.79 11.22 3.76
C ARG A 93 -7.65 10.90 4.98
N SER A 94 -8.95 11.12 4.83
CA SER A 94 -9.88 10.85 5.91
C SER A 94 -9.58 9.50 6.55
N ILE A 95 -8.97 8.63 5.76
CA ILE A 95 -8.61 7.30 6.24
C ILE A 95 -7.09 7.15 6.21
N LEU A 96 -6.50 7.62 5.13
CA LEU A 96 -5.06 7.54 4.96
C LEU A 96 -4.39 8.59 5.86
N ASN A 97 -3.06 8.60 5.81
CA ASN A 97 -2.29 9.54 6.60
C ASN A 97 -1.11 10.05 5.78
N LEU A 98 -1.31 11.20 5.16
CA LEU A 98 -0.27 11.80 4.34
C LEU A 98 0.53 12.79 5.19
N GLY A 99 -0.18 13.77 5.73
CA GLY A 99 0.45 14.78 6.56
C GLY A 99 1.48 15.57 5.75
N THR A 100 2.66 15.00 5.63
CA THR A 100 3.74 15.65 4.90
C THR A 100 4.07 14.85 3.65
N PHE A 101 3.69 13.58 3.66
CA PHE A 101 3.94 12.70 2.52
C PHE A 101 3.22 13.21 1.27
N SER A 102 3.26 12.38 0.24
CA SER A 102 2.61 12.73 -1.02
C SER A 102 2.08 11.47 -1.70
N VAL A 103 1.28 11.70 -2.74
CA VAL A 103 0.69 10.59 -3.48
C VAL A 103 0.40 11.05 -4.90
N THR A 104 0.03 10.08 -5.74
CA THR A 104 -0.27 10.36 -7.13
C THR A 104 -1.38 9.43 -7.63
N LEU A 105 -2.54 10.03 -7.86
CA LEU A 105 -3.69 9.26 -8.34
C LEU A 105 -3.81 9.44 -9.86
N SER A 106 -3.78 8.31 -10.55
CA SER A 106 -3.88 8.32 -12.00
C SER A 106 -5.17 7.62 -12.44
N THR A 107 -5.89 8.28 -13.34
CA THR A 107 -7.13 7.73 -13.85
C THR A 107 -7.03 7.45 -15.35
N ASP A 108 -7.81 6.47 -15.79
CA ASP A 108 -7.81 6.10 -17.19
C ASP A 108 -8.86 6.92 -17.94
N MET A 109 -8.77 6.88 -19.26
CA MET A 109 -9.71 7.61 -20.10
C MET A 109 -11.14 7.12 -19.89
N GLU A 110 -11.24 5.97 -19.23
CA GLU A 110 -12.54 5.39 -18.95
C GLU A 110 -13.04 5.83 -17.58
N MET A 111 -12.13 6.36 -16.79
CA MET A 111 -12.46 6.83 -15.46
C MET A 111 -13.08 5.70 -14.63
N LYS A 112 -12.80 4.47 -15.03
CA LYS A 112 -13.32 3.31 -14.33
C LYS A 112 -12.24 2.75 -13.41
N SER A 113 -11.01 2.77 -13.90
CA SER A 113 -9.88 2.27 -13.12
C SER A 113 -9.03 3.44 -12.62
N VAL A 114 -8.80 3.43 -11.31
CA VAL A 114 -8.01 4.47 -10.69
C VAL A 114 -7.17 3.87 -9.57
N TYR A 115 -5.94 4.37 -9.46
CA TYR A 115 -5.03 3.89 -8.43
C TYR A 115 -4.36 5.05 -7.70
N TYR A 116 -4.02 4.80 -6.44
CA TYR A 116 -3.38 5.82 -5.63
C TYR A 116 -1.90 5.49 -5.39
N TYR A 117 -1.10 5.80 -6.40
CA TYR A 117 0.34 5.54 -6.32
C TYR A 117 1.00 6.47 -5.30
N ILE A 118 1.52 5.85 -4.25
CA ILE A 118 2.18 6.61 -3.20
C ILE A 118 3.59 6.99 -3.66
N ASN A 119 3.98 8.21 -3.32
CA ASN A 119 5.29 8.71 -3.69
C ASN A 119 6.36 7.80 -3.09
N ASN A 120 7.09 7.13 -3.97
CA ASN A 120 8.14 6.23 -3.55
C ASN A 120 9.28 6.26 -4.57
N CYS A 121 9.41 7.41 -5.22
CA CYS A 121 10.46 7.59 -6.22
C CYS A 121 11.78 7.80 -5.50
N ASP A 122 11.75 8.66 -4.51
CA ASP A 122 12.94 8.96 -3.73
C ASP A 122 12.94 8.11 -2.45
N THR A 123 12.57 6.85 -2.62
CA THR A 123 12.52 5.93 -1.49
C THR A 123 13.78 6.07 -0.64
N ASP A 124 14.85 6.52 -1.28
CA ASP A 124 16.11 6.69 -0.60
C ASP A 124 16.00 7.85 0.39
N ALA A 125 15.37 8.92 -0.07
CA ALA A 125 15.19 10.10 0.75
C ALA A 125 13.97 9.89 1.67
N ASN A 126 13.24 8.83 1.38
CA ASN A 126 12.06 8.51 2.17
C ASN A 126 12.49 7.93 3.52
N VAL A 127 13.04 6.72 3.45
CA VAL A 127 13.50 6.04 4.66
C VAL A 127 15.03 6.13 4.73
N GLY A 128 15.66 5.75 3.63
CA GLY A 128 17.11 5.78 3.56
C GLY A 128 17.73 5.38 4.89
N SER A 129 17.24 4.26 5.43
CA SER A 129 17.73 3.77 6.70
C SER A 129 18.88 2.77 6.46
N ASP A 130 18.49 1.58 6.03
CA ASP A 130 19.46 0.54 5.75
C ASP A 130 18.90 -0.40 4.68
N VAL A 131 19.68 -0.56 3.62
CA VAL A 131 19.29 -1.42 2.51
C VAL A 131 18.94 -2.81 3.05
N GLU A 132 19.58 -3.16 4.16
CA GLU A 132 19.35 -4.45 4.77
C GLU A 132 17.94 -4.50 5.36
N HIS A 133 17.74 -3.70 6.40
CA HIS A 133 16.44 -3.65 7.06
C HIS A 133 15.61 -2.51 6.48
N TYR A 134 15.60 -2.43 5.16
CA TYR A 134 14.85 -1.39 4.47
C TYR A 134 13.39 -1.79 4.30
N LEU A 135 13.17 -3.08 4.12
CA LEU A 135 11.83 -3.60 3.95
C LEU A 135 11.05 -3.43 5.25
N THR A 136 11.79 -3.43 6.35
CA THR A 136 11.18 -3.29 7.66
C THR A 136 11.03 -1.81 8.02
N ARG A 137 12.01 -1.02 7.57
CA ARG A 137 12.00 0.41 7.83
C ARG A 137 11.17 1.14 6.76
N TRP A 138 10.92 0.43 5.67
CA TRP A 138 10.14 0.99 4.58
C TRP A 138 8.67 0.72 4.87
N ILE A 139 8.38 -0.51 5.23
CA ILE A 139 7.01 -0.90 5.54
C ILE A 139 6.45 -0.01 6.64
N SER A 140 7.25 0.16 7.68
CA SER A 140 6.86 0.99 8.81
C SER A 140 6.93 2.46 8.41
N LEU A 141 7.33 2.69 7.17
CA LEU A 141 7.44 4.05 6.67
C LEU A 141 6.17 4.40 5.89
N TYR A 142 5.71 3.44 5.11
CA TYR A 142 4.51 3.63 4.31
C TYR A 142 3.26 3.13 5.05
N ILE A 143 3.38 1.93 5.59
CA ILE A 143 2.28 1.34 6.32
C ILE A 143 1.66 2.38 7.26
N ARG A 144 2.49 3.34 7.65
CA ARG A 144 2.05 4.40 8.53
C ARG A 144 0.97 5.25 7.85
N ILE A 145 1.22 5.56 6.58
CA ILE A 145 0.28 6.35 5.81
C ILE A 145 -1.07 5.66 5.79
N PHE A 146 -1.06 4.40 6.17
CA PHE A 146 -2.29 3.61 6.20
C PHE A 146 -2.75 3.37 7.64
N ASP A 147 -1.78 3.22 8.53
CA ASP A 147 -2.07 3.00 9.93
C ASP A 147 -0.97 3.62 10.78
N LEU A 148 -1.32 4.71 11.46
CA LEU A 148 -0.36 5.40 12.30
C LEU A 148 -0.40 4.79 13.70
N ASN A 149 -1.20 3.74 13.83
CA ASN A 149 -1.34 3.06 15.12
C ASN A 149 -0.65 1.70 15.03
N PHE A 150 -0.39 1.27 13.81
CA PHE A 150 0.26 0.00 13.58
C PHE A 150 1.78 0.10 13.80
N VAL A 151 2.22 -0.53 14.89
CA VAL A 151 3.63 -0.51 15.23
C VAL A 151 4.23 -1.89 14.94
N PRO A 152 5.20 -1.91 13.98
CA PRO A 152 5.86 -3.15 13.60
C PRO A 152 6.87 -3.57 14.67
N SER A 5 17.69 3.03 -1.96
CA SER A 5 19.08 2.88 -1.61
C SER A 5 19.71 1.77 -2.45
N MET A 6 19.81 2.04 -3.75
CA MET A 6 20.39 1.08 -4.67
C MET A 6 19.82 -0.32 -4.42
N LEU A 7 18.64 -0.36 -3.83
CA LEU A 7 17.99 -1.62 -3.54
C LEU A 7 17.55 -2.28 -4.85
N THR A 8 18.16 -3.41 -5.13
CA THR A 8 17.85 -4.15 -6.35
C THR A 8 16.56 -4.96 -6.18
N LEU A 9 16.27 -5.77 -7.17
CA LEU A 9 15.08 -6.60 -7.13
C LEU A 9 15.30 -7.78 -6.19
N PRO A 10 16.50 -8.42 -6.34
CA PRO A 10 16.84 -9.56 -5.50
C PRO A 10 17.22 -9.11 -4.09
N GLU A 11 17.33 -7.80 -3.93
CA GLU A 11 17.68 -7.23 -2.63
C GLU A 11 16.42 -6.98 -1.81
N TYR A 12 15.38 -6.53 -2.49
CA TYR A 12 14.11 -6.25 -1.82
C TYR A 12 13.26 -7.51 -1.74
N ASN A 13 13.36 -8.33 -2.77
CA ASN A 13 12.59 -9.57 -2.83
C ASN A 13 13.06 -10.50 -1.70
N GLU A 14 14.24 -10.20 -1.17
CA GLU A 14 14.79 -10.99 -0.09
C GLU A 14 14.05 -10.70 1.21
N GLN A 15 13.51 -9.49 1.30
CA GLN A 15 12.78 -9.07 2.48
C GLN A 15 11.28 -8.97 2.18
N ILE A 16 10.91 -9.52 1.03
CA ILE A 16 9.52 -9.50 0.61
C ILE A 16 8.67 -10.25 1.63
N PRO A 17 9.17 -11.45 2.03
CA PRO A 17 8.47 -12.27 3.01
C PRO A 17 8.63 -11.71 4.42
N ASN A 18 9.35 -10.61 4.50
CA ASN A 18 9.59 -9.95 5.77
C ASN A 18 8.53 -8.87 6.00
N VAL A 19 8.13 -8.25 4.90
CA VAL A 19 7.12 -7.20 4.96
C VAL A 19 5.74 -7.84 5.17
N ARG A 20 5.53 -8.96 4.48
CA ARG A 20 4.27 -9.66 4.57
C ARG A 20 4.16 -10.38 5.92
N SER A 21 5.32 -10.58 6.54
CA SER A 21 5.37 -11.25 7.82
C SER A 21 4.83 -10.33 8.92
N LEU A 22 5.29 -9.08 8.89
CA LEU A 22 4.86 -8.10 9.87
C LEU A 22 3.44 -7.66 9.55
N LEU A 23 3.09 -7.76 8.28
CA LEU A 23 1.77 -7.38 7.82
C LEU A 23 0.71 -8.20 8.57
N THR A 24 1.10 -9.42 8.91
CA THR A 24 0.22 -10.32 9.63
C THR A 24 -0.17 -9.72 10.98
N LYS A 25 0.57 -8.69 11.37
CA LYS A 25 0.32 -8.02 12.64
C LYS A 25 -0.82 -7.01 12.46
N TRP A 26 -1.00 -6.58 11.22
CA TRP A 26 -2.03 -5.62 10.91
C TRP A 26 -3.38 -6.24 11.28
N ALA A 27 -4.16 -5.50 12.05
CA ALA A 27 -5.47 -5.97 12.48
C ALA A 27 -6.51 -5.58 11.42
N LYS A 28 -6.11 -4.67 10.55
CA LYS A 28 -6.99 -4.21 9.50
C LYS A 28 -6.89 -5.16 8.30
N VAL A 29 -5.74 -5.81 8.19
CA VAL A 29 -5.51 -6.75 7.11
C VAL A 29 -6.39 -7.98 7.30
N GLU A 30 -7.33 -8.13 6.39
CA GLU A 30 -8.25 -9.25 6.44
C GLU A 30 -7.67 -10.44 5.67
N ARG A 31 -7.07 -10.15 4.53
CA ARG A 31 -6.47 -11.17 3.70
C ARG A 31 -5.00 -10.86 3.43
N ILE A 32 -4.26 -11.90 3.13
CA ILE A 32 -2.83 -11.75 2.84
C ILE A 32 -2.44 -12.67 1.69
N GLN A 33 -2.16 -12.07 0.55
CA GLN A 33 -1.78 -12.82 -0.63
C GLN A 33 -0.47 -12.28 -1.21
N ASP A 34 0.17 -13.10 -2.02
CA ASP A 34 1.42 -12.71 -2.65
C ASP A 34 1.24 -12.70 -4.17
N VAL A 35 2.17 -12.01 -4.83
CA VAL A 35 2.13 -11.92 -6.28
C VAL A 35 3.55 -12.05 -6.83
N GLN A 36 3.65 -11.98 -8.16
CA GLN A 36 4.93 -12.09 -8.82
C GLN A 36 5.71 -10.77 -8.69
N ASP A 37 6.54 -10.73 -7.65
CA ASP A 37 7.35 -9.54 -7.40
C ASP A 37 6.49 -8.49 -6.68
N GLY A 38 5.76 -8.96 -5.68
CA GLY A 38 4.90 -8.08 -4.91
C GLY A 38 3.99 -8.88 -3.97
N LEU A 39 3.06 -8.17 -3.36
CA LEU A 39 2.12 -8.80 -2.44
C LEU A 39 0.80 -8.04 -2.47
N GLN A 40 -0.28 -8.76 -2.22
CA GLN A 40 -1.60 -8.17 -2.22
C GLN A 40 -2.32 -8.50 -0.90
N LEU A 41 -2.60 -7.44 -0.15
CA LEU A 41 -3.29 -7.60 1.13
C LEU A 41 -4.59 -6.79 1.10
N ASP A 42 -5.59 -7.33 1.80
CA ASP A 42 -6.88 -6.68 1.86
C ASP A 42 -6.97 -5.85 3.15
N VAL A 43 -6.66 -4.57 3.02
CA VAL A 43 -6.69 -3.67 4.16
C VAL A 43 -8.13 -3.18 4.38
N ARG A 44 -8.74 -3.71 5.42
CA ARG A 44 -10.11 -3.35 5.74
C ARG A 44 -10.15 -1.97 6.40
N LEU A 45 -10.10 -0.94 5.56
CA LEU A 45 -10.12 0.42 6.05
C LEU A 45 -11.39 0.65 6.87
N LYS A 46 -12.42 -0.11 6.52
CA LYS A 46 -13.70 -0.01 7.21
C LYS A 46 -14.43 -1.34 7.11
N THR A 47 -15.44 -1.49 7.96
CA THR A 47 -16.23 -2.71 7.98
C THR A 47 -16.97 -2.88 6.66
N ASP A 48 -16.96 -1.82 5.86
CA ASP A 48 -17.61 -1.85 4.58
C ASP A 48 -16.70 -1.22 3.52
N THR A 49 -15.46 -1.00 3.93
CA THR A 49 -14.47 -0.41 3.04
C THR A 49 -13.26 -1.33 2.91
N LEU A 50 -12.91 -1.64 1.67
CA LEU A 50 -11.77 -2.50 1.39
C LEU A 50 -10.67 -1.69 0.70
N LEU A 51 -9.46 -1.87 1.18
CA LEU A 51 -8.32 -1.17 0.61
C LEU A 51 -7.25 -2.18 0.21
N GLU A 52 -7.12 -2.37 -1.09
CA GLU A 52 -6.15 -3.31 -1.63
C GLU A 52 -4.77 -2.65 -1.70
N LEU A 53 -3.86 -3.14 -0.88
CA LEU A 53 -2.52 -2.61 -0.84
C LEU A 53 -1.61 -3.48 -1.71
N HIS A 54 -0.99 -2.84 -2.69
CA HIS A 54 -0.09 -3.54 -3.60
C HIS A 54 1.35 -3.09 -3.35
N ILE A 55 2.25 -4.08 -3.34
CA ILE A 55 3.65 -3.80 -3.11
C ILE A 55 4.47 -4.32 -4.30
N TYR A 56 5.21 -3.41 -4.92
CA TYR A 56 6.04 -3.76 -6.06
C TYR A 56 7.36 -3.00 -6.03
N TYR A 57 8.22 -3.35 -6.97
CA TYR A 57 9.53 -2.72 -7.06
C TYR A 57 9.57 -1.74 -8.23
N ASP A 58 10.32 -0.66 -8.04
CA ASP A 58 10.47 0.35 -9.07
C ASP A 58 11.91 0.39 -9.55
N HIS A 59 12.10 -0.03 -10.79
CA HIS A 59 13.43 -0.04 -11.39
C HIS A 59 13.79 1.36 -11.89
N VAL A 60 12.89 2.29 -11.62
CA VAL A 60 13.10 3.68 -12.03
C VAL A 60 14.00 4.38 -11.01
N TYR A 61 13.79 4.03 -9.74
CA TYR A 61 14.57 4.62 -8.67
C TYR A 61 15.28 3.53 -7.86
N HIS A 62 15.03 2.29 -8.24
CA HIS A 62 15.64 1.16 -7.56
C HIS A 62 15.15 1.12 -6.11
N VAL A 63 13.84 1.19 -5.94
CA VAL A 63 13.25 1.17 -4.63
C VAL A 63 11.82 0.62 -4.72
N PRO A 64 11.28 0.21 -3.54
CA PRO A 64 9.94 -0.33 -3.47
C PRO A 64 8.89 0.78 -3.62
N SER A 65 7.68 0.36 -3.98
CA SER A 65 6.59 1.30 -4.16
C SER A 65 5.31 0.74 -3.53
N ILE A 66 4.31 1.60 -3.43
CA ILE A 66 3.03 1.20 -2.85
C ILE A 66 1.90 1.78 -3.70
N LYS A 67 0.95 0.92 -4.03
CA LYS A 67 -0.19 1.32 -4.83
C LYS A 67 -1.43 0.57 -4.35
N PHE A 68 -2.51 1.32 -4.21
CA PHE A 68 -3.78 0.73 -3.76
C PHE A 68 -4.97 1.47 -4.37
N ARG A 69 -6.11 0.80 -4.37
CA ARG A 69 -7.32 1.38 -4.91
C ARG A 69 -8.49 1.19 -3.94
N LEU A 70 -8.95 2.30 -3.39
CA LEU A 70 -10.05 2.27 -2.45
C LEU A 70 -11.23 1.51 -3.07
N TRP A 71 -11.90 0.73 -2.23
CA TRP A 71 -13.04 -0.05 -2.68
C TRP A 71 -14.24 0.31 -1.80
N SER A 72 -15.42 0.00 -2.31
CA SER A 72 -16.64 0.29 -1.58
C SER A 72 -17.53 -0.95 -1.55
N LEU A 73 -17.45 -1.67 -0.46
CA LEU A 73 -18.24 -2.88 -0.28
C LEU A 73 -19.73 -2.50 -0.16
N ASP A 74 -20.53 -3.11 -1.03
CA ASP A 74 -21.96 -2.84 -1.03
C ASP A 74 -22.71 -4.16 -0.82
N THR A 75 -23.36 -4.26 0.32
CA THR A 75 -24.13 -5.45 0.66
C THR A 75 -25.63 -5.17 0.58
N GLU A 76 -25.98 -4.31 -0.37
CA GLU A 76 -27.38 -3.94 -0.56
C GLU A 76 -28.26 -5.19 -0.49
N GLU A 77 -27.81 -6.24 -1.17
CA GLU A 77 -28.55 -7.48 -1.19
C GLU A 77 -27.90 -8.51 -0.26
N ASP A 78 -26.69 -8.18 0.16
CA ASP A 78 -25.95 -9.06 1.05
C ASP A 78 -25.28 -10.16 0.23
N ILE A 79 -24.55 -9.72 -0.80
CA ILE A 79 -23.87 -10.66 -1.66
C ILE A 79 -22.35 -10.46 -1.53
N SER A 80 -22.00 -9.53 -0.65
CA SER A 80 -20.59 -9.23 -0.42
C SER A 80 -19.97 -8.60 -1.66
N SER A 81 -20.67 -7.62 -2.22
CA SER A 81 -20.21 -6.94 -3.41
C SER A 81 -19.30 -5.77 -3.02
N LEU A 82 -18.73 -5.14 -4.04
CA LEU A 82 -17.84 -4.02 -3.81
C LEU A 82 -17.59 -3.29 -5.15
N ARG A 83 -17.04 -2.10 -5.04
CA ARG A 83 -16.75 -1.30 -6.21
C ARG A 83 -15.61 -0.32 -5.93
N LEU A 84 -14.74 -0.17 -6.91
CA LEU A 84 -13.61 0.75 -6.78
C LEU A 84 -14.13 2.18 -6.65
N LEU A 85 -13.62 2.88 -5.65
CA LEU A 85 -14.01 4.25 -5.41
C LEU A 85 -12.96 5.20 -6.02
N THR A 86 -13.40 6.41 -6.32
CA THR A 86 -12.51 7.41 -6.89
C THR A 86 -12.84 8.79 -6.32
N LEU A 87 -12.04 9.18 -5.33
CA LEU A 87 -12.23 10.48 -4.70
C LEU A 87 -10.89 11.21 -4.65
N SER A 88 -10.96 12.49 -4.33
CA SER A 88 -9.77 13.31 -4.25
C SER A 88 -8.96 12.95 -3.00
N ASP A 89 -7.99 13.80 -2.69
CA ASP A 89 -7.14 13.58 -1.53
C ASP A 89 -7.95 13.86 -0.26
N SER A 90 -8.52 15.06 -0.20
CA SER A 90 -9.30 15.46 0.94
C SER A 90 -10.15 14.28 1.45
N GLU A 91 -10.51 13.41 0.50
CA GLU A 91 -11.30 12.24 0.84
C GLU A 91 -10.39 11.07 1.21
N LEU A 92 -9.34 10.89 0.42
CA LEU A 92 -8.40 9.82 0.66
C LEU A 92 -7.80 9.97 2.06
N ARG A 93 -7.22 11.14 2.29
CA ARG A 93 -6.61 11.42 3.59
C ARG A 93 -7.62 11.22 4.71
N SER A 94 -8.89 11.19 4.33
CA SER A 94 -9.97 11.00 5.29
C SER A 94 -9.77 9.69 6.04
N ILE A 95 -9.10 8.75 5.38
CA ILE A 95 -8.83 7.45 5.96
C ILE A 95 -7.32 7.22 6.02
N LEU A 96 -6.66 7.63 4.95
CA LEU A 96 -5.22 7.47 4.87
C LEU A 96 -4.53 8.64 5.59
N ASN A 97 -3.28 8.43 5.93
CA ASN A 97 -2.51 9.45 6.63
C ASN A 97 -1.33 9.88 5.74
N LEU A 98 -1.50 11.00 5.06
CA LEU A 98 -0.47 11.51 4.18
C LEU A 98 0.46 12.42 4.98
N GLY A 99 -0.14 13.45 5.58
CA GLY A 99 0.62 14.40 6.37
C GLY A 99 1.62 15.16 5.51
N THR A 100 2.84 14.63 5.48
CA THR A 100 3.91 15.25 4.70
C THR A 100 4.14 14.46 3.41
N PHE A 101 3.60 13.25 3.39
CA PHE A 101 3.75 12.40 2.23
C PHE A 101 2.84 12.86 1.08
N SER A 102 3.03 12.23 -0.07
CA SER A 102 2.24 12.56 -1.24
C SER A 102 1.82 11.28 -1.97
N VAL A 103 0.82 11.43 -2.82
CA VAL A 103 0.32 10.31 -3.60
C VAL A 103 0.03 10.76 -5.03
N THR A 104 -0.06 9.78 -5.92
CA THR A 104 -0.34 10.08 -7.31
C THR A 104 -1.44 9.16 -7.84
N LEU A 105 -2.64 9.72 -7.95
CA LEU A 105 -3.79 8.97 -8.43
C LEU A 105 -3.84 9.07 -9.96
N SER A 106 -3.83 7.91 -10.59
CA SER A 106 -3.88 7.84 -12.05
C SER A 106 -5.14 7.09 -12.49
N THR A 107 -5.85 7.70 -13.42
CA THR A 107 -7.07 7.10 -13.95
C THR A 107 -6.86 6.61 -15.38
N ASP A 108 -7.60 5.57 -15.73
CA ASP A 108 -7.49 4.99 -17.06
C ASP A 108 -8.41 5.76 -18.01
N MET A 109 -8.28 5.43 -19.29
CA MET A 109 -9.09 6.09 -20.31
C MET A 109 -10.56 5.73 -20.15
N GLU A 110 -10.82 4.77 -19.28
CA GLU A 110 -12.18 4.34 -19.01
C GLU A 110 -12.71 4.95 -17.72
N MET A 111 -11.76 5.41 -16.90
CA MET A 111 -12.12 6.03 -15.63
C MET A 111 -12.82 5.02 -14.71
N LYS A 112 -12.67 3.74 -15.05
CA LYS A 112 -13.28 2.69 -14.27
C LYS A 112 -12.24 2.10 -13.32
N SER A 113 -10.98 2.40 -13.61
CA SER A 113 -9.89 1.91 -12.79
C SER A 113 -8.97 3.07 -12.39
N VAL A 114 -8.75 3.18 -11.08
CA VAL A 114 -7.90 4.24 -10.56
C VAL A 114 -7.06 3.68 -9.40
N TYR A 115 -5.77 3.98 -9.46
CA TYR A 115 -4.86 3.52 -8.43
C TYR A 115 -4.22 4.70 -7.70
N TYR A 116 -3.81 4.44 -6.46
CA TYR A 116 -3.19 5.47 -5.64
C TYR A 116 -1.71 5.14 -5.39
N TYR A 117 -0.88 5.47 -6.36
CA TYR A 117 0.55 5.21 -6.25
C TYR A 117 1.19 6.20 -5.28
N ILE A 118 1.60 5.66 -4.12
CA ILE A 118 2.24 6.48 -3.11
C ILE A 118 3.52 7.09 -3.68
N ASN A 119 3.77 8.33 -3.28
CA ASN A 119 4.95 9.03 -3.74
C ASN A 119 6.20 8.27 -3.29
N ASN A 120 6.86 7.64 -4.24
CA ASN A 120 8.06 6.88 -3.95
C ASN A 120 9.11 7.17 -5.04
N CYS A 121 9.95 8.15 -4.75
CA CYS A 121 11.00 8.53 -5.68
C CYS A 121 12.31 8.67 -4.90
N ASP A 122 12.27 9.51 -3.87
CA ASP A 122 13.43 9.73 -3.04
C ASP A 122 13.22 9.09 -1.67
N THR A 123 13.34 7.77 -1.66
CA THR A 123 13.15 7.01 -0.43
C THR A 123 14.45 7.01 0.39
N ASP A 124 15.50 6.50 -0.23
CA ASP A 124 16.79 6.43 0.42
C ASP A 124 17.15 7.80 0.99
N ALA A 125 16.58 8.82 0.38
CA ALA A 125 16.82 10.19 0.82
C ALA A 125 15.81 10.56 1.91
N ASN A 126 14.64 9.92 1.82
CA ASN A 126 13.59 10.17 2.79
C ASN A 126 13.78 9.26 4.00
N VAL A 127 13.56 7.98 3.78
CA VAL A 127 13.70 6.99 4.84
C VAL A 127 15.16 6.97 5.30
N GLY A 128 16.02 6.53 4.40
CA GLY A 128 17.44 6.45 4.69
C GLY A 128 17.79 5.10 5.32
N SER A 129 16.79 4.48 5.90
CA SER A 129 16.98 3.18 6.54
C SER A 129 17.94 2.33 5.72
N ASP A 130 18.80 1.60 6.42
CA ASP A 130 19.78 0.75 5.77
C ASP A 130 19.06 -0.23 4.85
N VAL A 131 19.84 -1.00 4.11
CA VAL A 131 19.30 -1.98 3.19
C VAL A 131 19.00 -3.27 3.96
N GLU A 132 19.44 -3.30 5.21
CA GLU A 132 19.23 -4.47 6.05
C GLU A 132 17.74 -4.68 6.30
N HIS A 133 17.16 -3.74 7.05
CA HIS A 133 15.74 -3.81 7.37
C HIS A 133 15.01 -2.66 6.68
N TYR A 134 15.30 -2.50 5.40
CA TYR A 134 14.68 -1.44 4.62
C TYR A 134 13.24 -1.82 4.25
N LEU A 135 13.06 -3.07 3.86
CA LEU A 135 11.74 -3.56 3.48
C LEU A 135 10.79 -3.39 4.67
N THR A 136 11.37 -3.40 5.86
CA THR A 136 10.59 -3.26 7.07
C THR A 136 10.44 -1.78 7.45
N ARG A 137 11.58 -1.10 7.49
CA ARG A 137 11.59 0.31 7.82
C ARG A 137 10.88 1.13 6.73
N TRP A 138 10.73 0.50 5.58
CA TRP A 138 10.08 1.15 4.45
C TRP A 138 8.57 0.99 4.63
N ILE A 139 8.14 -0.27 4.63
CA ILE A 139 6.72 -0.57 4.78
C ILE A 139 6.21 0.06 6.08
N SER A 140 6.87 -0.28 7.17
CA SER A 140 6.50 0.24 8.47
C SER A 140 6.49 1.77 8.44
N LEU A 141 7.14 2.31 7.43
CA LEU A 141 7.21 3.76 7.27
C LEU A 141 6.05 4.23 6.38
N TYR A 142 5.70 3.38 5.43
CA TYR A 142 4.62 3.70 4.51
C TYR A 142 3.30 3.11 5.00
N ILE A 143 3.39 2.38 6.11
CA ILE A 143 2.21 1.76 6.68
C ILE A 143 1.47 2.77 7.56
N ARG A 144 2.21 3.79 7.97
CA ARG A 144 1.65 4.83 8.81
C ARG A 144 0.62 5.65 8.02
N ILE A 145 0.56 5.38 6.74
CA ILE A 145 -0.36 6.09 5.86
C ILE A 145 -1.70 5.35 5.84
N PHE A 146 -1.69 4.15 6.41
CA PHE A 146 -2.89 3.34 6.45
C PHE A 146 -3.28 3.03 7.90
N ASP A 147 -2.27 2.93 8.75
CA ASP A 147 -2.50 2.64 10.16
C ASP A 147 -1.43 3.33 10.99
N LEU A 148 -1.89 4.18 11.90
CA LEU A 148 -0.97 4.92 12.76
C LEU A 148 -0.89 4.21 14.12
N ASN A 149 -1.57 3.08 14.21
CA ASN A 149 -1.58 2.31 15.43
C ASN A 149 -0.88 0.97 15.18
N PHE A 150 -0.65 0.68 13.91
CA PHE A 150 0.01 -0.55 13.52
C PHE A 150 1.49 -0.52 13.88
N VAL A 151 1.86 -1.36 14.83
CA VAL A 151 3.25 -1.44 15.27
C VAL A 151 3.87 -2.75 14.77
N PRO A 152 4.80 -2.61 13.79
CA PRO A 152 5.48 -3.75 13.22
C PRO A 152 6.53 -4.31 14.18
N SER A 5 18.91 5.05 -3.55
CA SER A 5 18.78 3.68 -3.07
C SER A 5 19.30 2.70 -4.12
N MET A 6 19.76 1.55 -3.64
CA MET A 6 20.29 0.53 -4.52
C MET A 6 19.48 -0.77 -4.41
N LEU A 7 18.59 -0.78 -3.44
CA LEU A 7 17.75 -1.95 -3.21
C LEU A 7 17.09 -2.36 -4.53
N THR A 8 17.64 -3.40 -5.13
CA THR A 8 17.13 -3.90 -6.39
C THR A 8 15.82 -4.68 -6.16
N LEU A 9 15.43 -5.41 -7.19
CA LEU A 9 14.21 -6.20 -7.11
C LEU A 9 14.47 -7.46 -6.28
N PRO A 10 15.61 -8.11 -6.57
CA PRO A 10 15.99 -9.32 -5.86
C PRO A 10 16.50 -9.00 -4.45
N GLU A 11 16.70 -7.71 -4.22
CA GLU A 11 17.18 -7.25 -2.93
C GLU A 11 16.01 -6.98 -1.99
N TYR A 12 14.94 -6.44 -2.57
CA TYR A 12 13.75 -6.12 -1.79
C TYR A 12 12.82 -7.32 -1.72
N ASN A 13 13.01 -8.25 -2.65
CA ASN A 13 12.19 -9.45 -2.70
C ASN A 13 12.68 -10.44 -1.64
N GLU A 14 13.87 -10.16 -1.14
CA GLU A 14 14.46 -11.02 -0.11
C GLU A 14 13.80 -10.77 1.24
N GLN A 15 13.38 -9.53 1.44
CA GLN A 15 12.73 -9.14 2.67
C GLN A 15 11.21 -9.08 2.48
N ILE A 16 10.76 -9.59 1.35
CA ILE A 16 9.36 -9.61 1.03
C ILE A 16 8.59 -10.36 2.12
N PRO A 17 9.15 -11.53 2.50
CA PRO A 17 8.54 -12.36 3.53
C PRO A 17 8.77 -11.76 4.92
N ASN A 18 9.46 -10.63 4.93
CA ASN A 18 9.75 -9.95 6.19
C ASN A 18 8.68 -8.90 6.45
N VAL A 19 8.22 -8.29 5.37
CA VAL A 19 7.19 -7.26 5.47
C VAL A 19 5.83 -7.93 5.73
N ARG A 20 5.54 -8.95 4.95
CA ARG A 20 4.29 -9.68 5.08
C ARG A 20 4.25 -10.41 6.43
N SER A 21 5.43 -10.59 7.01
CA SER A 21 5.54 -11.27 8.28
C SER A 21 5.07 -10.35 9.41
N LEU A 22 5.55 -9.11 9.36
CA LEU A 22 5.19 -8.12 10.37
C LEU A 22 3.79 -7.59 10.07
N LEU A 23 3.41 -7.69 8.80
CA LEU A 23 2.10 -7.22 8.37
C LEU A 23 1.01 -7.98 9.14
N THR A 24 1.42 -9.10 9.71
CA THR A 24 0.49 -9.94 10.47
C THR A 24 0.06 -9.22 11.74
N LYS A 25 0.73 -8.10 12.02
CA LYS A 25 0.42 -7.32 13.20
C LYS A 25 -0.78 -6.41 12.91
N TRP A 26 -1.08 -6.29 11.62
CA TRP A 26 -2.20 -5.46 11.20
C TRP A 26 -3.49 -6.21 11.52
N ALA A 27 -4.40 -5.52 12.20
CA ALA A 27 -5.67 -6.10 12.58
C ALA A 27 -6.72 -5.72 11.53
N LYS A 28 -6.38 -4.74 10.71
CA LYS A 28 -7.28 -4.27 9.68
C LYS A 28 -7.18 -5.20 8.46
N VAL A 29 -6.13 -6.03 8.48
CA VAL A 29 -5.91 -6.96 7.39
C VAL A 29 -6.91 -8.11 7.49
N GLU A 30 -7.60 -8.35 6.38
CA GLU A 30 -8.59 -9.41 6.33
C GLU A 30 -8.10 -10.55 5.44
N ARG A 31 -7.26 -10.19 4.48
CA ARG A 31 -6.72 -11.18 3.56
C ARG A 31 -5.20 -11.02 3.44
N ILE A 32 -4.52 -12.14 3.36
CA ILE A 32 -3.07 -12.13 3.24
C ILE A 32 -2.65 -13.04 2.08
N GLN A 33 -2.26 -12.41 0.98
CA GLN A 33 -1.84 -13.14 -0.20
C GLN A 33 -0.52 -12.59 -0.71
N ASP A 34 0.35 -13.50 -1.13
CA ASP A 34 1.65 -13.12 -1.64
C ASP A 34 1.62 -13.14 -3.17
N VAL A 35 2.61 -12.51 -3.77
CA VAL A 35 2.70 -12.45 -5.21
C VAL A 35 4.17 -12.59 -5.64
N GLN A 36 4.35 -12.85 -6.92
CA GLN A 36 5.70 -13.02 -7.46
C GLN A 36 6.23 -11.68 -7.96
N ASP A 37 5.80 -10.62 -7.30
CA ASP A 37 6.23 -9.28 -7.66
C ASP A 37 5.89 -8.32 -6.52
N GLY A 38 5.91 -8.85 -5.31
CA GLY A 38 5.61 -8.05 -4.13
C GLY A 38 4.67 -8.81 -3.18
N LEU A 39 3.52 -8.21 -2.93
CA LEU A 39 2.53 -8.81 -2.05
C LEU A 39 1.18 -8.14 -2.28
N GLN A 40 0.13 -8.91 -2.06
CA GLN A 40 -1.23 -8.41 -2.22
C GLN A 40 -2.08 -8.77 -1.01
N LEU A 41 -2.42 -7.74 -0.24
CA LEU A 41 -3.23 -7.92 0.94
C LEU A 41 -4.58 -7.23 0.75
N ASP A 42 -5.48 -7.49 1.68
CA ASP A 42 -6.81 -6.89 1.62
C ASP A 42 -7.14 -6.25 2.97
N VAL A 43 -6.86 -4.95 3.05
CA VAL A 43 -7.12 -4.21 4.26
C VAL A 43 -8.58 -3.73 4.27
N ARG A 44 -9.14 -3.64 5.48
CA ARG A 44 -10.51 -3.21 5.63
C ARG A 44 -10.56 -1.81 6.23
N LEU A 45 -10.33 -0.82 5.37
CA LEU A 45 -10.34 0.56 5.80
C LEU A 45 -11.66 0.86 6.53
N LYS A 46 -12.74 0.34 5.96
CA LYS A 46 -14.05 0.53 6.54
C LYS A 46 -14.83 -0.79 6.50
N THR A 47 -15.80 -0.89 7.40
CA THR A 47 -16.62 -2.09 7.48
C THR A 47 -17.33 -2.35 6.16
N ASP A 48 -17.37 -1.31 5.34
CA ASP A 48 -18.02 -1.40 4.03
C ASP A 48 -17.07 -0.91 2.96
N THR A 49 -15.79 -0.87 3.32
CA THR A 49 -14.76 -0.41 2.39
C THR A 49 -13.58 -1.38 2.39
N LEU A 50 -12.95 -1.50 1.23
CA LEU A 50 -11.81 -2.38 1.08
C LEU A 50 -10.65 -1.61 0.46
N LEU A 51 -9.47 -1.83 1.02
CA LEU A 51 -8.27 -1.16 0.53
C LEU A 51 -7.30 -2.21 -0.03
N GLU A 52 -7.34 -2.37 -1.34
CA GLU A 52 -6.47 -3.33 -2.01
C GLU A 52 -5.05 -2.76 -2.14
N LEU A 53 -4.18 -3.22 -1.24
CA LEU A 53 -2.80 -2.76 -1.26
C LEU A 53 -1.95 -3.75 -2.06
N HIS A 54 -1.16 -3.21 -2.97
CA HIS A 54 -0.30 -4.02 -3.79
C HIS A 54 1.11 -3.42 -3.83
N ILE A 55 2.04 -4.16 -3.25
CA ILE A 55 3.43 -3.71 -3.21
C ILE A 55 4.15 -4.16 -4.49
N TYR A 56 4.90 -3.22 -5.05
CA TYR A 56 5.64 -3.51 -6.27
C TYR A 56 6.88 -2.61 -6.37
N TYR A 57 8.00 -3.24 -6.70
CA TYR A 57 9.26 -2.53 -6.84
C TYR A 57 9.37 -1.89 -8.22
N ASP A 58 10.15 -0.81 -8.28
CA ASP A 58 10.35 -0.10 -9.53
C ASP A 58 11.82 -0.20 -9.94
N HIS A 59 12.04 -0.43 -11.22
CA HIS A 59 13.39 -0.55 -11.75
C HIS A 59 13.90 0.83 -12.15
N VAL A 60 13.08 1.84 -11.88
CA VAL A 60 13.44 3.20 -12.20
C VAL A 60 14.25 3.81 -11.06
N TYR A 61 13.63 3.85 -9.89
CA TYR A 61 14.28 4.39 -8.71
C TYR A 61 15.02 3.29 -7.94
N HIS A 62 14.73 2.05 -8.31
CA HIS A 62 15.35 0.91 -7.67
C HIS A 62 14.90 0.83 -6.21
N VAL A 63 13.60 1.05 -6.02
CA VAL A 63 13.03 1.01 -4.68
C VAL A 63 11.59 0.49 -4.77
N PRO A 64 11.04 0.15 -3.58
CA PRO A 64 9.67 -0.36 -3.50
C PRO A 64 8.65 0.77 -3.70
N SER A 65 7.48 0.39 -4.19
CA SER A 65 6.42 1.36 -4.43
C SER A 65 5.14 0.91 -3.71
N ILE A 66 4.15 1.78 -3.75
CA ILE A 66 2.87 1.49 -3.12
C ILE A 66 1.73 1.95 -4.05
N LYS A 67 0.82 1.03 -4.30
CA LYS A 67 -0.32 1.32 -5.16
C LYS A 67 -1.54 0.56 -4.65
N PHE A 68 -2.59 1.31 -4.35
CA PHE A 68 -3.82 0.72 -3.87
C PHE A 68 -5.04 1.38 -4.51
N ARG A 69 -6.12 0.61 -4.59
CA ARG A 69 -7.35 1.12 -5.18
C ARG A 69 -8.50 1.02 -4.17
N LEU A 70 -9.08 2.18 -3.88
CA LEU A 70 -10.18 2.25 -2.94
C LEU A 70 -11.39 1.48 -3.51
N TRP A 71 -12.11 0.83 -2.61
CA TRP A 71 -13.28 0.06 -3.01
C TRP A 71 -14.38 0.32 -1.99
N SER A 72 -15.61 0.13 -2.43
CA SER A 72 -16.76 0.34 -1.56
C SER A 72 -17.65 -0.91 -1.58
N LEU A 73 -17.46 -1.74 -0.55
CA LEU A 73 -18.24 -2.96 -0.43
C LEU A 73 -19.70 -2.60 -0.14
N ASP A 74 -20.58 -3.09 -1.00
CA ASP A 74 -22.01 -2.82 -0.84
C ASP A 74 -22.74 -4.16 -0.68
N THR A 75 -23.25 -4.38 0.52
CA THR A 75 -23.98 -5.60 0.82
C THR A 75 -25.48 -5.31 0.93
N GLU A 76 -25.93 -4.34 0.15
CA GLU A 76 -27.33 -3.96 0.16
C GLU A 76 -28.22 -5.21 0.17
N GLU A 77 -27.84 -6.17 -0.66
CA GLU A 77 -28.59 -7.41 -0.77
C GLU A 77 -27.85 -8.54 -0.04
N ASP A 78 -26.60 -8.27 0.29
CA ASP A 78 -25.78 -9.24 0.98
C ASP A 78 -25.21 -10.23 -0.04
N ILE A 79 -24.59 -9.69 -1.08
CA ILE A 79 -24.01 -10.51 -2.12
C ILE A 79 -22.48 -10.35 -2.08
N SER A 80 -22.03 -9.45 -1.22
CA SER A 80 -20.61 -9.19 -1.09
C SER A 80 -20.10 -8.40 -2.29
N SER A 81 -20.91 -7.42 -2.70
CA SER A 81 -20.55 -6.60 -3.84
C SER A 81 -19.54 -5.53 -3.41
N LEU A 82 -19.06 -4.78 -4.40
CA LEU A 82 -18.09 -3.73 -4.14
C LEU A 82 -17.96 -2.85 -5.38
N ARG A 83 -17.40 -1.67 -5.17
CA ARG A 83 -17.21 -0.72 -6.26
C ARG A 83 -16.05 0.23 -5.94
N LEU A 84 -15.15 0.37 -6.90
CA LEU A 84 -14.00 1.25 -6.73
C LEU A 84 -14.48 2.61 -6.25
N LEU A 85 -13.78 3.12 -5.24
CA LEU A 85 -14.12 4.42 -4.66
C LEU A 85 -13.18 5.48 -5.23
N THR A 86 -13.59 6.72 -5.10
CA THR A 86 -12.80 7.84 -5.59
C THR A 86 -13.20 9.14 -4.88
N LEU A 87 -12.28 9.65 -4.08
CA LEU A 87 -12.54 10.88 -3.35
C LEU A 87 -11.25 11.70 -3.30
N SER A 88 -11.41 12.96 -2.90
CA SER A 88 -10.27 13.86 -2.79
C SER A 88 -9.20 13.26 -1.88
N ASP A 89 -8.18 14.05 -1.62
CA ASP A 89 -7.09 13.61 -0.76
C ASP A 89 -7.51 13.76 0.70
N SER A 90 -8.22 14.84 0.98
CA SER A 90 -8.68 15.11 2.33
C SER A 90 -9.78 14.12 2.71
N GLU A 91 -10.55 13.73 1.71
CA GLU A 91 -11.63 12.78 1.93
C GLU A 91 -11.08 11.37 2.14
N LEU A 92 -9.96 11.11 1.47
CA LEU A 92 -9.32 9.80 1.57
C LEU A 92 -8.46 9.76 2.83
N ARG A 93 -7.90 10.92 3.16
CA ARG A 93 -7.05 11.02 4.34
C ARG A 93 -7.80 10.53 5.58
N SER A 94 -9.11 10.50 5.47
CA SER A 94 -9.95 10.05 6.57
C SER A 94 -9.52 8.65 7.01
N ILE A 95 -8.90 7.94 6.09
CA ILE A 95 -8.42 6.59 6.37
C ILE A 95 -6.90 6.55 6.28
N LEU A 96 -6.38 7.30 5.33
CA LEU A 96 -4.94 7.36 5.12
C LEU A 96 -4.35 8.41 6.07
N ASN A 97 -3.03 8.53 6.02
CA ASN A 97 -2.32 9.48 6.86
C ASN A 97 -1.12 10.04 6.10
N LEU A 98 -1.31 11.22 5.51
CA LEU A 98 -0.27 11.87 4.75
C LEU A 98 0.54 12.78 5.67
N GLY A 99 -0.17 13.71 6.29
CA GLY A 99 0.47 14.65 7.20
C GLY A 99 1.54 15.48 6.48
N THR A 100 2.72 14.88 6.36
CA THR A 100 3.83 15.54 5.69
C THR A 100 4.14 14.86 4.36
N PHE A 101 3.73 13.60 4.27
CA PHE A 101 3.95 12.83 3.05
C PHE A 101 3.08 13.35 1.91
N SER A 102 3.06 12.58 0.83
CA SER A 102 2.27 12.95 -0.33
C SER A 102 1.79 11.69 -1.06
N VAL A 103 0.85 11.89 -1.97
CA VAL A 103 0.30 10.79 -2.74
C VAL A 103 -0.17 11.31 -4.10
N THR A 104 -0.24 10.38 -5.05
CA THR A 104 -0.66 10.72 -6.40
C THR A 104 -1.66 9.69 -6.92
N LEU A 105 -2.83 10.20 -7.30
CA LEU A 105 -3.88 9.33 -7.82
C LEU A 105 -3.77 9.26 -9.34
N SER A 106 -3.90 8.04 -9.86
CA SER A 106 -3.82 7.81 -11.28
C SER A 106 -5.03 7.02 -11.76
N THR A 107 -5.50 7.37 -12.96
CA THR A 107 -6.65 6.69 -13.53
C THR A 107 -6.33 6.25 -14.97
N ASP A 108 -6.92 5.13 -15.35
CA ASP A 108 -6.73 4.59 -16.69
C ASP A 108 -7.64 5.33 -17.67
N MET A 109 -7.16 5.44 -18.91
CA MET A 109 -7.90 6.12 -19.95
C MET A 109 -9.25 5.43 -20.20
N GLU A 110 -9.32 4.17 -19.76
CA GLU A 110 -10.53 3.39 -19.94
C GLU A 110 -11.53 3.70 -18.82
N MET A 111 -11.04 4.41 -17.81
CA MET A 111 -11.87 4.78 -16.67
C MET A 111 -12.58 3.55 -16.10
N LYS A 112 -11.95 2.39 -16.29
CA LYS A 112 -12.51 1.15 -15.79
C LYS A 112 -11.88 0.80 -14.45
N SER A 113 -10.60 1.12 -14.33
CA SER A 113 -9.87 0.86 -13.10
C SER A 113 -9.08 2.11 -12.68
N VAL A 114 -8.78 2.17 -11.40
CA VAL A 114 -8.04 3.29 -10.85
C VAL A 114 -7.19 2.81 -9.66
N TYR A 115 -6.17 3.60 -9.35
CA TYR A 115 -5.28 3.27 -8.25
C TYR A 115 -4.66 4.53 -7.66
N TYR A 116 -4.03 4.36 -6.51
CA TYR A 116 -3.38 5.48 -5.83
C TYR A 116 -1.90 5.19 -5.60
N TYR A 117 -1.07 5.95 -6.30
CA TYR A 117 0.37 5.80 -6.18
C TYR A 117 0.93 6.71 -5.10
N ILE A 118 1.38 6.08 -4.02
CA ILE A 118 1.95 6.83 -2.89
C ILE A 118 3.34 7.33 -3.28
N ASN A 119 3.64 8.53 -2.82
CA ASN A 119 4.94 9.14 -3.11
C ASN A 119 6.05 8.24 -2.54
N ASN A 120 6.82 7.67 -3.46
CA ASN A 120 7.91 6.79 -3.07
C ASN A 120 9.16 7.16 -3.87
N CYS A 121 9.23 8.43 -4.27
CA CYS A 121 10.35 8.91 -5.05
C CYS A 121 11.42 9.43 -4.07
N ASP A 122 10.94 10.06 -3.01
CA ASP A 122 11.83 10.61 -2.00
C ASP A 122 11.91 9.64 -0.82
N THR A 123 11.93 8.36 -1.15
CA THR A 123 12.00 7.32 -0.12
C THR A 123 13.45 7.11 0.31
N ASP A 124 14.28 6.78 -0.67
CA ASP A 124 15.70 6.54 -0.40
C ASP A 124 16.26 7.71 0.40
N ALA A 125 15.63 8.87 0.25
CA ALA A 125 16.06 10.06 0.95
C ALA A 125 15.37 10.12 2.31
N ASN A 126 14.18 9.53 2.37
CA ASN A 126 13.41 9.51 3.60
C ASN A 126 13.85 8.31 4.44
N VAL A 127 13.49 7.12 3.96
CA VAL A 127 13.84 5.90 4.66
C VAL A 127 15.36 5.75 4.69
N GLY A 128 15.97 5.91 3.53
CA GLY A 128 17.41 5.79 3.42
C GLY A 128 17.80 4.78 2.33
N SER A 129 19.06 4.37 2.38
CA SER A 129 19.56 3.40 1.41
C SER A 129 19.80 2.05 2.09
N ASP A 130 19.98 2.11 3.39
CA ASP A 130 20.21 0.90 4.17
C ASP A 130 19.29 -0.21 3.67
N VAL A 131 19.84 -1.04 2.81
CA VAL A 131 19.09 -2.15 2.24
C VAL A 131 18.97 -3.27 3.28
N GLU A 132 19.70 -3.09 4.38
CA GLU A 132 19.69 -4.08 5.45
C GLU A 132 18.26 -4.41 5.84
N HIS A 133 17.58 -3.43 6.42
CA HIS A 133 16.20 -3.62 6.84
C HIS A 133 15.32 -2.53 6.22
N TYR A 134 15.51 -2.33 4.92
CA TYR A 134 14.74 -1.32 4.20
C TYR A 134 13.28 -1.75 4.06
N LEU A 135 13.10 -3.05 3.86
CA LEU A 135 11.76 -3.60 3.70
C LEU A 135 11.00 -3.47 5.02
N THR A 136 11.76 -3.47 6.10
CA THR A 136 11.18 -3.34 7.43
C THR A 136 11.08 -1.87 7.84
N ARG A 137 12.04 -1.10 7.36
CA ARG A 137 12.08 0.32 7.67
C ARG A 137 11.22 1.10 6.67
N TRP A 138 10.91 0.45 5.56
CA TRP A 138 10.10 1.07 4.53
C TRP A 138 8.62 0.80 4.86
N ILE A 139 8.34 -0.45 5.20
CA ILE A 139 6.98 -0.84 5.54
C ILE A 139 6.47 0.04 6.69
N SER A 140 7.29 0.12 7.73
CA SER A 140 6.92 0.93 8.88
C SER A 140 7.01 2.42 8.54
N LEU A 141 7.41 2.67 7.30
CA LEU A 141 7.53 4.05 6.83
C LEU A 141 6.27 4.43 6.05
N TYR A 142 5.83 3.52 5.23
CA TYR A 142 4.64 3.74 4.43
C TYR A 142 3.38 3.26 5.15
N ILE A 143 3.46 2.04 5.67
CA ILE A 143 2.35 1.44 6.39
C ILE A 143 1.75 2.49 7.34
N ARG A 144 2.62 3.37 7.82
CA ARG A 144 2.19 4.41 8.74
C ARG A 144 1.09 5.26 8.09
N ILE A 145 1.30 5.57 6.82
CA ILE A 145 0.34 6.37 6.08
C ILE A 145 -1.02 5.68 6.09
N PHE A 146 -0.99 4.41 6.47
CA PHE A 146 -2.21 3.62 6.53
C PHE A 146 -2.62 3.34 7.97
N ASP A 147 -1.62 3.21 8.83
CA ASP A 147 -1.86 2.94 10.23
C ASP A 147 -0.75 3.58 11.06
N LEU A 148 -1.10 4.66 11.74
CA LEU A 148 -0.14 5.37 12.58
C LEU A 148 -0.13 4.75 13.97
N ASN A 149 -0.90 3.68 14.12
CA ASN A 149 -0.98 2.98 15.38
C ASN A 149 -0.36 1.58 15.24
N PHE A 150 -0.21 1.17 14.00
CA PHE A 150 0.37 -0.12 13.70
C PHE A 150 1.87 -0.13 13.98
N VAL A 151 2.25 -0.90 15.00
CA VAL A 151 3.65 -1.00 15.38
C VAL A 151 4.17 -2.38 14.99
N PRO A 152 5.17 -2.38 14.06
CA PRO A 152 5.76 -3.62 13.59
C PRO A 152 6.71 -4.20 14.65
N SER A 5 18.43 5.46 -3.57
CA SER A 5 18.90 4.21 -3.01
C SER A 5 19.43 3.31 -4.13
N MET A 6 19.78 2.08 -3.74
CA MET A 6 20.31 1.12 -4.69
C MET A 6 19.61 -0.23 -4.54
N LEU A 7 18.61 -0.25 -3.67
CA LEU A 7 17.86 -1.47 -3.43
C LEU A 7 17.39 -2.05 -4.76
N THR A 8 18.07 -3.12 -5.17
CA THR A 8 17.73 -3.79 -6.42
C THR A 8 16.45 -4.60 -6.26
N LEU A 9 16.18 -5.40 -7.28
CA LEU A 9 14.99 -6.25 -7.27
C LEU A 9 15.21 -7.43 -6.33
N PRO A 10 16.41 -8.06 -6.47
CA PRO A 10 16.77 -9.20 -5.64
C PRO A 10 17.13 -8.76 -4.22
N GLU A 11 17.21 -7.45 -4.05
CA GLU A 11 17.55 -6.88 -2.75
C GLU A 11 16.28 -6.66 -1.92
N TYR A 12 15.24 -6.23 -2.61
CA TYR A 12 13.97 -5.98 -1.94
C TYR A 12 13.12 -7.26 -1.89
N ASN A 13 13.21 -8.04 -2.95
CA ASN A 13 12.46 -9.29 -3.03
C ASN A 13 12.97 -10.26 -1.97
N GLU A 14 14.16 -9.95 -1.46
CA GLU A 14 14.77 -10.79 -0.44
C GLU A 14 14.08 -10.57 0.90
N GLN A 15 13.47 -9.40 1.03
CA GLN A 15 12.76 -9.06 2.26
C GLN A 15 11.27 -8.91 2.00
N ILE A 16 10.85 -9.43 0.85
CA ILE A 16 9.45 -9.36 0.47
C ILE A 16 8.60 -10.12 1.49
N PRO A 17 9.08 -11.34 1.83
CA PRO A 17 8.38 -12.19 2.79
C PRO A 17 8.58 -11.67 4.21
N ASN A 18 9.34 -10.59 4.32
CA ASN A 18 9.62 -10.00 5.61
C ASN A 18 8.55 -8.94 5.93
N VAL A 19 8.09 -8.27 4.87
CA VAL A 19 7.09 -7.25 5.02
C VAL A 19 5.72 -7.90 5.27
N ARG A 20 5.44 -8.91 4.46
CA ARG A 20 4.18 -9.63 4.58
C ARG A 20 4.14 -10.41 5.90
N SER A 21 5.33 -10.63 6.45
CA SER A 21 5.44 -11.36 7.71
C SER A 21 4.85 -10.54 8.85
N LEU A 22 5.44 -9.38 9.08
CA LEU A 22 4.98 -8.50 10.14
C LEU A 22 3.54 -8.08 9.85
N LEU A 23 3.19 -8.13 8.57
CA LEU A 23 1.84 -7.76 8.16
C LEU A 23 0.82 -8.59 8.95
N THR A 24 1.27 -9.75 9.41
CA THR A 24 0.42 -10.63 10.17
C THR A 24 -0.17 -9.90 11.38
N LYS A 25 0.45 -8.78 11.72
CA LYS A 25 0.01 -7.98 12.84
C LYS A 25 -1.21 -7.17 12.42
N TRP A 26 -1.17 -6.68 11.19
CA TRP A 26 -2.27 -5.89 10.66
C TRP A 26 -3.57 -6.67 10.86
N ALA A 27 -4.41 -6.13 11.74
CA ALA A 27 -5.68 -6.77 12.04
C ALA A 27 -6.70 -6.40 10.95
N LYS A 28 -6.37 -5.35 10.21
CA LYS A 28 -7.24 -4.89 9.15
C LYS A 28 -7.08 -5.80 7.93
N VAL A 29 -5.93 -6.45 7.86
CA VAL A 29 -5.64 -7.35 6.76
C VAL A 29 -6.53 -8.59 6.88
N GLU A 30 -7.45 -8.71 5.93
CA GLU A 30 -8.37 -9.83 5.92
C GLU A 30 -7.87 -10.91 4.94
N ARG A 31 -7.04 -10.48 4.01
CA ARG A 31 -6.49 -11.39 3.02
C ARG A 31 -4.97 -11.21 2.91
N ILE A 32 -4.29 -12.32 2.67
CA ILE A 32 -2.84 -12.30 2.55
C ILE A 32 -2.43 -13.09 1.31
N GLN A 33 -1.91 -12.36 0.33
CA GLN A 33 -1.47 -12.98 -0.91
C GLN A 33 -0.26 -12.24 -1.47
N ASP A 34 0.50 -12.95 -2.29
CA ASP A 34 1.69 -12.37 -2.90
C ASP A 34 1.54 -12.40 -4.43
N VAL A 35 2.42 -11.65 -5.09
CA VAL A 35 2.39 -11.59 -6.53
C VAL A 35 3.83 -11.62 -7.07
N GLN A 36 3.94 -11.58 -8.39
CA GLN A 36 5.24 -11.60 -9.03
C GLN A 36 5.95 -10.26 -8.86
N ASP A 37 6.75 -10.18 -7.81
CA ASP A 37 7.47 -8.95 -7.52
C ASP A 37 6.53 -7.94 -6.86
N GLY A 38 5.79 -8.42 -5.88
CA GLY A 38 4.85 -7.58 -5.17
C GLY A 38 4.00 -8.38 -4.20
N LEU A 39 2.93 -7.76 -3.72
CA LEU A 39 2.03 -8.42 -2.78
C LEU A 39 0.66 -7.75 -2.85
N GLN A 40 -0.38 -8.57 -2.72
CA GLN A 40 -1.74 -8.08 -2.77
C GLN A 40 -2.51 -8.56 -1.55
N LEU A 41 -2.84 -7.61 -0.68
CA LEU A 41 -3.59 -7.94 0.53
C LEU A 41 -4.91 -7.17 0.52
N ASP A 42 -5.77 -7.52 1.47
CA ASP A 42 -7.06 -6.88 1.60
C ASP A 42 -7.14 -6.15 2.94
N VAL A 43 -6.89 -4.85 2.89
CA VAL A 43 -6.94 -4.03 4.09
C VAL A 43 -8.36 -3.51 4.29
N ARG A 44 -8.99 -3.96 5.37
CA ARG A 44 -10.33 -3.55 5.69
C ARG A 44 -10.32 -2.29 6.56
N LEU A 45 -10.45 -1.14 5.89
CA LEU A 45 -10.45 0.13 6.59
C LEU A 45 -11.79 0.32 7.29
N LYS A 46 -12.86 0.07 6.55
CA LYS A 46 -14.19 0.20 7.10
C LYS A 46 -15.06 -0.97 6.63
N THR A 47 -16.08 -1.27 7.42
CA THR A 47 -16.98 -2.35 7.09
C THR A 47 -17.67 -2.11 5.75
N ASP A 48 -17.55 -0.87 5.28
CA ASP A 48 -18.15 -0.49 4.01
C ASP A 48 -17.08 0.13 3.12
N THR A 49 -15.83 -0.13 3.47
CA THR A 49 -14.71 0.39 2.71
C THR A 49 -13.55 -0.61 2.71
N LEU A 50 -13.01 -0.83 1.53
CA LEU A 50 -11.89 -1.76 1.37
C LEU A 50 -10.73 -1.05 0.66
N LEU A 51 -9.56 -1.19 1.24
CA LEU A 51 -8.37 -0.57 0.67
C LEU A 51 -7.38 -1.66 0.25
N GLU A 52 -7.18 -1.78 -1.05
CA GLU A 52 -6.27 -2.77 -1.60
C GLU A 52 -4.84 -2.22 -1.61
N LEU A 53 -3.91 -3.09 -1.21
CA LEU A 53 -2.51 -2.70 -1.18
C LEU A 53 -1.72 -3.56 -2.18
N HIS A 54 -1.16 -2.89 -3.18
CA HIS A 54 -0.40 -3.58 -4.19
C HIS A 54 1.04 -3.02 -4.22
N ILE A 55 1.94 -3.79 -3.62
CA ILE A 55 3.33 -3.39 -3.56
C ILE A 55 4.05 -3.84 -4.84
N TYR A 56 4.82 -2.93 -5.41
CA TYR A 56 5.55 -3.21 -6.63
C TYR A 56 6.84 -2.40 -6.70
N TYR A 57 7.92 -3.08 -7.08
CA TYR A 57 9.21 -2.44 -7.19
C TYR A 57 9.34 -1.67 -8.50
N ASP A 58 10.20 -0.66 -8.49
CA ASP A 58 10.42 0.15 -9.66
C ASP A 58 11.93 0.27 -9.92
N HIS A 59 12.30 0.04 -11.18
CA HIS A 59 13.70 0.11 -11.56
C HIS A 59 14.06 1.56 -11.89
N VAL A 60 13.10 2.44 -11.70
CA VAL A 60 13.29 3.86 -11.97
C VAL A 60 14.29 4.44 -10.96
N TYR A 61 14.06 4.11 -9.70
CA TYR A 61 14.93 4.58 -8.63
C TYR A 61 15.51 3.41 -7.83
N HIS A 62 15.20 2.21 -8.30
CA HIS A 62 15.68 1.01 -7.65
C HIS A 62 15.16 0.96 -6.21
N VAL A 63 13.85 1.13 -6.08
CA VAL A 63 13.22 1.10 -4.77
C VAL A 63 11.79 0.55 -4.91
N PRO A 64 11.21 0.18 -3.74
CA PRO A 64 9.87 -0.36 -3.71
C PRO A 64 8.83 0.74 -3.92
N SER A 65 7.70 0.36 -4.49
CA SER A 65 6.62 1.30 -4.75
C SER A 65 5.36 0.87 -4.01
N ILE A 66 4.36 1.74 -4.05
CA ILE A 66 3.09 1.46 -3.39
C ILE A 66 1.94 1.90 -4.30
N LYS A 67 0.89 1.09 -4.30
CA LYS A 67 -0.27 1.39 -5.12
C LYS A 67 -1.50 0.73 -4.50
N PHE A 68 -2.46 1.56 -4.13
CA PHE A 68 -3.69 1.08 -3.52
C PHE A 68 -4.92 1.65 -4.23
N ARG A 69 -6.07 1.11 -3.88
CA ARG A 69 -7.32 1.55 -4.46
C ARG A 69 -8.42 1.60 -3.40
N LEU A 70 -9.25 2.63 -3.50
CA LEU A 70 -10.35 2.80 -2.57
C LEU A 70 -11.56 2.01 -3.05
N TRP A 71 -12.22 1.34 -2.11
CA TRP A 71 -13.39 0.55 -2.43
C TRP A 71 -14.51 0.95 -1.47
N SER A 72 -15.69 0.42 -1.73
CA SER A 72 -16.85 0.70 -0.90
C SER A 72 -17.71 -0.55 -0.75
N LEU A 73 -17.51 -1.24 0.37
CA LEU A 73 -18.26 -2.45 0.64
C LEU A 73 -19.73 -2.09 0.89
N ASP A 74 -20.60 -2.70 0.09
CA ASP A 74 -22.02 -2.45 0.22
C ASP A 74 -22.74 -3.76 0.56
N THR A 75 -23.28 -3.80 1.76
CA THR A 75 -23.99 -4.98 2.23
C THR A 75 -25.50 -4.80 2.07
N GLU A 76 -25.87 -4.09 1.01
CA GLU A 76 -27.28 -3.83 0.73
C GLU A 76 -28.07 -5.14 0.75
N GLU A 77 -27.50 -6.15 0.11
CA GLU A 77 -28.14 -7.45 0.05
C GLU A 77 -27.48 -8.42 1.04
N ASP A 78 -26.45 -7.92 1.70
CA ASP A 78 -25.73 -8.72 2.67
C ASP A 78 -25.05 -9.90 1.96
N ILE A 79 -24.38 -9.57 0.87
CA ILE A 79 -23.68 -10.59 0.10
C ILE A 79 -22.18 -10.32 0.15
N SER A 80 -21.82 -9.17 0.71
CA SER A 80 -20.43 -8.79 0.83
C SER A 80 -19.95 -8.15 -0.48
N SER A 81 -20.77 -7.25 -1.00
CA SER A 81 -20.43 -6.57 -2.24
C SER A 81 -19.44 -5.44 -1.97
N LEU A 82 -19.04 -4.78 -3.04
CA LEU A 82 -18.10 -3.68 -2.93
C LEU A 82 -17.99 -2.96 -4.29
N ARG A 83 -17.45 -1.76 -4.24
CA ARG A 83 -17.28 -0.97 -5.45
C ARG A 83 -16.14 0.04 -5.28
N LEU A 84 -15.40 0.24 -6.36
CA LEU A 84 -14.28 1.17 -6.33
C LEU A 84 -14.81 2.59 -6.16
N LEU A 85 -14.13 3.33 -5.30
CA LEU A 85 -14.52 4.70 -5.03
C LEU A 85 -13.48 5.65 -5.64
N THR A 86 -13.89 6.91 -5.80
CA THR A 86 -13.01 7.91 -6.38
C THR A 86 -13.26 9.27 -5.71
N LEU A 87 -12.45 9.56 -4.71
CA LEU A 87 -12.56 10.81 -3.99
C LEU A 87 -11.19 11.50 -3.95
N SER A 88 -11.22 12.77 -3.56
CA SER A 88 -10.00 13.55 -3.46
C SER A 88 -9.18 13.13 -2.25
N ASP A 89 -8.18 13.92 -1.94
CA ASP A 89 -7.32 13.64 -0.79
C ASP A 89 -8.10 13.89 0.50
N SER A 90 -8.64 15.09 0.59
CA SER A 90 -9.41 15.47 1.77
C SER A 90 -10.25 14.29 2.25
N GLU A 91 -10.64 13.45 1.31
CA GLU A 91 -11.44 12.28 1.62
C GLU A 91 -10.54 11.09 1.95
N LEU A 92 -9.54 10.89 1.10
CA LEU A 92 -8.60 9.80 1.29
C LEU A 92 -7.99 9.90 2.69
N ARG A 93 -7.36 11.04 2.95
CA ARG A 93 -6.73 11.28 4.24
C ARG A 93 -7.71 10.98 5.37
N SER A 94 -8.99 11.20 5.08
CA SER A 94 -10.03 10.96 6.06
C SER A 94 -9.78 9.63 6.78
N ILE A 95 -9.11 8.73 6.08
CA ILE A 95 -8.80 7.43 6.64
C ILE A 95 -7.27 7.21 6.60
N LEU A 96 -6.68 7.59 5.49
CA LEU A 96 -5.25 7.45 5.32
C LEU A 96 -4.53 8.53 6.12
N ASN A 97 -3.23 8.35 6.28
CA ASN A 97 -2.42 9.30 7.03
C ASN A 97 -1.30 9.82 6.13
N LEU A 98 -1.56 10.99 5.55
CA LEU A 98 -0.58 11.61 4.66
C LEU A 98 0.34 12.53 5.49
N GLY A 99 -0.28 13.48 6.16
CA GLY A 99 0.46 14.43 6.98
C GLY A 99 1.43 15.25 6.12
N THR A 100 2.61 14.68 5.91
CA THR A 100 3.63 15.34 5.12
C THR A 100 3.89 14.57 3.83
N PHE A 101 3.49 13.30 3.84
CA PHE A 101 3.67 12.45 2.68
C PHE A 101 2.93 13.01 1.47
N SER A 102 3.14 12.35 0.33
CA SER A 102 2.51 12.77 -0.91
C SER A 102 1.86 11.57 -1.58
N VAL A 103 1.01 11.87 -2.56
CA VAL A 103 0.31 10.83 -3.30
C VAL A 103 -0.03 11.35 -4.70
N THR A 104 -0.37 10.40 -5.57
CA THR A 104 -0.73 10.75 -6.94
C THR A 104 -1.70 9.72 -7.51
N LEU A 105 -2.93 10.18 -7.74
CA LEU A 105 -3.97 9.32 -8.27
C LEU A 105 -3.79 9.20 -9.79
N SER A 106 -3.78 7.96 -10.25
CA SER A 106 -3.62 7.69 -11.67
C SER A 106 -4.71 6.74 -12.15
N THR A 107 -4.96 6.79 -13.45
CA THR A 107 -5.98 5.94 -14.05
C THR A 107 -5.48 5.36 -15.37
N ASP A 108 -5.96 4.16 -15.68
CA ASP A 108 -5.58 3.49 -16.91
C ASP A 108 -6.32 4.11 -18.09
N MET A 109 -5.86 3.77 -19.28
CA MET A 109 -6.47 4.28 -20.50
C MET A 109 -7.94 3.88 -20.60
N GLU A 110 -8.23 2.72 -20.02
CA GLU A 110 -9.59 2.21 -20.03
C GLU A 110 -10.50 3.06 -19.14
N MET A 111 -9.86 3.85 -18.29
CA MET A 111 -10.59 4.72 -17.38
C MET A 111 -11.68 3.95 -16.64
N LYS A 112 -11.46 2.64 -16.52
CA LYS A 112 -12.41 1.78 -15.84
C LYS A 112 -11.90 1.48 -14.43
N SER A 113 -10.61 1.73 -14.24
CA SER A 113 -9.99 1.49 -12.94
C SER A 113 -9.16 2.72 -12.53
N VAL A 114 -8.96 2.84 -11.22
CA VAL A 114 -8.20 3.95 -10.69
C VAL A 114 -7.36 3.46 -9.51
N TYR A 115 -6.11 3.90 -9.48
CA TYR A 115 -5.19 3.52 -8.42
C TYR A 115 -4.36 4.71 -7.95
N TYR A 116 -4.05 4.71 -6.67
CA TYR A 116 -3.26 5.78 -6.09
C TYR A 116 -1.82 5.34 -5.85
N TYR A 117 -0.89 6.11 -6.39
CA TYR A 117 0.52 5.80 -6.24
C TYR A 117 1.17 6.72 -5.20
N ILE A 118 1.57 6.12 -4.09
CA ILE A 118 2.21 6.87 -3.02
C ILE A 118 3.60 7.30 -3.46
N ASN A 119 3.91 8.56 -3.20
CA ASN A 119 5.20 9.11 -3.57
C ASN A 119 6.30 8.24 -2.99
N ASN A 120 7.02 7.56 -3.87
CA ASN A 120 8.10 6.68 -3.45
C ASN A 120 9.27 6.83 -4.43
N CYS A 121 9.60 8.08 -4.71
CA CYS A 121 10.70 8.37 -5.62
C CYS A 121 11.98 8.54 -4.80
N ASP A 122 11.85 9.30 -3.72
CA ASP A 122 12.99 9.56 -2.85
C ASP A 122 12.82 8.74 -1.57
N THR A 123 13.13 7.45 -1.67
CA THR A 123 13.02 6.56 -0.54
C THR A 123 14.25 6.69 0.36
N ASP A 124 15.41 6.47 -0.24
CA ASP A 124 16.66 6.56 0.51
C ASP A 124 16.80 7.97 1.09
N ALA A 125 16.17 8.92 0.43
CA ALA A 125 16.21 10.31 0.87
C ALA A 125 15.08 10.55 1.87
N ASN A 126 14.14 9.60 1.91
CA ASN A 126 13.02 9.71 2.81
C ASN A 126 13.32 8.94 4.11
N VAL A 127 13.37 7.63 3.97
CA VAL A 127 13.65 6.77 5.11
C VAL A 127 15.17 6.72 5.34
N GLY A 128 15.88 6.34 4.28
CA GLY A 128 17.33 6.25 4.36
C GLY A 128 17.76 4.91 4.94
N SER A 129 16.81 4.25 5.59
CA SER A 129 17.09 2.96 6.19
C SER A 129 18.01 2.13 5.29
N ASP A 130 18.91 1.40 5.93
CA ASP A 130 19.86 0.57 5.20
C ASP A 130 19.09 -0.48 4.40
N VAL A 131 19.84 -1.31 3.70
CA VAL A 131 19.26 -2.36 2.89
C VAL A 131 18.99 -3.58 3.77
N GLU A 132 19.49 -3.51 4.99
CA GLU A 132 19.32 -4.60 5.94
C GLU A 132 17.83 -4.80 6.26
N HIS A 133 17.27 -3.80 6.94
CA HIS A 133 15.87 -3.85 7.31
C HIS A 133 15.12 -2.73 6.60
N TYR A 134 15.37 -2.60 5.32
CA TYR A 134 14.72 -1.57 4.52
C TYR A 134 13.25 -1.92 4.27
N LEU A 135 13.01 -3.17 3.96
CA LEU A 135 11.66 -3.64 3.70
C LEU A 135 10.85 -3.61 5.00
N THR A 136 11.58 -3.66 6.11
CA THR A 136 10.95 -3.64 7.42
C THR A 136 10.79 -2.20 7.91
N ARG A 137 11.74 -1.37 7.53
CA ARG A 137 11.72 0.03 7.92
C ARG A 137 10.94 0.86 6.89
N TRP A 138 10.75 0.27 5.73
CA TRP A 138 10.04 0.94 4.65
C TRP A 138 8.54 0.66 4.85
N ILE A 139 8.24 -0.55 5.28
CA ILE A 139 6.86 -0.95 5.51
C ILE A 139 6.26 -0.06 6.59
N SER A 140 7.00 0.10 7.68
CA SER A 140 6.55 0.93 8.79
C SER A 140 6.62 2.40 8.40
N LEU A 141 7.06 2.65 7.18
CA LEU A 141 7.18 4.00 6.67
C LEU A 141 5.91 4.36 5.89
N TYR A 142 5.47 3.42 5.07
CA TYR A 142 4.29 3.62 4.26
C TYR A 142 3.05 3.06 4.96
N ILE A 143 3.20 1.86 5.48
CA ILE A 143 2.10 1.20 6.18
C ILE A 143 1.46 2.19 7.15
N ARG A 144 2.25 3.17 7.57
CA ARG A 144 1.78 4.18 8.50
C ARG A 144 0.66 5.01 7.85
N ILE A 145 0.88 5.33 6.59
CA ILE A 145 -0.09 6.12 5.85
C ILE A 145 -1.41 5.35 5.76
N PHE A 146 -1.35 4.08 6.14
CA PHE A 146 -2.53 3.24 6.11
C PHE A 146 -3.04 2.95 7.53
N ASP A 147 -2.09 2.77 8.44
CA ASP A 147 -2.43 2.50 9.82
C ASP A 147 -1.34 3.09 10.73
N LEU A 148 -1.77 3.96 11.63
CA LEU A 148 -0.85 4.59 12.56
C LEU A 148 -0.90 3.85 13.90
N ASN A 149 -1.67 2.78 13.91
CA ASN A 149 -1.81 1.97 15.12
C ASN A 149 -1.01 0.67 14.96
N PHE A 150 -0.62 0.42 13.73
CA PHE A 150 0.15 -0.78 13.42
C PHE A 150 1.66 -0.49 13.44
N VAL A 151 2.30 -0.94 14.51
CA VAL A 151 3.73 -0.73 14.65
C VAL A 151 4.45 -2.07 14.53
N PRO A 152 4.99 -2.33 13.30
CA PRO A 152 5.71 -3.57 13.03
C PRO A 152 7.09 -3.55 13.68
N SER A 5 19.05 4.87 -3.39
CA SER A 5 19.05 3.49 -2.92
C SER A 5 19.60 2.57 -4.01
N MET A 6 19.92 1.35 -3.60
CA MET A 6 20.45 0.37 -4.53
C MET A 6 19.73 -0.97 -4.38
N LEU A 7 18.70 -0.96 -3.54
CA LEU A 7 17.92 -2.17 -3.30
C LEU A 7 17.49 -2.77 -4.64
N THR A 8 18.16 -3.86 -5.00
CA THR A 8 17.86 -4.53 -6.25
C THR A 8 16.57 -5.34 -6.12
N LEU A 9 16.31 -6.15 -7.13
CA LEU A 9 15.12 -6.98 -7.15
C LEU A 9 15.32 -8.18 -6.21
N PRO A 10 16.52 -8.81 -6.33
CA PRO A 10 16.85 -9.95 -5.50
C PRO A 10 17.18 -9.52 -4.08
N GLU A 11 17.28 -8.21 -3.90
CA GLU A 11 17.61 -7.65 -2.59
C GLU A 11 16.32 -7.42 -1.80
N TYR A 12 15.33 -6.87 -2.47
CA TYR A 12 14.05 -6.59 -1.83
C TYR A 12 13.20 -7.84 -1.75
N ASN A 13 13.26 -8.64 -2.80
CA ASN A 13 12.51 -9.88 -2.86
C ASN A 13 12.97 -10.82 -1.74
N GLU A 14 14.13 -10.48 -1.19
CA GLU A 14 14.70 -11.30 -0.12
C GLU A 14 14.01 -10.97 1.21
N GLN A 15 13.52 -9.74 1.30
CA GLN A 15 12.84 -9.29 2.50
C GLN A 15 11.33 -9.19 2.25
N ILE A 16 10.91 -9.76 1.13
CA ILE A 16 9.51 -9.74 0.75
C ILE A 16 8.68 -10.39 1.87
N PRO A 17 9.18 -11.57 2.33
CA PRO A 17 8.50 -12.30 3.38
C PRO A 17 8.72 -11.64 4.75
N ASN A 18 9.48 -10.55 4.73
CA ASN A 18 9.77 -9.82 5.94
C ASN A 18 8.75 -8.68 6.11
N VAL A 19 8.35 -8.12 4.98
CA VAL A 19 7.39 -7.03 5.00
C VAL A 19 6.01 -7.59 5.40
N ARG A 20 5.67 -8.72 4.80
CA ARG A 20 4.40 -9.36 5.09
C ARG A 20 4.40 -9.95 6.50
N SER A 21 5.60 -10.28 6.96
CA SER A 21 5.76 -10.85 8.28
C SER A 21 5.34 -9.85 9.35
N LEU A 22 5.71 -8.59 9.11
CA LEU A 22 5.37 -7.52 10.04
C LEU A 22 3.99 -6.95 9.68
N LEU A 23 3.71 -6.95 8.38
CA LEU A 23 2.44 -6.43 7.89
C LEU A 23 1.31 -7.28 8.46
N THR A 24 1.58 -8.57 8.62
CA THR A 24 0.59 -9.49 9.15
C THR A 24 0.15 -9.04 10.54
N LYS A 25 0.93 -8.14 11.13
CA LYS A 25 0.63 -7.63 12.46
C LYS A 25 -0.64 -6.80 12.40
N TRP A 26 -0.90 -6.26 11.22
CA TRP A 26 -2.09 -5.43 11.03
C TRP A 26 -3.29 -6.20 11.58
N ALA A 27 -4.08 -5.49 12.39
CA ALA A 27 -5.26 -6.10 12.98
C ALA A 27 -6.48 -5.80 12.11
N LYS A 28 -6.23 -5.05 11.04
CA LYS A 28 -7.29 -4.69 10.12
C LYS A 28 -7.23 -5.61 8.89
N VAL A 29 -6.04 -6.11 8.62
CA VAL A 29 -5.84 -7.00 7.49
C VAL A 29 -6.72 -8.23 7.65
N GLU A 30 -7.42 -8.56 6.56
CA GLU A 30 -8.32 -9.70 6.57
C GLU A 30 -7.77 -10.81 5.67
N ARG A 31 -7.02 -10.38 4.66
CA ARG A 31 -6.43 -11.32 3.72
C ARG A 31 -4.94 -11.04 3.56
N ILE A 32 -4.19 -12.10 3.32
CA ILE A 32 -2.75 -12.00 3.14
C ILE A 32 -2.30 -12.92 2.01
N GLN A 33 -1.84 -12.30 0.93
CA GLN A 33 -1.37 -13.05 -0.22
C GLN A 33 -0.14 -12.38 -0.83
N ASP A 34 0.64 -13.19 -1.53
CA ASP A 34 1.85 -12.69 -2.16
C ASP A 34 1.73 -12.85 -3.68
N VAL A 35 2.57 -12.11 -4.39
CA VAL A 35 2.57 -12.16 -5.84
C VAL A 35 4.01 -12.23 -6.35
N GLN A 36 4.13 -12.35 -7.66
CA GLN A 36 5.45 -12.44 -8.28
C GLN A 36 6.13 -11.08 -8.25
N ASP A 37 6.92 -10.88 -7.21
CA ASP A 37 7.66 -9.63 -7.04
C ASP A 37 6.70 -8.58 -6.47
N GLY A 38 5.97 -8.98 -5.45
CA GLY A 38 5.02 -8.08 -4.81
C GLY A 38 4.17 -8.83 -3.78
N LEU A 39 3.13 -8.14 -3.31
CA LEU A 39 2.23 -8.73 -2.32
C LEU A 39 0.85 -8.07 -2.45
N GLN A 40 -0.17 -8.86 -2.12
CA GLN A 40 -1.53 -8.37 -2.19
C GLN A 40 -2.26 -8.68 -0.89
N LEU A 41 -2.60 -7.61 -0.17
CA LEU A 41 -3.30 -7.75 1.10
C LEU A 41 -4.65 -7.04 1.01
N ASP A 42 -5.63 -7.60 1.70
CA ASP A 42 -6.96 -7.03 1.71
C ASP A 42 -7.19 -6.30 3.04
N VAL A 43 -6.96 -5.00 3.02
CA VAL A 43 -7.14 -4.19 4.21
C VAL A 43 -8.61 -3.81 4.35
N ARG A 44 -9.04 -3.67 5.59
CA ARG A 44 -10.42 -3.31 5.86
C ARG A 44 -10.49 -1.92 6.50
N LEU A 45 -10.55 -0.92 5.63
CA LEU A 45 -10.63 0.46 6.09
C LEU A 45 -11.92 0.67 6.88
N LYS A 46 -12.98 0.04 6.39
CA LYS A 46 -14.27 0.16 7.04
C LYS A 46 -15.00 -1.20 6.96
N THR A 47 -15.96 -1.38 7.86
CA THR A 47 -16.72 -2.61 7.89
C THR A 47 -17.47 -2.80 6.57
N ASP A 48 -17.53 -1.73 5.80
CA ASP A 48 -18.22 -1.78 4.51
C ASP A 48 -17.28 -1.26 3.42
N THR A 49 -16.01 -1.14 3.78
CA THR A 49 -15.01 -0.66 2.85
C THR A 49 -13.83 -1.63 2.78
N LEU A 50 -13.15 -1.61 1.64
CA LEU A 50 -12.00 -2.48 1.44
C LEU A 50 -10.89 -1.69 0.75
N LEU A 51 -9.69 -1.82 1.29
CA LEU A 51 -8.53 -1.13 0.74
C LEU A 51 -7.49 -2.16 0.30
N GLU A 52 -7.41 -2.35 -1.01
CA GLU A 52 -6.46 -3.31 -1.57
C GLU A 52 -5.09 -2.65 -1.72
N LEU A 53 -4.12 -3.19 -0.99
CA LEU A 53 -2.77 -2.67 -1.03
C LEU A 53 -1.88 -3.66 -1.78
N HIS A 54 -1.06 -3.11 -2.67
CA HIS A 54 -0.16 -3.92 -3.46
C HIS A 54 1.26 -3.35 -3.38
N ILE A 55 2.23 -4.22 -3.60
CA ILE A 55 3.62 -3.81 -3.56
C ILE A 55 4.33 -4.30 -4.83
N TYR A 56 5.04 -3.38 -5.45
CA TYR A 56 5.77 -3.69 -6.67
C TYR A 56 7.09 -2.92 -6.75
N TYR A 57 8.14 -3.64 -7.06
CA TYR A 57 9.47 -3.03 -7.16
C TYR A 57 9.56 -2.13 -8.40
N ASP A 58 10.33 -1.07 -8.26
CA ASP A 58 10.50 -0.12 -9.35
C ASP A 58 11.99 0.08 -9.61
N HIS A 59 12.45 -0.43 -10.74
CA HIS A 59 13.85 -0.30 -11.11
C HIS A 59 14.16 1.14 -11.48
N VAL A 60 13.10 1.94 -11.53
CA VAL A 60 13.26 3.36 -11.87
C VAL A 60 14.18 4.02 -10.85
N TYR A 61 13.97 3.68 -9.58
CA TYR A 61 14.78 4.23 -8.52
C TYR A 61 15.47 3.13 -7.72
N HIS A 62 15.29 1.90 -8.18
CA HIS A 62 15.88 0.75 -7.52
C HIS A 62 15.29 0.61 -6.12
N VAL A 63 14.03 0.96 -6.00
CA VAL A 63 13.34 0.88 -4.72
C VAL A 63 11.92 0.37 -4.94
N PRO A 64 11.30 -0.11 -3.83
CA PRO A 64 9.95 -0.64 -3.89
C PRO A 64 8.93 0.50 -4.00
N SER A 65 7.73 0.13 -4.40
CA SER A 65 6.65 1.11 -4.55
C SER A 65 5.40 0.63 -3.82
N ILE A 66 4.41 1.51 -3.77
CA ILE A 66 3.16 1.19 -3.09
C ILE A 66 1.99 1.76 -3.91
N LYS A 67 1.04 0.88 -4.20
CA LYS A 67 -0.12 1.27 -4.96
C LYS A 67 -1.35 0.54 -4.43
N PHE A 68 -2.38 1.31 -4.13
CA PHE A 68 -3.61 0.76 -3.61
C PHE A 68 -4.84 1.47 -4.20
N ARG A 69 -5.99 0.83 -4.04
CA ARG A 69 -7.22 1.39 -4.55
C ARG A 69 -8.38 1.14 -3.57
N LEU A 70 -8.94 2.24 -3.07
CA LEU A 70 -10.03 2.14 -2.12
C LEU A 70 -11.24 1.49 -2.81
N TRP A 71 -11.97 0.71 -2.03
CA TRP A 71 -13.14 0.03 -2.54
C TRP A 71 -14.33 0.36 -1.62
N SER A 72 -15.51 0.21 -2.18
CA SER A 72 -16.73 0.50 -1.42
C SER A 72 -17.69 -0.70 -1.50
N LEU A 73 -17.65 -1.53 -0.47
CA LEU A 73 -18.50 -2.69 -0.42
C LEU A 73 -19.96 -2.26 -0.26
N ASP A 74 -20.79 -2.74 -1.18
CA ASP A 74 -22.20 -2.40 -1.14
C ASP A 74 -23.02 -3.69 -1.04
N THR A 75 -23.68 -3.84 0.10
CA THR A 75 -24.50 -5.01 0.34
C THR A 75 -25.99 -4.66 0.23
N GLU A 76 -26.27 -3.69 -0.63
CA GLU A 76 -27.64 -3.24 -0.85
C GLU A 76 -28.59 -4.45 -0.91
N GLU A 77 -28.14 -5.47 -1.63
CA GLU A 77 -28.92 -6.68 -1.78
C GLU A 77 -28.36 -7.80 -0.91
N ASP A 78 -27.14 -7.58 -0.43
CA ASP A 78 -26.48 -8.55 0.42
C ASP A 78 -25.85 -9.63 -0.46
N ILE A 79 -25.09 -9.19 -1.45
CA ILE A 79 -24.43 -10.11 -2.36
C ILE A 79 -22.91 -9.98 -2.19
N SER A 80 -22.53 -9.06 -1.33
CA SER A 80 -21.11 -8.82 -1.06
C SER A 80 -20.48 -8.10 -2.25
N SER A 81 -21.17 -7.08 -2.73
CA SER A 81 -20.67 -6.31 -3.86
C SER A 81 -19.64 -5.28 -3.37
N LEU A 82 -19.08 -4.57 -4.34
CA LEU A 82 -18.09 -3.55 -4.03
C LEU A 82 -17.75 -2.77 -5.29
N ARG A 83 -17.19 -1.59 -5.09
CA ARG A 83 -16.81 -0.73 -6.21
C ARG A 83 -15.69 0.21 -5.79
N LEU A 84 -14.74 0.39 -6.70
CA LEU A 84 -13.60 1.26 -6.45
C LEU A 84 -14.11 2.66 -6.09
N LEU A 85 -13.56 3.21 -5.03
CA LEU A 85 -13.93 4.54 -4.58
C LEU A 85 -12.97 5.57 -5.16
N THR A 86 -13.50 6.75 -5.45
CA THR A 86 -12.71 7.82 -6.01
C THR A 86 -13.09 9.15 -5.37
N LEU A 87 -12.37 9.49 -4.31
CA LEU A 87 -12.63 10.74 -3.60
C LEU A 87 -11.34 11.54 -3.50
N SER A 88 -11.48 12.80 -3.12
CA SER A 88 -10.34 13.68 -2.99
C SER A 88 -9.37 13.12 -1.95
N ASP A 89 -8.32 13.90 -1.68
CA ASP A 89 -7.32 13.49 -0.71
C ASP A 89 -7.86 13.72 0.71
N SER A 90 -8.65 14.77 0.84
CA SER A 90 -9.24 15.11 2.12
C SER A 90 -10.05 13.93 2.66
N GLU A 91 -10.71 13.25 1.73
CA GLU A 91 -11.53 12.10 2.09
C GLU A 91 -10.65 10.86 2.29
N LEU A 92 -9.73 10.68 1.35
CA LEU A 92 -8.82 9.55 1.41
C LEU A 92 -7.98 9.64 2.68
N ARG A 93 -7.80 10.86 3.15
CA ARG A 93 -7.02 11.10 4.36
C ARG A 93 -7.83 10.72 5.60
N SER A 94 -9.12 10.48 5.37
CA SER A 94 -10.00 10.10 6.46
C SER A 94 -9.64 8.72 6.98
N ILE A 95 -9.07 7.91 6.10
CA ILE A 95 -8.66 6.56 6.46
C ILE A 95 -7.14 6.46 6.45
N LEU A 96 -6.55 7.04 5.40
CA LEU A 96 -5.11 7.02 5.26
C LEU A 96 -4.52 8.22 5.99
N ASN A 97 -3.19 8.22 6.09
CA ASN A 97 -2.49 9.30 6.77
C ASN A 97 -1.38 9.82 5.86
N LEU A 98 -1.64 10.98 5.27
CA LEU A 98 -0.67 11.60 4.38
C LEU A 98 0.18 12.59 5.17
N GLY A 99 -0.50 13.55 5.77
CA GLY A 99 0.18 14.57 6.57
C GLY A 99 1.06 15.45 5.68
N THR A 100 2.31 15.04 5.54
CA THR A 100 3.26 15.79 4.73
C THR A 100 3.72 14.94 3.54
N PHE A 101 3.23 13.71 3.50
CA PHE A 101 3.58 12.79 2.43
C PHE A 101 2.97 13.25 1.10
N SER A 102 3.09 12.39 0.11
CA SER A 102 2.57 12.69 -1.21
C SER A 102 2.08 11.40 -1.89
N VAL A 103 1.06 11.56 -2.72
CA VAL A 103 0.49 10.42 -3.43
C VAL A 103 0.19 10.83 -4.87
N THR A 104 -0.03 9.82 -5.70
CA THR A 104 -0.32 10.06 -7.10
C THR A 104 -1.48 9.18 -7.56
N LEU A 105 -2.58 9.84 -7.90
CA LEU A 105 -3.77 9.12 -8.36
C LEU A 105 -3.72 8.97 -9.87
N SER A 106 -3.76 7.71 -10.31
CA SER A 106 -3.72 7.41 -11.73
C SER A 106 -5.04 6.77 -12.17
N THR A 107 -5.52 7.22 -13.32
CA THR A 107 -6.77 6.71 -13.86
C THR A 107 -6.65 6.50 -15.37
N ASP A 108 -7.07 5.32 -15.80
CA ASP A 108 -7.02 4.99 -17.22
C ASP A 108 -8.15 5.72 -17.95
N MET A 109 -8.06 5.70 -19.27
CA MET A 109 -9.05 6.36 -20.10
C MET A 109 -10.44 5.77 -19.85
N GLU A 110 -10.46 4.48 -19.51
CA GLU A 110 -11.70 3.79 -19.24
C GLU A 110 -12.31 4.28 -17.92
N MET A 111 -11.52 5.06 -17.20
CA MET A 111 -11.96 5.61 -15.93
C MET A 111 -12.66 4.54 -15.08
N LYS A 112 -12.33 3.29 -15.39
CA LYS A 112 -12.91 2.16 -14.67
C LYS A 112 -11.91 1.66 -13.63
N SER A 113 -10.65 2.04 -13.84
CA SER A 113 -9.59 1.63 -12.93
C SER A 113 -8.88 2.86 -12.37
N VAL A 114 -8.67 2.84 -11.07
CA VAL A 114 -7.99 3.94 -10.40
C VAL A 114 -7.06 3.40 -9.33
N TYR A 115 -5.84 3.93 -9.30
CA TYR A 115 -4.85 3.51 -8.34
C TYR A 115 -4.24 4.70 -7.60
N TYR A 116 -3.78 4.44 -6.39
CA TYR A 116 -3.18 5.49 -5.58
C TYR A 116 -1.70 5.21 -5.32
N TYR A 117 -0.90 5.51 -6.32
CA TYR A 117 0.54 5.30 -6.22
C TYR A 117 1.17 6.25 -5.21
N ILE A 118 1.56 5.68 -4.07
CA ILE A 118 2.19 6.47 -3.02
C ILE A 118 3.56 6.95 -3.49
N ASN A 119 3.83 8.21 -3.21
CA ASN A 119 5.10 8.80 -3.59
C ASN A 119 6.25 7.98 -3.01
N ASN A 120 6.97 7.30 -3.88
CA ASN A 120 8.08 6.47 -3.47
C ASN A 120 9.24 6.63 -4.47
N CYS A 121 9.47 7.87 -4.85
CA CYS A 121 10.53 8.17 -5.80
C CYS A 121 11.79 8.54 -5.01
N ASP A 122 11.64 9.52 -4.13
CA ASP A 122 12.75 9.97 -3.31
C ASP A 122 12.67 9.30 -1.94
N THR A 123 12.44 8.00 -1.96
CA THR A 123 12.34 7.23 -0.73
C THR A 123 13.68 7.17 -0.03
N ASP A 124 14.72 6.90 -0.82
CA ASP A 124 16.07 6.81 -0.28
C ASP A 124 16.39 8.10 0.49
N ALA A 125 15.78 9.18 0.05
CA ALA A 125 16.00 10.47 0.69
C ALA A 125 15.01 10.64 1.84
N ASN A 126 13.90 9.91 1.75
CA ASN A 126 12.88 9.96 2.76
C ASN A 126 13.30 9.10 3.96
N VAL A 127 13.31 7.80 3.73
CA VAL A 127 13.70 6.86 4.76
C VAL A 127 15.22 6.86 4.91
N GLY A 128 15.87 6.39 3.85
CA GLY A 128 17.33 6.33 3.85
C GLY A 128 17.82 5.00 4.43
N SER A 129 16.97 4.40 5.24
CA SER A 129 17.30 3.12 5.86
C SER A 129 18.08 2.25 4.88
N ASP A 130 19.10 1.57 5.41
CA ASP A 130 19.92 0.70 4.60
C ASP A 130 19.05 -0.44 4.06
N VAL A 131 19.57 -1.08 3.01
CA VAL A 131 18.86 -2.19 2.39
C VAL A 131 18.84 -3.37 3.36
N GLU A 132 19.61 -3.24 4.43
CA GLU A 132 19.68 -4.29 5.44
C GLU A 132 18.28 -4.66 5.92
N HIS A 133 17.65 -3.72 6.61
CA HIS A 133 16.31 -3.94 7.12
C HIS A 133 15.37 -2.84 6.61
N TYR A 134 15.45 -2.61 5.31
CA TYR A 134 14.61 -1.58 4.69
C TYR A 134 13.18 -2.09 4.50
N LEU A 135 13.06 -3.17 3.74
CA LEU A 135 11.76 -3.76 3.48
C LEU A 135 10.90 -3.67 4.74
N THR A 136 11.57 -3.71 5.89
CA THR A 136 10.89 -3.64 7.16
C THR A 136 10.57 -2.18 7.52
N ARG A 137 11.60 -1.35 7.43
CA ARG A 137 11.45 0.07 7.73
C ARG A 137 10.55 0.74 6.69
N TRP A 138 10.95 0.59 5.43
CA TRP A 138 10.20 1.18 4.33
C TRP A 138 8.70 0.99 4.63
N ILE A 139 8.29 -0.26 4.65
CA ILE A 139 6.90 -0.59 4.92
C ILE A 139 6.48 0.06 6.24
N SER A 140 7.26 -0.18 7.27
CA SER A 140 6.99 0.38 8.58
C SER A 140 6.87 1.91 8.48
N LEU A 141 7.38 2.44 7.38
CA LEU A 141 7.34 3.87 7.16
C LEU A 141 6.12 4.22 6.29
N TYR A 142 5.78 3.28 5.42
CA TYR A 142 4.63 3.48 4.53
C TYR A 142 3.37 2.87 5.13
N ILE A 143 3.53 2.26 6.30
CA ILE A 143 2.41 1.65 6.98
C ILE A 143 1.70 2.69 7.84
N ARG A 144 2.43 3.76 8.14
CA ARG A 144 1.89 4.83 8.95
C ARG A 144 0.89 5.66 8.14
N ILE A 145 0.80 5.34 6.86
CA ILE A 145 -0.12 6.03 5.97
C ILE A 145 -1.45 5.27 5.91
N PHE A 146 -1.44 4.08 6.49
CA PHE A 146 -2.63 3.26 6.50
C PHE A 146 -3.08 2.98 7.94
N ASP A 147 -2.09 2.85 8.82
CA ASP A 147 -2.37 2.58 10.22
C ASP A 147 -1.30 3.25 11.09
N LEU A 148 -1.75 4.15 11.94
CA LEU A 148 -0.85 4.87 12.83
C LEU A 148 -0.82 4.18 14.19
N ASN A 149 -1.56 3.08 14.28
CA ASN A 149 -1.64 2.33 15.51
C ASN A 149 -0.83 1.04 15.38
N PHE A 150 -0.43 0.76 14.14
CA PHE A 150 0.36 -0.43 13.86
C PHE A 150 1.80 -0.07 13.52
N VAL A 151 2.69 -0.35 14.46
CA VAL A 151 4.10 -0.07 14.29
C VAL A 151 4.88 -1.38 14.24
N PRO A 152 5.25 -1.79 12.99
CA PRO A 152 6.01 -3.02 12.80
C PRO A 152 7.46 -2.84 13.21
N SER A 5 18.38 5.30 -4.47
CA SER A 5 18.74 4.06 -3.82
C SER A 5 19.27 3.06 -4.84
N MET A 6 19.73 1.92 -4.33
CA MET A 6 20.26 0.88 -5.19
C MET A 6 19.48 -0.42 -5.01
N LEU A 7 18.59 -0.42 -4.03
CA LEU A 7 17.78 -1.58 -3.74
C LEU A 7 17.12 -2.08 -5.03
N THR A 8 17.73 -3.11 -5.60
CA THR A 8 17.22 -3.69 -6.83
C THR A 8 15.95 -4.49 -6.55
N LEU A 9 15.55 -5.27 -7.55
CA LEU A 9 14.36 -6.09 -7.43
C LEU A 9 14.67 -7.31 -6.56
N PRO A 10 15.83 -7.94 -6.85
CA PRO A 10 16.26 -9.12 -6.10
C PRO A 10 16.78 -8.72 -4.71
N GLU A 11 16.96 -7.42 -4.53
CA GLU A 11 17.44 -6.91 -3.26
C GLU A 11 16.27 -6.64 -2.31
N TYR A 12 15.17 -6.20 -2.90
CA TYR A 12 13.97 -5.90 -2.13
C TYR A 12 13.09 -7.14 -1.97
N ASN A 13 13.30 -8.10 -2.88
CA ASN A 13 12.53 -9.33 -2.85
C ASN A 13 13.12 -10.26 -1.79
N GLU A 14 14.34 -9.95 -1.39
CA GLU A 14 15.02 -10.76 -0.39
C GLU A 14 14.37 -10.56 0.98
N GLN A 15 13.70 -9.43 1.12
CA GLN A 15 13.03 -9.11 2.38
C GLN A 15 11.52 -9.06 2.17
N ILE A 16 11.09 -9.56 1.03
CA ILE A 16 9.68 -9.58 0.69
C ILE A 16 8.92 -10.36 1.78
N PRO A 17 9.50 -11.52 2.18
CA PRO A 17 8.89 -12.35 3.19
C PRO A 17 9.08 -11.74 4.59
N ASN A 18 9.74 -10.59 4.61
CA ASN A 18 9.99 -9.89 5.86
C ASN A 18 8.88 -8.86 6.10
N VAL A 19 8.45 -8.25 5.01
CA VAL A 19 7.39 -7.24 5.08
C VAL A 19 6.07 -7.92 5.44
N ARG A 20 5.71 -8.92 4.65
CA ARG A 20 4.48 -9.65 4.87
C ARG A 20 4.48 -10.27 6.27
N SER A 21 5.67 -10.59 6.75
CA SER A 21 5.83 -11.17 8.06
C SER A 21 5.24 -10.25 9.12
N LEU A 22 5.69 -9.00 9.09
CA LEU A 22 5.22 -8.01 10.04
C LEU A 22 3.84 -7.50 9.60
N LEU A 23 3.58 -7.64 8.31
CA LEU A 23 2.31 -7.20 7.75
C LEU A 23 1.17 -7.97 8.42
N THR A 24 1.50 -9.18 8.87
CA THR A 24 0.52 -10.03 9.53
C THR A 24 0.01 -9.37 10.81
N LYS A 25 0.83 -8.46 11.33
CA LYS A 25 0.48 -7.75 12.55
C LYS A 25 -0.72 -6.86 12.28
N TRP A 26 -1.00 -6.65 11.00
CA TRP A 26 -2.11 -5.81 10.59
C TRP A 26 -3.40 -6.53 10.97
N ALA A 27 -4.14 -5.91 11.88
CA ALA A 27 -5.40 -6.48 12.34
C ALA A 27 -6.52 -6.03 11.39
N LYS A 28 -6.21 -5.05 10.57
CA LYS A 28 -7.18 -4.53 9.63
C LYS A 28 -7.19 -5.41 8.38
N VAL A 29 -6.09 -6.12 8.18
CA VAL A 29 -5.96 -7.00 7.04
C VAL A 29 -6.84 -8.24 7.26
N GLU A 30 -7.79 -8.42 6.37
CA GLU A 30 -8.70 -9.56 6.45
C GLU A 30 -8.17 -10.72 5.63
N ARG A 31 -7.40 -10.39 4.61
CA ARG A 31 -6.81 -11.39 3.73
C ARG A 31 -5.34 -11.07 3.47
N ILE A 32 -4.51 -12.10 3.62
CA ILE A 32 -3.09 -11.94 3.40
C ILE A 32 -2.68 -12.73 2.16
N GLN A 33 -2.46 -12.01 1.06
CA GLN A 33 -2.07 -12.63 -0.19
C GLN A 33 -0.74 -12.05 -0.67
N ASP A 34 -0.01 -12.88 -1.40
CA ASP A 34 1.28 -12.46 -1.93
C ASP A 34 1.26 -12.54 -3.46
N VAL A 35 2.14 -11.77 -4.08
CA VAL A 35 2.23 -11.74 -5.52
C VAL A 35 3.64 -12.15 -5.95
N GLN A 36 3.81 -12.27 -7.27
CA GLN A 36 5.10 -12.65 -7.82
C GLN A 36 5.93 -11.40 -8.13
N ASP A 37 5.68 -10.36 -7.36
CA ASP A 37 6.40 -9.11 -7.53
C ASP A 37 6.09 -8.18 -6.35
N GLY A 38 5.92 -8.80 -5.19
CA GLY A 38 5.62 -8.05 -3.99
C GLY A 38 4.62 -8.79 -3.09
N LEU A 39 3.48 -8.15 -2.88
CA LEU A 39 2.43 -8.73 -2.05
C LEU A 39 1.12 -8.02 -2.32
N GLN A 40 0.06 -8.56 -1.74
CA GLN A 40 -1.27 -7.98 -1.91
C GLN A 40 -2.18 -8.39 -0.75
N LEU A 41 -2.44 -7.44 0.12
CA LEU A 41 -3.29 -7.69 1.27
C LEU A 41 -4.64 -6.99 1.07
N ASP A 42 -5.56 -7.28 1.97
CA ASP A 42 -6.89 -6.69 1.90
C ASP A 42 -7.25 -6.09 3.25
N VAL A 43 -6.99 -4.79 3.38
CA VAL A 43 -7.28 -4.10 4.63
C VAL A 43 -8.73 -3.58 4.59
N ARG A 44 -9.37 -3.67 5.74
CA ARG A 44 -10.75 -3.23 5.85
C ARG A 44 -10.81 -1.80 6.43
N LEU A 45 -10.52 -0.84 5.56
CA LEU A 45 -10.54 0.55 5.97
C LEU A 45 -11.87 0.87 6.66
N LYS A 46 -12.91 0.18 6.23
CA LYS A 46 -14.23 0.36 6.80
C LYS A 46 -15.08 -0.88 6.53
N THR A 47 -16.12 -1.02 7.34
CA THR A 47 -17.02 -2.16 7.21
C THR A 47 -17.64 -2.19 5.80
N ASP A 48 -17.51 -1.06 5.12
CA ASP A 48 -18.06 -0.94 3.77
C ASP A 48 -16.97 -0.40 2.84
N THR A 49 -15.74 -0.50 3.29
CA THR A 49 -14.60 -0.02 2.51
C THR A 49 -13.47 -1.04 2.55
N LEU A 50 -12.91 -1.29 1.37
CA LEU A 50 -11.81 -2.24 1.26
C LEU A 50 -10.62 -1.55 0.58
N LEU A 51 -9.48 -1.61 1.25
CA LEU A 51 -8.26 -1.01 0.73
C LEU A 51 -7.27 -2.10 0.37
N GLU A 52 -6.96 -2.17 -0.92
CA GLU A 52 -6.03 -3.16 -1.42
C GLU A 52 -4.65 -2.54 -1.63
N LEU A 53 -3.67 -3.10 -0.95
CA LEU A 53 -2.30 -2.61 -1.05
C LEU A 53 -1.50 -3.53 -1.98
N HIS A 54 -0.87 -2.91 -2.97
CA HIS A 54 -0.07 -3.66 -3.93
C HIS A 54 1.37 -3.16 -3.89
N ILE A 55 2.21 -3.95 -3.24
CA ILE A 55 3.63 -3.60 -3.11
C ILE A 55 4.37 -4.10 -4.35
N TYR A 56 5.24 -3.24 -4.86
CA TYR A 56 6.03 -3.58 -6.04
C TYR A 56 7.35 -2.82 -6.05
N TYR A 57 8.19 -3.19 -7.01
CA TYR A 57 9.49 -2.55 -7.15
C TYR A 57 9.54 -1.67 -8.39
N ASP A 58 10.20 -0.52 -8.25
CA ASP A 58 10.33 0.41 -9.36
C ASP A 58 11.67 0.18 -10.07
N HIS A 59 11.58 -0.09 -11.35
CA HIS A 59 12.77 -0.33 -12.16
C HIS A 59 13.30 0.99 -12.70
N VAL A 60 12.65 2.07 -12.28
CA VAL A 60 13.05 3.40 -12.71
C VAL A 60 13.86 4.08 -11.60
N TYR A 61 13.51 3.73 -10.38
CA TYR A 61 14.19 4.29 -9.22
C TYR A 61 14.91 3.20 -8.42
N HIS A 62 14.57 1.95 -8.74
CA HIS A 62 15.17 0.82 -8.06
C HIS A 62 14.87 0.90 -6.56
N VAL A 63 13.58 1.02 -6.26
CA VAL A 63 13.14 1.10 -4.88
C VAL A 63 11.70 0.59 -4.77
N PRO A 64 11.28 0.30 -3.51
CA PRO A 64 9.94 -0.19 -3.25
C PRO A 64 8.91 0.93 -3.39
N SER A 65 7.73 0.55 -3.82
CA SER A 65 6.64 1.50 -4.00
C SER A 65 5.35 0.95 -3.39
N ILE A 66 4.33 1.79 -3.38
CA ILE A 66 3.05 1.41 -2.83
C ILE A 66 1.93 1.88 -3.77
N LYS A 67 1.02 0.96 -4.07
CA LYS A 67 -0.09 1.26 -4.95
C LYS A 67 -1.34 0.53 -4.45
N PHE A 68 -2.35 1.32 -4.11
CA PHE A 68 -3.60 0.77 -3.62
C PHE A 68 -4.80 1.50 -4.22
N ARG A 69 -5.95 0.84 -4.17
CA ARG A 69 -7.16 1.43 -4.70
C ARG A 69 -8.31 1.27 -3.70
N LEU A 70 -9.03 2.36 -3.50
CA LEU A 70 -10.15 2.36 -2.57
C LEU A 70 -11.30 1.56 -3.18
N TRP A 71 -11.98 0.82 -2.31
CA TRP A 71 -13.10 0.00 -2.74
C TRP A 71 -14.31 0.34 -1.85
N SER A 72 -15.49 0.14 -2.41
CA SER A 72 -16.72 0.43 -1.69
C SER A 72 -17.62 -0.81 -1.67
N LEU A 73 -17.54 -1.55 -0.58
CA LEU A 73 -18.34 -2.75 -0.43
C LEU A 73 -19.82 -2.37 -0.30
N ASP A 74 -20.63 -2.95 -1.17
CA ASP A 74 -22.06 -2.67 -1.16
C ASP A 74 -22.82 -3.99 -0.96
N THR A 75 -23.49 -4.08 0.18
CA THR A 75 -24.26 -5.27 0.49
C THR A 75 -25.75 -5.01 0.29
N GLU A 76 -26.05 -4.20 -0.71
CA GLU A 76 -27.43 -3.86 -1.01
C GLU A 76 -28.24 -5.12 -1.25
N GLU A 77 -27.59 -6.09 -1.88
CA GLU A 77 -28.24 -7.36 -2.18
C GLU A 77 -27.72 -8.47 -1.25
N ASP A 78 -26.78 -8.08 -0.41
CA ASP A 78 -26.18 -9.01 0.53
C ASP A 78 -25.49 -10.14 -0.25
N ILE A 79 -24.70 -9.74 -1.23
CA ILE A 79 -23.99 -10.71 -2.06
C ILE A 79 -22.48 -10.51 -1.86
N SER A 80 -22.14 -9.46 -1.13
CA SER A 80 -20.75 -9.15 -0.87
C SER A 80 -20.12 -8.48 -2.09
N SER A 81 -20.80 -7.46 -2.58
CA SER A 81 -20.33 -6.73 -3.74
C SER A 81 -19.37 -5.61 -3.30
N LEU A 82 -18.85 -4.90 -4.29
CA LEU A 82 -17.93 -3.81 -4.02
C LEU A 82 -17.69 -3.01 -5.30
N ARG A 83 -17.17 -1.81 -5.13
CA ARG A 83 -16.91 -0.94 -6.26
C ARG A 83 -15.81 0.08 -5.91
N LEU A 84 -14.84 0.19 -6.80
CA LEU A 84 -13.73 1.10 -6.60
C LEU A 84 -14.29 2.49 -6.26
N LEU A 85 -13.66 3.12 -5.28
CA LEU A 85 -14.09 4.45 -4.85
C LEU A 85 -13.15 5.49 -5.46
N THR A 86 -13.67 6.69 -5.62
CA THR A 86 -12.90 7.79 -6.17
C THR A 86 -13.26 9.11 -5.49
N LEU A 87 -12.56 9.39 -4.40
CA LEU A 87 -12.80 10.60 -3.65
C LEU A 87 -11.50 11.41 -3.58
N SER A 88 -11.65 12.66 -3.15
CA SER A 88 -10.50 13.55 -3.03
C SER A 88 -9.56 13.05 -1.93
N ASP A 89 -8.55 13.85 -1.66
CA ASP A 89 -7.57 13.51 -0.63
C ASP A 89 -8.19 13.77 0.75
N SER A 90 -9.20 14.62 0.76
CA SER A 90 -9.88 14.97 2.00
C SER A 90 -10.57 13.74 2.58
N GLU A 91 -11.03 12.88 1.68
CA GLU A 91 -11.71 11.66 2.09
C GLU A 91 -10.70 10.53 2.27
N LEU A 92 -9.82 10.39 1.30
CA LEU A 92 -8.80 9.35 1.34
C LEU A 92 -8.01 9.49 2.64
N ARG A 93 -7.53 10.70 2.89
CA ARG A 93 -6.75 10.98 4.07
C ARG A 93 -7.57 10.66 5.33
N SER A 94 -8.87 10.52 5.14
CA SER A 94 -9.76 10.21 6.24
C SER A 94 -9.44 8.82 6.80
N ILE A 95 -8.89 7.98 5.93
CA ILE A 95 -8.53 6.64 6.32
C ILE A 95 -7.01 6.49 6.29
N LEU A 96 -6.40 7.19 5.36
CA LEU A 96 -4.96 7.15 5.22
C LEU A 96 -4.34 8.31 6.00
N ASN A 97 -3.01 8.30 6.06
CA ASN A 97 -2.28 9.34 6.77
C ASN A 97 -1.10 9.80 5.92
N LEU A 98 -1.26 10.98 5.34
CA LEU A 98 -0.22 11.56 4.50
C LEU A 98 0.66 12.48 5.34
N GLY A 99 0.02 13.47 5.94
CA GLY A 99 0.73 14.42 6.77
C GLY A 99 1.90 15.04 6.02
N THR A 100 3.05 14.37 6.11
CA THR A 100 4.24 14.84 5.44
C THR A 100 4.55 13.97 4.22
N PHE A 101 3.53 13.27 3.76
CA PHE A 101 3.67 12.41 2.61
C PHE A 101 2.78 12.87 1.45
N SER A 102 3.10 12.37 0.26
CA SER A 102 2.35 12.73 -0.93
C SER A 102 1.93 11.46 -1.69
N VAL A 103 0.90 11.61 -2.50
CA VAL A 103 0.39 10.50 -3.28
C VAL A 103 0.05 10.98 -4.69
N THR A 104 -0.21 10.02 -5.57
CA THR A 104 -0.55 10.33 -6.94
C THR A 104 -1.61 9.36 -7.46
N LEU A 105 -2.76 9.91 -7.80
CA LEU A 105 -3.86 9.12 -8.31
C LEU A 105 -3.87 9.18 -9.83
N SER A 106 -3.75 8.01 -10.45
CA SER A 106 -3.75 7.93 -11.90
C SER A 106 -4.98 7.17 -12.38
N THR A 107 -5.32 7.39 -13.64
CA THR A 107 -6.47 6.73 -14.23
C THR A 107 -6.11 6.14 -15.60
N ASP A 108 -6.74 5.01 -15.91
CA ASP A 108 -6.49 4.34 -17.17
C ASP A 108 -7.32 4.99 -18.27
N MET A 109 -7.03 4.61 -19.50
CA MET A 109 -7.75 5.14 -20.64
C MET A 109 -9.24 4.76 -20.58
N GLU A 110 -9.53 3.77 -19.75
CA GLU A 110 -10.90 3.31 -19.59
C GLU A 110 -11.60 4.10 -18.48
N MET A 111 -10.79 4.81 -17.72
CA MET A 111 -11.32 5.62 -16.62
C MET A 111 -12.25 4.79 -15.73
N LYS A 112 -12.01 3.48 -15.75
CA LYS A 112 -12.81 2.57 -14.95
C LYS A 112 -12.00 2.09 -13.76
N SER A 113 -10.69 2.29 -13.85
CA SER A 113 -9.79 1.88 -12.79
C SER A 113 -8.87 3.05 -12.41
N VAL A 114 -8.66 3.19 -11.11
CA VAL A 114 -7.81 4.25 -10.60
C VAL A 114 -7.01 3.73 -9.40
N TYR A 115 -5.73 4.08 -9.38
CA TYR A 115 -4.86 3.66 -8.30
C TYR A 115 -4.27 4.86 -7.57
N TYR A 116 -3.85 4.62 -6.34
CA TYR A 116 -3.27 5.68 -5.52
C TYR A 116 -1.77 5.44 -5.31
N TYR A 117 -1.00 5.75 -6.33
CA TYR A 117 0.44 5.57 -6.27
C TYR A 117 1.06 6.52 -5.24
N ILE A 118 1.60 5.92 -4.18
CA ILE A 118 2.21 6.70 -3.12
C ILE A 118 3.54 7.28 -3.63
N ASN A 119 3.80 8.51 -3.21
CA ASN A 119 5.02 9.19 -3.62
C ASN A 119 6.23 8.35 -3.19
N ASN A 120 6.93 7.82 -4.18
CA ASN A 120 8.10 7.00 -3.91
C ASN A 120 9.21 7.38 -4.89
N CYS A 121 9.26 8.67 -5.21
CA CYS A 121 10.27 9.17 -6.13
C CYS A 121 11.65 8.90 -5.53
N ASP A 122 11.85 9.38 -4.31
CA ASP A 122 13.11 9.19 -3.62
C ASP A 122 12.85 8.72 -2.19
N THR A 123 12.84 7.42 -2.01
CA THR A 123 12.60 6.84 -0.71
C THR A 123 13.89 6.81 0.12
N ASP A 124 14.98 6.45 -0.55
CA ASP A 124 16.28 6.39 0.11
C ASP A 124 16.62 7.76 0.68
N ALA A 125 16.13 8.79 0.00
CA ALA A 125 16.38 10.16 0.42
C ALA A 125 15.39 10.53 1.53
N ASN A 126 14.38 9.70 1.67
CA ASN A 126 13.36 9.92 2.68
C ASN A 126 13.70 9.13 3.94
N VAL A 127 13.59 7.82 3.83
CA VAL A 127 13.90 6.94 4.95
C VAL A 127 15.42 6.76 5.05
N GLY A 128 16.00 6.32 3.94
CA GLY A 128 17.43 6.09 3.89
C GLY A 128 17.82 4.80 4.63
N SER A 129 16.82 4.20 5.25
CA SER A 129 17.03 2.97 5.98
C SER A 129 18.02 2.07 5.24
N ASP A 130 18.87 1.41 6.01
CA ASP A 130 19.86 0.52 5.42
C ASP A 130 19.16 -0.60 4.65
N VAL A 131 19.89 -1.18 3.71
CA VAL A 131 19.36 -2.26 2.90
C VAL A 131 19.08 -3.47 3.79
N GLU A 132 19.59 -3.40 5.02
CA GLU A 132 19.39 -4.47 5.97
C GLU A 132 17.92 -4.65 6.29
N HIS A 133 17.37 -3.65 6.96
CA HIS A 133 15.97 -3.67 7.34
C HIS A 133 15.21 -2.57 6.60
N TYR A 134 15.47 -2.49 5.30
CA TYR A 134 14.83 -1.49 4.47
C TYR A 134 13.37 -1.87 4.18
N LEU A 135 13.17 -3.16 3.92
CA LEU A 135 11.84 -3.65 3.63
C LEU A 135 10.99 -3.63 4.90
N THR A 136 11.68 -3.54 6.03
CA THR A 136 11.01 -3.50 7.31
C THR A 136 10.72 -2.06 7.71
N ARG A 137 11.73 -1.21 7.59
CA ARG A 137 11.60 0.18 7.94
C ARG A 137 10.71 0.90 6.91
N TRP A 138 10.99 0.62 5.64
CA TRP A 138 10.22 1.23 4.57
C TRP A 138 8.74 0.98 4.84
N ILE A 139 8.37 -0.29 4.85
CA ILE A 139 6.99 -0.67 5.10
C ILE A 139 6.52 -0.04 6.41
N SER A 140 7.26 -0.32 7.46
CA SER A 140 6.93 0.21 8.77
C SER A 140 6.87 1.74 8.73
N LEU A 141 7.43 2.28 7.65
CA LEU A 141 7.45 3.72 7.46
C LEU A 141 6.25 4.14 6.63
N TYR A 142 5.86 3.27 5.70
CA TYR A 142 4.73 3.53 4.83
C TYR A 142 3.46 2.92 5.40
N ILE A 143 3.61 2.22 6.51
CA ILE A 143 2.48 1.58 7.16
C ILE A 143 1.74 2.61 8.01
N ARG A 144 2.44 3.68 8.33
CA ARG A 144 1.86 4.74 9.14
C ARG A 144 0.93 5.61 8.29
N ILE A 145 0.92 5.32 7.00
CA ILE A 145 0.09 6.06 6.06
C ILE A 145 -1.26 5.33 5.91
N PHE A 146 -1.30 4.12 6.44
CA PHE A 146 -2.51 3.31 6.36
C PHE A 146 -3.04 3.00 7.77
N ASP A 147 -2.12 2.83 8.69
CA ASP A 147 -2.47 2.53 10.07
C ASP A 147 -1.45 3.16 11.02
N LEU A 148 -1.93 4.15 11.76
CA LEU A 148 -1.08 4.84 12.71
C LEU A 148 -1.05 4.08 14.03
N ASN A 149 -1.74 2.94 14.04
CA ASN A 149 -1.81 2.12 15.22
C ASN A 149 -1.05 0.82 14.99
N PHE A 150 -0.75 0.56 13.72
CA PHE A 150 -0.03 -0.64 13.34
C PHE A 150 1.44 -0.55 13.75
N VAL A 151 1.80 -1.36 14.73
CA VAL A 151 3.16 -1.38 15.23
C VAL A 151 3.85 -2.69 14.79
N PRO A 152 4.84 -2.54 13.89
CA PRO A 152 5.58 -3.68 13.39
C PRO A 152 6.56 -4.21 14.44
N SER A 5 20.03 5.20 -2.24
CA SER A 5 19.16 4.07 -2.47
C SER A 5 19.73 3.17 -3.57
N MET A 6 20.08 1.96 -3.17
CA MET A 6 20.65 1.00 -4.12
C MET A 6 19.97 -0.36 -3.98
N LEU A 7 18.94 -0.40 -3.15
CA LEU A 7 18.20 -1.62 -2.92
C LEU A 7 17.82 -2.25 -4.26
N THR A 8 18.46 -3.37 -4.56
CA THR A 8 18.19 -4.07 -5.81
C THR A 8 16.89 -4.87 -5.71
N LEU A 9 16.66 -5.69 -6.73
CA LEU A 9 15.46 -6.51 -6.76
C LEU A 9 15.62 -7.68 -5.79
N PRO A 10 16.81 -8.32 -5.86
CA PRO A 10 17.11 -9.46 -4.99
C PRO A 10 17.39 -9.00 -3.57
N GLU A 11 17.48 -7.69 -3.41
CA GLU A 11 17.75 -7.10 -2.10
C GLU A 11 16.44 -6.88 -1.34
N TYR A 12 15.44 -6.39 -2.08
CA TYR A 12 14.14 -6.13 -1.49
C TYR A 12 13.28 -7.40 -1.45
N ASN A 13 13.44 -8.21 -2.48
CA ASN A 13 12.69 -9.45 -2.59
C ASN A 13 13.14 -10.40 -1.47
N GLU A 14 14.35 -10.17 -0.99
CA GLU A 14 14.91 -11.00 0.07
C GLU A 14 14.15 -10.74 1.38
N GLN A 15 13.58 -9.55 1.48
CA GLN A 15 12.84 -9.17 2.66
C GLN A 15 11.36 -9.00 2.33
N ILE A 16 10.97 -9.51 1.17
CA ILE A 16 9.59 -9.42 0.72
C ILE A 16 8.70 -10.20 1.68
N PRO A 17 9.15 -11.44 2.01
CA PRO A 17 8.40 -12.30 2.92
C PRO A 17 8.55 -11.82 4.36
N ASN A 18 9.30 -10.75 4.53
CA ASN A 18 9.52 -10.19 5.86
C ASN A 18 8.43 -9.16 6.15
N VAL A 19 8.00 -8.47 5.11
CA VAL A 19 6.96 -7.46 5.24
C VAL A 19 5.62 -8.15 5.46
N ARG A 20 5.39 -9.19 4.67
CA ARG A 20 4.14 -9.93 4.77
C ARG A 20 4.08 -10.70 6.08
N SER A 21 5.25 -10.87 6.69
CA SER A 21 5.35 -11.59 7.94
C SER A 21 4.90 -10.68 9.10
N LEU A 22 5.35 -9.44 9.03
CA LEU A 22 5.00 -8.46 10.05
C LEU A 22 3.58 -7.94 9.80
N LEU A 23 3.18 -8.01 8.54
CA LEU A 23 1.86 -7.56 8.16
C LEU A 23 0.80 -8.34 8.95
N THR A 24 1.23 -9.47 9.48
CA THR A 24 0.33 -10.31 10.26
C THR A 24 -0.10 -9.59 11.54
N LYS A 25 0.57 -8.48 11.81
CA LYS A 25 0.26 -7.69 12.99
C LYS A 25 -0.88 -6.74 12.68
N TRP A 26 -1.09 -6.52 11.38
CA TRP A 26 -2.15 -5.63 10.94
C TRP A 26 -3.49 -6.31 11.22
N ALA A 27 -4.29 -5.67 12.05
CA ALA A 27 -5.59 -6.20 12.40
C ALA A 27 -6.63 -5.74 11.37
N LYS A 28 -6.16 -4.94 10.42
CA LYS A 28 -7.02 -4.43 9.38
C LYS A 28 -6.96 -5.35 8.16
N VAL A 29 -5.83 -6.04 8.04
CA VAL A 29 -5.64 -6.96 6.94
C VAL A 29 -6.63 -8.11 7.05
N GLU A 30 -7.32 -8.37 5.95
CA GLU A 30 -8.31 -9.44 5.91
C GLU A 30 -7.84 -10.55 4.97
N ARG A 31 -6.93 -10.18 4.07
CA ARG A 31 -6.41 -11.14 3.12
C ARG A 31 -4.88 -11.03 3.05
N ILE A 32 -4.25 -12.15 2.72
CA ILE A 32 -2.80 -12.19 2.61
C ILE A 32 -2.41 -13.04 1.40
N GLN A 33 -1.86 -12.35 0.40
CA GLN A 33 -1.45 -13.02 -0.82
C GLN A 33 -0.20 -12.34 -1.40
N ASP A 34 0.57 -13.11 -2.13
CA ASP A 34 1.79 -12.59 -2.75
C ASP A 34 1.61 -12.58 -4.26
N VAL A 35 2.52 -11.86 -4.92
CA VAL A 35 2.47 -11.75 -6.38
C VAL A 35 3.90 -11.87 -6.94
N GLN A 36 3.99 -11.75 -8.25
CA GLN A 36 5.28 -11.84 -8.92
C GLN A 36 6.05 -10.53 -8.77
N ASP A 37 6.89 -10.47 -7.75
CA ASP A 37 7.69 -9.29 -7.49
C ASP A 37 6.83 -8.26 -6.75
N GLY A 38 6.09 -8.76 -5.76
CA GLY A 38 5.23 -7.90 -4.96
C GLY A 38 4.33 -8.72 -4.05
N LEU A 39 3.37 -8.04 -3.44
CA LEU A 39 2.42 -8.69 -2.55
C LEU A 39 1.08 -7.98 -2.62
N GLN A 40 0.02 -8.77 -2.48
CA GLN A 40 -1.33 -8.22 -2.53
C GLN A 40 -2.08 -8.57 -1.24
N LEU A 41 -2.46 -7.53 -0.53
CA LEU A 41 -3.19 -7.70 0.72
C LEU A 41 -4.49 -6.89 0.67
N ASP A 42 -5.50 -7.41 1.36
CA ASP A 42 -6.79 -6.75 1.40
C ASP A 42 -6.94 -6.00 2.72
N VAL A 43 -6.61 -4.71 2.68
CA VAL A 43 -6.70 -3.88 3.86
C VAL A 43 -8.17 -3.49 4.09
N ARG A 44 -8.72 -4.02 5.17
CA ARG A 44 -10.10 -3.73 5.51
C ARG A 44 -10.19 -2.44 6.32
N LEU A 45 -10.33 -1.34 5.59
CA LEU A 45 -10.43 -0.04 6.22
C LEU A 45 -11.77 0.07 6.95
N LYS A 46 -12.83 -0.26 6.23
CA LYS A 46 -14.17 -0.21 6.78
C LYS A 46 -14.92 -1.49 6.44
N THR A 47 -15.88 -1.83 7.29
CA THR A 47 -16.68 -3.03 7.07
C THR A 47 -17.43 -2.94 5.75
N ASP A 48 -17.49 -1.72 5.21
CA ASP A 48 -18.17 -1.49 3.95
C ASP A 48 -17.20 -0.89 2.95
N THR A 49 -15.92 -1.00 3.28
CA THR A 49 -14.88 -0.46 2.41
C THR A 49 -13.69 -1.43 2.34
N LEU A 50 -13.03 -1.41 1.20
CA LEU A 50 -11.88 -2.28 0.99
C LEU A 50 -10.79 -1.51 0.24
N LEU A 51 -9.56 -1.68 0.71
CA LEU A 51 -8.43 -1.01 0.09
C LEU A 51 -7.36 -2.04 -0.28
N GLU A 52 -7.32 -2.37 -1.56
CA GLU A 52 -6.37 -3.35 -2.05
C GLU A 52 -5.00 -2.69 -2.23
N LEU A 53 -4.01 -3.25 -1.53
CA LEU A 53 -2.65 -2.72 -1.62
C LEU A 53 -1.77 -3.71 -2.38
N HIS A 54 -0.90 -3.17 -3.20
CA HIS A 54 0.01 -3.99 -4.00
C HIS A 54 1.42 -3.41 -3.92
N ILE A 55 2.27 -4.10 -3.19
CA ILE A 55 3.66 -3.67 -3.04
C ILE A 55 4.49 -4.20 -4.21
N TYR A 56 5.18 -3.27 -4.87
CA TYR A 56 6.01 -3.63 -6.01
C TYR A 56 7.31 -2.81 -6.02
N TYR A 57 8.40 -3.49 -6.30
CA TYR A 57 9.69 -2.84 -6.34
C TYR A 57 9.93 -2.18 -7.70
N ASP A 58 10.60 -1.04 -7.66
CA ASP A 58 10.89 -0.30 -8.87
C ASP A 58 12.42 -0.17 -9.03
N HIS A 59 12.90 -0.62 -10.18
CA HIS A 59 14.32 -0.57 -10.46
C HIS A 59 14.70 0.84 -10.92
N VAL A 60 13.69 1.71 -10.93
CA VAL A 60 13.90 3.09 -11.35
C VAL A 60 14.79 3.79 -10.33
N TYR A 61 14.46 3.59 -9.06
CA TYR A 61 15.22 4.19 -7.99
C TYR A 61 15.78 3.13 -7.04
N HIS A 62 15.64 1.88 -7.45
CA HIS A 62 16.11 0.76 -6.65
C HIS A 62 15.47 0.81 -5.27
N VAL A 63 14.16 1.02 -5.26
CA VAL A 63 13.42 1.09 -4.01
C VAL A 63 12.00 0.58 -4.25
N PRO A 64 11.32 0.25 -3.12
CA PRO A 64 9.94 -0.24 -3.19
C PRO A 64 8.96 0.90 -3.50
N SER A 65 7.80 0.51 -3.99
CA SER A 65 6.77 1.47 -4.33
C SER A 65 5.46 1.11 -3.62
N ILE A 66 4.43 1.91 -3.91
CA ILE A 66 3.12 1.68 -3.32
C ILE A 66 2.05 1.88 -4.38
N LYS A 67 1.09 0.96 -4.39
CA LYS A 67 0.00 1.01 -5.35
C LYS A 67 -1.20 0.27 -4.79
N PHE A 68 -2.28 1.01 -4.55
CA PHE A 68 -3.49 0.43 -4.03
C PHE A 68 -4.73 1.07 -4.66
N ARG A 69 -5.87 0.48 -4.37
CA ARG A 69 -7.13 0.97 -4.91
C ARG A 69 -8.21 0.96 -3.82
N LEU A 70 -9.08 1.96 -3.88
CA LEU A 70 -10.16 2.08 -2.92
C LEU A 70 -11.38 1.29 -3.43
N TRP A 71 -12.13 0.75 -2.48
CA TRP A 71 -13.31 -0.02 -2.81
C TRP A 71 -14.40 0.33 -1.81
N SER A 72 -15.63 0.00 -2.17
CA SER A 72 -16.77 0.28 -1.31
C SER A 72 -17.66 -0.97 -1.22
N LEU A 73 -17.48 -1.72 -0.14
CA LEU A 73 -18.26 -2.92 0.07
C LEU A 73 -19.71 -2.54 0.35
N ASP A 74 -20.60 -3.10 -0.46
CA ASP A 74 -22.02 -2.83 -0.31
C ASP A 74 -22.76 -4.13 -0.04
N THR A 75 -23.26 -4.25 1.19
CA THR A 75 -23.99 -5.44 1.59
C THR A 75 -25.49 -5.15 1.66
N GLU A 76 -25.92 -4.25 0.79
CA GLU A 76 -27.33 -3.87 0.74
C GLU A 76 -28.21 -5.11 0.84
N GLU A 77 -27.79 -6.15 0.12
CA GLU A 77 -28.54 -7.40 0.12
C GLU A 77 -27.80 -8.45 0.93
N ASP A 78 -26.55 -8.16 1.25
CA ASP A 78 -25.73 -9.07 2.03
C ASP A 78 -25.16 -10.15 1.11
N ILE A 79 -24.56 -9.69 0.02
CA ILE A 79 -23.97 -10.60 -0.95
C ILE A 79 -22.46 -10.44 -0.93
N SER A 80 -22.00 -9.42 -0.20
CA SER A 80 -20.58 -9.16 -0.09
C SER A 80 -20.09 -8.44 -1.35
N SER A 81 -20.93 -7.55 -1.86
CA SER A 81 -20.59 -6.80 -3.05
C SER A 81 -19.58 -5.70 -2.71
N LEU A 82 -19.13 -5.02 -3.75
CA LEU A 82 -18.15 -3.95 -3.57
C LEU A 82 -18.05 -3.14 -4.88
N ARG A 83 -17.50 -1.95 -4.74
CA ARG A 83 -17.33 -1.07 -5.89
C ARG A 83 -16.16 -0.12 -5.67
N LEU A 84 -15.35 0.03 -6.70
CA LEU A 84 -14.19 0.92 -6.64
C LEU A 84 -14.65 2.31 -6.19
N LEU A 85 -13.92 2.84 -5.22
CA LEU A 85 -14.23 4.16 -4.69
C LEU A 85 -13.29 5.20 -5.33
N THR A 86 -13.69 6.45 -5.22
CA THR A 86 -12.90 7.53 -5.78
C THR A 86 -13.21 8.85 -5.06
N LEU A 87 -12.20 9.39 -4.40
CA LEU A 87 -12.37 10.64 -3.67
C LEU A 87 -11.06 11.44 -3.76
N SER A 88 -11.16 12.70 -3.37
CA SER A 88 -10.00 13.59 -3.40
C SER A 88 -8.93 13.06 -2.44
N ASP A 89 -7.93 13.91 -2.21
CA ASP A 89 -6.83 13.55 -1.32
C ASP A 89 -7.31 13.63 0.14
N SER A 90 -7.88 14.79 0.47
CA SER A 90 -8.37 15.00 1.83
C SER A 90 -9.50 14.01 2.14
N GLU A 91 -10.24 13.66 1.10
CA GLU A 91 -11.33 12.73 1.24
C GLU A 91 -10.81 11.33 1.57
N LEU A 92 -9.62 11.04 1.08
CA LEU A 92 -8.99 9.76 1.31
C LEU A 92 -8.19 9.81 2.62
N ARG A 93 -7.68 11.00 2.91
CA ARG A 93 -6.91 11.19 4.12
C ARG A 93 -7.70 10.75 5.35
N SER A 94 -9.03 10.76 5.18
CA SER A 94 -9.91 10.38 6.27
C SER A 94 -9.53 8.99 6.77
N ILE A 95 -8.81 8.26 5.95
CA ILE A 95 -8.38 6.92 6.30
C ILE A 95 -6.86 6.83 6.19
N LEU A 96 -6.34 7.39 5.10
CA LEU A 96 -4.91 7.39 4.86
C LEU A 96 -4.25 8.50 5.67
N ASN A 97 -2.94 8.59 5.53
CA ASN A 97 -2.18 9.61 6.24
C ASN A 97 -1.07 10.13 5.34
N LEU A 98 -1.31 11.29 4.75
CA LEU A 98 -0.34 11.91 3.87
C LEU A 98 0.51 12.90 4.66
N GLY A 99 -0.18 13.86 5.26
CA GLY A 99 0.50 14.88 6.06
C GLY A 99 1.40 15.75 5.17
N THR A 100 2.64 15.29 5.02
CA THR A 100 3.61 16.02 4.22
C THR A 100 3.96 15.22 2.96
N PHE A 101 3.51 13.97 2.95
CA PHE A 101 3.78 13.09 1.83
C PHE A 101 2.96 13.51 0.60
N SER A 102 3.01 12.67 -0.42
CA SER A 102 2.28 12.94 -1.65
C SER A 102 1.91 11.62 -2.34
N VAL A 103 0.90 11.70 -3.18
CA VAL A 103 0.43 10.52 -3.91
C VAL A 103 0.02 10.94 -5.33
N THR A 104 -0.10 9.94 -6.19
CA THR A 104 -0.49 10.18 -7.56
C THR A 104 -1.64 9.26 -7.97
N LEU A 105 -2.77 9.87 -8.30
CA LEU A 105 -3.95 9.12 -8.70
C LEU A 105 -4.09 9.19 -10.22
N SER A 106 -4.18 8.01 -10.82
CA SER A 106 -4.31 7.91 -12.27
C SER A 106 -5.60 7.15 -12.61
N THR A 107 -6.32 7.71 -13.59
CA THR A 107 -7.56 7.09 -14.03
C THR A 107 -7.56 6.91 -15.55
N ASP A 108 -8.13 5.79 -15.97
CA ASP A 108 -8.20 5.48 -17.40
C ASP A 108 -9.37 6.24 -18.02
N MET A 109 -9.32 6.35 -19.34
CA MET A 109 -10.36 7.04 -20.07
C MET A 109 -11.73 6.40 -19.83
N GLU A 110 -11.69 5.09 -19.57
CA GLU A 110 -12.91 4.35 -19.32
C GLU A 110 -13.41 4.60 -17.90
N MET A 111 -12.57 5.26 -17.12
CA MET A 111 -12.91 5.58 -15.74
C MET A 111 -13.31 4.32 -14.97
N LYS A 112 -12.77 3.19 -15.43
CA LYS A 112 -13.06 1.92 -14.79
C LYS A 112 -11.82 1.44 -14.03
N SER A 113 -10.68 2.00 -14.40
CA SER A 113 -9.42 1.64 -13.77
C SER A 113 -8.81 2.87 -13.10
N VAL A 114 -8.65 2.79 -11.79
CA VAL A 114 -8.08 3.88 -11.02
C VAL A 114 -7.25 3.32 -9.88
N TYR A 115 -6.13 3.98 -9.62
CA TYR A 115 -5.23 3.56 -8.55
C TYR A 115 -4.69 4.76 -7.79
N TYR A 116 -3.83 4.47 -6.81
CA TYR A 116 -3.24 5.51 -6.00
C TYR A 116 -1.75 5.25 -5.76
N TYR A 117 -0.95 5.62 -6.75
CA TYR A 117 0.48 5.43 -6.66
C TYR A 117 1.13 6.49 -5.77
N ILE A 118 1.35 6.11 -4.52
CA ILE A 118 1.96 7.01 -3.57
C ILE A 118 3.33 7.45 -4.09
N ASN A 119 3.75 8.63 -3.63
CA ASN A 119 5.03 9.18 -4.04
C ASN A 119 6.15 8.43 -3.30
N ASN A 120 6.84 7.58 -4.04
CA ASN A 120 7.93 6.81 -3.46
C ASN A 120 9.18 6.97 -4.34
N CYS A 121 9.15 8.00 -5.18
CA CYS A 121 10.26 8.27 -6.07
C CYS A 121 11.50 8.54 -5.22
N ASP A 122 11.33 9.40 -4.23
CA ASP A 122 12.42 9.76 -3.34
C ASP A 122 12.33 8.90 -2.07
N THR A 123 12.36 7.59 -2.28
CA THR A 123 12.30 6.65 -1.17
C THR A 123 13.69 6.46 -0.55
N ASP A 124 14.68 7.05 -1.21
CA ASP A 124 16.05 6.96 -0.73
C ASP A 124 16.20 7.77 0.56
N ALA A 125 15.55 8.92 0.57
CA ALA A 125 15.61 9.79 1.74
C ALA A 125 14.50 9.40 2.72
N ASN A 126 13.61 8.54 2.24
CA ASN A 126 12.50 8.08 3.07
C ASN A 126 13.05 7.22 4.21
N VAL A 127 13.54 6.05 3.84
CA VAL A 127 14.09 5.13 4.83
C VAL A 127 15.61 5.29 4.85
N GLY A 128 16.24 4.92 3.75
CA GLY A 128 17.68 5.01 3.64
C GLY A 128 18.36 4.65 4.96
N SER A 129 17.72 3.76 5.69
CA SER A 129 18.24 3.32 6.98
C SER A 129 19.28 2.22 6.78
N ASP A 130 18.78 1.03 6.48
CA ASP A 130 19.65 -0.12 6.26
C ASP A 130 18.95 -1.11 5.33
N VAL A 131 19.70 -1.58 4.34
CA VAL A 131 19.16 -2.53 3.39
C VAL A 131 18.80 -3.83 4.11
N GLU A 132 19.33 -3.95 5.32
CA GLU A 132 19.07 -5.14 6.12
C GLU A 132 17.59 -5.22 6.49
N HIS A 133 17.18 -4.28 7.32
CA HIS A 133 15.79 -4.23 7.76
C HIS A 133 15.08 -3.03 7.10
N TYR A 134 15.30 -2.90 5.80
CA TYR A 134 14.69 -1.83 5.04
C TYR A 134 13.22 -2.12 4.75
N LEU A 135 12.96 -3.38 4.41
CA LEU A 135 11.60 -3.80 4.10
C LEU A 135 10.75 -3.77 5.37
N THR A 136 11.44 -3.84 6.50
CA THR A 136 10.78 -3.82 7.79
C THR A 136 10.63 -2.39 8.30
N ARG A 137 11.61 -1.56 7.94
CA ARG A 137 11.60 -0.18 8.36
C ARG A 137 10.88 0.68 7.31
N TRP A 138 10.72 0.11 6.12
CA TRP A 138 10.06 0.80 5.04
C TRP A 138 8.55 0.58 5.18
N ILE A 139 8.20 -0.66 5.48
CA ILE A 139 6.80 -1.02 5.64
C ILE A 139 6.17 -0.11 6.70
N SER A 140 6.86 0.00 7.82
CA SER A 140 6.38 0.83 8.91
C SER A 140 6.60 2.31 8.58
N LEU A 141 7.17 2.54 7.42
CA LEU A 141 7.43 3.90 6.97
C LEU A 141 6.35 4.33 5.98
N TYR A 142 5.94 3.39 5.15
CA TYR A 142 4.91 3.65 4.16
C TYR A 142 3.52 3.30 4.70
N ILE A 143 3.46 2.14 5.36
CA ILE A 143 2.21 1.68 5.93
C ILE A 143 1.62 2.76 6.83
N ARG A 144 2.49 3.68 7.25
CA ARG A 144 2.07 4.78 8.11
C ARG A 144 1.08 5.67 7.36
N ILE A 145 0.93 5.40 6.08
CA ILE A 145 0.02 6.19 5.25
C ILE A 145 -1.39 5.61 5.37
N PHE A 146 -1.48 4.45 6.00
CA PHE A 146 -2.75 3.78 6.19
C PHE A 146 -3.02 3.52 7.67
N ASP A 147 -1.96 3.17 8.38
CA ASP A 147 -2.06 2.90 9.81
C ASP A 147 -0.91 3.59 10.54
N LEU A 148 -1.28 4.54 11.38
CA LEU A 148 -0.29 5.28 12.14
C LEU A 148 -0.19 4.69 13.55
N ASN A 149 -0.95 3.63 13.75
CA ASN A 149 -0.96 2.96 15.04
C ASN A 149 -0.35 1.56 14.90
N PHE A 150 -0.16 1.16 13.65
CA PHE A 150 0.40 -0.14 13.36
C PHE A 150 1.90 -0.18 13.70
N VAL A 151 2.22 -0.96 14.72
CA VAL A 151 3.60 -1.09 15.16
C VAL A 151 4.12 -2.48 14.78
N PRO A 152 4.99 -2.50 13.73
CA PRO A 152 5.57 -3.75 13.27
C PRO A 152 6.65 -4.26 14.23
N SER A 5 18.82 5.39 -3.82
CA SER A 5 18.84 4.05 -3.28
C SER A 5 19.45 3.08 -4.30
N MET A 6 19.81 1.91 -3.81
CA MET A 6 20.40 0.89 -4.66
C MET A 6 19.72 -0.46 -4.46
N LEU A 7 18.68 -0.45 -3.64
CA LEU A 7 17.93 -1.66 -3.35
C LEU A 7 17.28 -2.16 -4.63
N THR A 8 17.87 -3.22 -5.18
CA THR A 8 17.36 -3.81 -6.40
C THR A 8 16.07 -4.59 -6.13
N LEU A 9 15.63 -5.33 -7.13
CA LEU A 9 14.42 -6.12 -7.00
C LEU A 9 14.71 -7.36 -6.16
N PRO A 10 15.85 -8.02 -6.49
CA PRO A 10 16.25 -9.22 -5.76
C PRO A 10 16.80 -8.87 -4.38
N GLU A 11 17.04 -7.58 -4.18
CA GLU A 11 17.56 -7.11 -2.91
C GLU A 11 16.41 -6.80 -1.95
N TYR A 12 15.31 -6.34 -2.52
CA TYR A 12 14.14 -6.01 -1.72
C TYR A 12 13.24 -7.24 -1.54
N ASN A 13 13.38 -8.18 -2.46
CA ASN A 13 12.58 -9.39 -2.41
C ASN A 13 13.13 -10.31 -1.32
N GLU A 14 14.35 -10.02 -0.91
CA GLU A 14 15.01 -10.81 0.12
C GLU A 14 14.31 -10.60 1.46
N GLN A 15 13.63 -9.47 1.58
CA GLN A 15 12.93 -9.12 2.80
C GLN A 15 11.42 -9.04 2.53
N ILE A 16 11.03 -9.57 1.39
CA ILE A 16 9.62 -9.57 1.01
C ILE A 16 8.81 -10.36 2.04
N PRO A 17 9.37 -11.55 2.40
CA PRO A 17 8.71 -12.41 3.37
C PRO A 17 8.87 -11.86 4.78
N ASN A 18 9.57 -10.74 4.88
CA ASN A 18 9.80 -10.11 6.16
C ASN A 18 8.72 -9.05 6.41
N VAL A 19 8.27 -8.43 5.33
CA VAL A 19 7.24 -7.42 5.42
C VAL A 19 5.88 -8.09 5.58
N ARG A 20 5.67 -9.12 4.79
CA ARG A 20 4.41 -9.85 4.83
C ARG A 20 4.26 -10.58 6.18
N SER A 21 5.39 -10.74 6.84
CA SER A 21 5.41 -11.41 8.14
C SER A 21 4.84 -10.48 9.22
N LEU A 22 5.46 -9.31 9.34
CA LEU A 22 5.03 -8.33 10.31
C LEU A 22 3.64 -7.82 9.93
N LEU A 23 3.32 -7.96 8.65
CA LEU A 23 2.03 -7.51 8.15
C LEU A 23 0.91 -8.24 8.90
N THR A 24 1.27 -9.39 9.46
CA THR A 24 0.32 -10.19 10.22
C THR A 24 -0.11 -9.45 11.49
N LYS A 25 0.58 -8.35 11.75
CA LYS A 25 0.27 -7.55 12.93
C LYS A 25 -0.91 -6.64 12.63
N TRP A 26 -1.17 -6.46 11.34
CA TRP A 26 -2.28 -5.61 10.92
C TRP A 26 -3.58 -6.39 11.14
N ALA A 27 -4.43 -5.83 11.98
CA ALA A 27 -5.70 -6.45 12.29
C ALA A 27 -6.73 -6.04 11.23
N LYS A 28 -6.42 -4.96 10.53
CA LYS A 28 -7.31 -4.45 9.50
C LYS A 28 -7.23 -5.36 8.28
N VAL A 29 -6.17 -6.16 8.24
CA VAL A 29 -5.96 -7.08 7.13
C VAL A 29 -6.82 -8.33 7.35
N GLU A 30 -7.75 -8.54 6.43
CA GLU A 30 -8.63 -9.69 6.51
C GLU A 30 -8.08 -10.85 5.67
N ARG A 31 -7.37 -10.48 4.61
CA ARG A 31 -6.78 -11.48 3.72
C ARG A 31 -5.30 -11.18 3.51
N ILE A 32 -4.50 -12.24 3.58
CA ILE A 32 -3.07 -12.11 3.39
C ILE A 32 -2.63 -12.95 2.18
N GLN A 33 -2.31 -12.25 1.10
CA GLN A 33 -1.88 -12.92 -0.12
C GLN A 33 -0.54 -12.33 -0.59
N ASP A 34 0.25 -13.19 -1.21
CA ASP A 34 1.55 -12.78 -1.72
C ASP A 34 1.58 -12.95 -3.24
N VAL A 35 2.24 -12.02 -3.91
CA VAL A 35 2.35 -12.06 -5.35
C VAL A 35 3.80 -12.36 -5.74
N GLN A 36 3.99 -12.59 -7.04
CA GLN A 36 5.32 -12.90 -7.54
C GLN A 36 6.03 -11.60 -7.96
N ASP A 37 5.78 -10.55 -7.19
CA ASP A 37 6.39 -9.26 -7.46
C ASP A 37 5.90 -8.24 -6.43
N GLY A 38 5.78 -8.71 -5.20
CA GLY A 38 5.32 -7.85 -4.11
C GLY A 38 4.43 -8.62 -3.15
N LEU A 39 3.24 -8.08 -2.93
CA LEU A 39 2.28 -8.71 -2.04
C LEU A 39 0.91 -8.05 -2.20
N GLN A 40 -0.13 -8.82 -1.94
CA GLN A 40 -1.48 -8.32 -2.06
C GLN A 40 -2.28 -8.66 -0.80
N LEU A 41 -2.55 -7.63 -0.01
CA LEU A 41 -3.31 -7.80 1.22
C LEU A 41 -4.69 -7.16 1.06
N ASP A 42 -5.54 -7.42 2.04
CA ASP A 42 -6.89 -6.88 2.03
C ASP A 42 -7.17 -6.17 3.35
N VAL A 43 -6.96 -4.86 3.34
CA VAL A 43 -7.19 -4.07 4.53
C VAL A 43 -8.62 -3.53 4.51
N ARG A 44 -9.27 -3.60 5.67
CA ARG A 44 -10.63 -3.12 5.81
C ARG A 44 -10.65 -1.69 6.33
N LEU A 45 -10.40 -0.76 5.43
CA LEU A 45 -10.38 0.65 5.79
C LEU A 45 -11.69 1.00 6.49
N LYS A 46 -12.76 0.37 6.03
CA LYS A 46 -14.07 0.62 6.60
C LYS A 46 -14.92 -0.66 6.50
N THR A 47 -15.92 -0.74 7.35
CA THR A 47 -16.81 -1.90 7.37
C THR A 47 -17.45 -2.08 5.99
N ASP A 48 -17.39 -1.04 5.19
CA ASP A 48 -17.95 -1.08 3.86
C ASP A 48 -16.94 -0.53 2.85
N THR A 49 -15.68 -0.62 3.22
CA THR A 49 -14.60 -0.14 2.37
C THR A 49 -13.42 -1.09 2.41
N LEU A 50 -12.90 -1.40 1.24
CA LEU A 50 -11.75 -2.30 1.13
C LEU A 50 -10.59 -1.56 0.48
N LEU A 51 -9.47 -1.57 1.18
CA LEU A 51 -8.27 -0.91 0.68
C LEU A 51 -7.30 -1.95 0.12
N GLU A 52 -7.36 -2.12 -1.19
CA GLU A 52 -6.50 -3.08 -1.86
C GLU A 52 -5.06 -2.56 -1.93
N LEU A 53 -4.24 -3.07 -1.01
CA LEU A 53 -2.85 -2.66 -0.96
C LEU A 53 -2.00 -3.63 -1.77
N HIS A 54 -1.28 -3.08 -2.73
CA HIS A 54 -0.42 -3.90 -3.58
C HIS A 54 0.99 -3.31 -3.61
N ILE A 55 1.93 -4.10 -3.13
CA ILE A 55 3.32 -3.67 -3.08
C ILE A 55 4.01 -4.06 -4.39
N TYR A 56 4.92 -3.20 -4.83
CA TYR A 56 5.65 -3.45 -6.05
C TYR A 56 6.94 -2.61 -6.11
N TYR A 57 7.93 -3.16 -6.80
CA TYR A 57 9.20 -2.47 -6.94
C TYR A 57 9.35 -1.86 -8.33
N ASP A 58 10.21 -0.84 -8.41
CA ASP A 58 10.45 -0.17 -9.68
C ASP A 58 11.92 -0.36 -10.08
N HIS A 59 12.11 -0.76 -11.32
CA HIS A 59 13.45 -0.97 -11.84
C HIS A 59 14.00 0.34 -12.41
N VAL A 60 13.21 1.39 -12.26
CA VAL A 60 13.60 2.70 -12.75
C VAL A 60 14.13 3.53 -11.59
N TYR A 61 13.65 3.21 -10.40
CA TYR A 61 14.07 3.92 -9.20
C TYR A 61 14.94 3.03 -8.31
N HIS A 62 14.89 1.74 -8.58
CA HIS A 62 15.66 0.78 -7.82
C HIS A 62 15.22 0.82 -6.36
N VAL A 63 13.92 0.93 -6.17
CA VAL A 63 13.36 0.99 -4.82
C VAL A 63 11.94 0.43 -4.84
N PRO A 64 11.43 0.10 -3.62
CA PRO A 64 10.09 -0.44 -3.49
C PRO A 64 9.04 0.66 -3.68
N SER A 65 7.81 0.22 -3.95
CA SER A 65 6.72 1.14 -4.15
C SER A 65 5.43 0.56 -3.55
N ILE A 66 4.36 1.33 -3.68
CA ILE A 66 3.07 0.91 -3.15
C ILE A 66 1.95 1.49 -4.03
N LYS A 67 0.91 0.68 -4.20
CA LYS A 67 -0.23 1.09 -5.01
C LYS A 67 -1.49 0.40 -4.50
N PHE A 68 -2.56 1.17 -4.41
CA PHE A 68 -3.83 0.64 -3.95
C PHE A 68 -5.00 1.42 -4.55
N ARG A 69 -6.19 0.84 -4.41
CA ARG A 69 -7.39 1.47 -4.93
C ARG A 69 -8.57 1.22 -4.00
N LEU A 70 -9.03 2.30 -3.38
CA LEU A 70 -10.16 2.21 -2.46
C LEU A 70 -11.28 1.39 -3.10
N TRP A 71 -12.03 0.72 -2.25
CA TRP A 71 -13.14 -0.11 -2.72
C TRP A 71 -14.34 0.15 -1.80
N SER A 72 -15.52 -0.02 -2.37
CA SER A 72 -16.75 0.18 -1.63
C SER A 72 -17.60 -1.09 -1.65
N LEU A 73 -17.47 -1.87 -0.60
CA LEU A 73 -18.22 -3.11 -0.49
C LEU A 73 -19.71 -2.80 -0.38
N ASP A 74 -20.47 -3.37 -1.30
CA ASP A 74 -21.91 -3.16 -1.32
C ASP A 74 -22.62 -4.49 -1.17
N THR A 75 -23.30 -4.65 -0.04
CA THR A 75 -24.03 -5.88 0.24
C THR A 75 -25.52 -5.68 0.00
N GLU A 76 -25.83 -4.89 -1.02
CA GLU A 76 -27.22 -4.61 -1.35
C GLU A 76 -27.99 -5.92 -1.54
N GLU A 77 -27.34 -6.89 -2.17
CA GLU A 77 -27.95 -8.18 -2.41
C GLU A 77 -27.33 -9.23 -1.48
N ASP A 78 -26.36 -8.80 -0.70
CA ASP A 78 -25.68 -9.69 0.22
C ASP A 78 -24.92 -10.76 -0.56
N ILE A 79 -24.14 -10.28 -1.54
CA ILE A 79 -23.35 -11.17 -2.37
C ILE A 79 -21.86 -10.91 -2.13
N SER A 80 -21.59 -9.83 -1.40
CA SER A 80 -20.23 -9.46 -1.09
C SER A 80 -19.61 -8.69 -2.27
N SER A 81 -20.41 -7.80 -2.83
CA SER A 81 -19.97 -7.00 -3.96
C SER A 81 -19.11 -5.83 -3.47
N LEU A 82 -18.57 -5.10 -4.44
CA LEU A 82 -17.73 -3.96 -4.11
C LEU A 82 -17.57 -3.08 -5.36
N ARG A 83 -17.02 -1.89 -5.14
CA ARG A 83 -16.80 -0.96 -6.23
C ARG A 83 -15.62 -0.04 -5.92
N LEU A 84 -14.67 0.00 -6.85
CA LEU A 84 -13.50 0.84 -6.69
C LEU A 84 -13.93 2.30 -6.56
N LEU A 85 -13.49 2.92 -5.48
CA LEU A 85 -13.82 4.31 -5.22
C LEU A 85 -12.69 5.20 -5.74
N THR A 86 -13.00 6.48 -5.89
CA THR A 86 -12.03 7.43 -6.38
C THR A 86 -12.35 8.84 -5.86
N LEU A 87 -11.85 9.12 -4.66
CA LEU A 87 -12.07 10.41 -4.04
C LEU A 87 -10.74 11.15 -3.91
N SER A 88 -10.84 12.43 -3.60
CA SER A 88 -9.66 13.26 -3.45
C SER A 88 -8.79 12.73 -2.31
N ASP A 89 -7.79 13.53 -1.96
CA ASP A 89 -6.88 13.15 -0.89
C ASP A 89 -7.51 13.50 0.46
N SER A 90 -8.45 14.44 0.42
CA SER A 90 -9.13 14.87 1.62
C SER A 90 -9.95 13.71 2.20
N GLU A 91 -10.47 12.89 1.29
CA GLU A 91 -11.27 11.75 1.69
C GLU A 91 -10.38 10.52 1.91
N LEU A 92 -9.42 10.36 1.01
CA LEU A 92 -8.50 9.24 1.09
C LEU A 92 -7.74 9.30 2.42
N ARG A 93 -7.37 10.52 2.80
CA ARG A 93 -6.65 10.73 4.04
C ARG A 93 -7.53 10.38 5.24
N SER A 94 -8.84 10.50 5.02
CA SER A 94 -9.80 10.20 6.07
C SER A 94 -9.50 8.83 6.69
N ILE A 95 -8.80 8.02 5.92
CA ILE A 95 -8.43 6.68 6.37
C ILE A 95 -6.91 6.55 6.40
N LEU A 96 -6.29 7.10 5.37
CA LEU A 96 -4.83 7.05 5.27
C LEU A 96 -4.22 8.17 6.11
N ASN A 97 -2.91 8.23 6.09
CA ASN A 97 -2.20 9.25 6.84
C ASN A 97 -1.02 9.78 6.01
N LEU A 98 -1.23 10.97 5.45
CA LEU A 98 -0.21 11.59 4.63
C LEU A 98 0.64 12.52 5.50
N GLY A 99 -0.03 13.48 6.12
CA GLY A 99 0.65 14.43 6.97
C GLY A 99 1.68 15.25 6.18
N THR A 100 2.84 14.64 6.00
CA THR A 100 3.92 15.29 5.27
C THR A 100 4.19 14.55 3.95
N PHE A 101 3.77 13.30 3.92
CA PHE A 101 3.96 12.49 2.73
C PHE A 101 3.06 12.98 1.58
N SER A 102 3.05 12.19 0.52
CA SER A 102 2.25 12.53 -0.65
C SER A 102 1.84 11.26 -1.39
N VAL A 103 0.88 11.41 -2.29
CA VAL A 103 0.39 10.28 -3.07
C VAL A 103 0.11 10.75 -4.50
N THR A 104 -0.09 9.77 -5.37
CA THR A 104 -0.36 10.06 -6.77
C THR A 104 -1.49 9.17 -7.29
N LEU A 105 -2.62 9.81 -7.55
CA LEU A 105 -3.79 9.08 -8.05
C LEU A 105 -3.77 9.10 -9.57
N SER A 106 -3.92 7.91 -10.15
CA SER A 106 -3.92 7.78 -11.60
C SER A 106 -5.23 7.11 -12.05
N THR A 107 -5.64 7.48 -13.26
CA THR A 107 -6.86 6.93 -13.82
C THR A 107 -6.74 6.80 -15.34
N ASP A 108 -7.63 6.00 -15.92
CA ASP A 108 -7.62 5.78 -17.35
C ASP A 108 -8.76 6.59 -17.98
N MET A 109 -8.73 6.65 -19.30
CA MET A 109 -9.75 7.39 -20.04
C MET A 109 -11.14 6.88 -19.70
N GLU A 110 -11.24 5.56 -19.57
CA GLU A 110 -12.51 4.93 -19.25
C GLU A 110 -13.10 5.54 -17.98
N MET A 111 -12.22 6.17 -17.20
CA MET A 111 -12.64 6.78 -15.96
C MET A 111 -13.31 5.77 -15.04
N LYS A 112 -13.05 4.50 -15.31
CA LYS A 112 -13.63 3.43 -14.52
C LYS A 112 -12.56 2.87 -13.57
N SER A 113 -11.34 2.79 -14.09
CA SER A 113 -10.23 2.28 -13.31
C SER A 113 -9.47 3.43 -12.67
N VAL A 114 -9.03 3.21 -11.44
CA VAL A 114 -8.29 4.22 -10.71
C VAL A 114 -7.28 3.54 -9.78
N TYR A 115 -6.37 4.33 -9.26
CA TYR A 115 -5.35 3.83 -8.35
C TYR A 115 -4.78 4.94 -7.48
N TYR A 116 -4.07 4.54 -6.43
CA TYR A 116 -3.47 5.49 -5.51
C TYR A 116 -2.02 5.12 -5.21
N TYR A 117 -1.15 5.45 -6.14
CA TYR A 117 0.27 5.16 -5.99
C TYR A 117 0.92 6.11 -4.98
N ILE A 118 1.42 5.53 -3.90
CA ILE A 118 2.07 6.32 -2.86
C ILE A 118 3.41 6.83 -3.37
N ASN A 119 3.67 8.10 -3.09
CA ASN A 119 4.91 8.72 -3.51
C ASN A 119 6.10 7.92 -2.98
N ASN A 120 6.80 7.28 -3.90
CA ASN A 120 7.96 6.47 -3.55
C ASN A 120 9.07 6.70 -4.56
N CYS A 121 8.95 7.80 -5.29
CA CYS A 121 9.93 8.15 -6.30
C CYS A 121 11.32 8.13 -5.64
N ASP A 122 11.40 8.76 -4.48
CA ASP A 122 12.65 8.83 -3.74
C ASP A 122 12.43 8.28 -2.32
N THR A 123 12.61 6.97 -2.19
CA THR A 123 12.44 6.32 -0.90
C THR A 123 13.70 6.50 -0.05
N ASP A 124 14.84 6.55 -0.73
CA ASP A 124 16.11 6.71 -0.05
C ASP A 124 16.12 8.05 0.71
N ALA A 125 15.32 8.97 0.19
CA ALA A 125 15.23 10.29 0.80
C ALA A 125 14.15 10.27 1.88
N ASN A 126 13.38 9.19 1.89
CA ASN A 126 12.32 9.04 2.87
C ASN A 126 12.88 8.36 4.12
N VAL A 127 13.23 7.10 3.96
CA VAL A 127 13.77 6.33 5.06
C VAL A 127 15.29 6.27 4.94
N GLY A 128 15.75 5.84 3.77
CA GLY A 128 17.18 5.73 3.51
C GLY A 128 17.93 5.30 4.77
N SER A 129 17.32 4.37 5.49
CA SER A 129 17.93 3.85 6.71
C SER A 129 19.10 2.93 6.36
N ASP A 130 18.75 1.70 6.02
CA ASP A 130 19.77 0.71 5.67
C ASP A 130 19.11 -0.42 4.88
N VAL A 131 19.88 -0.98 3.97
CA VAL A 131 19.38 -2.09 3.14
C VAL A 131 19.18 -3.32 4.02
N GLU A 132 19.72 -3.25 5.23
CA GLU A 132 19.60 -4.34 6.17
C GLU A 132 18.14 -4.64 6.47
N HIS A 133 17.49 -3.70 7.13
CA HIS A 133 16.08 -3.84 7.47
C HIS A 133 15.27 -2.71 6.82
N TYR A 134 15.55 -2.49 5.54
CA TYR A 134 14.85 -1.46 4.80
C TYR A 134 13.40 -1.85 4.52
N LEU A 135 13.20 -3.13 4.25
CA LEU A 135 11.87 -3.64 3.98
C LEU A 135 11.02 -3.53 5.24
N THR A 136 11.69 -3.57 6.38
CA THR A 136 11.00 -3.47 7.65
C THR A 136 10.86 -2.00 8.06
N ARG A 137 11.88 -1.22 7.75
CA ARG A 137 11.87 0.20 8.08
C ARG A 137 11.09 0.97 7.02
N TRP A 138 10.89 0.33 5.89
CA TRP A 138 10.16 0.96 4.79
C TRP A 138 8.67 0.70 5.01
N ILE A 139 8.35 -0.54 5.33
CA ILE A 139 6.97 -0.93 5.56
C ILE A 139 6.37 -0.04 6.66
N SER A 140 7.11 0.05 7.76
CA SER A 140 6.67 0.85 8.88
C SER A 140 6.66 2.34 8.50
N LEU A 141 7.14 2.60 7.29
CA LEU A 141 7.20 3.96 6.79
C LEU A 141 5.93 4.27 5.99
N TYR A 142 5.67 3.42 5.00
CA TYR A 142 4.50 3.58 4.16
C TYR A 142 3.25 3.07 4.87
N ILE A 143 3.36 1.90 5.46
CA ILE A 143 2.25 1.29 6.17
C ILE A 143 1.65 2.32 7.14
N ARG A 144 2.50 3.24 7.58
CA ARG A 144 2.07 4.27 8.50
C ARG A 144 0.93 5.09 7.88
N ILE A 145 1.04 5.30 6.58
CA ILE A 145 0.03 6.06 5.86
C ILE A 145 -1.30 5.31 5.91
N PHE A 146 -1.23 4.07 6.37
CA PHE A 146 -2.42 3.23 6.48
C PHE A 146 -2.76 2.94 7.94
N ASP A 147 -1.71 2.87 8.75
CA ASP A 147 -1.89 2.59 10.17
C ASP A 147 -0.78 3.29 10.96
N LEU A 148 -1.18 4.31 11.70
CA LEU A 148 -0.24 5.08 12.51
C LEU A 148 -0.19 4.49 13.91
N ASN A 149 -0.92 3.40 14.09
CA ASN A 149 -0.97 2.73 15.38
C ASN A 149 -0.16 1.43 15.31
N PHE A 150 -0.02 0.92 14.09
CA PHE A 150 0.72 -0.30 13.86
C PHE A 150 2.19 -0.01 13.56
N VAL A 151 3.04 -0.34 14.52
CA VAL A 151 4.47 -0.12 14.36
C VAL A 151 5.20 -1.47 14.36
N PRO A 152 5.51 -1.95 13.13
CA PRO A 152 6.20 -3.22 12.98
C PRO A 152 7.68 -3.09 13.34
N SER A 5 15.98 2.10 -1.44
CA SER A 5 16.87 3.15 -1.90
C SER A 5 17.37 2.82 -3.31
N MET A 6 18.39 1.98 -3.36
CA MET A 6 18.97 1.58 -4.64
C MET A 6 19.13 0.06 -4.71
N LEU A 7 18.58 -0.61 -3.71
CA LEU A 7 18.65 -2.06 -3.64
C LEU A 7 18.06 -2.65 -4.93
N THR A 8 18.65 -3.75 -5.35
CA THR A 8 18.20 -4.42 -6.56
C THR A 8 16.79 -4.98 -6.37
N LEU A 9 16.31 -5.65 -7.40
CA LEU A 9 14.97 -6.23 -7.36
C LEU A 9 15.01 -7.52 -6.52
N PRO A 10 16.06 -8.34 -6.76
CA PRO A 10 16.22 -9.58 -6.04
C PRO A 10 16.71 -9.33 -4.61
N GLU A 11 17.07 -8.09 -4.35
CA GLU A 11 17.56 -7.70 -3.04
C GLU A 11 16.38 -7.28 -2.15
N TYR A 12 15.42 -6.62 -2.77
CA TYR A 12 14.24 -6.16 -2.05
C TYR A 12 13.26 -7.31 -1.80
N ASN A 13 13.27 -8.25 -2.74
CA ASN A 13 12.38 -9.40 -2.64
C ASN A 13 12.90 -10.34 -1.55
N GLU A 14 14.14 -10.11 -1.15
CA GLU A 14 14.76 -10.93 -0.12
C GLU A 14 14.10 -10.66 1.24
N GLN A 15 13.49 -9.49 1.34
CA GLN A 15 12.82 -9.11 2.57
C GLN A 15 11.32 -8.95 2.34
N ILE A 16 10.86 -9.54 1.23
CA ILE A 16 9.45 -9.47 0.89
C ILE A 16 8.64 -10.19 1.96
N PRO A 17 9.10 -11.41 2.32
CA PRO A 17 8.41 -12.20 3.32
C PRO A 17 8.67 -11.65 4.72
N ASN A 18 9.45 -10.59 4.77
CA ASN A 18 9.78 -9.95 6.03
C ASN A 18 8.75 -8.87 6.34
N VAL A 19 8.30 -8.20 5.28
CA VAL A 19 7.32 -7.14 5.43
C VAL A 19 5.99 -7.74 5.88
N ARG A 20 5.52 -8.71 5.11
CA ARG A 20 4.27 -9.37 5.42
C ARG A 20 4.38 -10.14 6.73
N SER A 21 5.58 -10.63 6.99
CA SER A 21 5.84 -11.39 8.22
C SER A 21 5.42 -10.56 9.44
N LEU A 22 5.75 -9.28 9.39
CA LEU A 22 5.41 -8.38 10.48
C LEU A 22 4.02 -7.80 10.24
N LEU A 23 3.70 -7.61 8.97
CA LEU A 23 2.40 -7.08 8.59
C LEU A 23 1.29 -7.95 9.17
N THR A 24 1.67 -9.16 9.53
CA THR A 24 0.73 -10.12 10.10
C THR A 24 0.12 -9.54 11.38
N LYS A 25 0.81 -8.57 11.95
CA LYS A 25 0.36 -7.93 13.18
C LYS A 25 -0.85 -7.05 12.86
N TRP A 26 -0.92 -6.63 11.62
CA TRP A 26 -2.02 -5.77 11.17
C TRP A 26 -3.33 -6.50 11.45
N ALA A 27 -4.22 -5.82 12.16
CA ALA A 27 -5.51 -6.39 12.50
C ALA A 27 -6.53 -6.00 11.43
N LYS A 28 -6.15 -5.03 10.62
CA LYS A 28 -7.02 -4.57 9.56
C LYS A 28 -6.92 -5.50 8.35
N VAL A 29 -5.78 -6.20 8.28
CA VAL A 29 -5.55 -7.14 7.20
C VAL A 29 -6.51 -8.32 7.34
N GLU A 30 -7.41 -8.42 6.37
CA GLU A 30 -8.39 -9.49 6.36
C GLU A 30 -7.91 -10.64 5.48
N ARG A 31 -7.26 -10.28 4.39
CA ARG A 31 -6.75 -11.27 3.46
C ARG A 31 -5.25 -11.06 3.23
N ILE A 32 -4.56 -12.17 3.00
CA ILE A 32 -3.12 -12.12 2.77
C ILE A 32 -2.78 -12.98 1.55
N GLN A 33 -2.02 -12.37 0.65
CA GLN A 33 -1.63 -13.05 -0.57
C GLN A 33 -0.36 -12.42 -1.14
N ASP A 34 0.54 -13.27 -1.62
CA ASP A 34 1.79 -12.81 -2.20
C ASP A 34 1.69 -12.88 -3.73
N VAL A 35 2.49 -12.03 -4.37
CA VAL A 35 2.51 -12.00 -5.82
C VAL A 35 3.96 -12.06 -6.31
N GLN A 36 4.11 -12.18 -7.63
CA GLN A 36 5.43 -12.26 -8.23
C GLN A 36 6.12 -10.91 -8.15
N ASP A 37 6.94 -10.75 -7.11
CA ASP A 37 7.67 -9.52 -6.90
C ASP A 37 6.71 -8.45 -6.35
N GLY A 38 6.04 -8.81 -5.27
CA GLY A 38 5.09 -7.91 -4.65
C GLY A 38 4.22 -8.64 -3.62
N LEU A 39 3.15 -7.97 -3.22
CA LEU A 39 2.23 -8.55 -2.26
C LEU A 39 0.87 -7.86 -2.37
N GLN A 40 -0.18 -8.65 -2.22
CA GLN A 40 -1.54 -8.13 -2.31
C GLN A 40 -2.33 -8.54 -1.07
N LEU A 41 -2.70 -7.54 -0.28
CA LEU A 41 -3.47 -7.77 0.93
C LEU A 41 -4.79 -7.00 0.85
N ASP A 42 -5.72 -7.39 1.72
CA ASP A 42 -7.02 -6.74 1.75
C ASP A 42 -7.24 -6.12 3.13
N VAL A 43 -6.93 -4.84 3.21
CA VAL A 43 -7.09 -4.11 4.46
C VAL A 43 -8.54 -3.62 4.59
N ARG A 44 -9.15 -3.96 5.71
CA ARG A 44 -10.53 -3.56 5.96
C ARG A 44 -10.56 -2.21 6.69
N LEU A 45 -10.49 -1.15 5.90
CA LEU A 45 -10.52 0.20 6.45
C LEU A 45 -11.89 0.45 7.07
N LYS A 46 -12.92 -0.01 6.39
CA LYS A 46 -14.28 0.16 6.86
C LYS A 46 -15.07 -1.12 6.61
N THR A 47 -16.10 -1.32 7.43
CA THR A 47 -16.95 -2.49 7.31
C THR A 47 -17.59 -2.55 5.93
N ASP A 48 -17.58 -1.41 5.26
CA ASP A 48 -18.15 -1.31 3.93
C ASP A 48 -17.11 -0.74 2.96
N THR A 49 -15.85 -0.86 3.37
CA THR A 49 -14.76 -0.36 2.55
C THR A 49 -13.60 -1.37 2.56
N LEU A 50 -12.93 -1.46 1.42
CA LEU A 50 -11.81 -2.36 1.28
C LEU A 50 -10.63 -1.61 0.64
N LEU A 51 -9.45 -1.84 1.20
CA LEU A 51 -8.24 -1.21 0.70
C LEU A 51 -7.31 -2.27 0.13
N GLU A 52 -7.30 -2.36 -1.19
CA GLU A 52 -6.46 -3.33 -1.87
C GLU A 52 -5.06 -2.75 -2.10
N LEU A 53 -4.12 -3.21 -1.28
CA LEU A 53 -2.75 -2.74 -1.38
C LEU A 53 -1.95 -3.72 -2.25
N HIS A 54 -1.19 -3.15 -3.17
CA HIS A 54 -0.38 -3.96 -4.06
C HIS A 54 1.04 -3.38 -4.12
N ILE A 55 1.96 -4.09 -3.48
CA ILE A 55 3.35 -3.68 -3.44
C ILE A 55 4.07 -4.18 -4.69
N TYR A 56 4.84 -3.30 -5.29
CA TYR A 56 5.58 -3.64 -6.49
C TYR A 56 6.89 -2.84 -6.58
N TYR A 57 7.96 -3.54 -6.93
CA TYR A 57 9.25 -2.91 -7.05
C TYR A 57 9.34 -2.06 -8.33
N ASP A 58 10.00 -0.93 -8.20
CA ASP A 58 10.16 -0.03 -9.34
C ASP A 58 11.58 -0.14 -9.88
N HIS A 59 11.68 -0.61 -11.12
CA HIS A 59 12.97 -0.77 -11.77
C HIS A 59 13.42 0.57 -12.33
N VAL A 60 12.63 1.60 -12.07
CA VAL A 60 12.94 2.93 -12.54
C VAL A 60 13.86 3.63 -11.53
N TYR A 61 13.55 3.42 -10.26
CA TYR A 61 14.34 4.01 -9.19
C TYR A 61 14.98 2.94 -8.32
N HIS A 62 14.60 1.70 -8.58
CA HIS A 62 15.12 0.57 -7.82
C HIS A 62 14.65 0.67 -6.37
N VAL A 63 13.36 0.95 -6.21
CA VAL A 63 12.79 1.07 -4.88
C VAL A 63 11.36 0.53 -4.91
N PRO A 64 10.87 0.15 -3.69
CA PRO A 64 9.52 -0.38 -3.57
C PRO A 64 8.47 0.73 -3.67
N SER A 65 7.35 0.40 -4.28
CA SER A 65 6.27 1.35 -4.45
C SER A 65 5.02 0.87 -3.71
N ILE A 66 4.04 1.76 -3.63
CA ILE A 66 2.80 1.45 -2.96
C ILE A 66 1.62 1.99 -3.77
N LYS A 67 0.71 1.10 -4.11
CA LYS A 67 -0.46 1.47 -4.88
C LYS A 67 -1.69 0.77 -4.31
N PHE A 68 -2.65 1.58 -3.89
CA PHE A 68 -3.88 1.05 -3.33
C PHE A 68 -5.11 1.69 -3.99
N ARG A 69 -6.17 0.90 -4.07
CA ARG A 69 -7.41 1.37 -4.67
C ARG A 69 -8.57 1.23 -3.69
N LEU A 70 -9.16 2.36 -3.34
CA LEU A 70 -10.28 2.36 -2.42
C LEU A 70 -11.45 1.59 -3.03
N TRP A 71 -12.15 0.86 -2.18
CA TRP A 71 -13.30 0.08 -2.62
C TRP A 71 -14.44 0.30 -1.62
N SER A 72 -15.65 0.17 -2.13
CA SER A 72 -16.84 0.35 -1.31
C SER A 72 -17.71 -0.90 -1.36
N LEU A 73 -17.55 -1.75 -0.36
CA LEU A 73 -18.33 -2.98 -0.30
C LEU A 73 -19.80 -2.64 -0.07
N ASP A 74 -20.62 -3.12 -0.99
CA ASP A 74 -22.06 -2.87 -0.91
C ASP A 74 -22.80 -4.22 -0.83
N THR A 75 -23.42 -4.44 0.31
CA THR A 75 -24.16 -5.68 0.53
C THR A 75 -25.66 -5.41 0.54
N GLU A 76 -26.07 -4.49 -0.33
CA GLU A 76 -27.47 -4.12 -0.43
C GLU A 76 -28.34 -5.37 -0.57
N GLU A 77 -27.87 -6.29 -1.39
CA GLU A 77 -28.59 -7.53 -1.62
C GLU A 77 -27.92 -8.67 -0.84
N ASP A 78 -26.77 -8.38 -0.28
CA ASP A 78 -26.04 -9.36 0.50
C ASP A 78 -25.24 -10.26 -0.46
N ILE A 79 -24.62 -9.62 -1.44
CA ILE A 79 -23.83 -10.36 -2.42
C ILE A 79 -22.34 -10.01 -2.23
N SER A 80 -22.06 -9.35 -1.11
CA SER A 80 -20.70 -8.96 -0.81
C SER A 80 -20.08 -8.21 -1.99
N SER A 81 -20.91 -7.37 -2.61
CA SER A 81 -20.46 -6.59 -3.75
C SER A 81 -19.44 -5.54 -3.30
N LEU A 82 -18.98 -4.75 -4.26
CA LEU A 82 -18.02 -3.70 -3.98
C LEU A 82 -17.85 -2.83 -5.22
N ARG A 83 -17.27 -1.65 -5.00
CA ARG A 83 -17.04 -0.72 -6.09
C ARG A 83 -15.88 0.22 -5.75
N LEU A 84 -14.96 0.35 -6.69
CA LEU A 84 -13.81 1.21 -6.50
C LEU A 84 -14.28 2.63 -6.20
N LEU A 85 -13.78 3.17 -5.10
CA LEU A 85 -14.14 4.51 -4.69
C LEU A 85 -13.12 5.51 -5.25
N THR A 86 -13.61 6.69 -5.59
CA THR A 86 -12.74 7.72 -6.13
C THR A 86 -13.07 9.08 -5.49
N LEU A 87 -12.31 9.40 -4.46
CA LEU A 87 -12.52 10.65 -3.75
C LEU A 87 -11.19 11.43 -3.72
N SER A 88 -11.30 12.70 -3.34
CA SER A 88 -10.12 13.56 -3.28
C SER A 88 -9.26 13.16 -2.07
N ASP A 89 -8.26 13.99 -1.81
CA ASP A 89 -7.36 13.75 -0.70
C ASP A 89 -8.11 13.97 0.61
N SER A 90 -8.70 15.14 0.72
CA SER A 90 -9.46 15.49 1.92
C SER A 90 -10.22 14.27 2.42
N GLU A 91 -10.61 13.42 1.49
CA GLU A 91 -11.35 12.21 1.82
C GLU A 91 -10.39 11.06 2.10
N LEU A 92 -9.41 10.93 1.23
CA LEU A 92 -8.41 9.87 1.37
C LEU A 92 -7.70 10.02 2.72
N ARG A 93 -7.04 11.16 2.88
CA ARG A 93 -6.32 11.45 4.10
C ARG A 93 -7.21 11.18 5.32
N SER A 94 -8.52 11.24 5.08
CA SER A 94 -9.48 11.01 6.15
C SER A 94 -9.16 9.70 6.86
N ILE A 95 -8.76 8.71 6.07
CA ILE A 95 -8.42 7.41 6.62
C ILE A 95 -6.90 7.21 6.56
N LEU A 96 -6.31 7.77 5.52
CA LEU A 96 -4.86 7.66 5.33
C LEU A 96 -4.17 8.64 6.27
N ASN A 97 -2.84 8.63 6.21
CA ASN A 97 -2.04 9.51 7.03
C ASN A 97 -0.85 10.01 6.24
N LEU A 98 -1.04 11.14 5.58
CA LEU A 98 0.02 11.74 4.78
C LEU A 98 0.82 12.71 5.64
N GLY A 99 0.11 13.69 6.18
CA GLY A 99 0.74 14.70 7.02
C GLY A 99 1.76 15.52 6.22
N THR A 100 2.93 14.92 6.04
CA THR A 100 4.00 15.58 5.31
C THR A 100 4.26 14.85 3.99
N PHE A 101 3.81 13.61 3.94
CA PHE A 101 4.00 12.80 2.75
C PHE A 101 3.17 13.34 1.57
N SER A 102 3.13 12.55 0.51
CA SER A 102 2.39 12.93 -0.67
C SER A 102 1.87 11.69 -1.40
N VAL A 103 0.95 11.92 -2.33
CA VAL A 103 0.37 10.83 -3.09
C VAL A 103 -0.07 11.35 -4.47
N THR A 104 -0.32 10.41 -5.37
CA THR A 104 -0.75 10.76 -6.70
C THR A 104 -1.80 9.76 -7.21
N LEU A 105 -2.89 10.31 -7.72
CA LEU A 105 -3.96 9.47 -8.24
C LEU A 105 -3.73 9.23 -9.73
N SER A 106 -3.78 7.95 -10.10
CA SER A 106 -3.57 7.56 -11.48
C SER A 106 -4.79 6.77 -11.99
N THR A 107 -5.03 6.89 -13.29
CA THR A 107 -6.15 6.19 -13.90
C THR A 107 -5.86 5.91 -15.38
N ASP A 108 -6.52 4.89 -15.89
CA ASP A 108 -6.34 4.51 -17.28
C ASP A 108 -7.36 5.26 -18.15
N MET A 109 -7.06 5.31 -19.44
CA MET A 109 -7.94 6.00 -20.38
C MET A 109 -9.36 5.44 -20.30
N GLU A 110 -9.45 4.15 -20.03
CA GLU A 110 -10.74 3.50 -19.93
C GLU A 110 -11.58 4.12 -18.81
N MET A 111 -10.87 4.75 -17.88
CA MET A 111 -11.53 5.40 -16.75
C MET A 111 -12.43 4.42 -16.00
N LYS A 112 -12.12 3.14 -16.17
CA LYS A 112 -12.90 2.10 -15.52
C LYS A 112 -12.22 1.71 -14.20
N SER A 113 -10.89 1.70 -14.24
CA SER A 113 -10.11 1.36 -13.06
C SER A 113 -9.29 2.56 -12.61
N VAL A 114 -8.99 2.57 -11.31
CA VAL A 114 -8.22 3.66 -10.74
C VAL A 114 -7.39 3.12 -9.57
N TYR A 115 -6.32 3.86 -9.26
CA TYR A 115 -5.44 3.46 -8.17
C TYR A 115 -4.62 4.66 -7.69
N TYR A 116 -4.35 4.66 -6.39
CA TYR A 116 -3.57 5.72 -5.79
C TYR A 116 -2.13 5.28 -5.53
N TYR A 117 -1.20 6.02 -6.11
CA TYR A 117 0.20 5.72 -5.95
C TYR A 117 0.86 6.63 -4.90
N ILE A 118 1.39 6.00 -3.86
CA ILE A 118 2.03 6.74 -2.79
C ILE A 118 3.39 7.24 -3.28
N ASN A 119 3.63 8.53 -3.04
CA ASN A 119 4.88 9.15 -3.45
C ASN A 119 6.04 8.20 -3.12
N ASN A 120 6.68 7.73 -4.18
CA ASN A 120 7.80 6.82 -4.02
C ASN A 120 8.85 7.13 -5.09
N CYS A 121 9.15 8.41 -5.22
CA CYS A 121 10.14 8.85 -6.20
C CYS A 121 11.52 8.41 -5.71
N ASP A 122 11.83 8.81 -4.49
CA ASP A 122 13.12 8.49 -3.89
C ASP A 122 12.90 7.97 -2.46
N THR A 123 12.82 6.65 -2.34
CA THR A 123 12.62 6.03 -1.04
C THR A 123 13.86 6.21 -0.17
N ASP A 124 14.94 6.62 -0.80
CA ASP A 124 16.19 6.83 -0.09
C ASP A 124 16.23 8.25 0.47
N ALA A 125 15.35 9.09 -0.07
CA ALA A 125 15.26 10.47 0.36
C ALA A 125 14.47 10.54 1.67
N ASN A 126 13.49 9.65 1.78
CA ASN A 126 12.65 9.60 2.97
C ASN A 126 13.22 8.55 3.94
N VAL A 127 13.16 7.30 3.51
CA VAL A 127 13.65 6.20 4.32
C VAL A 127 15.18 6.21 4.31
N GLY A 128 15.74 5.94 3.15
CA GLY A 128 17.18 5.92 2.99
C GLY A 128 17.86 5.40 4.26
N SER A 129 17.19 4.45 4.91
CA SER A 129 17.72 3.88 6.14
C SER A 129 18.90 2.94 5.81
N ASP A 130 18.54 1.73 5.40
CA ASP A 130 19.55 0.74 5.06
C ASP A 130 18.91 -0.37 4.22
N VAL A 131 19.56 -0.69 3.11
CA VAL A 131 19.06 -1.72 2.22
C VAL A 131 18.92 -3.03 3.00
N GLU A 132 19.60 -3.08 4.13
CA GLU A 132 19.57 -4.26 4.98
C GLU A 132 18.13 -4.55 5.42
N HIS A 133 17.61 -3.66 6.24
CA HIS A 133 16.25 -3.81 6.75
C HIS A 133 15.38 -2.68 6.20
N TYR A 134 15.49 -2.46 4.90
CA TYR A 134 14.72 -1.41 4.25
C TYR A 134 13.26 -1.82 4.11
N LEU A 135 13.05 -3.11 3.88
CA LEU A 135 11.71 -3.64 3.73
C LEU A 135 10.98 -3.58 5.08
N THR A 136 11.78 -3.58 6.14
CA THR A 136 11.23 -3.51 7.49
C THR A 136 11.08 -2.06 7.94
N ARG A 137 12.00 -1.23 7.46
CA ARG A 137 11.99 0.18 7.81
C ARG A 137 11.10 0.96 6.83
N TRP A 138 10.83 0.32 5.70
CA TRP A 138 10.01 0.94 4.67
C TRP A 138 8.54 0.63 5.00
N ILE A 139 8.30 -0.62 5.36
CA ILE A 139 6.95 -1.05 5.69
C ILE A 139 6.42 -0.20 6.85
N SER A 140 7.25 -0.10 7.88
CA SER A 140 6.88 0.68 9.05
C SER A 140 6.92 2.17 8.73
N LEU A 141 7.33 2.47 7.51
CA LEU A 141 7.43 3.85 7.06
C LEU A 141 6.18 4.21 6.26
N TYR A 142 5.74 3.26 5.45
CA TYR A 142 4.56 3.46 4.62
C TYR A 142 3.30 2.97 5.35
N ILE A 143 3.38 1.75 5.83
CA ILE A 143 2.25 1.16 6.55
C ILE A 143 1.64 2.21 7.49
N ARG A 144 2.48 3.14 7.92
CA ARG A 144 2.04 4.19 8.81
C ARG A 144 0.97 5.05 8.13
N ILE A 145 1.26 5.42 6.89
CA ILE A 145 0.34 6.24 6.12
C ILE A 145 -1.06 5.61 6.16
N PHE A 146 -1.08 4.32 6.48
CA PHE A 146 -2.34 3.60 6.56
C PHE A 146 -2.73 3.36 8.02
N ASP A 147 -1.73 3.16 8.85
CA ASP A 147 -1.96 2.91 10.26
C ASP A 147 -0.79 3.47 11.07
N LEU A 148 -0.99 4.64 11.63
CA LEU A 148 0.03 5.29 12.43
C LEU A 148 0.01 4.72 13.85
N ASN A 149 -0.87 3.75 14.04
CA ASN A 149 -1.00 3.12 15.35
C ASN A 149 -0.35 1.74 15.30
N PHE A 150 -0.23 1.20 14.10
CA PHE A 150 0.38 -0.10 13.90
C PHE A 150 1.90 -0.01 13.92
N VAL A 151 2.49 -0.53 15.00
CA VAL A 151 3.93 -0.51 15.15
C VAL A 151 4.47 -1.94 14.98
N PRO A 152 5.07 -2.18 13.78
CA PRO A 152 5.63 -3.49 13.49
C PRO A 152 6.95 -3.69 14.22
N SER A 5 18.99 5.16 -2.85
CA SER A 5 18.66 3.78 -2.53
C SER A 5 19.38 2.83 -3.49
N MET A 6 19.89 1.75 -2.93
CA MET A 6 20.61 0.76 -3.72
C MET A 6 19.89 -0.60 -3.69
N LEU A 7 18.93 -0.70 -2.78
CA LEU A 7 18.17 -1.93 -2.64
C LEU A 7 17.66 -2.37 -4.01
N THR A 8 18.33 -3.35 -4.58
CA THR A 8 17.96 -3.86 -5.89
C THR A 8 16.66 -4.68 -5.78
N LEU A 9 16.40 -5.44 -6.84
CA LEU A 9 15.21 -6.26 -6.88
C LEU A 9 15.41 -7.50 -6.00
N PRO A 10 16.60 -8.13 -6.17
CA PRO A 10 16.93 -9.32 -5.40
C PRO A 10 17.27 -8.96 -3.96
N GLU A 11 17.41 -7.66 -3.71
CA GLU A 11 17.73 -7.18 -2.39
C GLU A 11 16.45 -6.95 -1.57
N TYR A 12 15.43 -6.50 -2.26
CA TYR A 12 14.14 -6.24 -1.62
C TYR A 12 13.27 -7.50 -1.61
N ASN A 13 13.42 -8.29 -2.67
CA ASN A 13 12.65 -9.52 -2.80
C ASN A 13 13.11 -10.51 -1.73
N GLU A 14 14.31 -10.29 -1.23
CA GLU A 14 14.87 -11.15 -0.21
C GLU A 14 14.21 -10.87 1.15
N GLN A 15 13.68 -9.65 1.27
CA GLN A 15 13.01 -9.24 2.50
C GLN A 15 11.51 -9.12 2.28
N ILE A 16 11.07 -9.67 1.15
CA ILE A 16 9.66 -9.64 0.81
C ILE A 16 8.86 -10.39 1.87
N PRO A 17 9.38 -11.58 2.24
CA PRO A 17 8.73 -12.41 3.25
C PRO A 17 8.94 -11.84 4.66
N ASN A 18 9.66 -10.73 4.70
CA ASN A 18 9.94 -10.08 5.97
C ASN A 18 8.85 -9.05 6.27
N VAL A 19 8.35 -8.44 5.20
CA VAL A 19 7.31 -7.44 5.34
C VAL A 19 5.97 -8.13 5.58
N ARG A 20 5.66 -9.09 4.71
CA ARG A 20 4.43 -9.83 4.82
C ARG A 20 4.39 -10.62 6.12
N SER A 21 5.58 -10.80 6.71
CA SER A 21 5.70 -11.54 7.96
C SER A 21 5.25 -10.65 9.12
N LEU A 22 5.70 -9.41 9.11
CA LEU A 22 5.36 -8.47 10.15
C LEU A 22 3.94 -7.95 9.90
N LEU A 23 3.55 -7.98 8.65
CA LEU A 23 2.22 -7.52 8.27
C LEU A 23 1.16 -8.31 9.04
N THR A 24 1.59 -9.45 9.57
CA THR A 24 0.71 -10.31 10.33
C THR A 24 0.22 -9.60 11.58
N LYS A 25 0.90 -8.51 11.91
CA LYS A 25 0.55 -7.73 13.08
C LYS A 25 -0.64 -6.81 12.75
N TRP A 26 -0.86 -6.64 11.46
CA TRP A 26 -1.96 -5.79 11.00
C TRP A 26 -3.26 -6.56 11.22
N ALA A 27 -4.17 -5.93 11.94
CA ALA A 27 -5.45 -6.54 12.23
C ALA A 27 -6.46 -6.13 11.15
N LYS A 28 -6.09 -5.09 10.40
CA LYS A 28 -6.95 -4.60 9.34
C LYS A 28 -6.80 -5.50 8.11
N VAL A 29 -5.76 -6.31 8.12
CA VAL A 29 -5.48 -7.21 7.02
C VAL A 29 -6.37 -8.45 7.16
N GLU A 30 -7.15 -8.70 6.12
CA GLU A 30 -8.04 -9.85 6.11
C GLU A 30 -7.59 -10.87 5.07
N ARG A 31 -6.83 -10.38 4.09
CA ARG A 31 -6.33 -11.24 3.03
C ARG A 31 -4.82 -11.09 2.91
N ILE A 32 -4.13 -12.23 2.87
CA ILE A 32 -2.69 -12.23 2.75
C ILE A 32 -2.29 -13.09 1.54
N GLN A 33 -1.81 -12.41 0.51
CA GLN A 33 -1.39 -13.08 -0.71
C GLN A 33 -0.15 -12.40 -1.29
N ASP A 34 0.63 -13.17 -2.03
CA ASP A 34 1.83 -12.66 -2.65
C ASP A 34 1.69 -12.72 -4.17
N VAL A 35 2.54 -11.95 -4.85
CA VAL A 35 2.52 -11.91 -6.30
C VAL A 35 3.95 -11.90 -6.83
N GLN A 36 4.08 -12.27 -8.09
CA GLN A 36 5.38 -12.30 -8.72
C GLN A 36 6.07 -10.94 -8.61
N ASP A 37 6.85 -10.79 -7.55
CA ASP A 37 7.56 -9.55 -7.32
C ASP A 37 6.60 -8.51 -6.74
N GLY A 38 5.93 -8.91 -5.67
CA GLY A 38 4.98 -8.02 -5.01
C GLY A 38 4.09 -8.80 -4.04
N LEU A 39 3.10 -8.11 -3.51
CA LEU A 39 2.18 -8.71 -2.57
C LEU A 39 0.84 -7.97 -2.61
N GLN A 40 -0.22 -8.73 -2.40
CA GLN A 40 -1.56 -8.16 -2.42
C GLN A 40 -2.32 -8.53 -1.14
N LEU A 41 -2.63 -7.51 -0.36
CA LEU A 41 -3.34 -7.71 0.89
C LEU A 41 -4.66 -6.93 0.85
N ASP A 42 -5.64 -7.46 1.57
CA ASP A 42 -6.95 -6.82 1.62
C ASP A 42 -7.08 -6.06 2.94
N VAL A 43 -6.78 -4.76 2.88
CA VAL A 43 -6.86 -3.93 4.06
C VAL A 43 -8.32 -3.48 4.25
N ARG A 44 -8.77 -3.58 5.50
CA ARG A 44 -10.12 -3.19 5.83
C ARG A 44 -10.15 -1.76 6.37
N LEU A 45 -10.40 -0.83 5.47
CA LEU A 45 -10.46 0.58 5.84
C LEU A 45 -11.73 0.84 6.66
N LYS A 46 -12.83 0.36 6.13
CA LYS A 46 -14.12 0.53 6.79
C LYS A 46 -14.89 -0.79 6.74
N THR A 47 -15.84 -0.92 7.68
CA THR A 47 -16.65 -2.12 7.75
C THR A 47 -17.36 -2.37 6.42
N ASP A 48 -17.45 -1.31 5.63
CA ASP A 48 -18.11 -1.41 4.33
C ASP A 48 -17.18 -0.82 3.26
N THR A 49 -15.90 -0.85 3.57
CA THR A 49 -14.91 -0.33 2.64
C THR A 49 -13.65 -1.21 2.66
N LEU A 50 -13.16 -1.51 1.46
CA LEU A 50 -11.99 -2.34 1.32
C LEU A 50 -10.90 -1.55 0.59
N LEU A 51 -9.65 -1.82 0.97
CA LEU A 51 -8.53 -1.14 0.36
C LEU A 51 -7.49 -2.19 -0.06
N GLU A 52 -7.42 -2.40 -1.37
CA GLU A 52 -6.47 -3.36 -1.91
C GLU A 52 -5.10 -2.71 -2.12
N LEU A 53 -4.13 -3.21 -1.35
CA LEU A 53 -2.78 -2.68 -1.44
C LEU A 53 -1.91 -3.65 -2.24
N HIS A 54 -1.05 -3.08 -3.08
CA HIS A 54 -0.17 -3.87 -3.91
C HIS A 54 1.25 -3.31 -3.82
N ILE A 55 2.20 -4.20 -3.55
CA ILE A 55 3.59 -3.81 -3.45
C ILE A 55 4.35 -4.30 -4.67
N TYR A 56 5.15 -3.40 -5.24
CA TYR A 56 5.93 -3.74 -6.42
C TYR A 56 7.21 -2.88 -6.48
N TYR A 57 8.33 -3.56 -6.68
CA TYR A 57 9.61 -2.88 -6.77
C TYR A 57 9.78 -2.22 -8.13
N ASP A 58 10.62 -1.19 -8.14
CA ASP A 58 10.89 -0.46 -9.37
C ASP A 58 12.40 -0.35 -9.58
N HIS A 59 12.83 -0.70 -10.77
CA HIS A 59 14.25 -0.65 -11.11
C HIS A 59 14.62 0.78 -11.51
N VAL A 60 13.64 1.66 -11.40
CA VAL A 60 13.85 3.06 -11.74
C VAL A 60 14.81 3.69 -10.74
N TYR A 61 14.46 3.55 -9.46
CA TYR A 61 15.28 4.10 -8.40
C TYR A 61 15.80 2.99 -7.48
N HIS A 62 15.58 1.75 -7.92
CA HIS A 62 16.02 0.61 -7.15
C HIS A 62 15.40 0.64 -5.75
N VAL A 63 14.09 0.83 -5.72
CA VAL A 63 13.37 0.89 -4.46
C VAL A 63 11.97 0.30 -4.65
N PRO A 64 11.29 0.06 -3.50
CA PRO A 64 9.95 -0.50 -3.53
C PRO A 64 8.92 0.56 -3.96
N SER A 65 7.74 0.07 -4.30
CA SER A 65 6.67 0.97 -4.71
C SER A 65 5.38 0.65 -3.93
N ILE A 66 4.34 1.41 -4.24
CA ILE A 66 3.06 1.23 -3.57
C ILE A 66 1.93 1.62 -4.53
N LYS A 67 0.92 0.77 -4.57
CA LYS A 67 -0.23 1.01 -5.44
C LYS A 67 -1.44 0.26 -4.89
N PHE A 68 -2.44 1.03 -4.51
CA PHE A 68 -3.66 0.45 -3.97
C PHE A 68 -4.90 1.13 -4.56
N ARG A 69 -6.06 0.58 -4.22
CA ARG A 69 -7.32 1.12 -4.71
C ARG A 69 -8.38 1.08 -3.61
N LEU A 70 -9.29 2.04 -3.68
CA LEU A 70 -10.36 2.12 -2.70
C LEU A 70 -11.57 1.33 -3.20
N TRP A 71 -12.26 0.72 -2.24
CA TRP A 71 -13.44 -0.08 -2.56
C TRP A 71 -14.51 0.24 -1.54
N SER A 72 -15.76 0.14 -1.98
CA SER A 72 -16.89 0.41 -1.11
C SER A 72 -17.84 -0.79 -1.07
N LEU A 73 -17.67 -1.60 -0.04
CA LEU A 73 -18.49 -2.78 0.13
C LEU A 73 -19.93 -2.37 0.39
N ASP A 74 -20.82 -2.85 -0.45
CA ASP A 74 -22.24 -2.53 -0.32
C ASP A 74 -23.02 -3.82 -0.05
N THR A 75 -23.58 -3.89 1.15
CA THR A 75 -24.36 -5.05 1.54
C THR A 75 -25.85 -4.77 1.39
N GLU A 76 -26.18 -4.00 0.37
CA GLU A 76 -27.57 -3.65 0.09
C GLU A 76 -28.41 -4.92 -0.06
N GLU A 77 -27.80 -5.93 -0.66
CA GLU A 77 -28.48 -7.19 -0.88
C GLU A 77 -27.92 -8.27 0.05
N ASP A 78 -26.92 -7.86 0.82
CA ASP A 78 -26.29 -8.78 1.76
C ASP A 78 -25.65 -9.94 0.98
N ILE A 79 -24.92 -9.57 -0.07
CA ILE A 79 -24.27 -10.57 -0.90
C ILE A 79 -22.75 -10.37 -0.82
N SER A 80 -22.37 -9.28 -0.16
CA SER A 80 -20.95 -8.97 -0.01
C SER A 80 -20.43 -8.31 -1.29
N SER A 81 -21.16 -7.31 -1.74
CA SER A 81 -20.78 -6.59 -2.95
C SER A 81 -19.76 -5.50 -2.60
N LEU A 82 -19.29 -4.83 -3.64
CA LEU A 82 -18.32 -3.76 -3.47
C LEU A 82 -18.11 -3.04 -4.80
N ARG A 83 -17.53 -1.85 -4.71
CA ARG A 83 -17.27 -1.06 -5.90
C ARG A 83 -16.11 -0.09 -5.65
N LEU A 84 -15.23 0.01 -6.63
CA LEU A 84 -14.08 0.89 -6.53
C LEU A 84 -14.55 2.31 -6.21
N LEU A 85 -13.92 2.90 -5.20
CA LEU A 85 -14.26 4.24 -4.79
C LEU A 85 -13.30 5.24 -5.45
N THR A 86 -13.71 6.50 -5.45
CA THR A 86 -12.90 7.55 -6.03
C THR A 86 -13.23 8.90 -5.39
N LEU A 87 -12.31 9.37 -4.57
CA LEU A 87 -12.49 10.65 -3.90
C LEU A 87 -11.15 11.39 -3.85
N SER A 88 -11.23 12.67 -3.51
CA SER A 88 -10.05 13.50 -3.43
C SER A 88 -9.04 12.88 -2.46
N ASP A 89 -8.00 13.65 -2.16
CA ASP A 89 -6.97 13.19 -1.25
C ASP A 89 -7.43 13.40 0.20
N SER A 90 -7.97 14.58 0.44
CA SER A 90 -8.45 14.91 1.77
C SER A 90 -9.67 14.06 2.13
N GLU A 91 -10.34 13.58 1.09
CA GLU A 91 -11.51 12.74 1.27
C GLU A 91 -11.10 11.31 1.59
N LEU A 92 -9.98 10.90 0.99
CA LEU A 92 -9.47 9.56 1.20
C LEU A 92 -8.63 9.53 2.49
N ARG A 93 -8.05 10.68 2.80
CA ARG A 93 -7.24 10.80 4.00
C ARG A 93 -8.03 10.36 5.23
N SER A 94 -9.34 10.36 5.08
CA SER A 94 -10.22 9.97 6.17
C SER A 94 -9.83 8.59 6.69
N ILE A 95 -9.20 7.81 5.81
CA ILE A 95 -8.76 6.47 6.17
C ILE A 95 -7.23 6.41 6.11
N LEU A 96 -6.67 7.11 5.14
CA LEU A 96 -5.23 7.14 4.98
C LEU A 96 -4.64 8.22 5.88
N ASN A 97 -3.32 8.35 5.83
CA ASN A 97 -2.62 9.34 6.63
C ASN A 97 -1.45 9.90 5.83
N LEU A 98 -1.69 11.06 5.22
CA LEU A 98 -0.66 11.71 4.43
C LEU A 98 0.10 12.69 5.30
N GLY A 99 -0.64 13.63 5.87
CA GLY A 99 -0.04 14.64 6.74
C GLY A 99 0.97 15.49 5.96
N THR A 100 2.17 14.94 5.83
CA THR A 100 3.24 15.63 5.13
C THR A 100 3.60 14.89 3.84
N PHE A 101 3.25 13.60 3.83
CA PHE A 101 3.54 12.78 2.67
C PHE A 101 2.72 13.23 1.46
N SER A 102 2.77 12.41 0.41
CA SER A 102 2.05 12.72 -0.81
C SER A 102 1.70 11.43 -1.55
N VAL A 103 0.86 11.57 -2.57
CA VAL A 103 0.45 10.42 -3.37
C VAL A 103 0.07 10.90 -4.78
N THR A 104 -0.05 9.93 -5.67
CA THR A 104 -0.41 10.24 -7.05
C THR A 104 -1.48 9.27 -7.55
N LEU A 105 -2.58 9.84 -8.02
CA LEU A 105 -3.68 9.04 -8.52
C LEU A 105 -3.60 8.98 -10.05
N SER A 106 -3.53 7.76 -10.55
CA SER A 106 -3.44 7.54 -11.99
C SER A 106 -4.72 6.86 -12.49
N THR A 107 -5.30 7.46 -13.51
CA THR A 107 -6.53 6.92 -14.09
C THR A 107 -6.24 6.34 -15.48
N ASP A 108 -7.10 5.42 -15.89
CA ASP A 108 -6.96 4.78 -17.18
C ASP A 108 -7.82 5.52 -18.21
N MET A 109 -7.53 5.25 -19.48
CA MET A 109 -8.26 5.88 -20.56
C MET A 109 -9.76 5.60 -20.46
N GLU A 110 -10.07 4.48 -19.80
CA GLU A 110 -11.45 4.08 -19.62
C GLU A 110 -12.05 4.78 -18.39
N MET A 111 -11.16 5.30 -17.56
CA MET A 111 -11.59 6.00 -16.36
C MET A 111 -12.39 5.06 -15.44
N LYS A 112 -12.26 3.77 -15.71
CA LYS A 112 -12.96 2.78 -14.93
C LYS A 112 -11.99 2.15 -13.92
N SER A 113 -10.71 2.39 -14.15
CA SER A 113 -9.69 1.87 -13.27
C SER A 113 -8.74 3.00 -12.83
N VAL A 114 -8.55 3.09 -11.53
CA VAL A 114 -7.68 4.11 -10.97
C VAL A 114 -7.00 3.58 -9.71
N TYR A 115 -5.81 4.09 -9.44
CA TYR A 115 -5.06 3.68 -8.28
C TYR A 115 -4.39 4.87 -7.59
N TYR A 116 -4.02 4.67 -6.34
CA TYR A 116 -3.37 5.71 -5.57
C TYR A 116 -1.89 5.42 -5.38
N TYR A 117 -1.11 5.73 -6.41
CA TYR A 117 0.31 5.51 -6.36
C TYR A 117 0.99 6.44 -5.34
N ILE A 118 1.26 5.89 -4.17
CA ILE A 118 1.89 6.64 -3.11
C ILE A 118 3.29 7.07 -3.56
N ASN A 119 3.65 8.28 -3.18
CA ASN A 119 4.96 8.82 -3.53
C ASN A 119 6.05 7.98 -2.86
N ASN A 120 6.74 7.20 -3.68
CA ASN A 120 7.81 6.35 -3.19
C ASN A 120 9.15 6.93 -3.62
N CYS A 121 9.10 7.80 -4.61
CA CYS A 121 10.30 8.43 -5.13
C CYS A 121 11.06 9.03 -3.96
N ASP A 122 10.31 9.40 -2.92
CA ASP A 122 10.91 9.99 -1.74
C ASP A 122 11.19 8.90 -0.71
N THR A 123 11.60 7.74 -1.23
CA THR A 123 11.90 6.61 -0.37
C THR A 123 13.32 6.72 0.18
N ASP A 124 14.28 6.67 -0.75
CA ASP A 124 15.68 6.77 -0.37
C ASP A 124 15.89 8.01 0.49
N ALA A 125 14.96 8.94 0.36
CA ALA A 125 15.03 10.18 1.12
C ALA A 125 14.35 9.98 2.48
N ASN A 126 13.38 9.08 2.48
CA ASN A 126 12.63 8.79 3.70
C ASN A 126 13.29 7.61 4.43
N VAL A 127 13.16 6.44 3.81
CA VAL A 127 13.73 5.23 4.38
C VAL A 127 15.24 5.43 4.58
N GLY A 128 15.93 5.58 3.46
CA GLY A 128 17.38 5.78 3.49
C GLY A 128 18.08 4.85 2.50
N SER A 129 19.22 4.33 2.93
CA SER A 129 19.99 3.43 2.09
C SER A 129 20.18 2.08 2.79
N ASP A 130 19.66 2.01 4.00
CA ASP A 130 19.76 0.80 4.79
C ASP A 130 18.99 -0.32 4.09
N VAL A 131 19.71 -1.03 3.23
CA VAL A 131 19.11 -2.13 2.49
C VAL A 131 18.94 -3.34 3.42
N GLU A 132 19.49 -3.21 4.62
CA GLU A 132 19.41 -4.27 5.61
C GLU A 132 17.96 -4.47 6.05
N HIS A 133 17.44 -3.46 6.73
CA HIS A 133 16.07 -3.51 7.22
C HIS A 133 15.24 -2.46 6.48
N TYR A 134 15.38 -2.44 5.17
CA TYR A 134 14.65 -1.50 4.34
C TYR A 134 13.21 -1.97 4.13
N LEU A 135 13.06 -3.28 4.03
CA LEU A 135 11.75 -3.87 3.82
C LEU A 135 10.99 -3.91 5.15
N THR A 136 11.75 -3.82 6.23
CA THR A 136 11.17 -3.84 7.56
C THR A 136 10.79 -2.42 8.00
N ARG A 137 11.59 -1.47 7.54
CA ARG A 137 11.35 -0.08 7.88
C ARG A 137 10.43 0.57 6.85
N TRP A 138 10.78 0.39 5.59
CA TRP A 138 9.99 0.94 4.50
C TRP A 138 8.51 0.68 4.81
N ILE A 139 8.23 -0.57 5.14
CA ILE A 139 6.86 -0.97 5.46
C ILE A 139 6.30 -0.04 6.55
N SER A 140 7.05 0.04 7.64
CA SER A 140 6.64 0.88 8.75
C SER A 140 6.72 2.36 8.35
N LEU A 141 7.15 2.57 7.12
CA LEU A 141 7.27 3.93 6.60
C LEU A 141 5.98 4.31 5.85
N TYR A 142 5.63 3.46 4.90
CA TYR A 142 4.43 3.69 4.11
C TYR A 142 3.18 3.18 4.85
N ILE A 143 3.31 1.99 5.41
CA ILE A 143 2.21 1.39 6.14
C ILE A 143 1.63 2.41 7.11
N ARG A 144 2.47 3.35 7.52
CA ARG A 144 2.05 4.39 8.44
C ARG A 144 0.92 5.22 7.83
N ILE A 145 1.04 5.48 6.54
CA ILE A 145 0.04 6.26 5.83
C ILE A 145 -1.31 5.52 5.89
N PHE A 146 -1.24 4.27 6.32
CA PHE A 146 -2.44 3.46 6.43
C PHE A 146 -2.75 3.14 7.89
N ASP A 147 -1.70 3.07 8.69
CA ASP A 147 -1.86 2.78 10.11
C ASP A 147 -0.74 3.48 10.89
N LEU A 148 -1.12 4.56 11.56
CA LEU A 148 -0.17 5.33 12.35
C LEU A 148 -0.12 4.76 13.75
N ASN A 149 -0.85 3.68 13.96
CA ASN A 149 -0.89 3.03 15.25
C ASN A 149 -0.21 1.66 15.15
N PHE A 150 -0.08 1.19 13.92
CA PHE A 150 0.53 -0.11 13.67
C PHE A 150 2.06 -0.01 13.79
N VAL A 151 2.57 -0.66 14.83
CA VAL A 151 4.01 -0.65 15.07
C VAL A 151 4.57 -2.05 14.78
N PRO A 152 5.44 -2.11 13.73
CA PRO A 152 6.06 -3.37 13.34
C PRO A 152 7.15 -3.78 14.33
N SER A 5 17.73 3.09 -1.93
CA SER A 5 19.12 2.92 -1.55
C SER A 5 19.75 1.77 -2.34
N MET A 6 19.97 2.03 -3.62
CA MET A 6 20.57 1.04 -4.49
C MET A 6 19.94 -0.34 -4.27
N LEU A 7 18.71 -0.32 -3.77
CA LEU A 7 17.99 -1.55 -3.51
C LEU A 7 17.51 -2.16 -4.82
N THR A 8 18.14 -3.27 -5.18
CA THR A 8 17.79 -3.96 -6.41
C THR A 8 16.48 -4.73 -6.25
N LEU A 9 16.17 -5.54 -7.25
CA LEU A 9 14.96 -6.34 -7.23
C LEU A 9 15.16 -7.53 -6.28
N PRO A 10 16.34 -8.19 -6.43
CA PRO A 10 16.66 -9.34 -5.60
C PRO A 10 17.04 -8.90 -4.18
N GLU A 11 17.18 -7.59 -4.02
CA GLU A 11 17.53 -7.03 -2.72
C GLU A 11 16.28 -6.77 -1.89
N TYR A 12 15.24 -6.30 -2.57
CA TYR A 12 13.99 -6.01 -1.91
C TYR A 12 13.11 -7.26 -1.82
N ASN A 13 13.16 -8.06 -2.87
CA ASN A 13 12.38 -9.29 -2.93
C ASN A 13 12.90 -10.26 -1.86
N GLU A 14 14.08 -9.96 -1.36
CA GLU A 14 14.69 -10.79 -0.33
C GLU A 14 13.97 -10.59 1.01
N GLN A 15 13.49 -9.38 1.22
CA GLN A 15 12.79 -9.04 2.44
C GLN A 15 11.27 -8.98 2.20
N ILE A 16 10.90 -9.39 0.99
CA ILE A 16 9.49 -9.39 0.61
C ILE A 16 8.69 -10.22 1.63
N PRO A 17 9.26 -11.40 1.97
CA PRO A 17 8.61 -12.28 2.93
C PRO A 17 8.78 -11.76 4.35
N ASN A 18 9.51 -10.66 4.47
CA ASN A 18 9.74 -10.06 5.76
C ASN A 18 8.68 -8.99 6.03
N VAL A 19 8.27 -8.33 4.95
CA VAL A 19 7.26 -7.30 5.06
C VAL A 19 5.89 -7.94 5.25
N ARG A 20 5.61 -8.92 4.40
CA ARG A 20 4.34 -9.62 4.47
C ARG A 20 4.20 -10.35 5.80
N SER A 21 5.35 -10.63 6.41
CA SER A 21 5.36 -11.31 7.68
C SER A 21 4.77 -10.42 8.77
N LEU A 22 5.42 -9.27 8.97
CA LEU A 22 4.97 -8.33 9.97
C LEU A 22 3.57 -7.82 9.60
N LEU A 23 3.26 -7.92 8.31
CA LEU A 23 1.97 -7.48 7.81
C LEU A 23 0.86 -8.14 8.64
N THR A 24 1.21 -9.27 9.25
CA THR A 24 0.25 -10.00 10.06
C THR A 24 -0.19 -9.15 11.25
N LYS A 25 0.74 -8.35 11.75
CA LYS A 25 0.45 -7.48 12.89
C LYS A 25 -0.71 -6.56 12.53
N TRP A 26 -0.97 -6.45 11.23
CA TRP A 26 -2.06 -5.61 10.75
C TRP A 26 -3.38 -6.32 11.06
N ALA A 27 -4.08 -5.79 12.04
CA ALA A 27 -5.36 -6.35 12.44
C ALA A 27 -6.39 -6.07 11.36
N LYS A 28 -6.14 -5.01 10.61
CA LYS A 28 -7.05 -4.61 9.54
C LYS A 28 -6.92 -5.60 8.38
N VAL A 29 -5.75 -6.23 8.31
CA VAL A 29 -5.49 -7.20 7.25
C VAL A 29 -6.31 -8.46 7.52
N GLU A 30 -7.18 -8.78 6.58
CA GLU A 30 -8.02 -9.95 6.70
C GLU A 30 -7.58 -11.03 5.71
N ARG A 31 -6.91 -10.59 4.66
CA ARG A 31 -6.42 -11.49 3.64
C ARG A 31 -4.99 -11.14 3.25
N ILE A 32 -4.14 -12.15 3.22
CA ILE A 32 -2.75 -11.96 2.87
C ILE A 32 -2.43 -12.75 1.59
N GLN A 33 -2.03 -12.00 0.57
CA GLN A 33 -1.70 -12.61 -0.71
C GLN A 33 -0.39 -12.04 -1.25
N ASP A 34 0.24 -12.81 -2.13
CA ASP A 34 1.49 -12.39 -2.72
C ASP A 34 1.34 -12.33 -4.24
N VAL A 35 2.18 -11.50 -4.86
CA VAL A 35 2.15 -11.35 -6.31
C VAL A 35 3.57 -11.43 -6.85
N GLN A 36 3.65 -11.56 -8.18
CA GLN A 36 4.94 -11.66 -8.84
C GLN A 36 5.76 -10.39 -8.59
N ASP A 37 6.58 -10.44 -7.54
CA ASP A 37 7.41 -9.31 -7.18
C ASP A 37 6.55 -8.24 -6.51
N GLY A 38 5.79 -8.68 -5.52
CA GLY A 38 4.91 -7.77 -4.79
C GLY A 38 4.03 -8.53 -3.80
N LEU A 39 3.01 -7.85 -3.33
CA LEU A 39 2.08 -8.45 -2.38
C LEU A 39 0.76 -7.68 -2.41
N GLN A 40 -0.31 -8.39 -2.06
CA GLN A 40 -1.63 -7.78 -2.04
C GLN A 40 -2.40 -8.23 -0.80
N LEU A 41 -2.51 -7.31 0.15
CA LEU A 41 -3.22 -7.59 1.39
C LEU A 41 -4.63 -6.99 1.32
N ASP A 42 -5.45 -7.41 2.27
CA ASP A 42 -6.82 -6.91 2.33
C ASP A 42 -7.05 -6.19 3.66
N VAL A 43 -6.88 -4.88 3.61
CA VAL A 43 -7.06 -4.06 4.80
C VAL A 43 -8.51 -3.58 4.88
N ARG A 44 -9.22 -4.11 5.85
CA ARG A 44 -10.62 -3.74 6.04
C ARG A 44 -10.73 -2.47 6.89
N LEU A 45 -10.64 -1.33 6.21
CA LEU A 45 -10.73 -0.04 6.88
C LEU A 45 -12.10 0.10 7.51
N LYS A 46 -13.11 -0.37 6.79
CA LYS A 46 -14.49 -0.30 7.27
C LYS A 46 -15.22 -1.56 6.86
N THR A 47 -16.26 -1.88 7.63
CA THR A 47 -17.07 -3.07 7.36
C THR A 47 -17.72 -2.96 5.98
N ASP A 48 -17.71 -1.74 5.44
CA ASP A 48 -18.30 -1.48 4.14
C ASP A 48 -17.25 -0.88 3.22
N THR A 49 -16.01 -0.92 3.68
CA THR A 49 -14.90 -0.37 2.90
C THR A 49 -13.73 -1.35 2.89
N LEU A 50 -13.01 -1.35 1.77
CA LEU A 50 -11.86 -2.23 1.61
C LEU A 50 -10.68 -1.43 1.06
N LEU A 51 -9.51 -1.68 1.64
CA LEU A 51 -8.31 -0.99 1.21
C LEU A 51 -7.34 -2.00 0.61
N GLU A 52 -7.35 -2.06 -0.72
CA GLU A 52 -6.47 -2.98 -1.43
C GLU A 52 -5.07 -2.38 -1.57
N LEU A 53 -4.14 -2.96 -0.83
CA LEU A 53 -2.76 -2.49 -0.86
C LEU A 53 -1.94 -3.38 -1.81
N HIS A 54 -1.20 -2.73 -2.68
CA HIS A 54 -0.37 -3.44 -3.64
C HIS A 54 1.07 -2.92 -3.57
N ILE A 55 1.99 -3.83 -3.27
CA ILE A 55 3.39 -3.47 -3.17
C ILE A 55 4.13 -3.98 -4.41
N TYR A 56 4.81 -3.05 -5.07
CA TYR A 56 5.55 -3.39 -6.27
C TYR A 56 6.85 -2.59 -6.36
N TYR A 57 7.91 -3.26 -6.76
CA TYR A 57 9.21 -2.62 -6.90
C TYR A 57 9.35 -1.94 -8.26
N ASP A 58 10.22 -0.93 -8.30
CA ASP A 58 10.45 -0.20 -9.53
C ASP A 58 11.95 -0.16 -9.81
N HIS A 59 12.30 -0.52 -11.03
CA HIS A 59 13.70 -0.52 -11.45
C HIS A 59 14.10 0.89 -11.89
N VAL A 60 13.17 1.82 -11.76
CA VAL A 60 13.42 3.20 -12.13
C VAL A 60 14.37 3.84 -11.12
N TYR A 61 14.03 3.69 -9.85
CA TYR A 61 14.83 4.25 -8.78
C TYR A 61 15.41 3.13 -7.90
N HIS A 62 15.14 1.90 -8.31
CA HIS A 62 15.64 0.75 -7.56
C HIS A 62 15.11 0.82 -6.12
N VAL A 63 13.79 0.88 -6.00
CA VAL A 63 13.16 0.95 -4.70
C VAL A 63 11.73 0.43 -4.81
N PRO A 64 11.13 0.14 -3.62
CA PRO A 64 9.77 -0.36 -3.56
C PRO A 64 8.77 0.75 -3.84
N SER A 65 7.60 0.36 -4.33
CA SER A 65 6.56 1.32 -4.63
C SER A 65 5.29 0.96 -3.86
N ILE A 66 4.27 1.80 -4.02
CA ILE A 66 3.00 1.59 -3.35
C ILE A 66 1.86 1.92 -4.31
N LYS A 67 0.86 1.05 -4.30
CA LYS A 67 -0.30 1.24 -5.17
C LYS A 67 -1.50 0.51 -4.56
N PHE A 68 -2.50 1.29 -4.20
CA PHE A 68 -3.72 0.74 -3.62
C PHE A 68 -4.97 1.37 -4.24
N ARG A 69 -6.11 0.79 -3.91
CA ARG A 69 -7.38 1.28 -4.43
C ARG A 69 -8.50 0.99 -3.43
N LEU A 70 -9.04 2.07 -2.87
CA LEU A 70 -10.11 1.95 -1.91
C LEU A 70 -11.36 1.40 -2.61
N TRP A 71 -12.12 0.60 -1.86
CA TRP A 71 -13.33 0.00 -2.40
C TRP A 71 -14.44 0.19 -1.36
N SER A 72 -15.67 0.26 -1.86
CA SER A 72 -16.82 0.44 -1.00
C SER A 72 -17.77 -0.75 -1.14
N LEU A 73 -17.65 -1.67 -0.21
CA LEU A 73 -18.49 -2.86 -0.21
C LEU A 73 -19.93 -2.47 0.10
N ASP A 74 -20.82 -2.83 -0.82
CA ASP A 74 -22.23 -2.52 -0.65
C ASP A 74 -23.03 -3.83 -0.58
N THR A 75 -23.60 -4.07 0.59
CA THR A 75 -24.39 -5.27 0.81
C THR A 75 -25.88 -4.95 0.72
N GLU A 76 -26.20 -4.00 -0.16
CA GLU A 76 -27.58 -3.59 -0.35
C GLU A 76 -28.44 -4.81 -0.72
N GLU A 77 -27.85 -5.70 -1.48
CA GLU A 77 -28.55 -6.91 -1.90
C GLU A 77 -28.00 -8.13 -1.17
N ASP A 78 -26.99 -7.88 -0.35
CA ASP A 78 -26.36 -8.95 0.41
C ASP A 78 -25.75 -9.96 -0.55
N ILE A 79 -25.02 -9.44 -1.54
CA ILE A 79 -24.38 -10.28 -2.52
C ILE A 79 -22.86 -10.14 -2.40
N SER A 80 -22.44 -9.18 -1.59
CA SER A 80 -21.04 -8.93 -1.37
C SER A 80 -20.47 -8.08 -2.51
N SER A 81 -21.23 -7.04 -2.85
CA SER A 81 -20.82 -6.14 -3.91
C SER A 81 -19.75 -5.17 -3.40
N LEU A 82 -19.29 -4.31 -4.30
CA LEU A 82 -18.27 -3.34 -3.96
C LEU A 82 -18.06 -2.40 -5.14
N ARG A 83 -17.47 -1.25 -4.84
CA ARG A 83 -17.20 -0.25 -5.87
C ARG A 83 -16.03 0.64 -5.45
N LEU A 84 -15.07 0.79 -6.36
CA LEU A 84 -13.91 1.62 -6.09
C LEU A 84 -14.36 2.97 -5.54
N LEU A 85 -13.67 3.42 -4.51
CA LEU A 85 -13.99 4.69 -3.90
C LEU A 85 -13.03 5.77 -4.41
N THR A 86 -13.59 6.73 -5.12
CA THR A 86 -12.79 7.82 -5.67
C THR A 86 -13.24 9.16 -5.09
N LEU A 87 -12.56 9.55 -4.02
CA LEU A 87 -12.88 10.81 -3.36
C LEU A 87 -11.62 11.68 -3.28
N SER A 88 -11.82 12.94 -2.96
CA SER A 88 -10.73 13.88 -2.85
C SER A 88 -9.73 13.40 -1.78
N ASP A 89 -8.60 14.09 -1.73
CA ASP A 89 -7.57 13.74 -0.77
C ASP A 89 -8.11 13.95 0.65
N SER A 90 -8.88 15.03 0.80
CA SER A 90 -9.46 15.34 2.10
C SER A 90 -10.15 14.12 2.68
N GLU A 91 -10.87 13.41 1.81
CA GLU A 91 -11.59 12.22 2.23
C GLU A 91 -10.62 11.03 2.33
N LEU A 92 -9.79 10.91 1.30
CA LEU A 92 -8.81 9.82 1.26
C LEU A 92 -7.91 9.90 2.49
N ARG A 93 -7.85 11.09 3.05
CA ARG A 93 -7.03 11.32 4.23
C ARG A 93 -7.81 10.97 5.51
N SER A 94 -9.13 11.00 5.37
CA SER A 94 -9.99 10.69 6.49
C SER A 94 -9.70 9.28 7.02
N ILE A 95 -9.00 8.51 6.20
CA ILE A 95 -8.64 7.16 6.57
C ILE A 95 -7.12 6.99 6.47
N LEU A 96 -6.57 7.50 5.36
CA LEU A 96 -5.14 7.41 5.13
C LEU A 96 -4.43 8.47 5.97
N ASN A 97 -3.10 8.40 5.96
CA ASN A 97 -2.29 9.34 6.71
C ASN A 97 -1.17 9.86 5.82
N LEU A 98 -1.37 11.07 5.29
CA LEU A 98 -0.37 11.69 4.43
C LEU A 98 0.53 12.58 5.27
N GLY A 99 -0.09 13.54 5.95
CA GLY A 99 0.65 14.47 6.78
C GLY A 99 1.57 15.36 5.93
N THR A 100 2.74 14.84 5.65
CA THR A 100 3.72 15.57 4.85
C THR A 100 4.11 14.76 3.61
N PHE A 101 3.46 13.62 3.45
CA PHE A 101 3.73 12.75 2.32
C PHE A 101 3.00 13.24 1.07
N SER A 102 3.06 12.41 0.03
CA SER A 102 2.41 12.75 -1.22
C SER A 102 1.86 11.48 -1.88
N VAL A 103 0.96 11.68 -2.84
CA VAL A 103 0.36 10.58 -3.55
C VAL A 103 0.03 11.02 -4.97
N THR A 104 -0.39 10.04 -5.77
CA THR A 104 -0.75 10.31 -7.16
C THR A 104 -1.82 9.33 -7.63
N LEU A 105 -3.01 9.87 -7.85
CA LEU A 105 -4.13 9.05 -8.31
C LEU A 105 -4.13 9.02 -9.84
N SER A 106 -4.03 7.80 -10.37
CA SER A 106 -4.03 7.62 -11.82
C SER A 106 -5.10 6.60 -12.22
N THR A 107 -5.48 6.66 -13.48
CA THR A 107 -6.48 5.74 -14.01
C THR A 107 -5.98 5.06 -15.27
N ASP A 108 -6.53 3.88 -15.53
CA ASP A 108 -6.13 3.10 -16.69
C ASP A 108 -6.91 3.61 -17.90
N MET A 109 -6.47 3.17 -19.07
CA MET A 109 -7.10 3.57 -20.32
C MET A 109 -8.59 3.21 -20.31
N GLU A 110 -8.90 2.15 -19.59
CA GLU A 110 -10.28 1.69 -19.49
C GLU A 110 -11.10 2.62 -18.60
N MET A 111 -10.37 3.40 -17.80
CA MET A 111 -11.01 4.34 -16.89
C MET A 111 -12.07 3.65 -16.04
N LYS A 112 -11.90 2.34 -15.88
CA LYS A 112 -12.83 1.55 -15.09
C LYS A 112 -12.22 1.28 -13.72
N SER A 113 -10.91 1.47 -13.64
CA SER A 113 -10.19 1.25 -12.39
C SER A 113 -9.35 2.48 -12.04
N VAL A 114 -9.03 2.58 -10.75
CA VAL A 114 -8.23 3.70 -10.28
C VAL A 114 -7.30 3.21 -9.17
N TYR A 115 -6.19 3.92 -9.01
CA TYR A 115 -5.21 3.56 -8.00
C TYR A 115 -4.63 4.82 -7.35
N TYR A 116 -3.93 4.60 -6.24
CA TYR A 116 -3.31 5.71 -5.52
C TYR A 116 -1.80 5.49 -5.38
N TYR A 117 -1.09 5.78 -6.47
CA TYR A 117 0.35 5.63 -6.47
C TYR A 117 1.02 6.62 -5.51
N ILE A 118 1.47 6.08 -4.39
CA ILE A 118 2.12 6.91 -3.38
C ILE A 118 3.50 7.35 -3.90
N ASN A 119 3.88 8.55 -3.50
CA ASN A 119 5.16 9.10 -3.92
C ASN A 119 6.28 8.28 -3.30
N ASN A 120 6.99 7.56 -4.16
CA ASN A 120 8.10 6.73 -3.72
C ASN A 120 9.24 6.82 -4.73
N CYS A 121 9.53 8.04 -5.15
CA CYS A 121 10.59 8.27 -6.11
C CYS A 121 11.90 8.48 -5.35
N ASP A 122 11.82 9.29 -4.30
CA ASP A 122 12.99 9.58 -3.49
C ASP A 122 12.82 8.91 -2.13
N THR A 123 13.04 7.60 -2.12
CA THR A 123 12.92 6.83 -0.89
C THR A 123 14.21 6.92 -0.07
N ASP A 124 15.31 6.52 -0.72
CA ASP A 124 16.60 6.55 -0.07
C ASP A 124 16.83 7.92 0.55
N ALA A 125 16.18 8.92 -0.04
CA ALA A 125 16.30 10.28 0.43
C ALA A 125 15.26 10.54 1.52
N ASN A 126 14.16 9.81 1.43
CA ASN A 126 13.08 9.94 2.40
C ASN A 126 13.36 9.02 3.58
N VAL A 127 13.24 7.72 3.33
CA VAL A 127 13.48 6.73 4.37
C VAL A 127 14.91 6.87 4.88
N GLY A 128 15.85 6.57 4.00
CA GLY A 128 17.26 6.64 4.35
C GLY A 128 17.74 5.33 4.95
N SER A 129 16.85 4.67 5.68
CA SER A 129 17.17 3.41 6.32
C SER A 129 18.11 2.60 5.42
N ASP A 130 19.06 1.94 6.06
CA ASP A 130 20.01 1.12 5.33
C ASP A 130 19.27 0.03 4.56
N VAL A 131 20.02 -0.74 3.79
CA VAL A 131 19.45 -1.82 3.00
C VAL A 131 19.27 -3.05 3.88
N GLU A 132 19.80 -2.97 5.09
CA GLU A 132 19.72 -4.07 6.04
C GLU A 132 18.25 -4.47 6.24
N HIS A 133 17.50 -3.57 6.86
CA HIS A 133 16.09 -3.81 7.12
C HIS A 133 15.25 -2.69 6.51
N TYR A 134 15.57 -2.38 5.26
CA TYR A 134 14.85 -1.33 4.55
C TYR A 134 13.40 -1.74 4.28
N LEU A 135 13.22 -3.03 4.00
CA LEU A 135 11.90 -3.56 3.73
C LEU A 135 11.06 -3.50 5.00
N THR A 136 11.75 -3.54 6.13
CA THR A 136 11.08 -3.51 7.42
C THR A 136 10.93 -2.05 7.90
N ARG A 137 11.88 -1.23 7.49
CA ARG A 137 11.86 0.17 7.87
C ARG A 137 11.07 0.99 6.84
N TRP A 138 10.87 0.38 5.68
CA TRP A 138 10.14 1.03 4.61
C TRP A 138 8.65 0.73 4.81
N ILE A 139 8.36 -0.52 5.15
CA ILE A 139 7.00 -0.95 5.36
C ILE A 139 6.36 -0.10 6.46
N SER A 140 7.08 0.02 7.58
CA SER A 140 6.60 0.80 8.69
C SER A 140 6.73 2.29 8.39
N LEU A 141 7.24 2.58 7.20
CA LEU A 141 7.42 3.96 6.77
C LEU A 141 6.24 4.36 5.88
N TYR A 142 5.87 3.47 4.98
CA TYR A 142 4.77 3.72 4.07
C TYR A 142 3.44 3.25 4.67
N ILE A 143 3.51 2.10 5.33
CA ILE A 143 2.32 1.53 5.95
C ILE A 143 1.74 2.54 6.94
N ARG A 144 2.59 3.45 7.39
CA ARG A 144 2.18 4.47 8.33
C ARG A 144 1.14 5.40 7.69
N ILE A 145 1.01 5.26 6.38
CA ILE A 145 0.06 6.07 5.63
C ILE A 145 -1.30 5.39 5.63
N PHE A 146 -1.31 4.14 6.07
CA PHE A 146 -2.53 3.37 6.11
C PHE A 146 -2.91 3.01 7.55
N ASP A 147 -1.88 2.91 8.39
CA ASP A 147 -2.08 2.58 9.79
C ASP A 147 -1.01 3.28 10.64
N LEU A 148 -1.47 4.15 11.51
CA LEU A 148 -0.57 4.88 12.38
C LEU A 148 -0.52 4.21 13.75
N ASN A 149 -1.23 3.09 13.85
CA ASN A 149 -1.28 2.34 15.09
C ASN A 149 -0.43 1.07 14.94
N PHE A 150 -0.16 0.72 13.70
CA PHE A 150 0.63 -0.46 13.41
C PHE A 150 2.07 -0.09 13.06
N VAL A 151 2.95 -0.28 14.03
CA VAL A 151 4.36 0.04 13.84
C VAL A 151 5.17 -1.25 13.89
N PRO A 152 5.41 -1.82 12.68
CA PRO A 152 6.18 -3.06 12.57
C PRO A 152 7.67 -2.80 12.78
N SER A 5 16.81 4.19 -4.36
CA SER A 5 17.90 3.68 -3.56
C SER A 5 18.68 2.61 -4.35
N MET A 6 19.62 1.98 -3.67
CA MET A 6 20.43 0.95 -4.30
C MET A 6 19.78 -0.43 -4.16
N LEU A 7 18.80 -0.49 -3.27
CA LEU A 7 18.09 -1.73 -3.02
C LEU A 7 17.63 -2.32 -4.36
N THR A 8 18.24 -3.42 -4.73
CA THR A 8 17.90 -4.10 -5.96
C THR A 8 16.60 -4.89 -5.81
N LEU A 9 16.30 -5.68 -6.83
CA LEU A 9 15.10 -6.49 -6.81
C LEU A 9 15.31 -7.69 -5.89
N PRO A 10 16.49 -8.34 -6.05
CA PRO A 10 16.83 -9.50 -5.24
C PRO A 10 17.22 -9.09 -3.82
N GLU A 11 17.32 -7.78 -3.63
CA GLU A 11 17.68 -7.24 -2.32
C GLU A 11 16.42 -7.01 -1.48
N TYR A 12 15.38 -6.53 -2.15
CA TYR A 12 14.12 -6.27 -1.48
C TYR A 12 13.25 -7.53 -1.43
N ASN A 13 13.31 -8.30 -2.51
CA ASN A 13 12.55 -9.53 -2.60
C ASN A 13 13.02 -10.50 -1.52
N GLU A 14 14.21 -10.24 -1.01
CA GLU A 14 14.79 -11.08 0.03
C GLU A 14 14.06 -10.85 1.36
N GLN A 15 13.47 -9.67 1.49
CA GLN A 15 12.75 -9.32 2.70
C GLN A 15 11.25 -9.23 2.41
N ILE A 16 10.88 -9.72 1.23
CA ILE A 16 9.47 -9.70 0.83
C ILE A 16 8.65 -10.47 1.85
N PRO A 17 9.16 -11.68 2.22
CA PRO A 17 8.48 -12.52 3.18
C PRO A 17 8.64 -11.98 4.60
N ASN A 18 9.35 -10.87 4.70
CA ASN A 18 9.58 -10.24 5.98
C ASN A 18 8.51 -9.16 6.23
N VAL A 19 8.10 -8.53 5.14
CA VAL A 19 7.09 -7.50 5.22
C VAL A 19 5.72 -8.14 5.37
N ARG A 20 5.52 -9.23 4.65
CA ARG A 20 4.26 -9.94 4.69
C ARG A 20 4.05 -10.56 6.07
N SER A 21 5.15 -10.92 6.70
CA SER A 21 5.10 -11.52 8.03
C SER A 21 4.50 -10.53 9.03
N LEU A 22 5.17 -9.40 9.17
CA LEU A 22 4.72 -8.37 10.08
C LEU A 22 3.32 -7.92 9.68
N LEU A 23 3.00 -8.13 8.41
CA LEU A 23 1.70 -7.75 7.88
C LEU A 23 0.61 -8.47 8.67
N THR A 24 1.00 -9.56 9.32
CA THR A 24 0.07 -10.35 10.10
C THR A 24 -0.37 -9.57 11.34
N LYS A 25 0.28 -8.42 11.55
CA LYS A 25 -0.04 -7.58 12.69
C LYS A 25 -1.19 -6.63 12.31
N TRP A 26 -1.25 -6.30 11.03
CA TRP A 26 -2.29 -5.42 10.53
C TRP A 26 -3.64 -6.07 10.84
N ALA A 27 -4.34 -5.48 11.80
CA ALA A 27 -5.64 -5.97 12.20
C ALA A 27 -6.66 -5.66 11.11
N LYS A 28 -6.32 -4.68 10.28
CA LYS A 28 -7.19 -4.27 9.20
C LYS A 28 -7.08 -5.29 8.06
N VAL A 29 -5.94 -5.95 8.00
CA VAL A 29 -5.70 -6.94 6.97
C VAL A 29 -6.57 -8.18 7.24
N GLU A 30 -7.35 -8.54 6.25
CA GLU A 30 -8.23 -9.70 6.38
C GLU A 30 -7.78 -10.81 5.43
N ARG A 31 -7.01 -10.41 4.42
CA ARG A 31 -6.51 -11.36 3.44
C ARG A 31 -5.00 -11.20 3.27
N ILE A 32 -4.35 -12.33 3.02
CA ILE A 32 -2.91 -12.34 2.84
C ILE A 32 -2.56 -13.05 1.53
N GLN A 33 -2.21 -12.25 0.54
CA GLN A 33 -1.85 -12.79 -0.77
C GLN A 33 -0.54 -12.16 -1.26
N ASP A 34 0.13 -12.89 -2.14
CA ASP A 34 1.38 -12.42 -2.70
C ASP A 34 1.24 -12.32 -4.22
N VAL A 35 2.18 -11.58 -4.81
CA VAL A 35 2.19 -11.40 -6.26
C VAL A 35 3.61 -11.60 -6.79
N GLN A 36 3.71 -11.70 -8.10
CA GLN A 36 5.00 -11.89 -8.75
C GLN A 36 5.88 -10.66 -8.53
N ASP A 37 6.69 -10.73 -7.48
CA ASP A 37 7.59 -9.64 -7.16
C ASP A 37 6.80 -8.53 -6.46
N GLY A 38 6.08 -8.92 -5.43
CA GLY A 38 5.28 -7.98 -4.67
C GLY A 38 4.35 -8.70 -3.68
N LEU A 39 3.31 -7.99 -3.28
CA LEU A 39 2.34 -8.54 -2.35
C LEU A 39 1.01 -7.81 -2.51
N GLN A 40 -0.05 -8.46 -2.03
CA GLN A 40 -1.38 -7.87 -2.10
C GLN A 40 -2.21 -8.29 -0.90
N LEU A 41 -2.41 -7.35 0.00
CA LEU A 41 -3.19 -7.60 1.21
C LEU A 41 -4.56 -6.95 1.07
N ASP A 42 -5.48 -7.38 1.93
CA ASP A 42 -6.82 -6.85 1.91
C ASP A 42 -7.09 -6.10 3.22
N VAL A 43 -6.88 -4.78 3.15
CA VAL A 43 -7.09 -3.94 4.32
C VAL A 43 -8.57 -3.57 4.42
N ARG A 44 -9.04 -3.44 5.65
CA ARG A 44 -10.43 -3.10 5.90
C ARG A 44 -10.52 -1.69 6.49
N LEU A 45 -10.53 -0.71 5.61
CA LEU A 45 -10.62 0.68 6.03
C LEU A 45 -11.96 0.92 6.73
N LYS A 46 -13.03 0.50 6.05
CA LYS A 46 -14.37 0.67 6.59
C LYS A 46 -15.16 -0.63 6.37
N THR A 47 -16.16 -0.81 7.20
CA THR A 47 -17.00 -1.99 7.11
C THR A 47 -17.67 -2.08 5.73
N ASP A 48 -17.65 -0.95 5.04
CA ASP A 48 -18.25 -0.88 3.71
C ASP A 48 -17.20 -0.39 2.71
N THR A 49 -15.95 -0.50 3.12
CA THR A 49 -14.84 -0.08 2.28
C THR A 49 -13.69 -1.08 2.37
N LEU A 50 -12.93 -1.17 1.29
CA LEU A 50 -11.79 -2.08 1.23
C LEU A 50 -10.60 -1.35 0.63
N LEU A 51 -9.44 -1.56 1.24
CA LEU A 51 -8.22 -0.93 0.77
C LEU A 51 -7.25 -2.02 0.28
N GLU A 52 -7.22 -2.21 -1.02
CA GLU A 52 -6.35 -3.20 -1.62
C GLU A 52 -4.97 -2.60 -1.90
N LEU A 53 -4.00 -3.05 -1.11
CA LEU A 53 -2.64 -2.56 -1.25
C LEU A 53 -1.84 -3.54 -2.12
N HIS A 54 -1.04 -2.97 -3.00
CA HIS A 54 -0.21 -3.78 -3.89
C HIS A 54 1.21 -3.24 -3.91
N ILE A 55 2.13 -4.03 -3.37
CA ILE A 55 3.52 -3.64 -3.32
C ILE A 55 4.22 -4.12 -4.59
N TYR A 56 5.05 -3.24 -5.14
CA TYR A 56 5.79 -3.56 -6.35
C TYR A 56 7.10 -2.79 -6.42
N TYR A 57 8.17 -3.53 -6.66
CA TYR A 57 9.49 -2.93 -6.75
C TYR A 57 9.70 -2.26 -8.11
N ASP A 58 10.22 -1.05 -8.06
CA ASP A 58 10.47 -0.28 -9.28
C ASP A 58 11.96 -0.33 -9.60
N HIS A 59 12.27 -0.87 -10.76
CA HIS A 59 13.65 -0.98 -11.20
C HIS A 59 14.11 0.36 -11.79
N VAL A 60 13.22 1.33 -11.71
CA VAL A 60 13.52 2.66 -12.22
C VAL A 60 14.31 3.44 -11.18
N TYR A 61 13.97 3.21 -9.93
CA TYR A 61 14.64 3.88 -8.82
C TYR A 61 15.38 2.88 -7.94
N HIS A 62 15.16 1.61 -8.22
CA HIS A 62 15.80 0.54 -7.47
C HIS A 62 15.29 0.58 -6.01
N VAL A 63 13.97 0.64 -5.89
CA VAL A 63 13.36 0.67 -4.57
C VAL A 63 11.92 0.18 -4.67
N PRO A 64 11.34 -0.17 -3.49
CA PRO A 64 9.97 -0.65 -3.44
C PRO A 64 8.97 0.49 -3.63
N SER A 65 7.83 0.15 -4.20
CA SER A 65 6.79 1.15 -4.44
C SER A 65 5.49 0.70 -3.77
N ILE A 66 4.48 1.57 -3.87
CA ILE A 66 3.19 1.29 -3.28
C ILE A 66 2.09 1.70 -4.27
N LYS A 67 1.05 0.87 -4.32
CA LYS A 67 -0.07 1.14 -5.21
C LYS A 67 -1.32 0.44 -4.67
N PHE A 68 -2.31 1.26 -4.33
CA PHE A 68 -3.56 0.74 -3.80
C PHE A 68 -4.76 1.44 -4.43
N ARG A 69 -5.92 0.84 -4.25
CA ARG A 69 -7.14 1.40 -4.81
C ARG A 69 -8.28 1.29 -3.79
N LEU A 70 -9.00 2.39 -3.64
CA LEU A 70 -10.11 2.44 -2.71
C LEU A 70 -11.28 1.61 -3.26
N TRP A 71 -12.04 1.02 -2.34
CA TRP A 71 -13.17 0.20 -2.72
C TRP A 71 -14.31 0.49 -1.74
N SER A 72 -15.52 0.16 -2.16
CA SER A 72 -16.69 0.37 -1.34
C SER A 72 -17.54 -0.90 -1.28
N LEU A 73 -17.35 -1.65 -0.21
CA LEU A 73 -18.09 -2.88 -0.02
C LEU A 73 -19.57 -2.58 0.14
N ASP A 74 -20.38 -3.20 -0.71
CA ASP A 74 -21.81 -3.00 -0.67
C ASP A 74 -22.51 -4.34 -0.44
N THR A 75 -23.14 -4.45 0.73
CA THR A 75 -23.83 -5.68 1.07
C THR A 75 -25.35 -5.49 0.92
N GLU A 76 -25.70 -4.63 -0.03
CA GLU A 76 -27.11 -4.34 -0.28
C GLU A 76 -27.92 -5.64 -0.27
N GLU A 77 -27.35 -6.67 -0.88
CA GLU A 77 -28.00 -7.96 -0.94
C GLU A 77 -27.36 -8.93 0.04
N ASP A 78 -26.18 -8.55 0.52
CA ASP A 78 -25.44 -9.38 1.46
C ASP A 78 -24.72 -10.49 0.71
N ILE A 79 -24.02 -10.09 -0.34
CA ILE A 79 -23.26 -11.03 -1.16
C ILE A 79 -21.77 -10.75 -1.02
N SER A 80 -21.47 -9.62 -0.39
CA SER A 80 -20.09 -9.22 -0.19
C SER A 80 -19.57 -8.50 -1.43
N SER A 81 -20.41 -7.66 -1.99
CA SER A 81 -20.05 -6.90 -3.18
C SER A 81 -19.10 -5.77 -2.80
N LEU A 82 -18.65 -5.06 -3.83
CA LEU A 82 -17.72 -3.95 -3.63
C LEU A 82 -17.60 -3.15 -4.92
N ARG A 83 -17.09 -1.94 -4.79
CA ARG A 83 -16.92 -1.06 -5.94
C ARG A 83 -15.80 -0.04 -5.67
N LEU A 84 -14.90 0.07 -6.62
CA LEU A 84 -13.79 1.01 -6.51
C LEU A 84 -14.34 2.38 -6.11
N LEU A 85 -13.70 2.97 -5.11
CA LEU A 85 -14.11 4.29 -4.64
C LEU A 85 -13.18 5.35 -5.23
N THR A 86 -13.65 6.59 -5.18
CA THR A 86 -12.88 7.70 -5.70
C THR A 86 -13.30 9.01 -5.04
N LEU A 87 -12.40 9.55 -4.24
CA LEU A 87 -12.67 10.79 -3.54
C LEU A 87 -11.40 11.65 -3.51
N SER A 88 -11.58 12.91 -3.14
CA SER A 88 -10.46 13.83 -3.08
C SER A 88 -9.37 13.27 -2.15
N ASP A 89 -8.37 14.10 -1.89
CA ASP A 89 -7.28 13.70 -1.02
C ASP A 89 -7.70 13.87 0.44
N SER A 90 -8.38 14.97 0.70
CA SER A 90 -8.84 15.26 2.05
C SER A 90 -9.86 14.22 2.49
N GLU A 91 -10.67 13.79 1.54
CA GLU A 91 -11.69 12.79 1.81
C GLU A 91 -11.05 11.41 1.96
N LEU A 92 -9.95 11.22 1.25
CA LEU A 92 -9.24 9.96 1.29
C LEU A 92 -8.33 9.92 2.52
N ARG A 93 -7.92 11.11 2.94
CA ARG A 93 -7.05 11.23 4.10
C ARG A 93 -7.81 10.85 5.38
N SER A 94 -9.11 10.64 5.21
CA SER A 94 -9.96 10.27 6.33
C SER A 94 -9.58 8.88 6.84
N ILE A 95 -9.01 8.09 5.94
CA ILE A 95 -8.60 6.74 6.28
C ILE A 95 -7.08 6.64 6.21
N LEU A 96 -6.52 7.32 5.22
CA LEU A 96 -5.08 7.33 5.03
C LEU A 96 -4.45 8.40 5.92
N ASN A 97 -3.13 8.50 5.82
CA ASN A 97 -2.40 9.47 6.61
C ASN A 97 -1.23 10.02 5.78
N LEU A 98 -1.46 11.17 5.17
CA LEU A 98 -0.44 11.80 4.35
C LEU A 98 0.36 12.79 5.20
N GLY A 99 -0.37 13.75 5.77
CA GLY A 99 0.25 14.76 6.60
C GLY A 99 1.27 15.58 5.81
N THR A 100 2.46 15.02 5.67
CA THR A 100 3.52 15.69 4.94
C THR A 100 3.86 14.91 3.66
N PHE A 101 3.50 13.64 3.67
CA PHE A 101 3.76 12.78 2.53
C PHE A 101 2.96 13.24 1.31
N SER A 102 2.98 12.41 0.27
CA SER A 102 2.27 12.72 -0.96
C SER A 102 1.80 11.43 -1.62
N VAL A 103 0.99 11.60 -2.66
CA VAL A 103 0.46 10.47 -3.40
C VAL A 103 0.16 10.89 -4.84
N THR A 104 -0.14 9.89 -5.66
CA THR A 104 -0.45 10.15 -7.05
C THR A 104 -1.64 9.28 -7.50
N LEU A 105 -2.73 9.95 -7.83
CA LEU A 105 -3.92 9.26 -8.26
C LEU A 105 -3.94 9.19 -9.80
N SER A 106 -3.97 7.96 -10.29
CA SER A 106 -3.99 7.74 -11.73
C SER A 106 -5.27 7.01 -12.14
N THR A 107 -5.84 7.46 -13.25
CA THR A 107 -7.06 6.86 -13.76
C THR A 107 -7.08 6.89 -15.28
N ASP A 108 -7.77 5.92 -15.86
CA ASP A 108 -7.88 5.82 -17.30
C ASP A 108 -9.21 6.43 -17.76
N MET A 109 -9.27 6.78 -19.04
CA MET A 109 -10.47 7.36 -19.61
C MET A 109 -11.69 6.49 -19.30
N GLU A 110 -11.47 5.18 -19.34
CA GLU A 110 -12.55 4.24 -19.07
C GLU A 110 -13.19 4.53 -17.72
N MET A 111 -12.38 5.09 -16.83
CA MET A 111 -12.87 5.42 -15.49
C MET A 111 -13.31 4.17 -14.74
N LYS A 112 -12.76 3.04 -15.17
CA LYS A 112 -13.09 1.76 -14.54
C LYS A 112 -11.93 1.33 -13.65
N SER A 113 -10.72 1.65 -14.10
CA SER A 113 -9.53 1.29 -13.34
C SER A 113 -8.89 2.56 -12.76
N VAL A 114 -8.52 2.46 -11.49
CA VAL A 114 -7.89 3.58 -10.81
C VAL A 114 -6.92 3.04 -9.75
N TYR A 115 -5.91 3.85 -9.46
CA TYR A 115 -4.91 3.47 -8.48
C TYR A 115 -4.37 4.70 -7.75
N TYR A 116 -3.78 4.46 -6.59
CA TYR A 116 -3.21 5.53 -5.79
C TYR A 116 -1.71 5.32 -5.58
N TYR A 117 -0.94 5.69 -6.59
CA TYR A 117 0.50 5.55 -6.53
C TYR A 117 1.09 6.52 -5.51
N ILE A 118 1.56 5.94 -4.40
CA ILE A 118 2.16 6.74 -3.34
C ILE A 118 3.57 7.17 -3.76
N ASN A 119 3.91 8.40 -3.39
CA ASN A 119 5.22 8.94 -3.73
C ASN A 119 6.31 8.10 -3.04
N ASN A 120 7.08 7.42 -3.87
CA ASN A 120 8.15 6.57 -3.36
C ASN A 120 9.48 7.07 -3.91
N CYS A 121 9.43 8.22 -4.57
CA CYS A 121 10.62 8.81 -5.16
C CYS A 121 11.52 9.30 -4.02
N ASP A 122 10.89 9.68 -2.92
CA ASP A 122 11.62 10.16 -1.76
C ASP A 122 11.87 9.00 -0.80
N THR A 123 12.26 7.87 -1.38
CA THR A 123 12.55 6.69 -0.58
C THR A 123 13.97 6.75 -0.04
N ASP A 124 14.93 6.75 -0.96
CA ASP A 124 16.33 6.81 -0.57
C ASP A 124 16.59 8.10 0.22
N ALA A 125 15.71 9.07 0.02
CA ALA A 125 15.83 10.34 0.70
C ALA A 125 15.20 10.23 2.10
N ASN A 126 14.32 9.26 2.24
CA ASN A 126 13.64 9.05 3.50
C ASN A 126 14.42 7.99 4.31
N VAL A 127 14.37 6.77 3.83
CA VAL A 127 15.05 5.67 4.48
C VAL A 127 16.56 5.76 4.20
N GLY A 128 16.89 5.60 2.94
CA GLY A 128 18.28 5.66 2.52
C GLY A 128 18.86 4.26 2.29
N SER A 129 19.85 3.92 3.11
CA SER A 129 20.49 2.62 3.01
C SER A 129 19.72 1.59 3.84
N ASP A 130 20.24 1.35 5.04
CA ASP A 130 19.61 0.38 5.94
C ASP A 130 18.99 -0.74 5.13
N VAL A 131 19.82 -1.34 4.27
CA VAL A 131 19.36 -2.43 3.43
C VAL A 131 19.09 -3.67 4.30
N GLU A 132 19.47 -3.55 5.56
CA GLU A 132 19.27 -4.64 6.51
C GLU A 132 17.77 -4.84 6.77
N HIS A 133 17.18 -3.84 7.41
CA HIS A 133 15.76 -3.89 7.72
C HIS A 133 15.02 -2.80 6.96
N TYR A 134 15.32 -2.70 5.68
CA TYR A 134 14.70 -1.69 4.84
C TYR A 134 13.25 -2.06 4.52
N LEU A 135 13.05 -3.35 4.26
CA LEU A 135 11.72 -3.85 3.94
C LEU A 135 10.84 -3.75 5.18
N THR A 136 11.48 -3.82 6.34
CA THR A 136 10.76 -3.74 7.60
C THR A 136 10.61 -2.28 8.03
N ARG A 137 11.64 -1.50 7.73
CA ARG A 137 11.63 -0.08 8.09
C ARG A 137 10.89 0.73 7.01
N TRP A 138 10.73 0.10 5.86
CA TRP A 138 10.04 0.76 4.76
C TRP A 138 8.53 0.56 4.94
N ILE A 139 8.18 -0.68 5.26
CA ILE A 139 6.78 -1.02 5.47
C ILE A 139 6.19 -0.12 6.56
N SER A 140 6.87 -0.11 7.70
CA SER A 140 6.43 0.71 8.82
C SER A 140 6.67 2.19 8.52
N LEU A 141 7.19 2.44 7.33
CA LEU A 141 7.47 3.80 6.91
C LEU A 141 6.30 4.32 6.06
N TYR A 142 5.86 3.47 5.13
CA TYR A 142 4.76 3.84 4.26
C TYR A 142 3.43 3.33 4.82
N ILE A 143 3.45 2.10 5.30
CA ILE A 143 2.26 1.49 5.87
C ILE A 143 1.61 2.46 6.85
N ARG A 144 2.43 3.36 7.38
CA ARG A 144 1.95 4.36 8.32
C ARG A 144 0.86 5.21 7.68
N ILE A 145 1.07 5.53 6.41
CA ILE A 145 0.12 6.35 5.68
C ILE A 145 -1.22 5.62 5.61
N PHE A 146 -1.19 4.36 6.00
CA PHE A 146 -2.39 3.54 5.98
C PHE A 146 -2.82 3.18 7.40
N ASP A 147 -1.82 3.04 8.27
CA ASP A 147 -2.09 2.69 9.66
C ASP A 147 -1.02 3.34 10.55
N LEU A 148 -1.44 4.37 11.27
CA LEU A 148 -0.53 5.08 12.16
C LEU A 148 -0.57 4.44 13.54
N ASN A 149 -1.34 3.36 13.64
CA ASN A 149 -1.48 2.64 14.89
C ASN A 149 -0.70 1.34 14.82
N PHE A 150 -0.39 0.93 13.59
CA PHE A 150 0.36 -0.30 13.38
C PHE A 150 1.81 0.01 13.02
N VAL A 151 2.68 -0.31 13.97
CA VAL A 151 4.11 -0.07 13.78
C VAL A 151 4.85 -1.42 13.79
N PRO A 152 5.01 -2.00 12.57
CA PRO A 152 5.69 -3.27 12.44
C PRO A 152 7.20 -3.10 12.60
#